data_7Y5A
#
_entry.id   7Y5A
#
_cell.length_a   1.00
_cell.length_b   1.00
_cell.length_c   1.00
_cell.angle_alpha   90.00
_cell.angle_beta   90.00
_cell.angle_gamma   90.00
#
_symmetry.space_group_name_H-M   'P 1'
#
loop_
_entity.id
_entity.type
_entity.pdbx_description
1 polymer 'ATP synthase subunit alpha'
2 polymer 'ATP synthase subunit beta'
3 polymer 'ATP synthase gamma chain'
4 non-polymer "ADENOSINE-5'-TRIPHOSPHATE"
5 non-polymer 'MAGNESIUM ION'
6 non-polymer "ADENOSINE-5'-DIPHOSPHATE"
#
loop_
_entity_poly.entity_id
_entity_poly.type
_entity_poly.pdbx_seq_one_letter_code
_entity_poly.pdbx_strand_id
1 'polypeptide(L)'
;MAELTISAADIEGAIEDYVSSFSADTEREEIGTVIDAGDGIAHVEGLPSVMTQELLEFPGGVLGVALNLDEHSVGAVILG
EFEKIEEGQQVKRTGEVLSVPVGDAFLGRVVNPLGQPIDGQGDIAAETRRALELQAPSVVQRQSVSEPLQTGIKAIDAMT
PIGRGQRQLIIGDRKTGKTAVCVDTILNQREAWLTGDPKQQVRCVYVAIGQKGTTIASVKRALEEGGAMEYTTIVAAPAS
DAAGFKWLAPYTGSAIGQHWMYNGKHVLIVFDDLSKQADAYRAISLLLRRPPGREAFPGDVFYLHSRLLERCAKLSDELG
GGSMTGLPIIETKANDISAFIPTNVISITDGQCFLESDLFNQGVRPAINVGVSVSRVGGAAQIKAMKEVAGSLRLDLSQY
RELEAFAAFASDLDAASKAQLDRGARLVELLKQPQYSPLAVEEQVVAIFLGTQGHLDSVPVEDVQRFESELLEHVKASHS
DIFDGIRETKKLSEEAEEKLVSVINEFKKGFQASDGSSVVVSENAEALDPEDLEKESVKVRKPAPKKA
;
A,B,C
2 'polypeptide(L)'
;MHHHHHHTATAEKTAGRVVRITGPVVDVEFPRGSVPELFNALHAEITFGALAKTLTLEVAQHLGDSLVRCISMQPTDGLV
RGVEVTDTGASISVPVGDGVKGHVFNALGDCLDDPGYGKDFEHWSIHRKPPAFSDLEPRTEMLETGLKVVDLLTPYVRGG
KIALFGGAGVGKTVLIQEMINRIARNFGGTSVFAGVGERTREGNDLWVELADANVLKDTALVFGQMDEPPGTRMRVALSA
LTMAEFFRDEQGQDVLLFIDNIFRFTQAGSEVSTLLGRMPSAVGYQPTLADEMGELQERITSTRGRSITSMQAVYVPADD
YTDPAPATTFAHLDATTELSRAVFSKGIFPAVDPLASSSTILDPAIVGDEHYRVAQEVIRILQRYKDLQDIIAILGIDEL
SEEDKQLVNRARRIERFLSQNMMAAEQFTGQPGSTVPLKETIEAFDKLTKGEFDHLPEQAFFLIGGLDDLAKKAESLGAK
L
;
D,E,F
3 'polypeptide(L)'
;MAATLRELRGRIRSAGSIKKITKAQELIATSRIAKAQARVEAARPYAAEITNMLTELAGASALDHPLLVERKQPKRAGVL
VVSSDRGLCGAYNANVLRRAEELFSLLRDEGKDPVLYVVGRKALGYFSFRQRTVVESWTGFSERPTYENAREIADTLVNA
FMAGADDEGDDAGADGILGVDELHIVFTEFRSMLSQTAVARRAAPMEVEYVGEVETGPRTLYSFEPDPETLFDALLPRYI
ATRVYAALLEAAASESASRRRAMKSATDNADDLIKALTLAANRERQAQITQEISEIVGGANALAGSK
;
G
#
loop_
_chem_comp.id
_chem_comp.type
_chem_comp.name
_chem_comp.formula
ADP non-polymer ADENOSINE-5'-DIPHOSPHATE 'C10 H15 N5 O10 P2'
ATP non-polymer ADENOSINE-5'-TRIPHOSPHATE 'C10 H16 N5 O13 P3'
MG non-polymer 'MAGNESIUM ION' 'Mg 2'
#
# COMPACT_ATOMS: atom_id res chain seq x y z
N ARG A 28 -14.06 24.20 -57.95
CA ARG A 28 -15.20 23.71 -57.19
C ARG A 28 -14.80 23.40 -55.75
N GLU A 29 -15.69 23.69 -54.81
CA GLU A 29 -15.41 23.41 -53.41
C GLU A 29 -15.38 21.91 -53.16
N GLU A 30 -14.44 21.48 -52.31
CA GLU A 30 -14.29 20.07 -52.01
C GLU A 30 -15.48 19.57 -51.20
N ILE A 31 -15.95 18.38 -51.54
CA ILE A 31 -17.12 17.76 -50.92
C ILE A 31 -16.71 16.40 -50.38
N GLY A 32 -17.10 16.11 -49.13
CA GLY A 32 -16.80 14.85 -48.51
C GLY A 32 -18.04 14.23 -47.89
N THR A 33 -17.90 12.97 -47.51
CA THR A 33 -18.97 12.22 -46.87
C THR A 33 -18.43 11.46 -45.68
N VAL A 34 -19.17 11.47 -44.57
CA VAL A 34 -18.78 10.71 -43.41
C VAL A 34 -18.89 9.22 -43.71
N ILE A 35 -18.03 8.43 -43.06
CA ILE A 35 -18.03 6.99 -43.27
C ILE A 35 -18.40 6.28 -41.97
N ASP A 36 -18.10 6.90 -40.84
CA ASP A 36 -18.53 6.37 -39.55
C ASP A 36 -18.41 7.43 -38.46
N ALA A 37 -19.39 7.47 -37.57
CA ALA A 37 -19.40 8.40 -36.45
C ALA A 37 -19.98 7.71 -35.23
N GLY A 38 -19.69 8.27 -34.07
CA GLY A 38 -20.23 7.75 -32.82
C GLY A 38 -19.65 8.43 -31.61
N ASP A 39 -20.51 8.76 -30.64
CA ASP A 39 -20.13 9.49 -29.43
C ASP A 39 -19.37 10.78 -29.77
N GLY A 40 -19.87 11.47 -30.79
CA GLY A 40 -19.33 12.75 -31.18
C GLY A 40 -17.92 12.72 -31.74
N ILE A 41 -17.60 11.68 -32.51
CA ILE A 41 -16.34 11.59 -33.24
C ILE A 41 -16.63 10.97 -34.60
N ALA A 42 -16.16 11.62 -35.66
CA ALA A 42 -16.48 11.19 -37.02
C ALA A 42 -15.21 11.01 -37.84
N HIS A 43 -15.31 10.20 -38.88
CA HIS A 43 -14.23 10.05 -39.86
C HIS A 43 -14.74 10.51 -41.22
N VAL A 44 -13.99 11.39 -41.86
CA VAL A 44 -14.38 11.99 -43.12
C VAL A 44 -13.29 11.76 -44.15
N GLU A 45 -13.70 11.45 -45.38
CA GLU A 45 -12.77 11.20 -46.47
C GLU A 45 -13.23 11.94 -47.71
N GLY A 46 -12.26 12.38 -48.52
CA GLY A 46 -12.54 13.04 -49.78
C GLY A 46 -12.09 14.48 -49.88
N LEU A 47 -11.38 15.02 -48.89
CA LEU A 47 -10.89 16.39 -48.92
C LEU A 47 -9.37 16.41 -48.83
N PRO A 48 -8.66 16.55 -49.95
CA PRO A 48 -7.19 16.52 -49.92
C PRO A 48 -6.52 17.87 -49.68
N SER A 49 -7.25 18.90 -49.26
CA SER A 49 -6.68 20.23 -49.06
C SER A 49 -7.13 20.81 -47.72
N VAL A 50 -7.04 20.00 -46.67
CA VAL A 50 -7.49 20.39 -45.34
C VAL A 50 -6.29 20.80 -44.50
N MET A 51 -6.40 21.94 -43.83
CA MET A 51 -5.39 22.37 -42.87
C MET A 51 -5.48 21.53 -41.61
N THR A 52 -4.48 21.68 -40.74
CA THR A 52 -4.42 20.85 -39.53
C THR A 52 -5.60 21.16 -38.60
N GLN A 53 -5.91 22.44 -38.39
CA GLN A 53 -6.96 22.86 -37.47
C GLN A 53 -8.11 23.56 -38.18
N GLU A 54 -8.27 23.34 -39.48
CA GLU A 54 -9.34 23.99 -40.22
C GLU A 54 -10.71 23.55 -39.70
N LEU A 55 -11.62 24.51 -39.60
CA LEU A 55 -12.97 24.21 -39.17
C LEU A 55 -13.75 23.54 -40.29
N LEU A 56 -14.60 22.57 -39.93
CA LEU A 56 -15.40 21.83 -40.88
C LEU A 56 -16.87 22.15 -40.67
N GLU A 57 -17.61 22.26 -41.78
CA GLU A 57 -19.02 22.60 -41.75
C GLU A 57 -19.86 21.36 -42.01
N PHE A 58 -20.81 21.11 -41.12
CA PHE A 58 -21.69 19.96 -41.17
C PHE A 58 -23.11 20.38 -41.52
N PRO A 59 -23.96 19.46 -41.99
CA PRO A 59 -25.35 19.84 -42.27
C PRO A 59 -26.09 20.40 -41.06
N GLY A 60 -25.78 19.92 -39.87
CA GLY A 60 -26.34 20.51 -38.68
C GLY A 60 -25.71 21.86 -38.38
N GLY A 61 -26.36 22.63 -37.52
CA GLY A 61 -25.85 23.96 -37.18
C GLY A 61 -24.48 23.92 -36.54
N VAL A 62 -24.24 22.92 -35.68
CA VAL A 62 -22.99 22.87 -34.94
C VAL A 62 -21.83 22.52 -35.88
N LEU A 63 -20.67 23.10 -35.59
CA LEU A 63 -19.49 22.91 -36.40
C LEU A 63 -18.62 21.80 -35.83
N GLY A 64 -17.70 21.29 -36.65
CA GLY A 64 -16.76 20.28 -36.22
C GLY A 64 -15.35 20.66 -36.65
N VAL A 65 -14.38 20.13 -35.91
CA VAL A 65 -12.98 20.47 -36.12
C VAL A 65 -12.16 19.20 -36.33
N ALA A 66 -11.29 19.24 -37.33
CA ALA A 66 -10.37 18.15 -37.62
C ALA A 66 -9.14 18.24 -36.72
N LEU A 67 -8.74 17.11 -36.18
CA LEU A 67 -7.60 17.06 -35.27
C LEU A 67 -6.51 16.11 -35.73
N ASN A 68 -6.86 14.99 -36.35
CA ASN A 68 -5.90 14.01 -36.83
C ASN A 68 -6.09 13.82 -38.33
N LEU A 69 -4.99 13.71 -39.06
CA LEU A 69 -5.01 13.56 -40.50
C LEU A 69 -4.23 12.31 -40.89
N ASP A 70 -4.66 11.67 -41.98
CA ASP A 70 -4.07 10.40 -42.39
C ASP A 70 -4.31 10.23 -43.88
N GLU A 71 -3.59 9.27 -44.47
CA GLU A 71 -3.70 9.01 -45.91
C GLU A 71 -5.12 8.61 -46.30
N HIS A 72 -5.69 7.62 -45.62
CA HIS A 72 -6.99 7.10 -46.03
C HIS A 72 -8.12 8.06 -45.68
N SER A 73 -8.08 8.63 -44.48
CA SER A 73 -9.20 9.43 -44.01
C SER A 73 -8.69 10.47 -43.03
N VAL A 74 -9.63 11.25 -42.49
CA VAL A 74 -9.34 12.32 -41.54
C VAL A 74 -10.29 12.19 -40.37
N GLY A 75 -9.73 12.06 -39.16
CA GLY A 75 -10.57 12.09 -37.98
C GLY A 75 -11.00 13.51 -37.63
N ALA A 76 -12.16 13.63 -37.00
CA ALA A 76 -12.66 14.93 -36.60
C ALA A 76 -13.58 14.77 -35.39
N VAL A 77 -13.71 15.84 -34.62
CA VAL A 77 -14.54 15.85 -33.43
C VAL A 77 -15.62 16.91 -33.61
N ILE A 78 -16.84 16.56 -33.22
CA ILE A 78 -17.99 17.45 -33.37
C ILE A 78 -18.19 18.21 -32.07
N LEU A 79 -18.48 19.51 -32.18
CA LEU A 79 -18.47 20.38 -31.01
C LEU A 79 -19.75 20.26 -30.21
N GLY A 80 -20.80 19.65 -30.77
CA GLY A 80 -22.03 19.46 -30.02
C GLY A 80 -23.14 18.98 -30.92
N GLU A 81 -24.17 18.42 -30.27
CA GLU A 81 -25.38 17.97 -30.94
C GLU A 81 -25.06 16.98 -32.05
N PHE A 82 -24.52 15.82 -31.66
CA PHE A 82 -24.12 14.79 -32.61
C PHE A 82 -25.25 13.81 -32.92
N GLU A 83 -26.45 14.03 -32.39
CA GLU A 83 -27.55 13.12 -32.64
C GLU A 83 -28.10 13.22 -34.06
N LYS A 84 -27.86 14.34 -34.74
CA LYS A 84 -28.34 14.51 -36.11
C LYS A 84 -27.35 14.04 -37.15
N ILE A 85 -26.22 13.48 -36.76
CA ILE A 85 -25.19 13.03 -37.69
C ILE A 85 -25.54 11.63 -38.16
N GLU A 86 -25.59 11.44 -39.48
CA GLU A 86 -25.92 10.16 -40.08
C GLU A 86 -24.85 9.82 -41.10
N GLU A 87 -24.58 8.52 -41.28
CA GLU A 87 -23.64 8.11 -42.30
C GLU A 87 -24.13 8.55 -43.67
N GLY A 88 -23.23 9.15 -44.45
CA GLY A 88 -23.54 9.62 -45.78
C GLY A 88 -23.85 11.10 -45.91
N GLN A 89 -23.61 11.89 -44.85
CA GLN A 89 -23.89 13.32 -44.92
C GLN A 89 -22.92 14.01 -45.88
N GLN A 90 -23.11 15.32 -46.03
CA GLN A 90 -22.24 16.17 -46.82
C GLN A 90 -21.55 17.18 -45.92
N VAL A 91 -20.24 17.34 -46.10
CA VAL A 91 -19.43 18.20 -45.25
C VAL A 91 -18.72 19.23 -46.13
N LYS A 92 -18.69 20.47 -45.65
CA LYS A 92 -18.03 21.56 -46.34
C LYS A 92 -16.92 22.12 -45.47
N ARG A 93 -15.95 22.77 -46.12
CA ARG A 93 -14.78 23.30 -45.45
C ARG A 93 -14.81 24.82 -45.44
N THR A 94 -14.40 25.41 -44.32
CA THR A 94 -14.25 26.85 -44.18
C THR A 94 -12.77 27.16 -44.08
N GLY A 95 -12.24 27.87 -45.09
CA GLY A 95 -10.80 28.00 -45.27
C GLY A 95 -10.07 28.57 -44.08
N GLU A 96 -10.72 29.40 -43.28
CA GLU A 96 -10.05 30.02 -42.15
C GLU A 96 -9.82 28.99 -41.04
N VAL A 97 -8.83 29.29 -40.19
CA VAL A 97 -8.58 28.48 -39.01
C VAL A 97 -9.57 28.86 -37.92
N LEU A 98 -9.72 27.99 -36.92
CA LEU A 98 -10.61 28.26 -35.82
C LEU A 98 -10.24 29.56 -35.13
N SER A 99 -11.23 30.38 -34.82
CA SER A 99 -11.00 31.69 -34.24
C SER A 99 -12.18 32.06 -33.36
N VAL A 100 -12.10 33.24 -32.75
CA VAL A 100 -13.15 33.75 -31.87
C VAL A 100 -13.46 35.19 -32.27
N PRO A 101 -14.74 35.58 -32.31
CA PRO A 101 -15.06 36.99 -32.49
C PRO A 101 -14.87 37.75 -31.19
N VAL A 102 -14.13 38.86 -31.26
CA VAL A 102 -13.75 39.64 -30.09
C VAL A 102 -14.11 41.10 -30.34
N GLY A 103 -14.67 41.75 -29.33
CA GLY A 103 -15.00 43.16 -29.39
C GLY A 103 -15.12 43.71 -27.99
N ASP A 104 -15.45 44.99 -27.92
CA ASP A 104 -15.62 45.66 -26.63
C ASP A 104 -17.04 45.55 -26.08
N ALA A 105 -17.96 44.97 -26.85
CA ALA A 105 -19.34 44.82 -26.40
C ALA A 105 -19.57 43.57 -25.58
N PHE A 106 -18.55 42.73 -25.39
CA PHE A 106 -18.72 41.51 -24.61
C PHE A 106 -18.87 41.78 -23.13
N LEU A 107 -18.60 43.00 -22.67
CA LEU A 107 -18.67 43.30 -21.24
C LEU A 107 -20.10 43.10 -20.72
N GLY A 108 -20.21 42.46 -19.57
CA GLY A 108 -21.50 42.24 -18.94
C GLY A 108 -22.44 41.32 -19.70
N ARG A 109 -21.93 40.22 -20.25
CA ARG A 109 -22.75 39.27 -20.97
C ARG A 109 -22.35 37.84 -20.57
N VAL A 110 -23.11 36.87 -21.07
CA VAL A 110 -22.83 35.45 -20.87
C VAL A 110 -22.84 34.80 -22.24
N VAL A 111 -21.80 34.02 -22.55
CA VAL A 111 -21.62 33.47 -23.89
C VAL A 111 -20.98 32.09 -23.78
N ASN A 112 -21.29 31.25 -24.77
CA ASN A 112 -20.67 29.95 -24.95
C ASN A 112 -19.36 30.10 -25.71
N PRO A 113 -18.49 29.08 -25.68
CA PRO A 113 -17.16 29.24 -26.28
C PRO A 113 -17.17 29.64 -27.74
N LEU A 114 -18.18 29.27 -28.52
CA LEU A 114 -18.19 29.62 -29.94
C LEU A 114 -18.60 31.05 -30.20
N GLY A 115 -19.13 31.76 -29.21
CA GLY A 115 -19.54 33.13 -29.41
C GLY A 115 -21.01 33.28 -29.72
N GLN A 116 -21.86 32.61 -28.93
CA GLN A 116 -23.30 32.71 -29.07
C GLN A 116 -23.89 33.08 -27.71
N PRO A 117 -24.69 34.14 -27.62
CA PRO A 117 -25.26 34.52 -26.33
C PRO A 117 -26.21 33.46 -25.80
N ILE A 118 -26.29 33.39 -24.47
CA ILE A 118 -27.18 32.45 -23.80
C ILE A 118 -28.42 33.13 -23.23
N ASP A 119 -28.31 34.36 -22.73
CA ASP A 119 -29.44 35.06 -22.15
C ASP A 119 -30.46 35.43 -23.23
N GLY A 120 -31.55 36.07 -22.79
CA GLY A 120 -32.55 36.53 -23.74
C GLY A 120 -32.02 37.58 -24.68
N GLN A 121 -31.19 38.48 -24.18
CA GLN A 121 -30.56 39.48 -25.02
C GLN A 121 -29.70 38.81 -26.11
N GLY A 122 -29.82 39.30 -27.33
CA GLY A 122 -29.16 38.66 -28.46
C GLY A 122 -28.37 39.60 -29.34
N ASP A 123 -27.68 40.56 -28.73
CA ASP A 123 -26.92 41.56 -29.46
C ASP A 123 -25.42 41.27 -29.33
N ILE A 124 -24.75 41.13 -30.46
CA ILE A 124 -23.30 40.95 -30.52
C ILE A 124 -22.74 41.92 -31.56
N ALA A 125 -21.73 42.68 -31.17
CA ALA A 125 -21.08 43.67 -32.02
C ALA A 125 -19.58 43.44 -32.06
N ALA A 126 -19.19 42.18 -32.27
CA ALA A 126 -17.78 41.85 -32.34
C ALA A 126 -17.12 42.52 -33.53
N GLU A 127 -15.82 42.81 -33.38
CA GLU A 127 -15.10 43.61 -34.36
C GLU A 127 -13.92 42.87 -35.00
N THR A 128 -13.23 41.99 -34.28
CA THR A 128 -12.03 41.35 -34.80
C THR A 128 -12.10 39.85 -34.60
N ARG A 129 -11.68 39.11 -35.62
CA ARG A 129 -11.54 37.66 -35.49
C ARG A 129 -10.14 37.33 -35.02
N ARG A 130 -10.03 36.74 -33.84
CA ARG A 130 -8.75 36.44 -33.22
C ARG A 130 -8.50 34.94 -33.26
N ALA A 131 -7.36 34.54 -33.80
CA ALA A 131 -7.01 33.13 -33.85
C ALA A 131 -6.55 32.64 -32.48
N LEU A 132 -6.48 31.32 -32.33
CA LEU A 132 -6.10 30.69 -31.06
C LEU A 132 -4.70 30.08 -31.13
N GLU A 133 -3.94 30.38 -32.16
CA GLU A 133 -2.64 29.76 -32.38
C GLU A 133 -1.51 30.79 -32.41
N LEU A 134 -1.65 31.85 -31.64
CA LEU A 134 -0.61 32.87 -31.57
C LEU A 134 0.42 32.48 -30.50
N GLN A 135 1.33 33.39 -30.17
CA GLN A 135 2.41 33.09 -29.26
C GLN A 135 2.42 34.12 -28.13
N ALA A 136 3.45 34.04 -27.29
CA ALA A 136 3.61 34.93 -26.14
C ALA A 136 4.94 35.66 -26.25
N PRO A 137 5.09 36.83 -25.65
CA PRO A 137 6.33 37.60 -25.82
C PRO A 137 7.53 36.90 -25.19
N SER A 138 8.68 37.10 -25.82
CA SER A 138 9.94 36.53 -25.38
C SER A 138 10.55 37.42 -24.30
N VAL A 139 11.78 37.09 -23.88
CA VAL A 139 12.41 37.82 -22.78
C VAL A 139 12.66 39.28 -23.16
N VAL A 140 13.02 39.53 -24.42
CA VAL A 140 13.30 40.90 -24.83
C VAL A 140 12.04 41.74 -24.83
N GLN A 141 10.88 41.11 -24.99
CA GLN A 141 9.60 41.82 -25.07
C GLN A 141 8.90 41.93 -23.73
N ARG A 142 9.46 41.40 -22.66
CA ARG A 142 8.82 41.40 -21.35
C ARG A 142 9.40 42.51 -20.48
N GLN A 143 8.98 42.53 -19.22
CA GLN A 143 9.35 43.61 -18.30
C GLN A 143 9.18 43.09 -16.88
N SER A 144 9.76 43.82 -15.93
CA SER A 144 9.68 43.46 -14.53
C SER A 144 8.31 43.83 -13.95
N VAL A 145 8.07 43.40 -12.72
CA VAL A 145 6.78 43.60 -12.06
C VAL A 145 7.01 44.34 -10.74
N SER A 146 6.31 45.48 -10.58
CA SER A 146 6.38 46.22 -9.32
C SER A 146 5.02 46.69 -8.82
N GLU A 147 3.96 46.59 -9.62
CA GLU A 147 2.68 47.16 -9.22
C GLU A 147 1.82 46.10 -8.55
N PRO A 148 1.31 46.35 -7.34
CA PRO A 148 0.54 45.33 -6.63
C PRO A 148 -0.93 45.29 -7.00
N LEU A 149 -1.53 44.12 -6.82
CA LEU A 149 -2.97 43.94 -6.93
C LEU A 149 -3.56 43.82 -5.53
N GLN A 150 -4.74 44.39 -5.34
CA GLN A 150 -5.34 44.51 -4.02
C GLN A 150 -6.48 43.53 -3.84
N THR A 151 -6.48 42.84 -2.70
CA THR A 151 -7.57 41.94 -2.31
C THR A 151 -7.98 42.29 -0.89
N GLY A 152 -9.23 41.96 -0.55
CA GLY A 152 -9.74 42.25 0.77
C GLY A 152 -9.19 41.37 1.87
N ILE A 153 -8.55 40.26 1.51
CA ILE A 153 -8.00 39.33 2.49
C ILE A 153 -6.65 39.85 2.95
N LYS A 154 -6.52 40.17 4.24
CA LYS A 154 -5.25 40.65 4.76
C LYS A 154 -4.20 39.55 4.78
N ALA A 155 -4.62 38.31 5.01
CA ALA A 155 -3.66 37.21 5.09
C ALA A 155 -2.94 37.01 3.76
N ILE A 156 -3.67 37.08 2.64
CA ILE A 156 -3.04 36.91 1.34
C ILE A 156 -2.09 38.07 1.03
N ASP A 157 -2.57 39.30 1.22
CA ASP A 157 -1.77 40.48 0.88
C ASP A 157 -0.63 40.72 1.87
N ALA A 158 -0.60 40.01 3.00
CA ALA A 158 0.45 40.21 3.99
C ALA A 158 1.63 39.27 3.77
N MET A 159 1.34 37.97 3.61
CA MET A 159 2.41 36.97 3.52
C MET A 159 2.79 36.68 2.08
N THR A 160 1.83 36.26 1.26
CA THR A 160 2.10 35.91 -0.13
C THR A 160 1.44 36.93 -1.05
N PRO A 161 2.10 38.04 -1.36
CA PRO A 161 1.45 39.10 -2.14
C PRO A 161 1.26 38.70 -3.60
N ILE A 162 0.39 39.44 -4.26
CA ILE A 162 0.04 39.22 -5.65
C ILE A 162 0.31 40.50 -6.44
N GLY A 163 0.93 40.34 -7.62
CA GLY A 163 1.28 41.48 -8.45
C GLY A 163 0.74 41.32 -9.85
N ARG A 164 0.66 42.44 -10.55
CA ARG A 164 0.13 42.45 -11.91
C ARG A 164 1.06 41.68 -12.84
N GLY A 165 0.48 40.78 -13.63
CA GLY A 165 1.25 39.97 -14.54
C GLY A 165 1.92 38.78 -13.90
N GLN A 166 1.71 38.53 -12.62
CA GLN A 166 2.32 37.41 -11.91
C GLN A 166 1.23 36.40 -11.57
N ARG A 167 1.32 35.22 -12.18
CA ARG A 167 0.31 34.20 -12.01
C ARG A 167 0.45 33.50 -10.66
N GLN A 168 -0.68 33.00 -10.15
CA GLN A 168 -0.74 32.32 -8.86
C GLN A 168 -1.66 31.12 -8.98
N LEU A 169 -1.39 30.10 -8.18
CA LEU A 169 -2.15 28.86 -8.21
C LEU A 169 -2.91 28.68 -6.90
N ILE A 170 -4.17 28.31 -7.01
CA ILE A 170 -5.00 27.97 -5.85
C ILE A 170 -5.34 26.49 -5.97
N ILE A 171 -4.83 25.69 -5.04
CA ILE A 171 -5.03 24.25 -5.04
C ILE A 171 -5.52 23.84 -3.67
N GLY A 172 -6.52 22.95 -3.63
CA GLY A 172 -7.07 22.55 -2.35
C GLY A 172 -8.10 21.46 -2.52
N ASP A 173 -8.76 21.15 -1.41
CA ASP A 173 -9.77 20.11 -1.37
C ASP A 173 -11.17 20.74 -1.38
N ARG A 174 -12.21 19.92 -1.32
CA ARG A 174 -13.59 20.38 -1.32
C ARG A 174 -13.94 21.08 -0.01
N LYS A 175 -14.93 21.97 -0.09
CA LYS A 175 -15.47 22.67 1.07
C LYS A 175 -14.40 23.45 1.83
N THR A 176 -13.46 24.05 1.11
CA THR A 176 -12.42 24.88 1.73
C THR A 176 -12.41 26.32 1.27
N GLY A 177 -12.99 26.61 0.11
CA GLY A 177 -12.93 27.95 -0.45
C GLY A 177 -12.82 27.90 -1.95
N LYS A 178 -11.77 28.53 -2.48
CA LYS A 178 -11.34 28.47 -3.89
C LYS A 178 -12.31 29.17 -4.82
N THR A 179 -13.43 29.69 -4.34
CA THR A 179 -14.34 30.49 -5.16
C THR A 179 -14.65 31.79 -4.43
N ALA A 180 -14.69 31.72 -3.11
CA ALA A 180 -14.96 32.90 -2.31
C ALA A 180 -13.88 33.97 -2.52
N VAL A 181 -12.61 33.55 -2.55
CA VAL A 181 -11.53 34.51 -2.75
C VAL A 181 -11.62 35.14 -4.13
N CYS A 182 -11.94 34.34 -5.16
CA CYS A 182 -12.04 34.88 -6.51
C CYS A 182 -13.16 35.91 -6.61
N VAL A 183 -14.35 35.56 -6.10
CA VAL A 183 -15.44 36.51 -6.20
C VAL A 183 -15.17 37.75 -5.35
N ASP A 184 -14.51 37.59 -4.20
CA ASP A 184 -14.17 38.74 -3.38
C ASP A 184 -13.24 39.69 -4.11
N THR A 185 -12.22 39.15 -4.80
CA THR A 185 -11.35 40.00 -5.59
C THR A 185 -12.12 40.70 -6.72
N ILE A 186 -12.99 39.95 -7.40
CA ILE A 186 -13.73 40.52 -8.53
C ILE A 186 -14.59 41.69 -8.07
N LEU A 187 -15.29 41.52 -6.95
CA LEU A 187 -16.10 42.63 -6.45
C LEU A 187 -15.28 43.70 -5.73
N ASN A 188 -14.05 43.39 -5.34
CA ASN A 188 -13.19 44.38 -4.73
C ASN A 188 -12.63 45.36 -5.74
N GLN A 189 -12.44 44.91 -6.99
CA GLN A 189 -11.91 45.82 -8.01
C GLN A 189 -12.88 46.95 -8.38
N ARG A 190 -14.04 47.04 -7.72
CA ARG A 190 -15.08 47.97 -8.17
C ARG A 190 -14.67 49.43 -8.01
N GLU A 191 -14.12 49.79 -6.85
CA GLU A 191 -13.74 51.19 -6.63
C GLU A 191 -12.66 51.62 -7.62
N ALA A 192 -11.68 50.75 -7.86
CA ALA A 192 -10.63 51.05 -8.83
C ALA A 192 -11.22 51.26 -10.22
N TRP A 193 -12.18 50.42 -10.61
CA TRP A 193 -12.85 50.66 -11.88
C TRP A 193 -13.64 51.96 -11.85
N LEU A 194 -14.17 52.34 -10.69
CA LEU A 194 -15.01 53.53 -10.59
C LEU A 194 -14.19 54.81 -10.69
N THR A 195 -12.90 54.75 -10.32
CA THR A 195 -12.08 55.96 -10.39
C THR A 195 -12.09 56.58 -11.79
N GLY A 196 -12.02 55.73 -12.82
CA GLY A 196 -12.14 56.18 -14.19
C GLY A 196 -10.83 56.31 -14.94
N ASP A 197 -9.70 56.29 -14.25
CA ASP A 197 -8.42 56.38 -14.93
C ASP A 197 -8.17 55.10 -15.74
N PRO A 198 -7.67 55.23 -16.98
CA PRO A 198 -7.37 54.02 -17.76
C PRO A 198 -6.28 53.16 -17.14
N LYS A 199 -5.47 53.70 -16.25
CA LYS A 199 -4.41 52.96 -15.59
C LYS A 199 -4.90 52.21 -14.36
N GLN A 200 -6.18 52.32 -14.02
CA GLN A 200 -6.74 51.62 -12.88
C GLN A 200 -7.88 50.67 -13.23
N GLN A 201 -8.50 50.82 -14.39
CA GLN A 201 -9.55 49.90 -14.81
C GLN A 201 -8.99 48.51 -15.03
N VAL A 202 -9.69 47.50 -14.51
CA VAL A 202 -9.29 46.11 -14.62
C VAL A 202 -10.46 45.34 -15.21
N ARG A 203 -10.31 44.84 -16.43
CA ARG A 203 -11.34 44.03 -17.05
C ARG A 203 -11.23 42.59 -16.59
N CYS A 204 -12.35 42.01 -16.16
CA CYS A 204 -12.36 40.70 -15.51
C CYS A 204 -13.06 39.68 -16.39
N VAL A 205 -12.43 38.52 -16.53
CA VAL A 205 -13.00 37.40 -17.30
C VAL A 205 -13.09 36.19 -16.38
N TYR A 206 -14.24 35.52 -16.40
CA TYR A 206 -14.48 34.34 -15.59
C TYR A 206 -14.81 33.17 -16.50
N VAL A 207 -14.22 32.02 -16.24
CA VAL A 207 -14.48 30.81 -17.00
C VAL A 207 -15.05 29.77 -16.04
N ALA A 208 -16.11 29.09 -16.48
CA ALA A 208 -16.73 28.01 -15.71
C ALA A 208 -16.82 26.77 -16.58
N ILE A 209 -16.36 25.64 -16.04
CA ILE A 209 -16.32 24.38 -16.78
C ILE A 209 -16.99 23.30 -15.94
N GLY A 210 -17.89 22.54 -16.56
CA GLY A 210 -18.48 21.39 -15.91
C GLY A 210 -19.25 21.69 -14.64
N GLN A 211 -20.12 22.68 -14.68
CA GLN A 211 -20.88 23.11 -13.51
C GLN A 211 -22.37 22.96 -13.76
N LYS A 212 -23.11 22.71 -12.69
CA LYS A 212 -24.56 22.76 -12.76
C LYS A 212 -25.02 24.20 -12.95
N GLY A 213 -26.10 24.37 -13.70
CA GLY A 213 -26.56 25.71 -14.03
C GLY A 213 -26.94 26.55 -12.82
N THR A 214 -27.41 25.90 -11.76
CA THR A 214 -27.84 26.64 -10.58
C THR A 214 -26.67 27.37 -9.92
N THR A 215 -25.50 26.73 -9.87
CA THR A 215 -24.34 27.40 -9.29
C THR A 215 -23.94 28.63 -10.10
N ILE A 216 -23.96 28.50 -11.43
CA ILE A 216 -23.65 29.63 -12.29
C ILE A 216 -24.66 30.75 -12.08
N ALA A 217 -25.95 30.41 -11.97
CA ALA A 217 -26.97 31.42 -11.73
C ALA A 217 -26.76 32.11 -10.39
N SER A 218 -26.40 31.35 -9.36
CA SER A 218 -26.15 31.95 -8.05
C SER A 218 -24.96 32.89 -8.08
N VAL A 219 -23.89 32.49 -8.76
CA VAL A 219 -22.71 33.36 -8.87
C VAL A 219 -23.07 34.63 -9.64
N LYS A 220 -23.83 34.50 -10.72
CA LYS A 220 -24.22 35.68 -11.49
C LYS A 220 -25.09 36.60 -10.67
N ARG A 221 -26.01 36.04 -9.87
CA ARG A 221 -26.86 36.87 -9.03
C ARG A 221 -26.05 37.59 -7.96
N ALA A 222 -25.06 36.91 -7.38
CA ALA A 222 -24.18 37.56 -6.41
C ALA A 222 -23.41 38.71 -7.05
N LEU A 223 -22.88 38.48 -8.25
CA LEU A 223 -22.17 39.56 -8.95
C LEU A 223 -23.09 40.72 -9.27
N GLU A 224 -24.33 40.42 -9.68
CA GLU A 224 -25.30 41.46 -9.98
C GLU A 224 -25.61 42.30 -8.75
N GLU A 225 -25.92 41.66 -7.63
CA GLU A 225 -26.25 42.40 -6.42
C GLU A 225 -25.04 43.11 -5.85
N GLY A 226 -23.82 42.65 -6.16
CA GLY A 226 -22.64 43.35 -5.70
C GLY A 226 -22.29 44.60 -6.47
N GLY A 227 -22.99 44.89 -7.56
CA GLY A 227 -22.73 46.08 -8.34
C GLY A 227 -21.48 46.02 -9.19
N ALA A 228 -20.93 44.83 -9.42
CA ALA A 228 -19.71 44.66 -10.20
C ALA A 228 -19.96 43.83 -11.45
N MET A 229 -21.18 43.84 -11.98
CA MET A 229 -21.56 43.00 -13.10
C MET A 229 -21.42 43.77 -14.42
N GLU A 230 -20.66 44.86 -14.39
CA GLU A 230 -20.50 45.75 -15.54
C GLU A 230 -19.22 45.50 -16.32
N TYR A 231 -18.09 45.36 -15.64
CA TYR A 231 -16.81 45.16 -16.30
C TYR A 231 -16.40 43.70 -16.40
N THR A 232 -17.25 42.78 -15.98
CA THR A 232 -16.91 41.36 -15.96
C THR A 232 -17.60 40.63 -17.11
N THR A 233 -16.96 39.54 -17.54
CA THR A 233 -17.52 38.68 -18.58
C THR A 233 -17.51 37.25 -18.07
N ILE A 234 -18.47 36.45 -18.56
CA ILE A 234 -18.65 35.07 -18.13
C ILE A 234 -18.62 34.18 -19.37
N VAL A 235 -17.83 33.12 -19.31
CA VAL A 235 -17.83 32.07 -20.33
C VAL A 235 -18.07 30.76 -19.63
N ALA A 236 -19.21 30.13 -19.92
CA ALA A 236 -19.68 28.98 -19.17
C ALA A 236 -19.91 27.77 -20.06
N ALA A 237 -19.48 26.61 -19.60
CA ALA A 237 -19.78 25.33 -20.21
C ALA A 237 -20.42 24.44 -19.15
N PRO A 238 -21.69 24.08 -19.29
CA PRO A 238 -22.36 23.32 -18.22
C PRO A 238 -21.94 21.86 -18.21
N ALA A 239 -22.43 21.15 -17.19
CA ALA A 239 -22.09 19.74 -17.03
C ALA A 239 -22.68 18.89 -18.14
N SER A 240 -23.89 19.20 -18.60
CA SER A 240 -24.55 18.44 -19.66
C SER A 240 -23.96 18.71 -21.04
N ASP A 241 -22.91 19.53 -21.13
CA ASP A 241 -22.34 19.92 -22.40
C ASP A 241 -21.48 18.79 -22.97
N ALA A 242 -21.11 18.94 -24.24
CA ALA A 242 -20.28 17.95 -24.91
C ALA A 242 -18.84 18.07 -24.42
N ALA A 243 -17.99 17.17 -24.93
CA ALA A 243 -16.59 17.17 -24.54
C ALA A 243 -15.79 18.28 -25.22
N GLY A 244 -16.14 18.61 -26.47
CA GLY A 244 -15.40 19.63 -27.18
C GLY A 244 -15.44 20.99 -26.49
N PHE A 245 -16.61 21.36 -25.96
CA PHE A 245 -16.72 22.64 -25.27
C PHE A 245 -15.94 22.63 -23.97
N LYS A 246 -15.99 21.53 -23.23
CA LYS A 246 -15.18 21.40 -22.03
C LYS A 246 -13.70 21.51 -22.33
N TRP A 247 -13.28 21.05 -23.51
CA TRP A 247 -11.89 21.17 -23.92
C TRP A 247 -11.54 22.59 -24.34
N LEU A 248 -12.46 23.28 -25.02
CA LEU A 248 -12.19 24.59 -25.58
C LEU A 248 -12.43 25.75 -24.62
N ALA A 249 -13.02 25.50 -23.44
CA ALA A 249 -13.47 26.59 -22.58
C ALA A 249 -12.42 27.67 -22.28
N PRO A 250 -11.19 27.36 -21.86
CA PRO A 250 -10.28 28.45 -21.44
C PRO A 250 -9.65 29.22 -22.58
N TYR A 251 -9.58 28.64 -23.78
CA TYR A 251 -8.85 29.28 -24.88
C TYR A 251 -9.54 30.57 -25.32
N THR A 252 -10.88 30.58 -25.37
CA THR A 252 -11.59 31.78 -25.77
C THR A 252 -11.38 32.92 -24.77
N GLY A 253 -11.42 32.60 -23.47
CA GLY A 253 -11.11 33.61 -22.48
C GLY A 253 -9.70 34.14 -22.62
N SER A 254 -8.75 33.25 -22.93
CA SER A 254 -7.38 33.69 -23.16
C SER A 254 -7.30 34.64 -24.35
N ALA A 255 -8.02 34.32 -25.43
CA ALA A 255 -7.99 35.18 -26.62
C ALA A 255 -8.58 36.56 -26.32
N ILE A 256 -9.70 36.60 -25.58
CA ILE A 256 -10.29 37.88 -25.20
C ILE A 256 -9.32 38.69 -24.34
N GLY A 257 -8.69 38.03 -23.37
CA GLY A 257 -7.71 38.71 -22.55
C GLY A 257 -6.56 39.27 -23.36
N GLN A 258 -6.09 38.50 -24.35
CA GLN A 258 -5.01 38.99 -25.21
C GLN A 258 -5.44 40.22 -26.00
N HIS A 259 -6.65 40.18 -26.55
CA HIS A 259 -7.12 41.31 -27.34
C HIS A 259 -7.23 42.56 -26.50
N TRP A 260 -7.69 42.42 -25.25
CA TRP A 260 -7.69 43.58 -24.36
C TRP A 260 -6.29 43.94 -23.88
N MET A 261 -5.36 42.99 -23.90
CA MET A 261 -3.96 43.28 -23.58
C MET A 261 -3.35 44.23 -24.58
N TYR A 262 -3.45 43.91 -25.87
CA TYR A 262 -2.62 44.59 -26.86
C TYR A 262 -3.01 46.04 -27.09
N ASN A 263 -4.13 46.50 -26.55
CA ASN A 263 -4.51 47.91 -26.64
C ASN A 263 -4.04 48.72 -25.44
N GLY A 264 -3.37 48.09 -24.47
CA GLY A 264 -2.81 48.82 -23.35
C GLY A 264 -3.62 48.81 -22.07
N LYS A 265 -4.67 48.00 -22.00
CA LYS A 265 -5.50 47.94 -20.80
C LYS A 265 -4.92 46.91 -19.83
N HIS A 266 -5.65 46.62 -18.77
CA HIS A 266 -5.25 45.62 -17.78
C HIS A 266 -6.40 44.65 -17.53
N VAL A 267 -6.09 43.36 -17.48
CA VAL A 267 -7.11 42.32 -17.39
C VAL A 267 -6.75 41.33 -16.29
N LEU A 268 -7.76 40.57 -15.88
CA LEU A 268 -7.62 39.53 -14.87
C LEU A 268 -8.55 38.39 -15.23
N ILE A 269 -8.02 37.18 -15.37
CA ILE A 269 -8.76 36.02 -15.82
C ILE A 269 -8.79 34.98 -14.73
N VAL A 270 -9.94 34.35 -14.53
CA VAL A 270 -10.14 33.33 -13.51
C VAL A 270 -10.62 32.05 -14.17
N PHE A 271 -9.94 30.94 -13.84
CA PHE A 271 -10.27 29.62 -14.37
C PHE A 271 -11.01 28.84 -13.29
N ASP A 272 -12.15 28.25 -13.66
CA ASP A 272 -12.93 27.48 -12.70
C ASP A 272 -12.17 26.26 -12.21
N ASP A 273 -11.68 25.45 -13.15
CA ASP A 273 -10.98 24.22 -12.81
C ASP A 273 -10.26 23.71 -14.05
N LEU A 274 -9.09 23.14 -13.83
CA LEU A 274 -8.30 22.56 -14.91
C LEU A 274 -8.35 21.04 -14.92
N SER A 275 -8.75 20.42 -13.81
CA SER A 275 -8.87 18.97 -13.77
C SER A 275 -9.97 18.48 -14.70
N LYS A 276 -11.11 19.19 -14.74
CA LYS A 276 -12.21 18.76 -15.58
C LYS A 276 -11.84 18.79 -17.06
N GLN A 277 -11.17 19.85 -17.50
CA GLN A 277 -10.78 19.91 -18.90
C GLN A 277 -9.68 18.91 -19.22
N ALA A 278 -8.81 18.61 -18.25
CA ALA A 278 -7.83 17.56 -18.46
C ALA A 278 -8.50 16.20 -18.63
N ASP A 279 -9.53 15.92 -17.82
CA ASP A 279 -10.27 14.67 -17.97
C ASP A 279 -11.00 14.62 -19.30
N ALA A 280 -11.55 15.75 -19.73
CA ALA A 280 -12.20 15.80 -21.04
C ALA A 280 -11.21 15.52 -22.15
N TYR A 281 -10.01 16.09 -22.05
CA TYR A 281 -8.96 15.79 -23.03
C TYR A 281 -8.61 14.32 -23.02
N ARG A 282 -8.47 13.73 -21.83
CA ARG A 282 -8.18 12.31 -21.74
C ARG A 282 -9.25 11.48 -22.42
N ALA A 283 -10.52 11.80 -22.17
CA ALA A 283 -11.62 11.05 -22.76
C ALA A 283 -11.62 11.17 -24.27
N ILE A 284 -11.45 12.38 -24.79
CA ILE A 284 -11.52 12.57 -26.25
C ILE A 284 -10.32 11.91 -26.93
N SER A 285 -9.14 11.97 -26.31
CA SER A 285 -7.98 11.29 -26.87
C SER A 285 -8.16 9.79 -26.85
N LEU A 286 -8.71 9.26 -25.76
CA LEU A 286 -8.84 7.82 -25.62
C LEU A 286 -9.90 7.27 -26.56
N LEU A 287 -10.96 8.04 -26.82
CA LEU A 287 -11.95 7.61 -27.81
C LEU A 287 -11.31 7.44 -29.17
N LEU A 288 -10.46 8.37 -29.57
CA LEU A 288 -9.63 8.18 -30.74
C LEU A 288 -8.62 7.07 -30.48
N ARG A 289 -8.27 6.34 -31.53
CA ARG A 289 -7.36 5.21 -31.39
C ARG A 289 -5.94 5.74 -31.24
N ARG A 290 -5.56 6.09 -30.02
CA ARG A 290 -4.21 6.52 -29.70
C ARG A 290 -3.78 5.72 -28.47
N PRO A 291 -2.51 5.32 -28.39
CA PRO A 291 -2.05 4.53 -27.24
C PRO A 291 -2.17 5.32 -25.95
N PRO A 292 -2.56 4.67 -24.86
CA PRO A 292 -2.65 5.38 -23.57
C PRO A 292 -1.27 5.65 -23.00
N GLY A 293 -1.19 6.65 -22.12
CA GLY A 293 0.05 7.00 -21.48
C GLY A 293 0.14 6.49 -20.05
N ARG A 294 0.97 7.19 -19.27
CA ARG A 294 1.13 6.84 -17.86
C ARG A 294 -0.14 7.15 -17.09
N GLU A 295 -0.53 6.22 -16.22
CA GLU A 295 -1.81 6.25 -15.49
C GLU A 295 -2.96 6.80 -16.35
N ALA A 296 -3.08 6.24 -17.55
CA ALA A 296 -4.19 6.50 -18.47
C ALA A 296 -4.18 7.91 -19.05
N PHE A 297 -3.26 8.76 -18.62
CA PHE A 297 -3.20 10.11 -19.17
C PHE A 297 -2.29 10.10 -20.38
N PRO A 298 -2.79 10.43 -21.57
CA PRO A 298 -1.94 10.37 -22.76
C PRO A 298 -0.79 11.36 -22.68
N GLY A 299 0.18 11.19 -23.57
CA GLY A 299 1.25 12.15 -23.70
C GLY A 299 0.71 13.51 -24.10
N ASP A 300 1.60 14.51 -24.04
CA ASP A 300 1.31 15.89 -24.38
C ASP A 300 0.33 16.53 -23.41
N VAL A 301 0.23 15.99 -22.18
CA VAL A 301 -0.66 16.58 -21.19
C VAL A 301 -0.02 17.78 -20.50
N PHE A 302 1.32 17.79 -20.35
CA PHE A 302 2.04 18.91 -19.79
C PHE A 302 2.09 20.09 -20.76
N TYR A 303 2.17 19.80 -22.05
CA TYR A 303 2.36 20.84 -23.06
C TYR A 303 1.19 21.80 -23.10
N LEU A 304 -0.04 21.29 -23.03
CA LEU A 304 -1.21 22.17 -23.13
C LEU A 304 -1.30 23.08 -21.90
N HIS A 305 -1.09 22.52 -20.71
CA HIS A 305 -1.12 23.35 -19.51
C HIS A 305 -0.03 24.40 -19.55
N SER A 306 1.17 24.04 -20.01
CA SER A 306 2.24 25.02 -20.13
C SER A 306 1.87 26.13 -21.11
N ARG A 307 1.37 25.75 -22.29
CA ARG A 307 1.05 26.75 -23.31
C ARG A 307 -0.10 27.66 -22.86
N LEU A 308 -0.99 27.16 -22.00
CA LEU A 308 -2.05 28.01 -21.48
C LEU A 308 -1.52 28.95 -20.42
N LEU A 309 -0.76 28.42 -19.45
CA LEU A 309 -0.36 29.23 -18.30
C LEU A 309 0.78 30.19 -18.63
N GLU A 310 1.49 30.01 -19.75
CA GLU A 310 2.62 30.88 -20.01
C GLU A 310 2.25 32.19 -20.68
N ARG A 311 1.00 32.34 -21.14
CA ARG A 311 0.64 33.52 -21.92
C ARG A 311 0.40 34.75 -21.06
N CYS A 312 0.31 34.59 -19.74
CA CYS A 312 0.14 35.73 -18.86
C CYS A 312 1.49 36.37 -18.55
N ALA A 313 1.62 37.65 -18.86
CA ALA A 313 2.90 38.34 -18.70
C ALA A 313 2.66 39.83 -18.63
N LYS A 314 3.69 40.55 -18.18
CA LYS A 314 3.69 42.01 -18.17
C LYS A 314 4.48 42.50 -19.37
N LEU A 315 3.81 43.22 -20.27
CA LEU A 315 4.43 43.62 -21.51
C LEU A 315 5.47 44.72 -21.29
N SER A 316 6.33 44.91 -22.29
CA SER A 316 7.37 45.90 -22.22
C SER A 316 6.79 47.31 -22.28
N ASP A 317 7.52 48.26 -21.68
CA ASP A 317 7.10 49.65 -21.71
C ASP A 317 7.01 50.20 -23.13
N GLU A 318 7.83 49.71 -24.05
CA GLU A 318 7.76 50.10 -25.45
C GLU A 318 6.44 49.68 -26.07
N LEU A 319 5.90 48.54 -25.64
CA LEU A 319 4.57 48.10 -26.06
C LEU A 319 3.50 48.82 -25.25
N GLY A 320 2.26 48.34 -25.34
CA GLY A 320 1.17 48.95 -24.59
C GLY A 320 1.35 48.93 -23.09
N GLY A 321 2.18 48.04 -22.57
CA GLY A 321 2.42 47.99 -21.14
C GLY A 321 1.25 47.51 -20.32
N GLY A 322 0.55 46.48 -20.76
CA GLY A 322 -0.54 45.89 -20.02
C GLY A 322 -0.09 44.65 -19.27
N SER A 323 -0.97 44.14 -18.41
CA SER A 323 -0.68 42.97 -17.59
C SER A 323 -1.87 42.01 -17.59
N MET A 324 -1.57 40.71 -17.49
CA MET A 324 -2.57 39.67 -17.34
C MET A 324 -2.22 38.82 -16.13
N THR A 325 -3.22 38.53 -15.31
CA THR A 325 -3.05 37.70 -14.13
C THR A 325 -4.05 36.56 -14.19
N GLY A 326 -3.60 35.36 -13.85
CA GLY A 326 -4.45 34.18 -13.85
C GLY A 326 -4.45 33.52 -12.49
N LEU A 327 -5.59 32.95 -12.12
CA LEU A 327 -5.76 32.27 -10.83
C LEU A 327 -6.47 30.94 -11.05
N PRO A 328 -5.78 29.95 -11.63
CA PRO A 328 -6.41 28.65 -11.84
C PRO A 328 -6.69 27.94 -10.52
N ILE A 329 -7.67 27.04 -10.56
CA ILE A 329 -8.12 26.31 -9.37
C ILE A 329 -7.90 24.82 -9.62
N ILE A 330 -7.33 24.14 -8.63
CA ILE A 330 -7.03 22.71 -8.73
C ILE A 330 -7.64 22.01 -7.52
N GLU A 331 -8.35 20.92 -7.77
CA GLU A 331 -8.95 20.10 -6.72
C GLU A 331 -8.17 18.80 -6.58
N THR A 332 -7.78 18.49 -5.35
CA THR A 332 -6.98 17.31 -5.05
C THR A 332 -7.79 16.32 -4.22
N LYS A 333 -7.52 15.04 -4.44
CA LYS A 333 -8.25 13.96 -3.78
C LYS A 333 -7.45 13.49 -2.57
N ALA A 334 -8.01 13.70 -1.38
CA ALA A 334 -7.41 13.25 -0.12
C ALA A 334 -6.00 13.80 0.09
N ASN A 335 -5.78 15.06 -0.26
CA ASN A 335 -4.52 15.75 0.00
C ASN A 335 -3.32 15.03 -0.63
N ASP A 336 -3.50 14.53 -1.86
CA ASP A 336 -2.42 13.87 -2.57
C ASP A 336 -1.65 14.92 -3.38
N ILE A 337 -0.92 15.78 -2.66
CA ILE A 337 -0.10 16.77 -3.32
C ILE A 337 1.02 16.09 -4.11
N SER A 338 1.40 14.88 -3.72
CA SER A 338 2.41 14.08 -4.41
C SER A 338 1.84 13.35 -5.61
N ALA A 339 0.66 13.74 -6.11
CA ALA A 339 0.07 13.07 -7.26
C ALA A 339 0.73 13.54 -8.55
N PHE A 340 0.16 13.17 -9.70
CA PHE A 340 0.77 13.45 -10.99
C PHE A 340 0.42 14.86 -11.48
N ILE A 341 -0.88 15.12 -11.65
CA ILE A 341 -1.36 16.40 -12.17
C ILE A 341 -1.01 17.57 -11.25
N PRO A 342 -1.22 17.48 -9.92
CA PRO A 342 -0.82 18.60 -9.06
C PRO A 342 0.66 18.91 -9.14
N THR A 343 1.52 17.89 -9.23
CA THR A 343 2.95 18.14 -9.33
C THR A 343 3.30 18.73 -10.70
N ASN A 344 2.63 18.27 -11.75
CA ASN A 344 2.87 18.85 -13.07
C ASN A 344 2.52 20.33 -13.10
N VAL A 345 1.37 20.68 -12.54
CA VAL A 345 0.93 22.08 -12.57
C VAL A 345 1.78 22.94 -11.64
N ILE A 346 2.13 22.41 -10.46
CA ILE A 346 2.77 23.20 -9.42
C ILE A 346 4.15 23.70 -9.83
N SER A 347 4.73 23.12 -10.88
CA SER A 347 6.07 23.50 -11.32
C SER A 347 6.06 24.58 -12.40
N ILE A 348 4.90 25.12 -12.76
CA ILE A 348 4.80 26.11 -13.80
C ILE A 348 4.43 27.49 -13.27
N THR A 349 3.73 27.57 -12.13
CA THR A 349 3.27 28.85 -11.62
C THR A 349 4.41 29.57 -10.91
N ASP A 350 4.09 30.75 -10.36
CA ASP A 350 5.04 31.59 -9.64
C ASP A 350 4.63 31.80 -8.20
N GLY A 351 3.90 30.85 -7.64
CA GLY A 351 3.41 30.95 -6.28
C GLY A 351 2.22 30.05 -6.04
N GLN A 352 2.07 29.54 -4.82
CA GLN A 352 1.01 28.59 -4.52
C GLN A 352 0.40 28.91 -3.17
N CYS A 353 -0.91 28.65 -3.07
CA CYS A 353 -1.64 28.78 -1.82
C CYS A 353 -2.33 27.46 -1.53
N PHE A 354 -2.13 26.93 -0.32
CA PHE A 354 -2.63 25.61 0.04
C PHE A 354 -3.69 25.76 1.12
N LEU A 355 -4.87 25.21 0.86
CA LEU A 355 -5.97 25.19 1.82
C LEU A 355 -6.29 23.75 2.19
N GLU A 356 -6.29 23.46 3.48
CA GLU A 356 -6.59 22.13 3.99
C GLU A 356 -7.88 22.16 4.80
N SER A 357 -8.68 21.11 4.67
CA SER A 357 -9.95 21.05 5.38
C SER A 357 -9.75 21.00 6.88
N ASP A 358 -8.61 20.48 7.34
CA ASP A 358 -8.36 20.40 8.77
C ASP A 358 -8.33 21.78 9.42
N LEU A 359 -7.63 22.73 8.80
CA LEU A 359 -7.57 24.08 9.35
C LEU A 359 -8.94 24.76 9.28
N PHE A 360 -9.67 24.56 8.19
CA PHE A 360 -11.01 25.13 8.08
C PHE A 360 -11.91 24.60 9.19
N ASN A 361 -11.84 23.29 9.45
CA ASN A 361 -12.56 22.71 10.57
C ASN A 361 -12.05 23.26 11.90
N GLN A 362 -10.72 23.46 12.00
CA GLN A 362 -10.14 23.88 13.27
C GLN A 362 -10.70 25.22 13.75
N GLY A 363 -11.05 26.10 12.83
CA GLY A 363 -11.63 27.38 13.21
C GLY A 363 -10.94 28.57 12.57
N VAL A 364 -10.10 28.31 11.59
CA VAL A 364 -9.40 29.36 10.85
C VAL A 364 -10.16 29.58 9.56
N ARG A 365 -10.90 30.69 9.48
CA ARG A 365 -11.76 30.95 8.33
C ARG A 365 -10.98 31.07 7.02
N PRO A 366 -9.86 31.79 6.92
CA PRO A 366 -9.08 31.72 5.68
C PRO A 366 -8.62 30.32 5.34
N ALA A 367 -8.29 29.51 6.34
CA ALA A 367 -7.96 28.10 6.17
C ALA A 367 -6.79 27.91 5.22
N ILE A 368 -5.68 28.59 5.52
CA ILE A 368 -4.46 28.48 4.74
C ILE A 368 -3.30 28.25 5.69
N ASN A 369 -2.40 27.34 5.32
CA ASN A 369 -1.24 27.02 6.12
C ASN A 369 -0.01 27.79 5.62
N VAL A 370 0.71 28.40 6.54
CA VAL A 370 1.87 29.21 6.19
C VAL A 370 3.10 28.37 5.85
N GLY A 371 3.04 27.06 6.09
CA GLY A 371 4.20 26.22 5.85
C GLY A 371 4.61 26.10 4.40
N VAL A 372 3.64 25.90 3.51
CA VAL A 372 3.94 25.56 2.12
C VAL A 372 3.33 26.57 1.16
N SER A 373 3.15 27.80 1.60
CA SER A 373 2.61 28.88 0.76
C SER A 373 3.72 29.91 0.56
N VAL A 374 4.10 30.15 -0.69
CA VAL A 374 5.20 31.05 -1.02
C VAL A 374 4.79 31.94 -2.19
N SER A 375 5.64 32.92 -2.47
CA SER A 375 5.45 33.83 -3.60
C SER A 375 6.81 34.20 -4.16
N ARG A 376 6.97 34.02 -5.48
CA ARG A 376 8.26 34.29 -6.12
C ARG A 376 8.61 35.76 -6.04
N VAL A 377 7.67 36.64 -6.39
CA VAL A 377 7.90 38.08 -6.46
C VAL A 377 8.23 38.60 -5.07
N GLY A 378 7.44 38.22 -4.08
CA GLY A 378 7.71 38.64 -2.72
C GLY A 378 7.49 40.14 -2.55
N GLY A 379 8.40 40.78 -1.81
CA GLY A 379 8.27 42.16 -1.43
C GLY A 379 8.25 43.16 -2.57
N ALA A 380 8.69 42.74 -3.76
CA ALA A 380 8.73 43.65 -4.90
C ALA A 380 7.33 44.16 -5.25
N ALA A 381 6.34 43.28 -5.21
CA ALA A 381 4.98 43.69 -5.54
C ALA A 381 4.42 44.64 -4.48
N GLN A 382 4.69 44.36 -3.21
CA GLN A 382 4.06 45.12 -2.12
C GLN A 382 4.46 46.58 -2.15
N ILE A 383 3.58 47.43 -1.61
CA ILE A 383 3.94 48.82 -1.38
C ILE A 383 4.97 48.88 -0.26
N LYS A 384 5.81 49.92 -0.29
CA LYS A 384 6.98 49.95 0.59
C LYS A 384 6.57 49.98 2.06
N ALA A 385 5.55 50.77 2.39
CA ALA A 385 5.14 50.89 3.79
C ALA A 385 4.73 49.54 4.35
N MET A 386 3.98 48.76 3.57
CA MET A 386 3.66 47.39 3.96
C MET A 386 4.94 46.57 4.12
N LYS A 387 5.94 46.81 3.27
CA LYS A 387 7.18 46.06 3.37
C LYS A 387 7.88 46.30 4.70
N GLU A 388 8.00 47.57 5.13
CA GLU A 388 8.63 47.80 6.42
C GLU A 388 7.75 47.35 7.59
N VAL A 389 6.43 47.52 7.50
CA VAL A 389 5.57 47.18 8.62
C VAL A 389 5.53 45.66 8.83
N ALA A 390 5.35 44.91 7.76
CA ALA A 390 5.16 43.46 7.86
C ALA A 390 6.44 42.76 8.32
N GLY A 391 7.50 42.89 7.55
CA GLY A 391 8.72 42.17 7.83
C GLY A 391 8.61 40.70 7.45
N SER A 392 9.41 39.88 8.14
CA SER A 392 9.42 38.45 7.89
C SER A 392 8.46 37.71 8.81
N LEU A 393 7.17 38.03 8.70
CA LEU A 393 6.18 37.38 9.57
C LEU A 393 5.96 35.93 9.19
N ARG A 394 6.12 35.59 7.91
CA ARG A 394 5.91 34.21 7.47
C ARG A 394 6.88 33.27 8.16
N LEU A 395 8.15 33.67 8.26
CA LEU A 395 9.14 32.81 8.90
C LEU A 395 8.84 32.65 10.38
N ASP A 396 8.42 33.73 11.05
CA ASP A 396 8.05 33.62 12.45
C ASP A 396 6.87 32.69 12.65
N LEU A 397 5.87 32.77 11.77
CA LEU A 397 4.72 31.87 11.86
C LEU A 397 5.14 30.41 11.65
N SER A 398 6.00 30.17 10.67
CA SER A 398 6.47 28.80 10.43
C SER A 398 7.25 28.28 11.63
N GLN A 399 8.11 29.12 12.21
CA GLN A 399 8.87 28.72 13.39
C GLN A 399 7.94 28.38 14.55
N TYR A 400 6.91 29.22 14.76
CA TYR A 400 5.96 28.96 15.84
C TYR A 400 5.21 27.65 15.62
N ARG A 401 4.78 27.40 14.38
CA ARG A 401 4.05 26.17 14.10
C ARG A 401 4.93 24.94 14.21
N GLU A 402 6.23 25.07 13.91
CA GLU A 402 7.14 23.95 14.10
C GLU A 402 7.47 23.73 15.57
N LEU A 403 7.49 24.80 16.37
CA LEU A 403 7.87 24.68 17.77
C LEU A 403 6.71 24.24 18.65
N GLU A 404 5.46 24.51 18.23
CA GLU A 404 4.33 24.17 19.08
C GLU A 404 4.23 22.67 19.31
N ALA A 405 4.53 21.86 18.29
CA ALA A 405 4.49 20.41 18.45
C ALA A 405 5.53 19.94 19.46
N PHE A 406 6.75 20.48 19.37
CA PHE A 406 7.80 20.10 20.32
C PHE A 406 7.44 20.53 21.73
N ALA A 407 6.83 21.70 21.87
CA ALA A 407 6.47 22.22 23.19
C ALA A 407 5.39 21.40 23.88
N ALA A 408 4.68 20.55 23.15
CA ALA A 408 3.66 19.70 23.76
C ALA A 408 4.31 18.70 24.71
N PHE A 409 3.60 18.41 25.81
CA PHE A 409 4.06 17.44 26.82
C PHE A 409 5.43 17.84 27.37
N ALA A 410 5.64 19.13 27.58
CA ALA A 410 6.86 19.66 28.16
C ALA A 410 6.60 20.08 29.59
N SER A 411 7.45 19.60 30.51
CA SER A 411 7.27 19.93 31.92
C SER A 411 7.52 21.40 32.18
N ASP A 412 8.65 21.93 31.71
CA ASP A 412 9.03 23.31 31.96
C ASP A 412 9.58 23.93 30.68
N LEU A 413 9.33 25.22 30.50
CA LEU A 413 9.81 25.96 29.35
C LEU A 413 10.38 27.30 29.80
N ASP A 414 11.30 27.83 29.00
CA ASP A 414 11.90 29.11 29.30
C ASP A 414 10.92 30.24 29.04
N ALA A 415 11.16 31.38 29.70
CA ALA A 415 10.29 32.54 29.52
C ALA A 415 10.31 33.04 28.09
N ALA A 416 11.48 33.00 27.44
CA ALA A 416 11.57 33.40 26.04
C ALA A 416 10.70 32.51 25.15
N SER A 417 10.74 31.19 25.39
CA SER A 417 9.94 30.28 24.58
C SER A 417 8.45 30.55 24.75
N LYS A 418 8.00 30.69 26.00
CA LYS A 418 6.58 30.94 26.21
C LYS A 418 6.16 32.30 25.67
N ALA A 419 7.06 33.29 25.71
CA ALA A 419 6.76 34.57 25.06
C ALA A 419 6.60 34.38 23.56
N GLN A 420 7.44 33.54 22.95
CA GLN A 420 7.29 33.25 21.52
C GLN A 420 5.95 32.59 21.24
N LEU A 421 5.55 31.64 22.07
CA LEU A 421 4.24 31.01 21.90
C LEU A 421 3.11 32.04 22.02
N ASP A 422 3.21 32.93 23.00
CA ASP A 422 2.17 33.94 23.17
C ASP A 422 2.08 34.85 21.95
N ARG A 423 3.23 35.30 21.44
CA ARG A 423 3.22 36.15 20.26
C ARG A 423 2.64 35.43 19.05
N GLY A 424 3.02 34.15 18.88
CA GLY A 424 2.45 33.38 17.78
C GLY A 424 0.95 33.22 17.89
N ALA A 425 0.46 32.98 19.11
CA ALA A 425 -0.98 32.86 19.32
C ALA A 425 -1.70 34.16 18.98
N ARG A 426 -1.15 35.29 19.42
CA ARG A 426 -1.76 36.58 19.09
C ARG A 426 -1.78 36.81 17.58
N LEU A 427 -0.66 36.50 16.91
CA LEU A 427 -0.59 36.70 15.48
C LEU A 427 -1.59 35.83 14.74
N VAL A 428 -1.73 34.57 15.15
CA VAL A 428 -2.70 33.68 14.53
C VAL A 428 -4.11 34.19 14.75
N GLU A 429 -4.41 34.66 15.97
CA GLU A 429 -5.74 35.17 16.26
C GLU A 429 -6.06 36.40 15.41
N LEU A 430 -5.08 37.28 15.20
CA LEU A 430 -5.34 38.54 14.51
C LEU A 430 -5.78 38.32 13.06
N LEU A 431 -5.41 37.19 12.47
CA LEU A 431 -5.60 36.97 11.05
C LEU A 431 -6.98 36.43 10.68
N LYS A 432 -7.87 36.26 11.66
CA LYS A 432 -9.22 35.81 11.35
C LYS A 432 -9.97 36.89 10.57
N GLN A 433 -10.90 36.45 9.72
CA GLN A 433 -11.67 37.36 8.89
C GLN A 433 -12.95 36.69 8.39
N PRO A 434 -14.09 37.33 8.52
CA PRO A 434 -15.33 36.74 8.01
C PRO A 434 -15.52 36.98 6.52
N GLN A 435 -16.43 36.20 5.94
CA GLN A 435 -16.69 36.28 4.51
C GLN A 435 -17.39 37.60 4.16
N TYR A 436 -17.14 38.08 2.95
CA TYR A 436 -17.73 39.30 2.42
C TYR A 436 -17.45 40.50 3.32
N SER A 437 -16.18 40.61 3.71
CA SER A 437 -15.72 41.75 4.52
C SER A 437 -14.43 42.33 3.95
N PRO A 438 -14.49 42.96 2.77
CA PRO A 438 -13.29 43.57 2.21
C PRO A 438 -12.73 44.65 3.13
N LEU A 439 -11.40 44.73 3.18
CA LEU A 439 -10.71 45.70 4.02
C LEU A 439 -9.78 46.55 3.19
N ALA A 440 -9.75 47.84 3.48
CA ALA A 440 -8.90 48.75 2.73
C ALA A 440 -7.43 48.57 3.12
N VAL A 441 -6.55 49.08 2.26
CA VAL A 441 -5.11 48.91 2.48
C VAL A 441 -4.67 49.66 3.73
N GLU A 442 -5.25 50.83 3.98
CA GLU A 442 -4.84 51.64 5.12
C GLU A 442 -5.16 50.92 6.44
N GLU A 443 -6.37 50.41 6.56
CA GLU A 443 -6.72 49.64 7.75
C GLU A 443 -5.87 48.38 7.85
N GLN A 444 -5.55 47.76 6.72
CA GLN A 444 -4.69 46.59 6.73
C GLN A 444 -3.33 46.90 7.33
N VAL A 445 -2.68 47.95 6.84
CA VAL A 445 -1.35 48.28 7.33
C VAL A 445 -1.42 48.74 8.78
N VAL A 446 -2.49 49.43 9.17
CA VAL A 446 -2.63 49.84 10.57
C VAL A 446 -2.75 48.62 11.47
N ALA A 447 -3.56 47.63 11.07
CA ALA A 447 -3.71 46.43 11.86
C ALA A 447 -2.41 45.64 11.96
N ILE A 448 -1.68 45.54 10.84
CA ILE A 448 -0.41 44.81 10.85
C ILE A 448 0.59 45.51 11.74
N PHE A 449 0.64 46.85 11.68
CA PHE A 449 1.56 47.60 12.54
C PHE A 449 1.19 47.41 14.01
N LEU A 450 -0.10 47.39 14.32
CA LEU A 450 -0.53 47.13 15.69
C LEU A 450 -0.09 45.74 16.14
N GLY A 451 -0.28 44.74 15.29
CA GLY A 451 0.05 43.38 15.67
C GLY A 451 1.54 43.15 15.86
N THR A 452 2.35 43.68 14.94
CA THR A 452 3.79 43.42 14.98
C THR A 452 4.43 44.00 16.24
N GLN A 453 4.04 45.21 16.61
CA GLN A 453 4.60 45.83 17.81
C GLN A 453 4.09 45.12 19.07
N GLY A 454 4.90 45.18 20.12
CA GLY A 454 4.65 44.40 21.32
C GLY A 454 3.54 44.91 22.22
N HIS A 455 3.06 46.14 22.00
CA HIS A 455 2.05 46.68 22.91
C HIS A 455 0.70 45.99 22.77
N LEU A 456 0.51 45.15 21.75
CA LEU A 456 -0.71 44.35 21.66
C LEU A 456 -0.69 43.16 22.61
N ASP A 457 0.48 42.79 23.12
CA ASP A 457 0.61 41.57 23.92
C ASP A 457 -0.19 41.65 25.23
N SER A 458 -0.27 42.84 25.83
CA SER A 458 -0.96 42.96 27.11
C SER A 458 -2.44 42.63 27.02
N VAL A 459 -3.04 42.75 25.83
CA VAL A 459 -4.47 42.46 25.68
C VAL A 459 -4.70 40.97 25.88
N PRO A 460 -5.74 40.56 26.60
CA PRO A 460 -6.06 39.14 26.71
C PRO A 460 -6.41 38.55 25.35
N VAL A 461 -6.08 37.27 25.17
CA VAL A 461 -6.25 36.62 23.89
C VAL A 461 -7.72 36.46 23.52
N GLU A 462 -8.63 36.53 24.50
CA GLU A 462 -10.04 36.34 24.21
C GLU A 462 -10.58 37.43 23.29
N ASP A 463 -10.40 38.69 23.67
CA ASP A 463 -10.96 39.83 22.95
C ASP A 463 -9.88 40.45 22.05
N VAL A 464 -9.44 39.69 21.04
CA VAL A 464 -8.48 40.21 20.09
C VAL A 464 -9.20 40.80 18.90
N GLN A 465 -10.29 40.15 18.47
CA GLN A 465 -10.99 40.61 17.27
C GLN A 465 -11.79 41.89 17.53
N ARG A 466 -12.82 41.82 18.37
CA ARG A 466 -13.71 42.96 18.54
C ARG A 466 -12.94 44.22 18.88
N PHE A 467 -11.98 44.11 19.81
CA PHE A 467 -11.21 45.27 20.22
C PHE A 467 -10.59 45.98 19.02
N GLU A 468 -9.89 45.23 18.16
CA GLU A 468 -9.23 45.89 17.05
C GLU A 468 -10.24 46.55 16.12
N SER A 469 -11.42 45.92 15.95
CA SER A 469 -12.45 46.54 15.14
C SER A 469 -12.82 47.92 15.68
N GLU A 470 -12.98 48.01 17.00
CA GLU A 470 -13.24 49.31 17.61
C GLU A 470 -12.12 50.29 17.30
N LEU A 471 -10.87 49.82 17.39
CA LEU A 471 -9.74 50.70 17.11
C LEU A 471 -9.82 51.28 15.71
N LEU A 472 -10.50 50.58 14.79
CA LEU A 472 -10.72 51.17 13.48
C LEU A 472 -11.71 52.33 13.57
N GLU A 473 -12.93 52.06 14.05
CA GLU A 473 -13.98 53.06 13.94
C GLU A 473 -13.60 54.35 14.65
N HIS A 474 -12.98 54.23 15.83
CA HIS A 474 -12.59 55.41 16.58
C HIS A 474 -11.67 56.31 15.75
N VAL A 475 -10.67 55.72 15.09
CA VAL A 475 -9.76 56.57 14.34
C VAL A 475 -10.46 57.15 13.13
N LYS A 476 -11.48 56.46 12.60
CA LYS A 476 -12.26 57.04 11.51
C LYS A 476 -12.93 58.32 11.96
N ALA A 477 -13.22 58.46 13.25
CA ALA A 477 -13.80 59.68 13.79
C ALA A 477 -12.75 60.63 14.35
N SER A 478 -11.47 60.25 14.38
CA SER A 478 -10.45 61.11 14.98
C SER A 478 -9.10 60.75 14.38
N HIS A 479 -8.41 61.76 13.84
CA HIS A 479 -7.14 61.58 13.15
C HIS A 479 -7.31 60.82 11.84
N SER A 480 -8.44 61.03 11.15
CA SER A 480 -8.69 60.36 9.89
C SER A 480 -7.73 60.79 8.79
N ASP A 481 -6.99 61.89 9.00
CA ASP A 481 -5.98 62.31 8.03
C ASP A 481 -4.86 61.31 7.88
N ILE A 482 -4.71 60.39 8.84
CA ILE A 482 -3.66 59.38 8.74
C ILE A 482 -3.86 58.50 7.52
N PHE A 483 -5.12 58.10 7.27
CA PHE A 483 -5.40 57.29 6.09
C PHE A 483 -5.04 58.02 4.81
N ASP A 484 -5.42 59.29 4.71
CA ASP A 484 -5.11 60.06 3.50
C ASP A 484 -3.61 60.22 3.32
N GLY A 485 -2.89 60.52 4.40
CA GLY A 485 -1.45 60.65 4.30
C GLY A 485 -0.78 59.35 3.86
N ILE A 486 -1.20 58.23 4.44
CA ILE A 486 -0.57 56.96 4.11
C ILE A 486 -0.95 56.50 2.71
N ARG A 487 -2.11 56.91 2.20
CA ARG A 487 -2.51 56.51 0.86
C ARG A 487 -2.08 57.49 -0.22
N GLU A 488 -1.60 58.68 0.15
CA GLU A 488 -1.02 59.59 -0.83
C GLU A 488 0.50 59.56 -0.85
N THR A 489 1.15 59.28 0.28
CA THR A 489 2.60 59.17 0.31
C THR A 489 3.09 57.74 0.20
N LYS A 490 2.23 56.75 0.46
CA LYS A 490 2.58 55.33 0.36
C LYS A 490 3.75 54.98 1.28
N LYS A 491 3.88 55.72 2.38
CA LYS A 491 4.98 55.51 3.31
C LYS A 491 4.61 56.15 4.64
N LEU A 492 5.02 55.50 5.73
CA LEU A 492 4.73 55.99 7.07
C LEU A 492 5.88 56.86 7.56
N SER A 493 5.58 58.10 7.95
CA SER A 493 6.58 59.00 8.48
C SER A 493 6.73 58.81 9.98
N GLU A 494 7.83 59.35 10.52
CA GLU A 494 8.10 59.21 11.95
C GLU A 494 7.04 59.92 12.79
N GLU A 495 6.65 61.14 12.38
CA GLU A 495 5.59 61.84 13.10
C GLU A 495 4.27 61.10 13.01
N ALA A 496 4.02 60.43 11.87
CA ALA A 496 2.83 59.59 11.76
C ALA A 496 2.89 58.45 12.77
N GLU A 497 4.07 57.85 12.96
CA GLU A 497 4.21 56.79 13.95
C GLU A 497 3.98 57.32 15.36
N GLU A 498 4.49 58.53 15.65
CA GLU A 498 4.26 59.13 16.97
C GLU A 498 2.77 59.38 17.20
N LYS A 499 2.08 59.90 16.19
CA LYS A 499 0.64 60.10 16.30
C LYS A 499 -0.09 58.78 16.51
N LEU A 500 0.33 57.73 15.79
CA LEU A 500 -0.32 56.44 15.91
C LEU A 500 -0.14 55.87 17.31
N VAL A 501 1.08 55.94 17.85
CA VAL A 501 1.31 55.39 19.18
C VAL A 501 0.59 56.23 20.24
N SER A 502 0.51 57.54 20.04
CA SER A 502 -0.28 58.37 20.96
C SER A 502 -1.74 57.98 20.95
N VAL A 503 -2.30 57.73 19.76
CA VAL A 503 -3.70 57.32 19.66
C VAL A 503 -3.90 55.96 20.32
N ILE A 504 -2.94 55.05 20.12
CA ILE A 504 -3.03 53.72 20.74
C ILE A 504 -3.05 53.85 22.25
N ASN A 505 -2.15 54.68 22.80
CA ASN A 505 -2.12 54.87 24.25
C ASN A 505 -3.40 55.52 24.75
N GLU A 506 -3.95 56.46 23.99
CA GLU A 506 -5.20 57.09 24.39
C GLU A 506 -6.34 56.08 24.42
N PHE A 507 -6.41 55.20 23.42
CA PHE A 507 -7.53 54.27 23.34
C PHE A 507 -7.39 53.11 24.30
N LYS A 508 -6.16 52.70 24.64
CA LYS A 508 -5.99 51.52 25.47
C LYS A 508 -6.56 51.71 26.88
N LYS A 509 -6.49 52.93 27.41
CA LYS A 509 -7.05 53.19 28.73
C LYS A 509 -8.57 53.27 28.71
N GLY A 510 -9.15 53.74 27.61
CA GLY A 510 -10.58 53.87 27.48
C GLY A 510 -11.33 52.62 27.13
N PHE A 511 -10.64 51.50 26.95
CA PHE A 511 -11.27 50.24 26.59
C PHE A 511 -11.31 49.31 27.80
N GLN A 512 -12.47 48.71 28.04
CA GLN A 512 -12.66 47.80 29.14
C GLN A 512 -12.30 46.37 28.74
N ALA A 513 -11.99 45.54 29.73
CA ALA A 513 -11.65 44.15 29.51
C ALA A 513 -12.83 43.27 29.87
N SER A 514 -13.16 42.32 28.98
CA SER A 514 -14.27 41.43 29.23
C SER A 514 -14.03 40.56 30.45
N ASP A 515 -12.80 40.06 30.61
CA ASP A 515 -12.44 39.24 31.76
C ASP A 515 -12.45 40.06 33.04
N GLU A 534 -12.31 5.58 58.15
CA GLU A 534 -11.15 5.08 58.89
C GLU A 534 -10.73 6.05 59.98
N LYS A 535 -10.18 5.52 61.06
CA LYS A 535 -9.77 6.34 62.20
C LYS A 535 -8.67 5.61 62.96
N GLU A 536 -8.00 6.37 63.83
CA GLU A 536 -6.89 5.84 64.63
C GLU A 536 -7.25 5.92 66.11
N SER A 537 -6.78 4.93 66.87
CA SER A 537 -7.03 4.88 68.30
C SER A 537 -5.77 4.42 69.02
N VAL A 538 -5.51 5.03 70.18
CA VAL A 538 -4.39 4.63 71.02
C VAL A 538 -4.82 3.49 71.94
N LYS A 539 -3.87 2.64 72.30
CA LYS A 539 -4.13 1.45 73.10
C LYS A 539 -3.65 1.67 74.53
N VAL A 540 -4.52 1.42 75.49
CA VAL A 540 -4.22 1.57 76.91
C VAL A 540 -4.68 0.30 77.64
N ARG A 541 -3.78 -0.29 78.42
CA ARG A 541 -4.06 -1.55 79.10
C ARG A 541 -4.92 -1.38 80.34
N LYS A 542 -5.14 -0.15 80.81
CA LYS A 542 -5.92 0.06 82.01
C LYS A 542 -7.38 -0.33 81.77
N PRO A 543 -8.01 -1.02 82.72
CA PRO A 543 -9.44 -1.35 82.57
C PRO A 543 -10.29 -0.09 82.47
N ALA A 544 -11.38 -0.20 81.73
CA ALA A 544 -12.20 0.97 81.43
C ALA A 544 -12.82 1.52 82.72
N PRO A 545 -12.79 2.85 82.91
CA PRO A 545 -13.40 3.51 84.07
C PRO A 545 -14.92 3.36 84.09
N ARG B 28 29.28 -16.62 -53.91
CA ARG B 28 29.34 -17.88 -53.16
C ARG B 28 28.52 -17.79 -51.88
N GLU B 29 29.02 -17.00 -50.92
CA GLU B 29 28.33 -16.85 -49.65
C GLU B 29 27.05 -16.04 -49.83
N GLU B 30 26.05 -16.37 -49.02
CA GLU B 30 24.77 -15.68 -49.09
C GLU B 30 24.91 -14.24 -48.61
N ILE B 31 24.26 -13.32 -49.33
CA ILE B 31 24.31 -11.90 -49.02
C ILE B 31 22.87 -11.38 -48.94
N GLY B 32 22.60 -10.54 -47.93
CA GLY B 32 21.30 -9.97 -47.73
C GLY B 32 21.28 -8.46 -47.83
N THR B 33 20.15 -7.89 -47.43
CA THR B 33 19.97 -6.45 -47.46
C THR B 33 19.49 -5.94 -46.11
N VAL B 34 19.13 -4.65 -46.03
CA VAL B 34 18.65 -4.04 -44.80
C VAL B 34 17.29 -3.41 -45.09
N ILE B 35 16.33 -3.66 -44.20
CA ILE B 35 14.96 -3.20 -44.41
C ILE B 35 14.57 -2.18 -43.34
N ASP B 36 15.13 -2.30 -42.15
CA ASP B 36 14.78 -1.45 -41.04
C ASP B 36 16.04 -0.98 -40.32
N ALA B 37 15.91 0.16 -39.64
CA ALA B 37 17.03 0.71 -38.86
C ALA B 37 16.45 1.70 -37.86
N GLY B 38 16.76 1.51 -36.59
CA GLY B 38 16.36 2.45 -35.56
C GLY B 38 16.61 1.95 -34.16
N ASP B 39 17.14 2.82 -33.30
CA ASP B 39 17.38 2.51 -31.89
C ASP B 39 18.29 1.30 -31.73
N GLY B 40 19.25 1.17 -32.64
CA GLY B 40 20.18 0.04 -32.61
C GLY B 40 19.55 -1.29 -32.90
N ILE B 41 18.65 -1.36 -33.88
CA ILE B 41 18.01 -2.61 -34.30
C ILE B 41 17.96 -2.61 -35.81
N ALA B 42 18.32 -3.74 -36.42
CA ALA B 42 18.29 -3.87 -37.88
C ALA B 42 17.63 -5.17 -38.27
N HIS B 43 16.79 -5.11 -39.31
CA HIS B 43 16.13 -6.28 -39.86
C HIS B 43 16.71 -6.60 -41.22
N VAL B 44 17.04 -7.87 -41.45
CA VAL B 44 17.69 -8.30 -42.68
C VAL B 44 16.88 -9.41 -43.32
N GLU B 45 16.64 -9.28 -44.61
CA GLU B 45 15.91 -10.28 -45.39
C GLU B 45 16.93 -11.03 -46.25
N GLY B 46 16.92 -12.35 -46.15
CA GLY B 46 17.87 -13.17 -46.86
C GLY B 46 18.51 -14.16 -45.92
N LEU B 47 19.69 -14.64 -46.32
CA LEU B 47 20.49 -15.56 -45.53
C LEU B 47 19.69 -16.79 -45.08
N PRO B 48 19.25 -17.64 -46.01
CA PRO B 48 18.47 -18.81 -45.59
C PRO B 48 19.24 -19.77 -44.71
N SER B 49 20.56 -19.80 -44.83
CA SER B 49 21.37 -20.79 -44.10
C SER B 49 21.91 -20.26 -42.79
N VAL B 50 21.54 -19.05 -42.39
CA VAL B 50 22.10 -18.43 -41.19
C VAL B 50 21.72 -19.22 -39.95
N MET B 51 22.64 -19.34 -39.00
CA MET B 51 22.33 -19.98 -37.73
C MET B 51 22.14 -18.93 -36.65
N THR B 52 21.53 -19.35 -35.53
CA THR B 52 21.23 -18.44 -34.45
C THR B 52 22.49 -18.02 -33.72
N GLN B 53 22.52 -16.76 -33.27
CA GLN B 53 23.66 -16.15 -32.58
C GLN B 53 24.95 -16.29 -33.40
N GLU B 54 24.86 -15.92 -34.68
CA GLU B 54 26.00 -15.90 -35.58
C GLU B 54 26.40 -14.47 -35.85
N LEU B 55 27.67 -14.15 -35.67
CA LEU B 55 28.13 -12.78 -35.87
C LEU B 55 28.08 -12.43 -37.35
N LEU B 56 27.67 -11.20 -37.65
CA LEU B 56 27.46 -10.75 -39.02
C LEU B 56 28.23 -9.46 -39.27
N GLU B 57 28.57 -9.22 -40.53
CA GLU B 57 29.40 -8.08 -40.93
C GLU B 57 28.60 -7.11 -41.77
N PHE B 58 28.77 -5.82 -41.49
CA PHE B 58 28.15 -4.71 -42.18
C PHE B 58 29.23 -3.77 -42.70
N PRO B 59 28.96 -3.07 -43.81
CA PRO B 59 29.99 -2.20 -44.39
C PRO B 59 30.43 -1.12 -43.41
N GLY B 60 31.72 -0.78 -43.48
CA GLY B 60 32.33 0.06 -42.48
C GLY B 60 32.87 -0.69 -41.28
N GLY B 61 33.02 -2.00 -41.39
CA GLY B 61 33.49 -2.79 -40.27
C GLY B 61 32.54 -2.81 -39.09
N VAL B 62 31.25 -3.02 -39.35
CA VAL B 62 30.23 -3.01 -38.30
C VAL B 62 29.86 -4.45 -37.95
N LEU B 63 29.77 -4.73 -36.66
CA LEU B 63 29.47 -6.08 -36.17
C LEU B 63 28.01 -6.17 -35.77
N GLY B 64 27.41 -7.34 -35.99
CA GLY B 64 26.05 -7.58 -35.59
C GLY B 64 25.88 -8.99 -35.04
N VAL B 65 24.79 -9.17 -34.31
CA VAL B 65 24.45 -10.46 -33.70
C VAL B 65 23.02 -10.80 -34.04
N ALA B 66 22.80 -12.00 -34.59
CA ALA B 66 21.46 -12.47 -34.87
C ALA B 66 20.82 -13.01 -33.60
N LEU B 67 19.62 -12.54 -33.28
CA LEU B 67 18.96 -12.89 -32.02
C LEU B 67 17.49 -13.26 -32.16
N ASN B 68 16.89 -13.12 -33.34
CA ASN B 68 15.47 -13.39 -33.50
C ASN B 68 15.23 -13.78 -34.97
N LEU B 69 15.04 -15.08 -35.21
CA LEU B 69 14.84 -15.59 -36.55
C LEU B 69 13.36 -15.69 -36.88
N ASP B 70 13.08 -15.69 -38.18
CA ASP B 70 11.71 -15.76 -38.69
C ASP B 70 11.77 -16.07 -40.17
N GLU B 71 10.66 -16.55 -40.73
CA GLU B 71 10.62 -16.95 -42.14
C GLU B 71 10.74 -15.76 -43.07
N HIS B 72 10.28 -14.58 -42.65
CA HIS B 72 10.37 -13.40 -43.50
C HIS B 72 11.74 -12.74 -43.40
N SER B 73 12.17 -12.44 -42.17
CA SER B 73 13.41 -11.70 -41.97
C SER B 73 13.97 -12.06 -40.60
N VAL B 74 15.21 -11.63 -40.36
CA VAL B 74 15.91 -11.89 -39.12
C VAL B 74 16.32 -10.57 -38.49
N GLY B 75 16.10 -10.45 -37.17
CA GLY B 75 16.55 -9.29 -36.44
C GLY B 75 18.02 -9.36 -36.10
N ALA B 76 18.57 -8.21 -35.73
CA ALA B 76 19.98 -8.15 -35.36
C ALA B 76 20.25 -6.87 -34.58
N VAL B 77 20.98 -7.02 -33.47
CA VAL B 77 21.43 -5.87 -32.71
C VAL B 77 22.78 -5.38 -33.25
N ILE B 78 22.96 -4.07 -33.25
CA ILE B 78 24.12 -3.46 -33.91
C ILE B 78 25.25 -3.26 -32.91
N LEU B 79 26.43 -3.78 -33.22
CA LEU B 79 27.62 -3.53 -32.41
C LEU B 79 28.48 -2.45 -33.07
N GLY B 80 28.86 -1.46 -32.27
CA GLY B 80 29.70 -0.38 -32.74
C GLY B 80 28.96 0.80 -33.32
N GLU B 81 29.34 1.21 -34.52
CA GLU B 81 28.73 2.36 -35.17
C GLU B 81 27.28 2.07 -35.50
N PHE B 82 26.45 3.12 -35.42
CA PHE B 82 25.01 3.00 -35.68
C PHE B 82 24.59 3.83 -36.88
N GLU B 83 24.94 5.11 -36.94
CA GLU B 83 24.40 6.01 -37.94
C GLU B 83 24.92 5.71 -39.34
N LYS B 84 25.79 4.73 -39.48
CA LYS B 84 26.30 4.30 -40.78
C LYS B 84 25.46 3.22 -41.44
N ILE B 85 24.17 3.13 -41.09
CA ILE B 85 23.30 2.07 -41.59
C ILE B 85 22.19 2.70 -42.42
N GLU B 86 21.94 2.12 -43.60
CA GLU B 86 20.90 2.57 -44.50
C GLU B 86 20.20 1.34 -45.07
N GLU B 87 19.40 1.52 -46.11
CA GLU B 87 18.57 0.46 -46.67
C GLU B 87 19.23 -0.28 -47.83
N GLY B 88 20.47 0.05 -48.16
CA GLY B 88 21.10 -0.58 -49.31
C GLY B 88 22.32 -1.41 -48.98
N GLN B 89 22.64 -1.51 -47.70
CA GLN B 89 23.85 -2.22 -47.28
C GLN B 89 23.75 -3.70 -47.60
N GLN B 90 24.91 -4.32 -47.81
CA GLN B 90 25.01 -5.75 -47.99
C GLN B 90 25.57 -6.39 -46.73
N VAL B 91 25.17 -7.65 -46.49
CA VAL B 91 25.50 -8.35 -45.26
C VAL B 91 26.23 -9.64 -45.61
N LYS B 92 27.29 -9.93 -44.86
CA LYS B 92 28.03 -11.17 -44.99
C LYS B 92 28.07 -11.88 -43.64
N ARG B 93 28.08 -13.21 -43.69
CA ARG B 93 28.09 -14.04 -42.48
C ARG B 93 29.50 -14.56 -42.25
N THR B 94 29.96 -14.51 -41.00
CA THR B 94 31.30 -14.93 -40.67
C THR B 94 31.42 -16.44 -40.48
N GLY B 95 30.31 -17.17 -40.50
CA GLY B 95 30.37 -18.61 -40.28
C GLY B 95 30.93 -18.99 -38.93
N GLU B 96 30.83 -18.10 -37.95
CA GLU B 96 31.38 -18.32 -36.63
C GLU B 96 30.34 -17.91 -35.61
N VAL B 97 30.31 -18.57 -34.46
CA VAL B 97 29.23 -18.35 -33.50
C VAL B 97 29.60 -17.21 -32.56
N LEU B 98 30.59 -17.44 -31.70
CA LEU B 98 31.07 -16.43 -30.78
C LEU B 98 32.34 -16.95 -30.13
N SER B 99 33.35 -16.09 -30.03
CA SER B 99 34.63 -16.50 -29.48
C SER B 99 35.40 -15.28 -29.01
N VAL B 100 36.54 -15.53 -28.38
CA VAL B 100 37.38 -14.49 -27.81
C VAL B 100 38.79 -15.05 -27.62
N PRO B 101 39.84 -14.29 -27.93
CA PRO B 101 41.20 -14.74 -27.60
C PRO B 101 41.38 -14.80 -26.09
N VAL B 102 41.88 -15.94 -25.62
CA VAL B 102 41.89 -16.23 -24.19
C VAL B 102 43.31 -16.58 -23.74
N GLY B 103 44.30 -16.01 -24.41
CA GLY B 103 45.69 -16.27 -24.06
C GLY B 103 46.04 -15.84 -22.65
N ASP B 104 47.31 -16.01 -22.30
CA ASP B 104 47.81 -15.76 -20.96
C ASP B 104 48.59 -14.45 -20.86
N ALA B 105 48.48 -13.58 -21.85
CA ALA B 105 49.21 -12.32 -21.87
C ALA B 105 48.35 -11.14 -21.44
N PHE B 106 47.13 -11.38 -20.96
CA PHE B 106 46.21 -10.32 -20.59
C PHE B 106 46.51 -9.70 -19.23
N LEU B 107 47.45 -10.26 -18.47
CA LEU B 107 47.76 -9.71 -17.16
C LEU B 107 48.33 -8.30 -17.30
N GLY B 108 47.79 -7.38 -16.50
CA GLY B 108 48.23 -6.01 -16.54
C GLY B 108 47.75 -5.20 -17.73
N ARG B 109 46.65 -5.61 -18.36
CA ARG B 109 46.12 -4.92 -19.53
C ARG B 109 44.64 -4.62 -19.35
N VAL B 110 44.17 -3.59 -20.04
CA VAL B 110 42.76 -3.20 -20.04
C VAL B 110 42.20 -3.49 -21.42
N VAL B 111 41.09 -4.21 -21.46
CA VAL B 111 40.54 -4.72 -22.71
C VAL B 111 39.03 -4.48 -22.73
N ASN B 112 38.51 -4.13 -23.90
CA ASN B 112 37.07 -4.01 -24.08
C ASN B 112 36.46 -5.40 -24.15
N PRO B 113 35.14 -5.52 -23.92
CA PRO B 113 34.52 -6.85 -23.92
C PRO B 113 34.71 -7.63 -25.21
N LEU B 114 34.82 -6.95 -26.35
CA LEU B 114 35.01 -7.67 -27.60
C LEU B 114 36.39 -8.32 -27.67
N GLY B 115 37.42 -7.63 -27.18
CA GLY B 115 38.76 -8.20 -27.17
C GLY B 115 39.86 -7.23 -27.54
N GLN B 116 39.50 -6.06 -28.06
CA GLN B 116 40.50 -5.08 -28.44
C GLN B 116 41.08 -4.38 -27.20
N PRO B 117 42.38 -4.04 -27.24
CA PRO B 117 42.98 -3.32 -26.11
C PRO B 117 42.61 -1.84 -26.16
N ILE B 118 42.14 -1.33 -25.02
CA ILE B 118 41.78 0.08 -24.94
C ILE B 118 43.03 0.96 -24.95
N ASP B 119 44.06 0.58 -24.22
CA ASP B 119 45.26 1.40 -24.12
C ASP B 119 46.05 1.38 -25.43
N GLY B 120 47.08 2.22 -25.48
CA GLY B 120 47.99 2.28 -26.59
C GLY B 120 49.23 1.42 -26.43
N GLN B 121 49.25 0.51 -25.46
CA GLN B 121 50.43 -0.31 -25.22
C GLN B 121 50.71 -1.27 -26.36
N GLY B 122 49.73 -1.55 -27.21
CA GLY B 122 49.90 -2.48 -28.31
C GLY B 122 49.02 -3.70 -28.14
N ASP B 123 48.99 -4.51 -29.20
CA ASP B 123 48.15 -5.69 -29.23
C ASP B 123 48.65 -6.75 -28.24
N ILE B 124 47.88 -7.82 -28.12
CA ILE B 124 48.14 -8.87 -27.15
C ILE B 124 48.31 -10.19 -27.91
N ALA B 125 49.40 -10.89 -27.63
CA ALA B 125 49.59 -12.23 -28.19
C ALA B 125 48.58 -13.19 -27.58
N ALA B 126 48.00 -14.02 -28.44
CA ALA B 126 46.97 -14.97 -28.03
C ALA B 126 47.32 -16.36 -28.53
N GLU B 127 46.75 -17.38 -27.87
CA GLU B 127 47.06 -18.76 -28.19
C GLU B 127 45.86 -19.60 -28.60
N THR B 128 44.68 -19.36 -28.02
CA THR B 128 43.52 -20.19 -28.32
C THR B 128 42.27 -19.31 -28.39
N ARG B 129 41.23 -19.86 -29.02
CA ARG B 129 39.93 -19.20 -29.16
C ARG B 129 38.86 -20.16 -28.68
N ARG B 130 38.04 -19.72 -27.72
CA ARG B 130 37.00 -20.56 -27.15
C ARG B 130 35.67 -19.82 -27.16
N ALA B 131 34.59 -20.60 -27.19
CA ALA B 131 33.25 -20.04 -27.24
C ALA B 131 32.81 -19.55 -25.86
N LEU B 132 31.68 -18.86 -25.85
CA LEU B 132 31.12 -18.28 -24.64
C LEU B 132 29.88 -19.02 -24.15
N GLU B 133 29.58 -20.19 -24.72
CA GLU B 133 28.35 -20.93 -24.43
C GLU B 133 28.69 -22.40 -24.17
N LEU B 134 29.72 -22.63 -23.36
CA LEU B 134 30.13 -23.97 -22.98
C LEU B 134 29.37 -24.42 -21.74
N GLN B 135 29.17 -25.73 -21.64
CA GLN B 135 28.42 -26.31 -20.52
C GLN B 135 29.24 -26.22 -19.24
N ALA B 136 28.54 -26.00 -18.13
CA ALA B 136 29.17 -26.01 -16.83
C ALA B 136 29.60 -27.43 -16.47
N PRO B 137 30.60 -27.57 -15.58
CA PRO B 137 31.00 -28.91 -15.14
C PRO B 137 29.86 -29.66 -14.47
N SER B 138 29.77 -30.96 -14.72
CA SER B 138 28.65 -31.76 -14.26
C SER B 138 28.76 -32.08 -12.77
N VAL B 139 27.78 -32.85 -12.28
CA VAL B 139 27.75 -33.21 -10.87
C VAL B 139 28.90 -34.14 -10.52
N VAL B 140 29.17 -35.12 -11.39
CA VAL B 140 30.21 -36.10 -11.11
C VAL B 140 31.61 -35.48 -11.09
N GLN B 141 31.77 -34.32 -11.72
CA GLN B 141 33.05 -33.64 -11.77
C GLN B 141 33.28 -32.69 -10.61
N ARG B 142 32.31 -32.56 -9.70
CA ARG B 142 32.45 -31.63 -8.58
C ARG B 142 33.34 -32.23 -7.49
N GLN B 143 33.51 -31.45 -6.43
CA GLN B 143 34.26 -31.86 -5.26
C GLN B 143 33.89 -30.93 -4.11
N SER B 144 34.16 -31.39 -2.89
CA SER B 144 33.87 -30.57 -1.70
C SER B 144 34.81 -29.37 -1.62
N VAL B 145 34.56 -28.48 -0.66
CA VAL B 145 35.36 -27.28 -0.50
C VAL B 145 35.89 -27.18 0.92
N SER B 146 37.20 -27.02 1.07
CA SER B 146 37.84 -26.95 2.39
C SER B 146 38.98 -25.94 2.46
N GLU B 147 39.23 -25.20 1.38
CA GLU B 147 40.37 -24.29 1.41
C GLU B 147 39.99 -22.97 2.04
N PRO B 148 40.95 -22.24 2.63
CA PRO B 148 40.58 -21.04 3.39
C PRO B 148 40.18 -19.85 2.52
N LEU B 149 40.91 -19.56 1.45
CA LEU B 149 40.67 -18.35 0.63
C LEU B 149 40.57 -17.11 1.52
N GLN B 150 41.66 -16.81 2.21
CA GLN B 150 41.66 -15.72 3.18
C GLN B 150 41.59 -14.37 2.50
N THR B 151 41.02 -13.40 3.21
CA THR B 151 40.90 -12.02 2.76
C THR B 151 41.46 -11.09 3.83
N GLY B 152 41.50 -9.80 3.53
CA GLY B 152 42.08 -8.84 4.43
C GLY B 152 41.10 -8.26 5.44
N ILE B 153 39.80 -8.43 5.18
CA ILE B 153 38.77 -7.86 6.05
C ILE B 153 38.54 -8.83 7.21
N LYS B 154 38.87 -8.40 8.42
CA LYS B 154 38.62 -9.23 9.59
C LYS B 154 37.15 -9.25 9.98
N ALA B 155 36.33 -8.41 9.36
CA ALA B 155 34.92 -8.36 9.72
C ALA B 155 34.15 -9.55 9.18
N ILE B 156 34.59 -10.13 8.07
CA ILE B 156 33.91 -11.27 7.48
C ILE B 156 34.68 -12.58 7.63
N ASP B 157 35.99 -12.54 7.85
CA ASP B 157 36.74 -13.79 7.99
C ASP B 157 36.27 -14.57 9.21
N ALA B 158 36.10 -13.89 10.34
CA ALA B 158 35.67 -14.55 11.57
C ALA B 158 34.15 -14.71 11.64
N MET B 159 33.40 -13.96 10.84
CA MET B 159 31.95 -14.01 10.88
C MET B 159 31.38 -14.99 9.86
N THR B 160 31.66 -14.75 8.58
CA THR B 160 31.13 -15.57 7.49
C THR B 160 32.27 -16.04 6.60
N PRO B 161 32.80 -17.25 6.81
CA PRO B 161 33.93 -17.71 6.01
C PRO B 161 33.59 -17.83 4.53
N ILE B 162 34.60 -17.59 3.70
CA ILE B 162 34.48 -17.69 2.25
C ILE B 162 35.53 -18.68 1.75
N GLY B 163 35.11 -19.65 0.95
CA GLY B 163 36.03 -20.66 0.46
C GLY B 163 36.16 -20.70 -1.05
N ARG B 164 37.12 -21.47 -1.55
CA ARG B 164 37.31 -21.60 -2.99
C ARG B 164 36.07 -22.20 -3.63
N GLY B 165 35.71 -21.70 -4.82
CA GLY B 165 34.60 -22.25 -5.55
C GLY B 165 33.23 -21.96 -4.98
N GLN B 166 33.13 -21.04 -4.02
CA GLN B 166 31.88 -20.72 -3.36
C GLN B 166 31.42 -19.32 -3.74
N ARG B 167 30.10 -19.15 -3.87
CA ARG B 167 29.52 -17.90 -4.34
C ARG B 167 29.00 -17.07 -3.17
N GLN B 168 29.48 -15.84 -3.08
CA GLN B 168 29.06 -14.91 -2.05
C GLN B 168 28.56 -13.63 -2.70
N LEU B 169 27.52 -13.04 -2.11
CA LEU B 169 26.89 -11.84 -2.62
C LEU B 169 26.98 -10.74 -1.57
N ILE B 170 27.15 -9.51 -2.01
CA ILE B 170 27.15 -8.34 -1.15
C ILE B 170 26.02 -7.41 -1.60
N ILE B 171 25.17 -7.02 -0.67
CA ILE B 171 23.98 -6.23 -0.97
C ILE B 171 23.98 -5.00 -0.08
N GLY B 172 23.37 -3.92 -0.58
CA GLY B 172 23.31 -2.70 0.19
C GLY B 172 22.85 -1.55 -0.68
N ASP B 173 22.98 -0.35 -0.14
CA ASP B 173 22.60 0.88 -0.82
C ASP B 173 23.83 1.61 -1.35
N ARG B 174 23.58 2.63 -2.16
CA ARG B 174 24.65 3.38 -2.77
C ARG B 174 25.44 4.15 -1.72
N LYS B 175 26.72 4.39 -2.03
CA LYS B 175 27.66 5.10 -1.15
C LYS B 175 27.83 4.42 0.20
N THR B 176 27.80 3.08 0.23
CA THR B 176 28.04 2.38 1.48
C THR B 176 29.50 1.94 1.60
N GLY B 177 30.15 1.64 0.48
CA GLY B 177 31.55 1.27 0.47
C GLY B 177 31.86 -0.14 0.00
N LYS B 178 31.05 -0.70 -0.90
CA LYS B 178 31.26 -2.07 -1.32
C LYS B 178 32.46 -2.22 -2.25
N THR B 179 32.67 -1.25 -3.15
CA THR B 179 33.82 -1.32 -4.06
C THR B 179 35.13 -1.27 -3.28
N ALA B 180 35.14 -0.59 -2.14
CA ALA B 180 36.34 -0.58 -1.30
C ALA B 180 36.66 -1.98 -0.79
N VAL B 181 35.65 -2.71 -0.33
CA VAL B 181 35.86 -4.09 0.11
C VAL B 181 36.35 -4.93 -1.06
N CYS B 182 35.75 -4.73 -2.23
CA CYS B 182 36.18 -5.49 -3.41
C CYS B 182 37.66 -5.27 -3.71
N VAL B 183 38.08 -4.01 -3.77
CA VAL B 183 39.47 -3.75 -4.14
C VAL B 183 40.43 -4.20 -3.04
N ASP B 184 40.02 -4.11 -1.78
CA ASP B 184 40.87 -4.62 -0.70
C ASP B 184 41.07 -6.12 -0.83
N THR B 185 39.98 -6.86 -1.10
CA THR B 185 40.12 -8.30 -1.34
C THR B 185 41.01 -8.57 -2.54
N ILE B 186 40.88 -7.77 -3.60
CA ILE B 186 41.69 -7.97 -4.80
C ILE B 186 43.17 -7.81 -4.48
N LEU B 187 43.53 -6.75 -3.76
CA LEU B 187 44.92 -6.44 -3.53
C LEU B 187 45.52 -7.15 -2.31
N ASN B 188 44.72 -7.91 -1.56
CA ASN B 188 45.25 -8.66 -0.43
C ASN B 188 46.19 -9.80 -0.83
N GLN B 189 46.19 -10.23 -2.09
CA GLN B 189 46.89 -11.43 -2.51
C GLN B 189 48.36 -11.19 -2.86
N ARG B 190 48.92 -10.06 -2.45
CA ARG B 190 50.31 -9.74 -2.79
C ARG B 190 51.28 -10.78 -2.22
N GLU B 191 51.17 -11.03 -0.91
CA GLU B 191 52.10 -11.96 -0.27
C GLU B 191 51.98 -13.35 -0.87
N ALA B 192 50.76 -13.78 -1.17
CA ALA B 192 50.57 -15.08 -1.81
C ALA B 192 51.22 -15.13 -3.18
N TRP B 193 51.08 -14.06 -3.97
CA TRP B 193 51.72 -14.02 -5.28
C TRP B 193 53.24 -13.95 -5.18
N LEU B 194 53.78 -13.46 -4.06
CA LEU B 194 55.23 -13.32 -3.93
C LEU B 194 55.93 -14.67 -4.08
N THR B 195 55.39 -15.70 -3.43
CA THR B 195 55.97 -17.03 -3.55
C THR B 195 55.75 -17.58 -4.96
N GLY B 196 56.66 -18.44 -5.39
CA GLY B 196 56.57 -19.05 -6.70
C GLY B 196 55.73 -20.30 -6.79
N ASP B 197 55.05 -20.67 -5.71
CA ASP B 197 54.27 -21.89 -5.69
C ASP B 197 53.01 -21.73 -6.54
N PRO B 198 52.80 -22.56 -7.56
CA PRO B 198 51.54 -22.47 -8.33
C PRO B 198 50.33 -22.99 -7.58
N LYS B 199 50.51 -23.57 -6.40
CA LYS B 199 49.41 -24.06 -5.59
C LYS B 199 48.84 -23.00 -4.66
N GLN B 200 49.39 -21.79 -4.69
CA GLN B 200 48.86 -20.69 -3.88
C GLN B 200 48.64 -19.40 -4.67
N GLN B 201 49.21 -19.27 -5.86
CA GLN B 201 48.98 -18.08 -6.67
C GLN B 201 47.53 -18.02 -7.10
N VAL B 202 46.94 -16.82 -7.04
CA VAL B 202 45.55 -16.59 -7.39
C VAL B 202 45.50 -15.48 -8.44
N ARG B 203 44.85 -15.76 -9.57
CA ARG B 203 44.65 -14.75 -10.58
C ARG B 203 43.37 -13.97 -10.30
N CYS B 204 43.30 -12.74 -10.79
CA CYS B 204 42.19 -11.85 -10.49
C CYS B 204 41.65 -11.22 -11.76
N VAL B 205 40.33 -11.26 -11.92
CA VAL B 205 39.63 -10.66 -13.04
C VAL B 205 38.61 -9.68 -12.50
N TYR B 206 38.61 -8.46 -13.04
CA TYR B 206 37.68 -7.42 -12.65
C TYR B 206 36.84 -7.04 -13.86
N VAL B 207 35.52 -6.94 -13.67
CA VAL B 207 34.62 -6.53 -14.73
C VAL B 207 33.91 -5.26 -14.28
N ALA B 208 34.06 -4.20 -15.05
CA ALA B 208 33.41 -2.92 -14.79
C ALA B 208 32.32 -2.71 -15.83
N ILE B 209 31.10 -2.44 -15.37
CA ILE B 209 29.93 -2.43 -16.23
C ILE B 209 29.22 -1.08 -16.08
N GLY B 210 29.08 -0.35 -17.19
CA GLY B 210 28.27 0.84 -17.23
C GLY B 210 28.64 1.91 -16.23
N GLN B 211 29.93 2.22 -16.12
CA GLN B 211 30.41 3.18 -15.15
C GLN B 211 31.02 4.39 -15.86
N LYS B 212 31.43 5.36 -15.06
CA LYS B 212 32.11 6.55 -15.58
C LYS B 212 33.59 6.23 -15.80
N GLY B 213 34.12 6.69 -16.93
CA GLY B 213 35.51 6.39 -17.28
C GLY B 213 36.51 6.91 -16.27
N THR B 214 36.21 8.06 -15.67
CA THR B 214 37.10 8.62 -14.65
C THR B 214 37.21 7.68 -13.45
N THR B 215 36.12 7.02 -13.07
CA THR B 215 36.18 6.05 -11.99
C THR B 215 37.06 4.86 -12.36
N ILE B 216 36.97 4.41 -13.62
CA ILE B 216 37.83 3.32 -14.08
C ILE B 216 39.29 3.74 -13.99
N ALA B 217 39.60 4.96 -14.43
CA ALA B 217 40.97 5.45 -14.34
C ALA B 217 41.43 5.53 -12.89
N SER B 218 40.56 5.99 -12.00
CA SER B 218 40.94 6.11 -10.59
C SER B 218 41.22 4.75 -9.96
N VAL B 219 40.36 3.76 -10.22
CA VAL B 219 40.59 2.45 -9.62
C VAL B 219 41.82 1.80 -10.22
N LYS B 220 42.06 1.99 -11.52
CA LYS B 220 43.27 1.45 -12.13
C LYS B 220 44.51 2.09 -11.52
N ARG B 221 44.47 3.41 -11.28
CA ARG B 221 45.60 4.07 -10.65
C ARG B 221 45.81 3.57 -9.22
N ALA B 222 44.72 3.34 -8.48
CA ALA B 222 44.85 2.83 -7.12
C ALA B 222 45.49 1.44 -7.13
N LEU B 223 45.05 0.58 -8.04
CA LEU B 223 45.66 -0.75 -8.15
C LEU B 223 47.14 -0.63 -8.53
N GLU B 224 47.46 0.25 -9.48
CA GLU B 224 48.84 0.38 -9.93
C GLU B 224 49.75 0.86 -8.80
N GLU B 225 49.30 1.86 -8.03
CA GLU B 225 50.10 2.31 -6.90
C GLU B 225 50.12 1.30 -5.77
N GLY B 226 49.14 0.40 -5.71
CA GLY B 226 49.22 -0.71 -4.78
C GLY B 226 50.16 -1.81 -5.20
N GLY B 227 50.62 -1.79 -6.45
CA GLY B 227 51.55 -2.78 -6.95
C GLY B 227 50.94 -4.08 -7.39
N ALA B 228 49.61 -4.20 -7.36
CA ALA B 228 48.94 -5.46 -7.66
C ALA B 228 48.56 -5.60 -9.13
N MET B 229 48.92 -4.64 -9.97
CA MET B 229 48.57 -4.70 -11.38
C MET B 229 49.29 -5.81 -12.13
N GLU B 230 50.30 -6.42 -11.53
CA GLU B 230 51.10 -7.42 -12.22
C GLU B 230 50.43 -8.79 -12.30
N TYR B 231 49.32 -9.00 -11.59
CA TYR B 231 48.67 -10.31 -11.59
C TYR B 231 47.16 -10.20 -11.71
N THR B 232 46.66 -9.11 -12.29
CA THR B 232 45.22 -8.91 -12.41
C THR B 232 44.90 -8.39 -13.80
N THR B 233 43.65 -8.59 -14.21
CA THR B 233 43.16 -8.09 -15.48
C THR B 233 41.85 -7.35 -15.27
N ILE B 234 41.60 -6.38 -16.15
CA ILE B 234 40.41 -5.52 -16.08
C ILE B 234 39.75 -5.53 -17.44
N VAL B 235 38.44 -5.80 -17.45
CA VAL B 235 37.61 -5.63 -18.63
C VAL B 235 36.52 -4.62 -18.28
N ALA B 236 36.35 -3.61 -19.12
CA ALA B 236 35.51 -2.47 -18.79
C ALA B 236 34.58 -2.14 -19.94
N ALA B 237 33.38 -1.69 -19.60
CA ALA B 237 32.39 -1.21 -20.58
C ALA B 237 31.75 0.05 -20.01
N PRO B 238 32.24 1.24 -20.39
CA PRO B 238 31.69 2.48 -19.81
C PRO B 238 30.26 2.74 -20.22
N ALA B 239 29.68 3.82 -19.70
CA ALA B 239 28.29 4.16 -19.97
C ALA B 239 28.03 4.56 -21.42
N SER B 240 29.07 4.80 -22.20
CA SER B 240 28.92 5.24 -23.59
C SER B 240 28.68 4.08 -24.55
N ASP B 241 28.71 2.84 -24.07
CA ASP B 241 28.56 1.67 -24.93
C ASP B 241 27.06 1.39 -25.13
N ALA B 242 26.50 2.07 -26.12
CA ALA B 242 25.11 1.85 -26.52
C ALA B 242 24.95 0.68 -27.47
N ALA B 243 26.05 0.06 -27.88
CA ALA B 243 26.01 -1.01 -28.87
C ALA B 243 25.50 -2.33 -28.31
N GLY B 244 25.27 -2.42 -27.01
CA GLY B 244 24.97 -3.68 -26.38
C GLY B 244 26.14 -4.40 -25.78
N PHE B 245 27.30 -3.74 -25.69
CA PHE B 245 28.45 -4.33 -25.00
C PHE B 245 28.13 -4.61 -23.54
N LYS B 246 27.23 -3.83 -22.94
CA LYS B 246 26.82 -4.07 -21.56
C LYS B 246 26.07 -5.38 -21.40
N TRP B 247 25.64 -6.00 -22.49
CA TRP B 247 24.87 -7.24 -22.40
C TRP B 247 25.77 -8.45 -22.13
N LEU B 248 27.03 -8.42 -22.56
CA LEU B 248 27.82 -9.64 -22.61
C LEU B 248 29.23 -9.50 -22.04
N ALA B 249 29.48 -8.47 -21.22
CA ALA B 249 30.78 -8.37 -20.56
C ALA B 249 31.04 -9.52 -19.58
N PRO B 250 30.13 -9.89 -18.69
CA PRO B 250 30.42 -11.02 -17.79
C PRO B 250 30.71 -12.31 -18.54
N TYR B 251 30.10 -12.51 -19.70
CA TYR B 251 30.38 -13.71 -20.48
C TYR B 251 31.84 -13.78 -20.88
N THR B 252 32.39 -12.68 -21.38
CA THR B 252 33.80 -12.69 -21.78
C THR B 252 34.72 -12.76 -20.56
N GLY B 253 34.31 -12.17 -19.43
CA GLY B 253 35.12 -12.31 -18.23
C GLY B 253 35.21 -13.76 -17.77
N SER B 254 34.07 -14.46 -17.75
CA SER B 254 34.08 -15.86 -17.34
C SER B 254 34.83 -16.72 -18.35
N ALA B 255 34.70 -16.39 -19.65
CA ALA B 255 35.45 -17.13 -20.66
C ALA B 255 36.96 -16.97 -20.47
N ILE B 256 37.39 -15.76 -20.10
CA ILE B 256 38.80 -15.54 -19.81
C ILE B 256 39.22 -16.37 -18.61
N GLY B 257 38.41 -16.37 -17.55
CA GLY B 257 38.79 -17.10 -16.34
C GLY B 257 38.85 -18.60 -16.53
N GLN B 258 37.95 -19.16 -17.36
CA GLN B 258 37.82 -20.61 -17.46
C GLN B 258 39.06 -21.27 -18.04
N HIS B 259 39.77 -20.58 -18.94
CA HIS B 259 40.96 -21.18 -19.53
C HIS B 259 42.01 -21.48 -18.46
N TRP B 260 42.24 -20.55 -17.54
CA TRP B 260 43.14 -20.83 -16.43
C TRP B 260 42.53 -21.83 -15.46
N MET B 261 41.20 -21.76 -15.25
CA MET B 261 40.60 -22.62 -14.23
C MET B 261 40.64 -24.09 -14.65
N TYR B 262 40.67 -24.38 -15.94
CA TYR B 262 40.89 -25.73 -16.44
C TYR B 262 42.35 -26.17 -16.43
N ASN B 263 43.26 -25.45 -15.77
CA ASN B 263 44.66 -25.84 -15.76
C ASN B 263 45.21 -25.92 -14.35
N GLY B 264 44.37 -26.29 -13.38
CA GLY B 264 44.83 -26.40 -12.01
C GLY B 264 45.32 -25.10 -11.44
N LYS B 265 44.65 -23.99 -11.75
CA LYS B 265 45.02 -22.68 -11.24
C LYS B 265 43.77 -21.99 -10.72
N HIS B 266 43.95 -21.20 -9.66
CA HIS B 266 42.84 -20.62 -8.93
C HIS B 266 42.60 -19.19 -9.38
N VAL B 267 41.33 -18.87 -9.66
CA VAL B 267 40.96 -17.57 -10.19
C VAL B 267 39.83 -16.98 -9.37
N LEU B 268 39.84 -15.65 -9.24
CA LEU B 268 38.81 -14.90 -8.53
C LEU B 268 38.28 -13.82 -9.47
N ILE B 269 36.97 -13.82 -9.69
CA ILE B 269 36.34 -12.94 -10.66
C ILE B 269 35.34 -12.05 -9.92
N VAL B 270 35.33 -10.77 -10.26
CA VAL B 270 34.45 -9.79 -9.63
C VAL B 270 33.61 -9.12 -10.70
N PHE B 271 32.29 -9.07 -10.47
CA PHE B 271 31.37 -8.32 -11.31
C PHE B 271 31.01 -7.04 -10.57
N ASP B 272 31.30 -5.88 -11.20
CA ASP B 272 31.05 -4.61 -10.53
C ASP B 272 29.57 -4.39 -10.28
N ASP B 273 28.71 -4.76 -11.23
CA ASP B 273 27.28 -4.64 -11.04
C ASP B 273 26.58 -5.61 -11.97
N LEU B 274 25.34 -5.95 -11.61
CA LEU B 274 24.49 -6.79 -12.43
C LEU B 274 23.12 -6.19 -12.72
N SER B 275 22.67 -5.20 -11.95
CA SER B 275 21.38 -4.58 -12.23
C SER B 275 21.37 -3.90 -13.58
N LYS B 276 22.47 -3.21 -13.92
CA LYS B 276 22.56 -2.55 -15.22
C LYS B 276 22.54 -3.58 -16.35
N GLN B 277 23.12 -4.76 -16.14
CA GLN B 277 23.02 -5.82 -17.12
C GLN B 277 21.57 -6.20 -17.38
N ALA B 278 20.79 -6.35 -16.30
CA ALA B 278 19.38 -6.68 -16.45
C ALA B 278 18.62 -5.57 -17.16
N ASP B 279 18.94 -4.31 -16.84
CA ASP B 279 18.28 -3.19 -17.51
C ASP B 279 18.60 -3.18 -19.00
N ALA B 280 19.86 -3.43 -19.36
CA ALA B 280 20.22 -3.48 -20.77
C ALA B 280 19.49 -4.61 -21.49
N TYR B 281 19.40 -5.78 -20.84
CA TYR B 281 18.67 -6.88 -21.47
C TYR B 281 17.19 -6.55 -21.63
N ARG B 282 16.59 -5.92 -20.61
CA ARG B 282 15.19 -5.54 -20.72
C ARG B 282 14.97 -4.55 -21.85
N ALA B 283 15.85 -3.56 -21.98
CA ALA B 283 15.71 -2.59 -23.07
C ALA B 283 15.84 -3.26 -24.43
N ILE B 284 16.86 -4.11 -24.59
CA ILE B 284 17.08 -4.74 -25.89
C ILE B 284 15.95 -5.70 -26.24
N SER B 285 15.31 -6.30 -25.22
CA SER B 285 14.15 -7.15 -25.50
C SER B 285 12.93 -6.32 -25.86
N LEU B 286 12.70 -5.21 -25.14
CA LEU B 286 11.53 -4.39 -25.40
C LEU B 286 11.61 -3.71 -26.75
N LEU B 287 12.82 -3.41 -27.23
CA LEU B 287 12.97 -2.74 -28.52
C LEU B 287 12.38 -3.59 -29.65
N LEU B 288 12.57 -4.90 -29.58
CA LEU B 288 11.87 -5.80 -30.47
C LEU B 288 10.66 -6.38 -29.75
N ARG B 289 9.96 -7.32 -30.38
CA ARG B 289 8.71 -7.83 -29.84
C ARG B 289 9.00 -8.92 -28.83
N ARG B 290 8.70 -8.65 -27.56
CA ARG B 290 8.84 -9.60 -26.47
C ARG B 290 7.70 -9.38 -25.49
N PRO B 291 6.97 -10.43 -25.15
CA PRO B 291 5.90 -10.31 -24.16
C PRO B 291 6.46 -9.91 -22.80
N PRO B 292 5.95 -8.83 -22.20
CA PRO B 292 6.51 -8.37 -20.92
C PRO B 292 5.80 -8.95 -19.71
N GLY B 293 6.58 -9.35 -18.70
CA GLY B 293 6.02 -9.83 -17.45
C GLY B 293 5.94 -8.75 -16.40
N ARG B 294 6.37 -9.07 -15.17
CA ARG B 294 6.41 -8.07 -14.12
C ARG B 294 7.45 -6.99 -14.43
N GLU B 295 7.08 -5.75 -14.17
CA GLU B 295 7.98 -4.60 -14.35
C GLU B 295 8.54 -4.52 -15.76
N ALA B 296 7.75 -4.96 -16.74
CA ALA B 296 8.12 -4.98 -18.16
C ALA B 296 9.34 -5.84 -18.43
N PHE B 297 9.78 -6.64 -17.46
CA PHE B 297 10.94 -7.50 -17.67
C PHE B 297 10.60 -8.57 -18.71
N PRO B 298 11.58 -9.02 -19.50
CA PRO B 298 11.27 -10.00 -20.55
C PRO B 298 10.96 -11.37 -19.97
N GLY B 299 10.74 -12.31 -20.89
CA GLY B 299 10.24 -13.62 -20.48
C GLY B 299 11.17 -14.39 -19.57
N ASP B 300 12.46 -14.41 -19.88
CA ASP B 300 13.43 -15.23 -19.15
C ASP B 300 14.55 -14.37 -18.60
N VAL B 301 14.44 -14.01 -17.32
CA VAL B 301 15.51 -13.31 -16.63
C VAL B 301 16.26 -14.21 -15.64
N PHE B 302 15.55 -15.07 -14.91
CA PHE B 302 16.16 -15.94 -13.92
C PHE B 302 17.16 -16.89 -14.58
N TYR B 303 16.81 -17.38 -15.78
CA TYR B 303 17.68 -18.31 -16.49
C TYR B 303 19.03 -17.70 -16.83
N LEU B 304 19.03 -16.43 -17.24
CA LEU B 304 20.27 -15.75 -17.59
C LEU B 304 21.24 -15.73 -16.41
N HIS B 305 20.78 -15.25 -15.26
CA HIS B 305 21.66 -15.16 -14.10
C HIS B 305 22.04 -16.54 -13.60
N SER B 306 21.12 -17.51 -13.66
CA SER B 306 21.45 -18.86 -13.23
C SER B 306 22.57 -19.45 -14.07
N ARG B 307 22.41 -19.42 -15.40
CA ARG B 307 23.42 -19.99 -16.27
C ARG B 307 24.72 -19.20 -16.26
N LEU B 308 24.68 -17.91 -15.89
CA LEU B 308 25.92 -17.17 -15.76
C LEU B 308 26.66 -17.54 -14.47
N LEU B 309 25.94 -17.72 -13.37
CA LEU B 309 26.56 -17.88 -12.06
C LEU B 309 26.80 -19.34 -11.67
N GLU B 310 26.52 -20.29 -12.56
CA GLU B 310 26.76 -21.70 -12.27
C GLU B 310 28.02 -22.22 -12.93
N ARG B 311 28.90 -21.33 -13.40
CA ARG B 311 30.18 -21.72 -13.97
C ARG B 311 31.24 -21.95 -12.90
N CYS B 312 31.21 -21.17 -11.82
CA CYS B 312 32.19 -21.32 -10.76
C CYS B 312 32.00 -22.64 -10.02
N ALA B 313 33.07 -23.41 -9.90
CA ALA B 313 33.01 -24.72 -9.24
C ALA B 313 34.39 -25.26 -8.91
N LYS B 314 34.50 -25.97 -7.80
CA LYS B 314 35.74 -26.63 -7.41
C LYS B 314 35.82 -27.98 -8.10
N LEU B 315 36.72 -28.10 -9.08
CA LEU B 315 36.84 -29.34 -9.84
C LEU B 315 37.41 -30.45 -8.96
N SER B 316 37.21 -31.69 -9.41
CA SER B 316 37.75 -32.85 -8.72
C SER B 316 39.26 -32.95 -8.94
N ASP B 317 39.88 -33.88 -8.23
CA ASP B 317 41.33 -34.06 -8.35
C ASP B 317 41.72 -34.59 -9.73
N GLU B 318 40.86 -35.40 -10.35
CA GLU B 318 41.19 -35.96 -11.66
C GLU B 318 41.31 -34.87 -12.72
N LEU B 319 40.40 -33.88 -12.69
CA LEU B 319 40.39 -32.85 -13.71
C LEU B 319 41.57 -31.90 -13.59
N GLY B 320 42.22 -31.83 -12.43
CA GLY B 320 43.36 -30.96 -12.26
C GLY B 320 43.36 -30.20 -10.95
N GLY B 321 42.18 -29.86 -10.45
CA GLY B 321 42.04 -29.19 -9.17
C GLY B 321 41.88 -27.70 -9.22
N GLY B 322 41.72 -27.11 -10.40
CA GLY B 322 41.52 -25.67 -10.48
C GLY B 322 40.19 -25.24 -9.90
N SER B 323 40.11 -23.96 -9.55
CA SER B 323 38.91 -23.43 -8.92
C SER B 323 38.68 -21.99 -9.34
N MET B 324 37.40 -21.60 -9.34
CA MET B 324 36.98 -20.24 -9.64
C MET B 324 36.04 -19.77 -8.54
N THR B 325 36.27 -18.55 -8.06
CA THR B 325 35.41 -17.94 -7.06
C THR B 325 34.88 -16.62 -7.58
N GLY B 326 33.56 -16.47 -7.56
CA GLY B 326 32.89 -15.30 -8.12
C GLY B 326 32.36 -14.37 -7.05
N LEU B 327 32.27 -13.09 -7.38
CA LEU B 327 31.70 -12.09 -6.49
C LEU B 327 30.81 -11.15 -7.29
N PRO B 328 29.49 -11.31 -7.24
CA PRO B 328 28.58 -10.38 -7.89
C PRO B 328 28.18 -9.24 -6.95
N ILE B 329 27.55 -8.23 -7.54
CA ILE B 329 27.13 -7.04 -6.82
C ILE B 329 25.75 -6.61 -7.31
N ILE B 330 24.86 -6.29 -6.38
CA ILE B 330 23.51 -5.84 -6.69
C ILE B 330 23.21 -4.60 -5.87
N GLU B 331 22.62 -3.59 -6.52
CA GLU B 331 22.21 -2.36 -5.87
C GLU B 331 20.70 -2.37 -5.66
N THR B 332 20.26 -1.87 -4.51
CA THR B 332 18.85 -1.85 -4.15
C THR B 332 18.44 -0.45 -3.71
N LYS B 333 17.14 -0.19 -3.78
CA LYS B 333 16.58 1.11 -3.46
C LYS B 333 15.74 1.03 -2.19
N ALA B 334 16.04 1.91 -1.23
CA ALA B 334 15.26 2.03 0.00
C ALA B 334 15.18 0.72 0.78
N ASN B 335 16.23 -0.09 0.69
CA ASN B 335 16.30 -1.37 1.41
C ASN B 335 15.13 -2.27 1.06
N ASP B 336 14.70 -2.24 -0.20
CA ASP B 336 13.61 -3.10 -0.67
C ASP B 336 14.23 -4.39 -1.20
N ILE B 337 14.34 -5.38 -0.32
CA ILE B 337 14.96 -6.66 -0.68
C ILE B 337 13.90 -7.60 -1.22
N SER B 338 12.69 -7.09 -1.42
CA SER B 338 11.57 -7.88 -1.92
C SER B 338 11.31 -7.65 -3.40
N ALA B 339 12.21 -6.96 -4.09
CA ALA B 339 12.02 -6.70 -5.51
C ALA B 339 12.29 -7.97 -6.32
N PHE B 340 12.19 -7.83 -7.64
CA PHE B 340 12.30 -8.99 -8.52
C PHE B 340 13.74 -9.48 -8.61
N ILE B 341 14.65 -8.61 -9.09
CA ILE B 341 16.05 -8.99 -9.26
C ILE B 341 16.70 -9.38 -7.95
N PRO B 342 16.58 -8.60 -6.86
CA PRO B 342 17.21 -9.05 -5.60
C PRO B 342 16.70 -10.40 -5.12
N THR B 343 15.40 -10.67 -5.25
CA THR B 343 14.88 -11.97 -4.86
C THR B 343 15.48 -13.08 -5.71
N ASN B 344 15.53 -12.89 -7.02
CA ASN B 344 16.11 -13.90 -7.89
C ASN B 344 17.56 -14.17 -7.54
N VAL B 345 18.35 -13.11 -7.32
CA VAL B 345 19.77 -13.29 -7.05
C VAL B 345 19.99 -13.95 -5.68
N ILE B 346 19.18 -13.56 -4.69
CA ILE B 346 19.28 -14.20 -3.37
C ILE B 346 18.96 -15.68 -3.48
N SER B 347 17.95 -16.03 -4.26
CA SER B 347 17.63 -17.45 -4.46
C SER B 347 18.78 -18.17 -5.13
N ILE B 348 19.41 -17.54 -6.12
CA ILE B 348 20.49 -18.19 -6.87
C ILE B 348 21.73 -18.39 -6.01
N THR B 349 22.15 -17.35 -5.29
CA THR B 349 23.47 -17.31 -4.68
C THR B 349 23.64 -18.32 -3.54
N ASP B 350 24.84 -18.39 -2.98
CA ASP B 350 25.18 -19.35 -1.95
C ASP B 350 25.45 -18.72 -0.59
N GLY B 351 25.88 -17.46 -0.55
CA GLY B 351 26.03 -16.76 0.71
C GLY B 351 25.71 -15.29 0.53
N GLN B 352 25.32 -14.65 1.62
CA GLN B 352 24.84 -13.27 1.56
C GLN B 352 25.51 -12.42 2.63
N CYS B 353 25.75 -11.15 2.28
CA CYS B 353 26.24 -10.14 3.22
C CYS B 353 25.46 -8.86 2.98
N PHE B 354 25.14 -8.16 4.06
CA PHE B 354 24.25 -7.01 4.03
C PHE B 354 24.96 -5.76 4.55
N LEU B 355 24.74 -4.64 3.88
CA LEU B 355 25.30 -3.36 4.28
C LEU B 355 24.17 -2.36 4.48
N GLU B 356 24.18 -1.66 5.61
CA GLU B 356 23.15 -0.68 5.94
C GLU B 356 23.77 0.71 5.97
N SER B 357 23.17 1.64 5.23
CA SER B 357 23.65 3.02 5.24
C SER B 357 23.51 3.65 6.61
N ASP B 358 22.52 3.22 7.39
CA ASP B 358 22.37 3.72 8.75
C ASP B 358 23.60 3.38 9.59
N LEU B 359 24.11 2.15 9.47
CA LEU B 359 25.33 1.79 10.17
C LEU B 359 26.52 2.59 9.67
N PHE B 360 26.58 2.84 8.36
CA PHE B 360 27.67 3.62 7.79
C PHE B 360 27.68 5.03 8.37
N ASN B 361 26.51 5.64 8.49
CA ASN B 361 26.42 6.95 9.12
C ASN B 361 26.69 6.88 10.62
N GLN B 362 26.40 5.74 11.23
CA GLN B 362 26.58 5.61 12.68
C GLN B 362 28.05 5.74 13.07
N GLY B 363 28.95 5.22 12.25
CA GLY B 363 30.36 5.30 12.53
C GLY B 363 31.09 3.99 12.37
N VAL B 364 30.37 2.95 11.95
CA VAL B 364 30.96 1.64 11.71
C VAL B 364 31.40 1.61 10.25
N ARG B 365 32.70 1.74 10.00
CA ARG B 365 33.19 1.75 8.63
C ARG B 365 32.87 0.46 7.88
N PRO B 366 33.10 -0.74 8.44
CA PRO B 366 32.53 -1.94 7.82
C PRO B 366 31.05 -2.09 8.17
N ALA B 367 30.20 -1.41 7.40
CA ALA B 367 28.77 -1.32 7.69
C ALA B 367 28.08 -2.67 7.75
N ILE B 368 28.79 -3.76 7.49
CA ILE B 368 28.25 -5.12 7.45
C ILE B 368 27.42 -5.41 8.70
N ASN B 369 26.22 -5.95 8.51
CA ASN B 369 25.31 -6.26 9.60
C ASN B 369 25.42 -7.75 9.93
N VAL B 370 25.92 -8.04 11.14
CA VAL B 370 26.07 -9.43 11.56
C VAL B 370 24.74 -10.08 11.92
N GLY B 371 23.67 -9.29 12.03
CA GLY B 371 22.40 -9.85 12.46
C GLY B 371 21.80 -10.83 11.47
N VAL B 372 21.84 -10.49 10.18
CA VAL B 372 21.14 -11.27 9.17
C VAL B 372 22.08 -11.94 8.17
N SER B 373 23.27 -11.39 7.91
CA SER B 373 24.15 -11.98 6.92
C SER B 373 24.64 -13.35 7.38
N VAL B 374 24.49 -14.34 6.52
CA VAL B 374 24.80 -15.73 6.85
C VAL B 374 25.46 -16.39 5.64
N SER B 375 26.51 -17.16 5.90
CA SER B 375 27.14 -18.02 4.89
C SER B 375 26.75 -19.46 5.18
N ARG B 376 26.28 -20.17 4.15
CA ARG B 376 25.70 -21.49 4.35
C ARG B 376 26.70 -22.62 4.26
N VAL B 377 27.98 -22.33 4.04
CA VAL B 377 29.01 -23.36 4.09
C VAL B 377 29.16 -23.82 5.53
N GLY B 378 29.77 -24.99 5.73
CA GLY B 378 29.87 -25.58 7.04
C GLY B 378 30.97 -25.04 7.93
N GLY B 379 31.65 -23.99 7.52
CA GLY B 379 32.76 -23.49 8.31
C GLY B 379 34.03 -24.29 8.19
N ALA B 380 34.09 -25.24 7.26
CA ALA B 380 35.28 -26.03 7.06
C ALA B 380 36.36 -25.30 6.28
N ALA B 381 36.06 -24.13 5.73
CA ALA B 381 37.05 -23.37 4.98
C ALA B 381 38.13 -22.81 5.91
N GLN B 382 37.72 -22.26 7.04
CA GLN B 382 38.63 -21.54 7.91
C GLN B 382 39.53 -22.51 8.69
N ILE B 383 40.49 -21.93 9.42
CA ILE B 383 41.48 -22.70 10.15
C ILE B 383 41.02 -22.87 11.60
N LYS B 384 41.54 -23.90 12.27
CA LYS B 384 40.92 -24.40 13.50
C LYS B 384 40.96 -23.38 14.64
N ALA B 385 41.98 -22.53 14.72
CA ALA B 385 42.06 -21.59 15.83
C ALA B 385 40.93 -20.55 15.77
N MET B 386 40.77 -19.92 14.61
CA MET B 386 39.66 -19.00 14.43
C MET B 386 38.32 -19.71 14.49
N LYS B 387 38.28 -21.00 14.12
CA LYS B 387 37.09 -21.81 14.36
C LYS B 387 36.76 -21.88 15.84
N GLU B 388 37.78 -22.05 16.68
CA GLU B 388 37.58 -22.09 18.12
C GLU B 388 37.04 -20.75 18.62
N VAL B 389 37.62 -19.65 18.15
CA VAL B 389 37.27 -18.36 18.75
C VAL B 389 35.94 -17.81 18.24
N ALA B 390 35.53 -18.14 17.02
CA ALA B 390 34.29 -17.59 16.47
C ALA B 390 33.07 -18.03 17.28
N GLY B 391 33.06 -19.27 17.77
CA GLY B 391 31.95 -19.73 18.58
C GLY B 391 31.77 -18.89 19.84
N SER B 392 32.87 -18.56 20.51
CA SER B 392 32.79 -17.68 21.68
C SER B 392 32.33 -16.29 21.27
N LEU B 393 32.79 -15.81 20.11
CA LEU B 393 32.41 -14.47 19.67
C LEU B 393 30.90 -14.37 19.45
N ARG B 394 30.29 -15.39 18.85
CA ARG B 394 28.88 -15.32 18.50
C ARG B 394 27.99 -15.08 19.72
N LEU B 395 28.29 -15.79 20.82
CA LEU B 395 27.42 -15.75 21.99
C LEU B 395 27.36 -14.34 22.58
N ASP B 396 28.51 -13.75 22.86
CA ASP B 396 28.47 -12.43 23.51
C ASP B 396 28.07 -11.34 22.52
N LEU B 397 28.29 -11.56 21.22
CA LEU B 397 27.73 -10.64 20.24
C LEU B 397 26.21 -10.60 20.34
N SER B 398 25.59 -11.79 20.38
CA SER B 398 24.13 -11.86 20.51
C SER B 398 23.67 -11.27 21.84
N GLN B 399 24.40 -11.55 22.92
CA GLN B 399 24.03 -11.01 24.23
C GLN B 399 24.02 -9.49 24.22
N TYR B 400 25.09 -8.88 23.68
CA TYR B 400 25.13 -7.43 23.62
C TYR B 400 24.03 -6.89 22.71
N ARG B 401 23.76 -7.57 21.60
CA ARG B 401 22.71 -7.11 20.69
C ARG B 401 21.36 -7.09 21.38
N GLU B 402 21.05 -8.12 22.17
CA GLU B 402 19.74 -8.19 22.81
C GLU B 402 19.65 -7.26 24.02
N LEU B 403 20.74 -7.06 24.75
CA LEU B 403 20.72 -6.31 26.01
C LEU B 403 21.11 -4.85 25.84
N GLU B 404 20.83 -4.24 24.68
CA GLU B 404 21.23 -2.85 24.46
C GLU B 404 20.21 -1.85 24.97
N ALA B 405 18.98 -2.29 25.28
CA ALA B 405 17.95 -1.34 25.69
C ALA B 405 18.14 -0.84 27.11
N PHE B 406 18.81 -1.64 27.95
CA PHE B 406 18.96 -1.31 29.37
C PHE B 406 20.11 -0.34 29.65
N ALA B 407 20.59 0.38 28.64
CA ALA B 407 21.69 1.32 28.85
C ALA B 407 21.29 2.44 29.80
N ALA B 408 20.00 2.81 29.81
CA ALA B 408 19.56 3.92 30.65
C ALA B 408 19.71 3.59 32.14
N PHE B 409 19.35 2.37 32.53
CA PHE B 409 19.31 1.97 33.93
C PHE B 409 20.41 0.98 34.27
N ALA B 410 21.59 1.17 33.68
CA ALA B 410 22.68 0.21 33.84
C ALA B 410 23.09 0.02 35.30
N SER B 411 22.81 1.00 36.16
CA SER B 411 23.15 0.86 37.57
C SER B 411 22.37 -0.28 38.23
N ASP B 412 21.10 -0.45 37.88
CA ASP B 412 20.25 -1.43 38.52
C ASP B 412 20.46 -2.85 38.02
N LEU B 413 21.12 -3.02 36.87
CA LEU B 413 21.31 -4.35 36.31
C LEU B 413 22.24 -5.20 37.18
N ASP B 414 22.39 -6.46 36.79
CA ASP B 414 23.23 -7.42 37.48
C ASP B 414 24.66 -7.33 36.95
N ALA B 415 25.60 -7.85 37.76
CA ALA B 415 27.01 -7.78 37.40
C ALA B 415 27.29 -8.53 36.10
N ALA B 416 26.66 -9.70 35.93
CA ALA B 416 26.85 -10.46 34.70
C ALA B 416 26.37 -9.67 33.49
N SER B 417 25.21 -9.02 33.61
CA SER B 417 24.70 -8.21 32.51
C SER B 417 25.63 -7.06 32.19
N LYS B 418 26.17 -6.39 33.22
CA LYS B 418 27.11 -5.31 32.98
C LYS B 418 28.38 -5.80 32.29
N ALA B 419 28.89 -6.95 32.72
CA ALA B 419 30.07 -7.51 32.08
C ALA B 419 29.81 -7.85 30.61
N GLN B 420 28.64 -8.44 30.34
CA GLN B 420 28.29 -8.77 28.96
C GLN B 420 28.17 -7.49 28.12
N LEU B 421 27.56 -6.45 28.68
CA LEU B 421 27.42 -5.20 27.95
C LEU B 421 28.76 -4.59 27.63
N ASP B 422 29.68 -4.56 28.62
CA ASP B 422 31.00 -4.00 28.39
C ASP B 422 31.78 -4.81 27.37
N ARG B 423 31.70 -6.14 27.45
CA ARG B 423 32.40 -6.98 26.48
C ARG B 423 31.86 -6.75 25.07
N GLY B 424 30.54 -6.66 24.94
CA GLY B 424 29.96 -6.38 23.64
C GLY B 424 30.38 -5.03 23.09
N ALA B 425 30.46 -4.02 23.96
CA ALA B 425 30.90 -2.70 23.53
C ALA B 425 32.34 -2.75 23.02
N ARG B 426 33.23 -3.38 23.79
CA ARG B 426 34.62 -3.48 23.35
C ARG B 426 34.73 -4.24 22.04
N LEU B 427 33.99 -5.34 21.92
CA LEU B 427 34.03 -6.12 20.69
C LEU B 427 33.57 -5.30 19.50
N VAL B 428 32.39 -4.67 19.60
CA VAL B 428 31.86 -3.90 18.49
C VAL B 428 32.78 -2.73 18.16
N GLU B 429 33.53 -2.23 19.13
CA GLU B 429 34.53 -1.22 18.83
C GLU B 429 35.73 -1.80 18.12
N LEU B 430 36.05 -3.07 18.37
CA LEU B 430 37.26 -3.67 17.82
C LEU B 430 37.15 -3.87 16.30
N LEU B 431 35.96 -4.23 15.81
CA LEU B 431 35.85 -4.73 14.44
C LEU B 431 36.19 -3.68 13.39
N LYS B 432 35.90 -2.40 13.64
CA LYS B 432 36.00 -1.41 12.57
C LYS B 432 37.46 -1.21 12.15
N GLN B 433 37.66 -0.95 10.87
CA GLN B 433 38.98 -0.83 10.29
C GLN B 433 38.96 0.26 9.24
N PRO B 434 40.10 0.90 8.97
CA PRO B 434 40.19 1.84 7.86
C PRO B 434 40.44 1.14 6.53
N GLN B 435 40.02 1.79 5.46
CA GLN B 435 40.09 1.18 4.13
C GLN B 435 41.54 1.14 3.64
N TYR B 436 41.76 0.31 2.63
CA TYR B 436 43.08 0.11 2.02
C TYR B 436 44.10 -0.34 3.05
N SER B 437 43.66 -1.22 3.95
CA SER B 437 44.53 -1.78 4.98
C SER B 437 44.17 -3.25 5.21
N PRO B 438 44.60 -4.13 4.31
CA PRO B 438 44.38 -5.57 4.53
C PRO B 438 45.19 -6.07 5.72
N LEU B 439 44.69 -7.12 6.36
CA LEU B 439 45.30 -7.68 7.54
C LEU B 439 45.76 -9.11 7.27
N ALA B 440 46.93 -9.47 7.77
CA ALA B 440 47.41 -10.84 7.65
C ALA B 440 46.62 -11.75 8.58
N VAL B 441 46.58 -13.04 8.23
CA VAL B 441 45.77 -13.99 8.98
C VAL B 441 46.31 -14.18 10.39
N GLU B 442 47.63 -14.22 10.55
CA GLU B 442 48.21 -14.33 11.89
C GLU B 442 47.83 -13.12 12.74
N GLU B 443 47.89 -11.93 12.13
CA GLU B 443 47.53 -10.70 12.83
C GLU B 443 46.06 -10.72 13.24
N GLN B 444 45.19 -11.17 12.34
CA GLN B 444 43.77 -11.27 12.65
C GLN B 444 43.53 -12.23 13.80
N VAL B 445 44.17 -13.40 13.76
CA VAL B 445 43.98 -14.40 14.81
C VAL B 445 44.45 -13.85 16.14
N VAL B 446 45.61 -13.19 16.15
CA VAL B 446 46.14 -12.64 17.39
C VAL B 446 45.20 -11.56 17.93
N ALA B 447 44.69 -10.69 17.06
CA ALA B 447 43.80 -9.63 17.50
C ALA B 447 42.52 -10.19 18.10
N ILE B 448 41.92 -11.17 17.42
CA ILE B 448 40.66 -11.73 17.91
C ILE B 448 40.88 -12.48 19.22
N PHE B 449 41.97 -13.25 19.32
CA PHE B 449 42.28 -13.95 20.56
C PHE B 449 42.49 -12.96 21.70
N LEU B 450 43.19 -11.86 21.43
CA LEU B 450 43.38 -10.83 22.44
C LEU B 450 42.05 -10.24 22.88
N GLY B 451 41.16 -10.02 21.92
CA GLY B 451 39.86 -9.44 22.26
C GLY B 451 39.00 -10.36 23.11
N THR B 452 38.97 -11.64 22.78
CA THR B 452 38.02 -12.55 23.42
C THR B 452 38.51 -13.14 24.73
N GLN B 453 39.70 -12.77 25.21
CA GLN B 453 40.23 -13.33 26.44
C GLN B 453 40.19 -12.35 27.61
N GLY B 454 39.37 -11.30 27.50
CA GLY B 454 39.20 -10.38 28.61
C GLY B 454 40.35 -9.45 28.87
N HIS B 455 41.30 -9.32 27.94
CA HIS B 455 42.44 -8.43 28.12
C HIS B 455 42.08 -6.97 27.86
N LEU B 456 40.87 -6.70 27.38
CA LEU B 456 40.44 -5.34 27.09
C LEU B 456 39.88 -4.62 28.31
N ASP B 457 39.82 -5.29 29.46
CA ASP B 457 39.32 -4.65 30.66
C ASP B 457 40.25 -3.53 31.10
N SER B 458 39.69 -2.59 31.87
CA SER B 458 40.45 -1.46 32.42
C SER B 458 41.11 -0.66 31.31
N VAL B 459 40.45 -0.54 30.17
CA VAL B 459 40.98 0.21 29.03
C VAL B 459 39.88 1.11 28.48
N PRO B 460 40.13 2.40 28.31
CA PRO B 460 39.13 3.28 27.69
C PRO B 460 38.79 2.80 26.28
N VAL B 461 37.51 2.94 25.92
CA VAL B 461 37.03 2.33 24.68
C VAL B 461 37.70 2.94 23.46
N GLU B 462 37.85 4.27 23.43
CA GLU B 462 38.43 4.93 22.27
C GLU B 462 39.85 4.45 22.03
N ASP B 463 40.68 4.46 23.07
CA ASP B 463 42.05 3.98 22.94
C ASP B 463 42.12 2.52 22.53
N VAL B 464 41.01 1.78 22.68
CA VAL B 464 40.96 0.40 22.21
C VAL B 464 41.31 0.34 20.73
N GLN B 465 40.81 1.30 19.94
CA GLN B 465 41.17 1.32 18.54
C GLN B 465 42.66 1.57 18.35
N ARG B 466 43.24 2.46 19.16
CA ARG B 466 44.65 2.82 18.98
C ARG B 466 45.57 1.74 19.54
N PHE B 467 45.46 1.50 20.85
CA PHE B 467 46.38 0.66 21.62
C PHE B 467 46.79 -0.60 20.87
N GLU B 468 45.80 -1.44 20.52
CA GLU B 468 46.10 -2.73 19.95
C GLU B 468 47.02 -2.59 18.73
N SER B 469 46.72 -1.63 17.85
CA SER B 469 47.54 -1.45 16.66
C SER B 469 49.01 -1.26 17.04
N GLU B 470 49.28 -0.33 17.95
CA GLU B 470 50.65 -0.12 18.40
C GLU B 470 51.22 -1.41 18.96
N LEU B 471 50.45 -2.09 19.80
CA LEU B 471 50.89 -3.36 20.35
C LEU B 471 51.24 -4.34 19.23
N LEU B 472 50.37 -4.42 18.22
CA LEU B 472 50.64 -5.31 17.09
C LEU B 472 52.01 -5.02 16.50
N GLU B 473 52.34 -3.75 16.34
CA GLU B 473 53.62 -3.39 15.74
C GLU B 473 54.77 -3.95 16.56
N HIS B 474 54.68 -3.87 17.89
CA HIS B 474 55.75 -4.37 18.73
C HIS B 474 56.00 -5.84 18.47
N VAL B 475 54.94 -6.61 18.20
CA VAL B 475 55.11 -8.03 17.95
C VAL B 475 55.92 -8.26 16.69
N LYS B 476 55.76 -7.40 15.67
CA LYS B 476 56.56 -7.53 14.46
C LYS B 476 58.00 -7.10 14.68
N ALA B 477 58.33 -6.50 15.81
CA ALA B 477 59.68 -5.97 16.03
C ALA B 477 60.59 -6.99 16.70
N SER B 478 60.16 -7.57 17.82
CA SER B 478 61.03 -8.43 18.62
C SER B 478 60.57 -9.87 18.71
N HIS B 479 59.31 -10.16 18.38
CA HIS B 479 58.75 -11.50 18.61
C HIS B 479 57.99 -11.97 17.39
N SER B 480 58.60 -11.84 16.21
CA SER B 480 57.95 -12.26 14.97
C SER B 480 57.86 -13.77 14.82
N ASP B 481 58.51 -14.54 15.70
CA ASP B 481 58.51 -15.99 15.56
C ASP B 481 57.12 -16.58 15.74
N ILE B 482 56.23 -15.88 16.46
CA ILE B 482 54.88 -16.38 16.67
C ILE B 482 54.14 -16.48 15.34
N PHE B 483 54.28 -15.48 14.48
CA PHE B 483 53.64 -15.52 13.17
C PHE B 483 54.16 -16.70 12.35
N ASP B 484 55.47 -16.96 12.42
CA ASP B 484 56.03 -18.08 11.69
C ASP B 484 55.49 -19.41 12.21
N GLY B 485 55.39 -19.53 13.54
CA GLY B 485 54.82 -20.74 14.10
C GLY B 485 53.38 -20.95 13.70
N ILE B 486 52.59 -19.88 13.69
CA ILE B 486 51.20 -19.98 13.24
C ILE B 486 51.13 -20.36 11.76
N ARG B 487 52.01 -19.80 10.95
CA ARG B 487 52.06 -20.17 9.54
C ARG B 487 52.36 -21.64 9.37
N GLU B 488 53.33 -22.17 10.11
CA GLU B 488 53.77 -23.54 9.90
C GLU B 488 52.75 -24.54 10.44
N THR B 489 52.23 -24.29 11.64
CA THR B 489 51.42 -25.28 12.34
C THR B 489 49.92 -25.08 12.18
N LYS B 490 49.49 -23.89 11.75
CA LYS B 490 48.07 -23.54 11.63
C LYS B 490 47.31 -23.70 12.93
N LYS B 491 47.99 -23.51 14.06
CA LYS B 491 47.38 -23.68 15.37
C LYS B 491 48.28 -23.02 16.41
N LEU B 492 47.83 -23.08 17.66
CA LEU B 492 48.56 -22.51 18.79
C LEU B 492 48.85 -23.59 19.82
N SER B 493 49.98 -23.45 20.50
CA SER B 493 50.41 -24.35 21.54
C SER B 493 50.46 -23.63 22.88
N GLU B 494 50.67 -24.40 23.95
CA GLU B 494 50.71 -23.81 25.29
C GLU B 494 51.88 -22.84 25.43
N GLU B 495 53.04 -23.19 24.88
CA GLU B 495 54.18 -22.28 24.90
C GLU B 495 53.84 -20.99 24.17
N ALA B 496 53.15 -21.10 23.04
CA ALA B 496 52.75 -19.90 22.29
C ALA B 496 51.86 -19.00 23.12
N GLU B 497 50.83 -19.58 23.76
CA GLU B 497 49.90 -18.74 24.52
C GLU B 497 50.57 -18.14 25.75
N GLU B 498 51.46 -18.87 26.41
CA GLU B 498 52.14 -18.27 27.57
C GLU B 498 53.10 -17.16 27.13
N LYS B 499 53.77 -17.34 25.98
CA LYS B 499 54.59 -16.25 25.47
C LYS B 499 53.75 -15.03 25.14
N LEU B 500 52.58 -15.24 24.53
CA LEU B 500 51.70 -14.12 24.22
C LEU B 500 51.23 -13.40 25.48
N VAL B 501 50.84 -14.17 26.50
CA VAL B 501 50.36 -13.51 27.72
C VAL B 501 51.49 -12.75 28.41
N SER B 502 52.71 -13.30 28.37
CA SER B 502 53.85 -12.59 28.92
C SER B 502 54.11 -11.29 28.16
N VAL B 503 54.06 -11.35 26.83
CA VAL B 503 54.29 -10.16 26.02
C VAL B 503 53.20 -9.12 26.29
N ILE B 504 51.96 -9.57 26.45
CA ILE B 504 50.86 -8.65 26.74
C ILE B 504 51.10 -7.96 28.07
N ASN B 505 51.49 -8.72 29.09
CA ASN B 505 51.77 -8.12 30.40
C ASN B 505 52.93 -7.15 30.32
N GLU B 506 53.94 -7.44 29.49
CA GLU B 506 55.03 -6.50 29.30
C GLU B 506 54.55 -5.21 28.67
N PHE B 507 53.80 -5.31 27.57
CA PHE B 507 53.46 -4.11 26.80
C PHE B 507 52.38 -3.29 27.48
N LYS B 508 51.52 -3.90 28.30
CA LYS B 508 50.40 -3.17 28.88
C LYS B 508 50.88 -2.04 29.77
N LYS B 509 51.94 -2.28 30.53
CA LYS B 509 52.49 -1.23 31.39
C LYS B 509 53.17 -0.14 30.58
N GLY B 510 53.81 -0.50 29.46
CA GLY B 510 54.51 0.49 28.66
C GLY B 510 53.59 1.49 27.99
N PHE B 511 52.44 1.03 27.51
CA PHE B 511 51.51 1.90 26.80
C PHE B 511 50.89 2.91 27.76
N GLN B 512 50.75 4.15 27.30
CA GLN B 512 50.13 5.21 28.09
C GLN B 512 48.75 5.54 27.54
N ALA B 513 47.76 5.57 28.43
CA ALA B 513 46.41 5.90 28.02
C ALA B 513 46.29 7.38 27.65
N SER B 514 45.34 7.66 26.77
CA SER B 514 45.08 9.05 26.38
C SER B 514 44.54 9.87 27.53
N ASP B 515 43.97 9.24 28.55
CA ASP B 515 43.45 9.92 29.72
C ASP B 515 44.02 9.22 30.96
N GLY B 516 45.04 9.83 31.55
CA GLY B 516 45.68 9.21 32.70
C GLY B 516 46.35 7.92 32.32
N SER B 517 46.31 6.94 33.23
CA SER B 517 46.90 5.63 32.99
C SER B 517 46.30 4.63 33.94
N SER B 518 46.18 3.39 33.49
CA SER B 518 45.63 2.31 34.29
C SER B 518 46.02 0.97 33.68
N VAL B 519 46.50 0.06 34.54
CA VAL B 519 46.91 -1.27 34.11
C VAL B 519 46.45 -2.26 35.16
N VAL B 520 46.53 -3.54 34.82
CA VAL B 520 46.16 -4.61 35.75
C VAL B 520 47.34 -5.53 35.98
N GLU C 29 -27.19 -33.59 -40.37
CA GLU C 29 -26.41 -33.55 -41.59
C GLU C 29 -25.57 -32.29 -41.67
N GLU C 30 -25.81 -31.37 -40.74
CA GLU C 30 -25.07 -30.11 -40.67
C GLU C 30 -23.80 -30.37 -39.86
N ILE C 31 -22.69 -30.60 -40.55
CA ILE C 31 -21.44 -31.04 -39.93
C ILE C 31 -20.38 -29.98 -40.14
N GLY C 32 -19.60 -29.71 -39.10
CA GLY C 32 -18.54 -28.73 -39.15
C GLY C 32 -17.18 -29.33 -38.80
N THR C 33 -16.16 -28.48 -38.88
CA THR C 33 -14.78 -28.89 -38.60
C THR C 33 -14.09 -27.83 -37.76
N VAL C 34 -13.17 -28.30 -36.93
CA VAL C 34 -12.39 -27.42 -36.07
C VAL C 34 -11.27 -26.77 -36.89
N ILE C 35 -11.18 -25.45 -36.81
CA ILE C 35 -10.10 -24.73 -37.48
C ILE C 35 -8.89 -24.57 -36.59
N ASP C 36 -9.09 -24.05 -35.39
CA ASP C 36 -8.02 -23.88 -34.42
C ASP C 36 -8.41 -24.56 -33.12
N ALA C 37 -7.42 -25.13 -32.44
CA ALA C 37 -7.62 -25.85 -31.19
C ALA C 37 -6.72 -25.23 -30.14
N GLY C 38 -7.24 -24.23 -29.44
CA GLY C 38 -6.52 -23.65 -28.34
C GLY C 38 -6.52 -24.58 -27.13
N ASP C 39 -5.92 -24.10 -26.05
CA ASP C 39 -5.85 -24.89 -24.83
C ASP C 39 -7.25 -25.17 -24.27
N GLY C 40 -7.98 -24.12 -23.89
CA GLY C 40 -9.30 -24.31 -23.33
C GLY C 40 -10.43 -23.78 -24.19
N ILE C 41 -10.10 -23.36 -25.41
CA ILE C 41 -11.06 -22.75 -26.32
C ILE C 41 -10.87 -23.34 -27.70
N ALA C 42 -11.99 -23.58 -28.39
CA ALA C 42 -11.95 -24.14 -29.73
C ALA C 42 -12.75 -23.25 -30.68
N HIS C 43 -12.40 -23.32 -31.96
CA HIS C 43 -13.06 -22.53 -33.00
C HIS C 43 -13.49 -23.46 -34.12
N VAL C 44 -14.76 -23.34 -34.52
CA VAL C 44 -15.36 -24.25 -35.49
C VAL C 44 -15.83 -23.44 -36.69
N GLU C 45 -15.60 -23.98 -37.88
CA GLU C 45 -16.06 -23.35 -39.12
C GLU C 45 -17.29 -24.05 -39.65
N GLY C 46 -17.92 -23.42 -40.64
CA GLY C 46 -19.13 -23.98 -41.21
C GLY C 46 -20.27 -23.96 -40.20
N LEU C 47 -21.21 -24.88 -40.38
CA LEU C 47 -22.36 -25.03 -39.50
C LEU C 47 -23.16 -23.73 -39.43
N PRO C 48 -23.83 -23.33 -40.51
CA PRO C 48 -24.53 -22.05 -40.51
C PRO C 48 -25.65 -21.96 -39.47
N SER C 49 -26.57 -22.90 -39.50
CA SER C 49 -27.73 -22.86 -38.61
C SER C 49 -27.41 -23.43 -37.23
N VAL C 50 -26.99 -22.57 -36.30
CA VAL C 50 -26.72 -22.99 -34.93
C VAL C 50 -27.31 -21.94 -33.99
N MET C 51 -27.97 -22.40 -32.94
CA MET C 51 -28.56 -21.49 -31.96
C MET C 51 -27.51 -20.97 -31.00
N THR C 52 -27.87 -19.90 -30.29
CA THR C 52 -27.00 -19.38 -29.25
C THR C 52 -26.99 -20.32 -28.06
N GLN C 53 -25.82 -20.53 -27.47
CA GLN C 53 -25.65 -21.39 -26.31
C GLN C 53 -26.10 -22.82 -26.59
N GLU C 54 -26.07 -23.22 -27.85
CA GLU C 54 -26.45 -24.57 -28.24
C GLU C 54 -25.33 -25.55 -27.89
N LEU C 55 -25.71 -26.80 -27.68
CA LEU C 55 -24.79 -27.82 -27.24
C LEU C 55 -24.19 -28.54 -28.45
N LEU C 56 -22.86 -28.66 -28.47
CA LEU C 56 -22.12 -29.22 -29.59
C LEU C 56 -21.46 -30.53 -29.20
N GLU C 57 -21.48 -31.46 -30.14
CA GLU C 57 -20.95 -32.82 -29.96
C GLU C 57 -19.58 -32.92 -30.61
N PHE C 58 -18.68 -33.67 -29.95
CA PHE C 58 -17.32 -33.87 -30.42
C PHE C 58 -17.05 -35.37 -30.57
N PRO C 59 -16.12 -35.75 -31.46
CA PRO C 59 -15.93 -37.19 -31.73
C PRO C 59 -15.45 -38.00 -30.54
N GLY C 60 -14.83 -37.35 -29.55
CA GLY C 60 -14.36 -38.05 -28.38
C GLY C 60 -15.41 -38.29 -27.32
N GLY C 61 -16.66 -37.92 -27.57
CA GLY C 61 -17.70 -38.03 -26.58
C GLY C 61 -17.81 -36.85 -25.64
N VAL C 62 -16.97 -35.84 -25.81
CA VAL C 62 -17.05 -34.64 -24.99
C VAL C 62 -18.00 -33.64 -25.65
N LEU C 63 -18.48 -32.70 -24.85
CA LEU C 63 -19.48 -31.74 -25.30
C LEU C 63 -18.98 -30.32 -25.06
N GLY C 64 -19.42 -29.41 -25.93
CA GLY C 64 -19.04 -28.02 -25.82
C GLY C 64 -20.26 -27.11 -25.91
N VAL C 65 -20.05 -25.85 -25.55
CA VAL C 65 -21.09 -24.83 -25.62
C VAL C 65 -20.53 -23.64 -26.38
N ALA C 66 -21.33 -23.11 -27.30
CA ALA C 66 -20.93 -21.98 -28.13
C ALA C 66 -21.53 -20.69 -27.58
N LEU C 67 -20.69 -19.71 -27.33
CA LEU C 67 -21.12 -18.44 -26.76
C LEU C 67 -20.82 -17.23 -27.61
N ASN C 68 -19.99 -17.36 -28.64
CA ASN C 68 -19.65 -16.23 -29.51
C ASN C 68 -19.75 -16.68 -30.96
N LEU C 69 -20.46 -15.90 -31.76
CA LEU C 69 -20.70 -16.22 -33.16
C LEU C 69 -20.07 -15.16 -34.04
N ASP C 70 -19.92 -15.49 -35.32
CA ASP C 70 -19.29 -14.62 -36.30
C ASP C 70 -19.65 -15.11 -37.69
N GLU C 71 -19.48 -14.24 -38.68
CA GLU C 71 -19.75 -14.61 -40.06
C GLU C 71 -18.75 -15.61 -40.62
N HIS C 72 -17.65 -15.86 -39.91
CA HIS C 72 -16.61 -16.76 -40.39
C HIS C 72 -16.36 -17.96 -39.50
N SER C 73 -16.56 -17.85 -38.19
CA SER C 73 -16.27 -18.95 -37.27
C SER C 73 -17.20 -18.85 -36.07
N VAL C 74 -17.13 -19.87 -35.21
CA VAL C 74 -17.90 -19.92 -33.97
C VAL C 74 -16.97 -20.35 -32.85
N GLY C 75 -16.95 -19.58 -31.76
CA GLY C 75 -16.14 -19.95 -30.62
C GLY C 75 -16.85 -20.90 -29.69
N ALA C 76 -16.08 -21.66 -28.92
CA ALA C 76 -16.65 -22.59 -27.96
C ALA C 76 -15.66 -22.88 -26.86
N VAL C 77 -16.18 -23.23 -25.69
CA VAL C 77 -15.38 -23.65 -24.54
C VAL C 77 -15.71 -25.10 -24.23
N ILE C 78 -14.69 -25.90 -23.98
CA ILE C 78 -14.84 -27.35 -23.84
C ILE C 78 -15.08 -27.69 -22.38
N LEU C 79 -15.96 -28.66 -22.15
CA LEU C 79 -16.29 -29.13 -20.82
C LEU C 79 -15.62 -30.48 -20.56
N GLY C 80 -15.21 -30.68 -19.32
CA GLY C 80 -14.55 -31.92 -18.95
C GLY C 80 -13.13 -31.97 -19.47
N GLU C 81 -12.75 -33.09 -20.06
CA GLU C 81 -11.40 -33.32 -20.57
C GLU C 81 -11.28 -32.83 -22.00
N PHE C 82 -10.17 -32.16 -22.29
CA PHE C 82 -9.94 -31.56 -23.60
C PHE C 82 -8.67 -32.03 -24.29
N GLU C 83 -7.83 -32.83 -23.62
CA GLU C 83 -6.61 -33.30 -24.26
C GLU C 83 -6.88 -34.24 -25.41
N LYS C 84 -8.09 -34.80 -25.50
CA LYS C 84 -8.40 -35.71 -26.60
C LYS C 84 -8.62 -34.94 -27.90
N ILE C 85 -9.31 -33.80 -27.84
CA ILE C 85 -9.65 -33.09 -29.05
C ILE C 85 -8.41 -32.40 -29.63
N GLU C 86 -8.42 -32.21 -30.94
CA GLU C 86 -7.29 -31.61 -31.65
C GLU C 86 -7.78 -31.16 -33.02
N GLU C 87 -6.88 -30.56 -33.80
CA GLU C 87 -7.26 -29.93 -35.06
C GLU C 87 -7.73 -30.97 -36.07
N GLY C 88 -8.65 -30.56 -36.95
CA GLY C 88 -9.13 -31.42 -38.01
C GLY C 88 -10.24 -32.36 -37.64
N GLN C 89 -10.79 -32.25 -36.44
CA GLN C 89 -11.81 -33.18 -35.97
C GLN C 89 -13.17 -32.81 -36.54
N GLN C 90 -14.09 -33.78 -36.51
CA GLN C 90 -15.44 -33.58 -37.01
C GLN C 90 -16.37 -33.18 -35.87
N VAL C 91 -17.29 -32.27 -36.16
CA VAL C 91 -18.18 -31.72 -35.14
C VAL C 91 -19.63 -31.81 -35.63
N LYS C 92 -20.52 -32.29 -34.77
CA LYS C 92 -21.94 -32.41 -35.06
C LYS C 92 -22.73 -31.69 -33.97
N ARG C 93 -23.89 -31.16 -34.36
CA ARG C 93 -24.74 -30.43 -33.43
C ARG C 93 -25.82 -31.34 -32.87
N THR C 94 -26.31 -30.99 -31.68
CA THR C 94 -27.33 -31.77 -31.00
C THR C 94 -28.73 -31.18 -31.13
N GLY C 95 -28.84 -29.93 -31.56
CA GLY C 95 -30.15 -29.31 -31.73
C GLY C 95 -30.93 -29.11 -30.44
N GLU C 96 -30.26 -28.71 -29.37
CA GLU C 96 -30.93 -28.45 -28.11
C GLU C 96 -30.14 -27.39 -27.34
N VAL C 97 -30.87 -26.54 -26.61
CA VAL C 97 -30.23 -25.50 -25.82
C VAL C 97 -29.61 -26.13 -24.58
N LEU C 98 -28.75 -25.35 -23.91
CA LEU C 98 -28.13 -25.81 -22.67
C LEU C 98 -29.19 -26.23 -21.67
N SER C 99 -29.22 -27.52 -21.36
CA SER C 99 -30.27 -28.07 -20.52
C SER C 99 -29.72 -29.26 -19.74
N VAL C 100 -30.43 -29.61 -18.67
CA VAL C 100 -30.06 -30.73 -17.82
C VAL C 100 -31.25 -31.66 -17.67
N PRO C 101 -31.06 -32.97 -17.72
CA PRO C 101 -32.14 -33.89 -17.38
C PRO C 101 -32.53 -33.77 -15.92
N VAL C 102 -33.81 -34.01 -15.65
CA VAL C 102 -34.34 -33.87 -14.29
C VAL C 102 -35.51 -34.83 -14.12
N GLY C 103 -35.60 -35.41 -12.93
CA GLY C 103 -36.65 -36.32 -12.58
C GLY C 103 -36.68 -36.53 -11.08
N ASP C 104 -37.47 -37.51 -10.65
CA ASP C 104 -37.58 -37.85 -9.24
C ASP C 104 -36.71 -39.03 -8.84
N ALA C 105 -35.97 -39.61 -9.79
CA ALA C 105 -35.09 -40.74 -9.48
C ALA C 105 -33.72 -40.30 -9.00
N PHE C 106 -33.44 -39.00 -8.97
CA PHE C 106 -32.14 -38.51 -8.53
C PHE C 106 -31.93 -38.62 -7.04
N LEU C 107 -32.97 -38.98 -6.27
CA LEU C 107 -32.84 -39.07 -4.83
C LEU C 107 -31.84 -40.17 -4.45
N GLY C 108 -30.95 -39.84 -3.53
CA GLY C 108 -29.94 -40.79 -3.08
C GLY C 108 -28.93 -41.20 -4.14
N ARG C 109 -28.48 -40.25 -4.96
CA ARG C 109 -27.53 -40.51 -6.03
C ARG C 109 -26.39 -39.49 -5.97
N VAL C 110 -25.27 -39.87 -6.58
CA VAL C 110 -24.10 -39.01 -6.70
C VAL C 110 -23.83 -38.80 -8.18
N VAL C 111 -23.70 -37.54 -8.60
CA VAL C 111 -23.66 -37.21 -10.01
C VAL C 111 -22.67 -36.07 -10.24
N ASN C 112 -22.13 -36.02 -11.45
CA ASN C 112 -21.29 -34.92 -11.90
C ASN C 112 -22.16 -33.78 -12.42
N PRO C 113 -21.59 -32.58 -12.58
CA PRO C 113 -22.42 -31.45 -13.03
C PRO C 113 -23.13 -31.67 -14.35
N LEU C 114 -22.52 -32.40 -15.29
CA LEU C 114 -23.19 -32.64 -16.56
C LEU C 114 -24.46 -33.47 -16.39
N GLY C 115 -24.41 -34.49 -15.55
CA GLY C 115 -25.57 -35.32 -15.32
C GLY C 115 -25.34 -36.80 -15.54
N GLN C 116 -24.07 -37.20 -15.61
CA GLN C 116 -23.85 -38.64 -15.74
C GLN C 116 -23.51 -39.24 -14.37
N PRO C 117 -23.92 -40.47 -14.11
CA PRO C 117 -23.62 -41.09 -12.82
C PRO C 117 -22.13 -41.28 -12.62
N ILE C 118 -21.53 -40.53 -11.70
CA ILE C 118 -20.10 -40.65 -11.44
C ILE C 118 -19.80 -41.98 -10.77
N ASP C 119 -20.65 -42.40 -9.83
CA ASP C 119 -20.48 -43.69 -9.17
C ASP C 119 -20.98 -44.80 -10.09
N GLY C 120 -20.52 -46.02 -9.81
CA GLY C 120 -20.95 -47.20 -10.54
C GLY C 120 -22.21 -47.83 -10.00
N GLN C 121 -22.96 -47.11 -9.16
CA GLN C 121 -24.14 -47.68 -8.53
C GLN C 121 -25.21 -48.06 -9.54
N GLY C 122 -25.19 -47.45 -10.71
CA GLY C 122 -26.13 -47.80 -11.75
C GLY C 122 -26.49 -46.59 -12.60
N ASP C 123 -27.46 -46.80 -13.49
CA ASP C 123 -27.93 -45.79 -14.40
C ASP C 123 -29.16 -45.09 -13.84
N ILE C 124 -29.45 -43.90 -14.38
CA ILE C 124 -30.57 -43.08 -13.93
C ILE C 124 -31.48 -42.80 -15.13
N ALA C 125 -32.78 -42.88 -14.87
CA ALA C 125 -33.80 -42.55 -15.87
C ALA C 125 -34.55 -41.30 -15.41
N ALA C 126 -34.46 -40.24 -16.21
CA ALA C 126 -35.10 -38.98 -15.90
C ALA C 126 -36.52 -38.95 -16.47
N GLU C 127 -37.22 -37.85 -16.18
CA GLU C 127 -38.58 -37.67 -16.67
C GLU C 127 -38.74 -36.47 -17.60
N THR C 128 -37.88 -35.47 -17.51
CA THR C 128 -38.00 -34.30 -18.39
C THR C 128 -36.66 -33.56 -18.41
N ARG C 129 -36.65 -32.41 -19.06
CA ARG C 129 -35.46 -31.60 -19.22
C ARG C 129 -35.73 -30.21 -18.66
N ARG C 130 -34.66 -29.51 -18.28
CA ARG C 130 -34.82 -28.17 -17.73
C ARG C 130 -33.70 -27.28 -18.27
N ALA C 131 -34.07 -26.10 -18.77
CA ALA C 131 -33.09 -25.13 -19.20
C ALA C 131 -32.45 -24.43 -17.99
N LEU C 132 -31.17 -24.13 -18.10
CA LEU C 132 -30.44 -23.54 -16.99
C LEU C 132 -30.76 -22.06 -16.82
N GLU C 133 -30.96 -21.34 -17.93
CA GLU C 133 -31.17 -19.89 -17.89
C GLU C 133 -32.67 -19.61 -18.00
N LEU C 134 -33.31 -19.47 -16.84
CA LEU C 134 -34.73 -19.15 -16.76
C LEU C 134 -34.93 -17.97 -15.82
N GLN C 135 -35.83 -17.07 -16.20
CA GLN C 135 -36.06 -15.86 -15.43
C GLN C 135 -36.74 -16.17 -14.10
N ALA C 136 -36.41 -15.38 -13.09
CA ALA C 136 -36.99 -15.51 -11.77
C ALA C 136 -38.41 -14.93 -11.74
N PRO C 137 -39.25 -15.36 -10.80
CA PRO C 137 -40.58 -14.78 -10.69
C PRO C 137 -40.53 -13.31 -10.32
N SER C 138 -41.52 -12.56 -10.78
CA SER C 138 -41.56 -11.12 -10.61
C SER C 138 -42.04 -10.77 -9.21
N VAL C 139 -42.26 -9.48 -8.97
CA VAL C 139 -42.64 -9.01 -7.63
C VAL C 139 -44.02 -9.49 -7.24
N VAL C 140 -44.97 -9.51 -8.18
CA VAL C 140 -46.34 -9.91 -7.87
C VAL C 140 -46.46 -11.38 -7.52
N GLN C 141 -45.56 -12.23 -8.02
CA GLN C 141 -45.62 -13.66 -7.77
C GLN C 141 -45.04 -14.07 -6.42
N ARG C 142 -44.46 -13.13 -5.67
CA ARG C 142 -43.78 -13.48 -4.43
C ARG C 142 -44.79 -13.60 -3.29
N GLN C 143 -44.27 -13.72 -2.07
CA GLN C 143 -45.06 -13.95 -0.87
C GLN C 143 -44.18 -13.76 0.34
N SER C 144 -44.76 -13.24 1.41
CA SER C 144 -44.01 -13.11 2.66
C SER C 144 -43.74 -14.49 3.26
N VAL C 145 -42.69 -14.57 4.06
CA VAL C 145 -42.25 -15.81 4.68
C VAL C 145 -42.75 -15.84 6.12
N SER C 146 -43.37 -16.95 6.51
CA SER C 146 -43.89 -17.07 7.88
C SER C 146 -43.69 -18.47 8.46
N GLU C 147 -43.01 -19.38 7.77
CA GLU C 147 -42.86 -20.74 8.25
C GLU C 147 -41.43 -20.98 8.71
N PRO C 148 -41.21 -21.29 9.99
CA PRO C 148 -39.84 -21.45 10.47
C PRO C 148 -39.19 -22.72 9.95
N LEU C 149 -37.88 -22.63 9.73
CA LEU C 149 -37.05 -23.76 9.32
C LEU C 149 -36.12 -24.09 10.47
N GLN C 150 -36.36 -25.24 11.12
CA GLN C 150 -35.58 -25.60 12.29
C GLN C 150 -34.22 -26.16 11.90
N THR C 151 -33.25 -25.98 12.80
CA THR C 151 -31.93 -26.56 12.64
C THR C 151 -31.46 -27.07 13.99
N GLY C 152 -30.55 -28.05 13.96
CA GLY C 152 -30.11 -28.67 15.19
C GLY C 152 -29.21 -27.80 16.04
N ILE C 153 -28.58 -26.78 15.45
CA ILE C 153 -27.65 -25.92 16.17
C ILE C 153 -28.48 -24.98 17.04
N LYS C 154 -28.51 -25.24 18.35
CA LYS C 154 -29.25 -24.38 19.27
C LYS C 154 -28.56 -23.03 19.48
N ALA C 155 -27.33 -22.87 19.02
CA ALA C 155 -26.61 -21.63 19.25
C ALA C 155 -27.03 -20.53 18.28
N ILE C 156 -27.77 -20.86 17.22
CA ILE C 156 -28.20 -19.86 16.27
C ILE C 156 -29.72 -19.72 16.22
N ASP C 157 -30.48 -20.77 16.52
CA ASP C 157 -31.94 -20.67 16.44
C ASP C 157 -32.47 -19.66 17.46
N ALA C 158 -31.94 -19.69 18.68
CA ALA C 158 -32.31 -18.68 19.66
C ALA C 158 -31.65 -17.35 19.35
N MET C 159 -30.45 -17.38 18.79
CA MET C 159 -29.70 -16.15 18.53
C MET C 159 -30.18 -15.46 17.26
N THR C 160 -30.18 -16.19 16.14
CA THR C 160 -30.47 -15.64 14.83
C THR C 160 -31.52 -16.51 14.14
N PRO C 161 -32.81 -16.23 14.38
CA PRO C 161 -33.87 -17.06 13.79
C PRO C 161 -33.82 -17.10 12.27
N ILE C 162 -34.13 -18.26 11.69
CA ILE C 162 -34.14 -18.45 10.25
C ILE C 162 -35.52 -18.96 9.84
N GLY C 163 -35.95 -18.53 8.65
CA GLY C 163 -37.20 -18.99 8.09
C GLY C 163 -37.04 -19.49 6.67
N ARG C 164 -37.82 -20.49 6.28
CA ARG C 164 -37.67 -21.07 4.95
C ARG C 164 -38.08 -20.07 3.88
N GLY C 165 -37.40 -20.15 2.74
CA GLY C 165 -37.54 -19.14 1.70
C GLY C 165 -36.68 -17.92 1.89
N GLN C 166 -35.89 -17.86 2.96
CA GLN C 166 -35.06 -16.71 3.29
C GLN C 166 -33.59 -17.12 3.25
N ARG C 167 -32.78 -16.33 2.55
CA ARG C 167 -31.38 -16.65 2.33
C ARG C 167 -30.51 -16.24 3.51
N GLN C 168 -29.44 -16.99 3.72
CA GLN C 168 -28.51 -16.74 4.81
C GLN C 168 -27.09 -16.98 4.30
N LEU C 169 -26.12 -16.32 4.94
CA LEU C 169 -24.73 -16.40 4.53
C LEU C 169 -23.86 -16.91 5.66
N ILE C 170 -22.94 -17.81 5.31
CA ILE C 170 -21.95 -18.34 6.25
C ILE C 170 -20.59 -17.92 5.72
N ILE C 171 -19.90 -17.06 6.46
CA ILE C 171 -18.62 -16.51 6.04
C ILE C 171 -17.61 -16.74 7.16
N GLY C 172 -16.39 -17.08 6.76
CA GLY C 172 -15.36 -17.36 7.74
C GLY C 172 -14.01 -17.54 7.08
N ASP C 173 -13.12 -18.22 7.80
CA ASP C 173 -11.80 -18.54 7.29
C ASP C 173 -11.54 -20.04 7.39
N ARG C 174 -10.36 -20.45 6.93
CA ARG C 174 -10.03 -21.87 6.85
C ARG C 174 -10.01 -22.52 8.22
N LYS C 175 -10.46 -23.77 8.27
CA LYS C 175 -10.42 -24.60 9.48
C LYS C 175 -11.17 -23.95 10.64
N THR C 176 -12.47 -23.75 10.44
CA THR C 176 -13.33 -23.19 11.47
C THR C 176 -14.58 -24.05 11.70
N GLY C 177 -14.79 -25.08 10.89
CA GLY C 177 -15.88 -26.00 11.10
C GLY C 177 -17.24 -25.50 10.64
N LYS C 178 -17.38 -25.28 9.34
CA LYS C 178 -18.63 -24.83 8.74
C LYS C 178 -19.35 -25.93 7.95
N THR C 179 -18.59 -26.80 7.29
CA THR C 179 -19.20 -27.98 6.67
C THR C 179 -19.91 -28.85 7.71
N ALA C 180 -19.40 -28.84 8.94
CA ALA C 180 -20.10 -29.53 10.03
C ALA C 180 -21.48 -28.91 10.27
N VAL C 181 -21.56 -27.59 10.25
CA VAL C 181 -22.85 -26.92 10.40
C VAL C 181 -23.78 -27.32 9.26
N CYS C 182 -23.25 -27.33 8.04
CA CYS C 182 -24.07 -27.69 6.89
C CYS C 182 -24.61 -29.11 7.00
N VAL C 183 -23.75 -30.06 7.39
CA VAL C 183 -24.21 -31.45 7.47
C VAL C 183 -25.17 -31.65 8.63
N ASP C 184 -24.99 -30.93 9.74
CA ASP C 184 -25.97 -31.01 10.82
C ASP C 184 -27.33 -30.50 10.36
N THR C 185 -27.34 -29.38 9.64
CA THR C 185 -28.60 -28.84 9.12
C THR C 185 -29.25 -29.84 8.17
N ILE C 186 -28.45 -30.50 7.32
CA ILE C 186 -29.00 -31.52 6.44
C ILE C 186 -29.59 -32.68 7.24
N LEU C 187 -28.87 -33.13 8.27
CA LEU C 187 -29.30 -34.30 9.02
C LEU C 187 -30.55 -34.04 9.85
N ASN C 188 -30.81 -32.79 10.21
CA ASN C 188 -31.90 -32.51 11.15
C ASN C 188 -33.29 -32.86 10.62
N GLN C 189 -33.44 -33.13 9.33
CA GLN C 189 -34.77 -33.31 8.73
C GLN C 189 -35.28 -34.74 8.78
N ARG C 190 -34.66 -35.61 9.59
CA ARG C 190 -35.07 -37.01 9.63
C ARG C 190 -36.51 -37.16 10.11
N GLU C 191 -36.86 -36.49 11.20
CA GLU C 191 -38.21 -36.59 11.75
C GLU C 191 -39.24 -36.02 10.76
N ALA C 192 -38.91 -34.90 10.13
CA ALA C 192 -39.83 -34.33 9.14
C ALA C 192 -40.06 -35.28 7.98
N TRP C 193 -39.00 -35.95 7.51
CA TRP C 193 -39.18 -36.92 6.44
C TRP C 193 -40.02 -38.11 6.88
N LEU C 194 -39.78 -38.59 8.11
CA LEU C 194 -40.53 -39.76 8.59
C LEU C 194 -41.97 -39.42 8.94
N THR C 195 -42.30 -38.14 9.09
CA THR C 195 -43.68 -37.76 9.36
C THR C 195 -44.58 -38.17 8.20
N GLY C 196 -44.11 -38.03 6.96
CA GLY C 196 -44.83 -38.48 5.80
C GLY C 196 -45.75 -37.46 5.17
N ASP C 197 -45.95 -36.31 5.80
CA ASP C 197 -46.83 -35.29 5.22
C ASP C 197 -46.09 -34.57 4.09
N PRO C 198 -46.66 -34.54 2.88
CA PRO C 198 -45.98 -33.85 1.77
C PRO C 198 -45.74 -32.38 2.04
N LYS C 199 -46.63 -31.73 2.79
CA LYS C 199 -46.41 -30.33 3.13
C LYS C 199 -45.23 -30.16 4.08
N GLN C 200 -44.89 -31.20 4.84
CA GLN C 200 -43.79 -31.12 5.79
C GLN C 200 -42.48 -31.65 5.25
N GLN C 201 -42.52 -32.54 4.25
CA GLN C 201 -41.29 -33.13 3.73
C GLN C 201 -40.44 -32.08 3.03
N VAL C 202 -39.14 -32.10 3.32
CA VAL C 202 -38.18 -31.16 2.75
C VAL C 202 -37.07 -31.95 2.08
N ARG C 203 -36.83 -31.64 0.81
CA ARG C 203 -35.72 -32.25 0.08
C ARG C 203 -34.44 -31.44 0.31
N CYS C 204 -33.32 -31.99 -0.15
CA CYS C 204 -32.03 -31.36 0.05
C CYS C 204 -31.13 -31.61 -1.15
N VAL C 205 -30.31 -30.61 -1.48
CA VAL C 205 -29.35 -30.70 -2.56
C VAL C 205 -28.00 -30.18 -2.05
N TYR C 206 -26.95 -30.92 -2.34
CA TYR C 206 -25.60 -30.57 -1.92
C TYR C 206 -24.68 -30.50 -3.13
N VAL C 207 -23.83 -29.48 -3.17
CA VAL C 207 -22.86 -29.30 -4.25
C VAL C 207 -21.48 -29.15 -3.65
N ALA C 208 -20.47 -29.47 -4.45
CA ALA C 208 -19.07 -29.37 -4.00
C ALA C 208 -18.22 -28.94 -5.18
N ILE C 209 -17.52 -27.82 -5.03
CA ILE C 209 -16.71 -27.25 -6.09
C ILE C 209 -15.27 -27.21 -5.62
N GLY C 210 -14.39 -27.86 -6.37
CA GLY C 210 -12.97 -27.82 -6.08
C GLY C 210 -12.58 -28.36 -4.73
N GLN C 211 -13.14 -29.51 -4.36
CA GLN C 211 -12.87 -30.14 -3.08
C GLN C 211 -12.11 -31.44 -3.27
N LYS C 212 -11.38 -31.84 -2.23
CA LYS C 212 -10.65 -33.09 -2.27
C LYS C 212 -11.62 -34.27 -2.16
N GLY C 213 -11.32 -35.34 -2.90
CA GLY C 213 -12.22 -36.48 -2.95
C GLY C 213 -12.41 -37.15 -1.61
N THR C 214 -11.39 -37.11 -0.76
CA THR C 214 -11.50 -37.73 0.56
C THR C 214 -12.61 -37.06 1.39
N THR C 215 -12.70 -35.74 1.32
CA THR C 215 -13.75 -35.03 2.06
C THR C 215 -15.13 -35.42 1.53
N ILE C 216 -15.28 -35.55 0.21
CA ILE C 216 -16.55 -35.95 -0.36
C ILE C 216 -16.93 -37.35 0.12
N ALA C 217 -15.97 -38.27 0.09
CA ALA C 217 -16.25 -39.63 0.57
C ALA C 217 -16.63 -39.62 2.04
N SER C 218 -15.92 -38.82 2.85
CA SER C 218 -16.22 -38.78 4.28
C SER C 218 -17.60 -38.21 4.56
N VAL C 219 -17.99 -37.14 3.87
CA VAL C 219 -19.30 -36.57 4.12
C VAL C 219 -20.41 -37.50 3.62
N LYS C 220 -20.16 -38.20 2.50
CA LYS C 220 -21.14 -39.19 2.05
C LYS C 220 -21.31 -40.30 3.07
N ARG C 221 -20.19 -40.78 3.64
CA ARG C 221 -20.26 -41.80 4.66
C ARG C 221 -21.00 -41.30 5.90
N ALA C 222 -20.73 -40.06 6.30
CA ALA C 222 -21.40 -39.51 7.48
C ALA C 222 -22.90 -39.39 7.26
N LEU C 223 -23.30 -38.96 6.06
CA LEU C 223 -24.73 -38.89 5.75
C LEU C 223 -25.35 -40.28 5.73
N GLU C 224 -24.63 -41.27 5.18
CA GLU C 224 -25.14 -42.64 5.18
C GLU C 224 -25.31 -43.16 6.60
N GLU C 225 -24.44 -42.72 7.52
CA GLU C 225 -24.56 -43.16 8.90
C GLU C 225 -25.87 -42.70 9.53
N GLY C 226 -26.27 -41.46 9.25
CA GLY C 226 -27.49 -40.93 9.81
C GLY C 226 -28.76 -41.39 9.14
N GLY C 227 -28.66 -42.20 8.09
CA GLY C 227 -29.84 -42.69 7.41
C GLY C 227 -30.61 -41.63 6.64
N ALA C 228 -29.97 -40.51 6.33
CA ALA C 228 -30.61 -39.42 5.60
C ALA C 228 -30.20 -39.36 4.14
N MET C 229 -29.48 -40.38 3.65
CA MET C 229 -28.92 -40.31 2.31
C MET C 229 -29.98 -40.50 1.23
N GLU C 230 -31.13 -41.09 1.58
CA GLU C 230 -32.12 -41.43 0.56
C GLU C 230 -32.80 -40.20 -0.02
N TYR C 231 -33.04 -39.18 0.81
CA TYR C 231 -33.74 -37.99 0.35
C TYR C 231 -32.79 -36.84 0.00
N THR C 232 -31.55 -37.17 -0.38
CA THR C 232 -30.55 -36.16 -0.70
C THR C 232 -29.90 -36.50 -2.03
N THR C 233 -29.59 -35.46 -2.80
CA THR C 233 -28.86 -35.60 -4.06
C THR C 233 -27.64 -34.69 -3.99
N ILE C 234 -26.48 -35.24 -4.34
CA ILE C 234 -25.21 -34.54 -4.24
C ILE C 234 -24.56 -34.46 -5.62
N VAL C 235 -24.11 -33.26 -5.98
CA VAL C 235 -23.41 -33.02 -7.24
C VAL C 235 -21.95 -32.73 -6.91
N ALA C 236 -21.05 -33.50 -7.50
CA ALA C 236 -19.63 -33.45 -7.16
C ALA C 236 -18.82 -32.87 -8.30
N ALA C 237 -17.93 -31.94 -7.96
CA ALA C 237 -16.97 -31.37 -8.91
C ALA C 237 -15.62 -31.37 -8.22
N PRO C 238 -14.75 -32.34 -8.54
CA PRO C 238 -13.48 -32.46 -7.81
C PRO C 238 -12.53 -31.30 -8.08
N ALA C 239 -11.41 -31.27 -7.37
CA ALA C 239 -10.44 -30.20 -7.55
C ALA C 239 -9.47 -30.44 -8.71
N SER C 240 -9.50 -31.63 -9.30
CA SER C 240 -8.56 -31.99 -10.37
C SER C 240 -9.15 -31.85 -11.76
N ASP C 241 -10.35 -31.29 -11.89
CA ASP C 241 -11.00 -31.18 -13.20
C ASP C 241 -10.75 -29.82 -13.84
N ALA C 242 -11.30 -29.63 -15.03
CA ALA C 242 -11.12 -28.40 -15.77
C ALA C 242 -11.96 -27.27 -15.17
N ALA C 243 -11.90 -26.10 -15.81
CA ALA C 243 -12.62 -24.95 -15.30
C ALA C 243 -14.11 -25.00 -15.62
N GLY C 244 -14.47 -25.70 -16.70
CA GLY C 244 -15.87 -25.70 -17.13
C GLY C 244 -16.80 -26.27 -16.09
N PHE C 245 -16.40 -27.37 -15.46
CA PHE C 245 -17.25 -27.97 -14.44
C PHE C 245 -17.37 -27.07 -13.22
N LYS C 246 -16.26 -26.45 -12.80
CA LYS C 246 -16.31 -25.52 -11.68
C LYS C 246 -17.20 -24.32 -11.99
N TRP C 247 -17.28 -23.94 -13.26
CA TRP C 247 -18.17 -22.85 -13.65
C TRP C 247 -19.63 -23.29 -13.66
N LEU C 248 -19.91 -24.51 -14.14
CA LEU C 248 -21.28 -24.95 -14.35
C LEU C 248 -21.92 -25.63 -13.15
N ALA C 249 -21.17 -25.93 -12.10
CA ALA C 249 -21.75 -26.68 -10.98
C ALA C 249 -22.99 -26.02 -10.35
N PRO C 250 -22.99 -24.74 -9.99
CA PRO C 250 -24.18 -24.19 -9.31
C PRO C 250 -25.44 -24.22 -10.15
N TYR C 251 -25.33 -24.04 -11.47
CA TYR C 251 -26.52 -24.00 -12.31
C TYR C 251 -27.27 -25.33 -12.25
N THR C 252 -26.57 -26.43 -12.51
CA THR C 252 -27.19 -27.73 -12.43
C THR C 252 -27.51 -28.13 -11.00
N GLY C 253 -26.82 -27.54 -10.02
CA GLY C 253 -27.19 -27.76 -8.63
C GLY C 253 -28.55 -27.18 -8.29
N SER C 254 -28.86 -26.00 -8.83
CA SER C 254 -30.11 -25.33 -8.52
C SER C 254 -31.24 -25.69 -9.49
N ALA C 255 -30.94 -26.26 -10.66
CA ALA C 255 -31.99 -26.57 -11.62
C ALA C 255 -32.97 -27.60 -11.07
N ILE C 256 -32.47 -28.62 -10.37
CA ILE C 256 -33.35 -29.66 -9.83
C ILE C 256 -34.30 -29.07 -8.78
N GLY C 257 -33.76 -28.25 -7.87
CA GLY C 257 -34.61 -27.59 -6.90
C GLY C 257 -35.62 -26.68 -7.56
N GLN C 258 -35.23 -26.00 -8.64
CA GLN C 258 -36.17 -25.18 -9.38
C GLN C 258 -37.29 -26.01 -9.96
N HIS C 259 -36.97 -27.20 -10.48
CA HIS C 259 -38.02 -28.07 -11.01
C HIS C 259 -38.96 -28.54 -9.90
N TRP C 260 -38.41 -28.88 -8.73
CA TRP C 260 -39.25 -29.32 -7.64
C TRP C 260 -40.05 -28.17 -7.03
N MET C 261 -39.65 -26.93 -7.30
CA MET C 261 -40.37 -25.77 -6.78
C MET C 261 -41.83 -25.77 -7.22
N TYR C 262 -42.08 -25.91 -8.51
CA TYR C 262 -43.41 -25.72 -9.07
C TYR C 262 -44.34 -26.91 -8.87
N ASN C 263 -43.94 -27.91 -8.10
CA ASN C 263 -44.84 -28.97 -7.71
C ASN C 263 -45.31 -28.86 -6.26
N GLY C 264 -44.93 -27.79 -5.56
CA GLY C 264 -45.41 -27.55 -4.22
C GLY C 264 -44.53 -28.06 -3.10
N LYS C 265 -43.43 -28.73 -3.42
CA LYS C 265 -42.54 -29.22 -2.36
C LYS C 265 -41.69 -28.08 -1.81
N HIS C 266 -40.88 -28.41 -0.82
CA HIS C 266 -39.94 -27.48 -0.21
C HIS C 266 -38.52 -28.00 -0.40
N VAL C 267 -37.62 -27.12 -0.82
CA VAL C 267 -36.27 -27.50 -1.23
C VAL C 267 -35.25 -26.72 -0.41
N LEU C 268 -34.15 -27.38 -0.05
CA LEU C 268 -33.02 -26.75 0.61
C LEU C 268 -31.76 -27.04 -0.19
N ILE C 269 -30.93 -26.03 -0.37
CA ILE C 269 -29.73 -26.14 -1.21
C ILE C 269 -28.56 -25.47 -0.50
N VAL C 270 -27.39 -26.10 -0.56
CA VAL C 270 -26.18 -25.59 0.08
C VAL C 270 -25.09 -25.48 -0.97
N PHE C 271 -24.43 -24.31 -1.02
CA PHE C 271 -23.32 -24.06 -1.93
C PHE C 271 -22.03 -24.13 -1.12
N ASP C 272 -21.17 -25.10 -1.45
CA ASP C 272 -19.98 -25.36 -0.63
C ASP C 272 -19.05 -24.14 -0.59
N ASP C 273 -18.82 -23.50 -1.74
CA ASP C 273 -17.96 -22.33 -1.80
C ASP C 273 -18.16 -21.65 -3.15
N LEU C 274 -18.39 -20.34 -3.11
CA LEU C 274 -18.58 -19.55 -4.31
C LEU C 274 -17.30 -18.87 -4.79
N SER C 275 -16.27 -18.80 -3.95
CA SER C 275 -15.03 -18.15 -4.34
C SER C 275 -14.31 -18.92 -5.44
N LYS C 276 -14.32 -20.26 -5.35
CA LYS C 276 -13.60 -21.08 -6.33
C LYS C 276 -14.18 -20.91 -7.73
N GLN C 277 -15.51 -20.89 -7.86
CA GLN C 277 -16.10 -20.73 -9.18
C GLN C 277 -15.90 -19.31 -9.70
N ALA C 278 -15.83 -18.32 -8.80
CA ALA C 278 -15.46 -16.97 -9.23
C ALA C 278 -14.05 -16.94 -9.79
N ASP C 279 -13.12 -17.65 -9.13
CA ASP C 279 -11.75 -17.73 -9.65
C ASP C 279 -11.72 -18.43 -10.99
N ALA C 280 -12.52 -19.49 -11.15
CA ALA C 280 -12.58 -20.19 -12.43
C ALA C 280 -13.12 -19.28 -13.52
N TYR C 281 -14.14 -18.48 -13.21
CA TYR C 281 -14.68 -17.54 -14.19
C TYR C 281 -13.63 -16.49 -14.56
N ARG C 282 -12.87 -16.01 -13.58
CA ARG C 282 -11.79 -15.08 -13.89
C ARG C 282 -10.77 -15.72 -14.82
N ALA C 283 -10.42 -16.98 -14.55
CA ALA C 283 -9.45 -17.68 -15.39
C ALA C 283 -9.96 -17.80 -16.82
N ILE C 284 -11.22 -18.19 -16.99
CA ILE C 284 -11.74 -18.37 -18.34
C ILE C 284 -11.87 -17.04 -19.06
N SER C 285 -12.25 -15.97 -18.35
CA SER C 285 -12.32 -14.66 -18.96
C SER C 285 -10.95 -14.19 -19.42
N LEU C 286 -9.92 -14.39 -18.59
CA LEU C 286 -8.56 -14.02 -18.98
C LEU C 286 -8.10 -14.83 -20.18
N LEU C 287 -8.42 -16.13 -20.20
CA LEU C 287 -8.11 -16.95 -21.37
C LEU C 287 -8.86 -16.47 -22.61
N LEU C 288 -9.99 -15.78 -22.43
CA LEU C 288 -10.77 -15.29 -23.55
C LEU C 288 -10.36 -13.87 -23.98
N ARG C 289 -9.26 -13.36 -23.45
CA ARG C 289 -8.73 -12.04 -23.81
C ARG C 289 -9.74 -10.92 -23.55
N ARG C 290 -10.11 -10.74 -22.28
CA ARG C 290 -10.98 -9.64 -21.89
C ARG C 290 -10.25 -8.71 -20.94
N PRO C 291 -10.36 -7.40 -21.12
CA PRO C 291 -9.68 -6.46 -20.22
C PRO C 291 -10.17 -6.63 -18.79
N PRO C 292 -9.28 -6.53 -17.82
CA PRO C 292 -9.66 -6.77 -16.42
C PRO C 292 -10.04 -5.49 -15.70
N GLY C 293 -10.51 -5.67 -14.46
CA GLY C 293 -10.85 -4.55 -13.61
C GLY C 293 -10.01 -4.51 -12.35
N ARG C 294 -10.63 -4.80 -11.20
CA ARG C 294 -9.94 -4.87 -9.92
C ARG C 294 -9.36 -6.26 -9.72
N GLU C 295 -8.09 -6.31 -9.32
CA GLU C 295 -7.31 -7.53 -9.17
C GLU C 295 -7.65 -8.56 -10.25
N ALA C 296 -7.66 -8.12 -11.51
CA ALA C 296 -7.95 -8.94 -12.68
C ALA C 296 -9.37 -9.50 -12.66
N PHE C 297 -10.22 -8.99 -11.79
CA PHE C 297 -11.60 -9.45 -11.84
C PHE C 297 -12.42 -8.61 -12.79
N PRO C 298 -13.12 -9.23 -13.74
CA PRO C 298 -14.02 -8.48 -14.62
C PRO C 298 -15.26 -8.00 -13.86
N GLY C 299 -15.95 -7.04 -14.48
CA GLY C 299 -17.11 -6.45 -13.85
C GLY C 299 -18.38 -7.29 -13.93
N ASP C 300 -18.31 -8.48 -14.51
CA ASP C 300 -19.48 -9.32 -14.72
C ASP C 300 -19.76 -10.26 -13.55
N VAL C 301 -18.92 -10.26 -12.51
CA VAL C 301 -19.12 -11.19 -11.40
C VAL C 301 -20.41 -10.88 -10.65
N PHE C 302 -20.72 -9.59 -10.48
CA PHE C 302 -21.92 -9.22 -9.76
C PHE C 302 -23.17 -9.74 -10.44
N TYR C 303 -23.19 -9.70 -11.78
CA TYR C 303 -24.36 -10.16 -12.52
C TYR C 303 -24.63 -11.64 -12.24
N LEU C 304 -23.59 -12.46 -12.30
CA LEU C 304 -23.80 -13.91 -12.13
C LEU C 304 -24.12 -14.25 -10.67
N HIS C 305 -23.44 -13.62 -9.72
CA HIS C 305 -23.79 -13.88 -8.31
C HIS C 305 -25.21 -13.44 -8.01
N SER C 306 -25.64 -12.29 -8.57
CA SER C 306 -27.02 -11.85 -8.39
C SER C 306 -27.99 -12.84 -9.00
N ARG C 307 -27.69 -13.35 -10.19
CA ARG C 307 -28.56 -14.36 -10.80
C ARG C 307 -28.72 -15.57 -9.89
N LEU C 308 -27.60 -16.12 -9.42
CA LEU C 308 -27.66 -17.31 -8.56
C LEU C 308 -28.46 -17.05 -7.30
N LEU C 309 -28.17 -15.95 -6.61
CA LEU C 309 -28.84 -15.72 -5.34
C LEU C 309 -30.24 -15.17 -5.48
N GLU C 310 -30.65 -14.77 -6.69
CA GLU C 310 -32.01 -14.31 -6.92
C GLU C 310 -32.90 -15.40 -7.52
N ARG C 311 -32.32 -16.51 -7.98
CA ARG C 311 -33.15 -17.62 -8.44
C ARG C 311 -34.07 -18.12 -7.32
N CYS C 312 -33.62 -18.02 -6.07
CA CYS C 312 -34.44 -18.46 -4.95
C CYS C 312 -35.61 -17.50 -4.74
N ALA C 313 -36.73 -18.05 -4.26
CA ALA C 313 -37.93 -17.25 -4.06
C ALA C 313 -38.90 -18.00 -3.16
N LYS C 314 -39.80 -17.24 -2.53
CA LYS C 314 -40.91 -17.81 -1.76
C LYS C 314 -42.19 -17.58 -2.55
N LEU C 315 -42.70 -18.64 -3.17
CA LEU C 315 -43.86 -18.52 -4.04
C LEU C 315 -45.12 -18.22 -3.24
N SER C 316 -46.13 -17.74 -3.94
CA SER C 316 -47.40 -17.39 -3.33
C SER C 316 -48.37 -18.57 -3.39
N ASP C 317 -49.58 -18.37 -2.87
CA ASP C 317 -50.56 -19.44 -2.84
C ASP C 317 -51.08 -19.75 -4.24
N GLU C 318 -51.08 -18.75 -5.14
CA GLU C 318 -51.57 -18.97 -6.49
C GLU C 318 -50.75 -20.02 -7.21
N LEU C 319 -49.42 -19.93 -7.12
CA LEU C 319 -48.56 -20.90 -7.80
C LEU C 319 -48.50 -22.23 -7.07
N GLY C 320 -48.64 -22.22 -5.74
CA GLY C 320 -48.66 -23.47 -4.99
C GLY C 320 -47.80 -23.46 -3.74
N GLY C 321 -46.83 -22.55 -3.68
CA GLY C 321 -45.97 -22.45 -2.52
C GLY C 321 -44.70 -23.27 -2.66
N GLY C 322 -43.79 -23.05 -1.72
CA GLY C 322 -42.51 -23.72 -1.73
C GLY C 322 -41.43 -22.81 -1.21
N SER C 323 -40.19 -23.30 -1.27
CA SER C 323 -39.06 -22.54 -0.75
C SER C 323 -37.79 -22.99 -1.43
N MET C 324 -36.84 -22.06 -1.55
CA MET C 324 -35.52 -22.31 -2.12
C MET C 324 -34.44 -21.76 -1.19
N THR C 325 -34.54 -22.08 0.09
CA THR C 325 -33.57 -21.61 1.07
C THR C 325 -32.17 -22.04 0.68
N GLY C 326 -31.28 -21.06 0.50
CA GLY C 326 -29.90 -21.32 0.11
C GLY C 326 -28.94 -20.84 1.17
N LEU C 327 -27.86 -21.59 1.37
CA LEU C 327 -26.85 -21.30 2.38
C LEU C 327 -25.46 -21.35 1.76
N PRO C 328 -25.07 -20.32 1.03
CA PRO C 328 -23.70 -20.28 0.48
C PRO C 328 -22.66 -20.06 1.58
N ILE C 329 -21.44 -20.52 1.30
CA ILE C 329 -20.31 -20.37 2.20
C ILE C 329 -19.20 -19.61 1.50
N ILE C 330 -18.63 -18.62 2.19
CA ILE C 330 -17.54 -17.80 1.69
C ILE C 330 -16.40 -17.82 2.70
N GLU C 331 -15.18 -17.99 2.21
CA GLU C 331 -13.98 -17.96 3.04
C GLU C 331 -13.24 -16.64 2.83
N THR C 332 -12.63 -16.16 3.91
CA THR C 332 -11.88 -14.90 3.88
C THR C 332 -10.48 -15.14 4.43
N LYS C 333 -9.57 -14.23 4.07
CA LYS C 333 -8.17 -14.32 4.47
C LYS C 333 -7.90 -13.26 5.54
N ALA C 334 -7.44 -13.71 6.71
CA ALA C 334 -7.08 -12.82 7.82
C ALA C 334 -8.24 -11.91 8.21
N ASN C 335 -9.46 -12.44 8.16
CA ASN C 335 -10.67 -11.71 8.54
C ASN C 335 -10.81 -10.42 7.74
N ASP C 336 -10.65 -10.54 6.42
CA ASP C 336 -10.79 -9.40 5.51
C ASP C 336 -12.23 -9.35 5.03
N ILE C 337 -13.07 -8.63 5.76
CA ILE C 337 -14.46 -8.45 5.36
C ILE C 337 -14.65 -7.30 4.38
N SER C 338 -13.66 -6.41 4.26
CA SER C 338 -13.74 -5.28 3.35
C SER C 338 -13.15 -5.58 1.98
N ALA C 339 -13.13 -6.84 1.57
CA ALA C 339 -12.62 -7.22 0.26
C ALA C 339 -13.68 -6.98 -0.81
N PHE C 340 -13.42 -7.48 -2.01
CA PHE C 340 -14.33 -7.25 -3.13
C PHE C 340 -15.50 -8.23 -3.11
N ILE C 341 -15.19 -9.51 -3.25
CA ILE C 341 -16.20 -10.58 -3.32
C ILE C 341 -17.03 -10.65 -2.04
N PRO C 342 -16.42 -10.62 -0.84
CA PRO C 342 -17.26 -10.63 0.38
C PRO C 342 -18.25 -9.47 0.45
N THR C 343 -17.82 -8.26 0.07
CA THR C 343 -18.74 -7.14 0.10
C THR C 343 -19.85 -7.30 -0.94
N ASN C 344 -19.51 -7.78 -2.13
CA ASN C 344 -20.53 -8.04 -3.14
C ASN C 344 -21.58 -9.02 -2.63
N VAL C 345 -21.12 -10.13 -2.04
CA VAL C 345 -22.06 -11.14 -1.56
C VAL C 345 -22.89 -10.61 -0.40
N ILE C 346 -22.26 -9.85 0.50
CA ILE C 346 -22.99 -9.26 1.62
C ILE C 346 -24.09 -8.33 1.11
N SER C 347 -23.77 -7.53 0.09
CA SER C 347 -24.78 -6.65 -0.50
C SER C 347 -25.92 -7.46 -1.11
N ILE C 348 -25.60 -8.56 -1.78
CA ILE C 348 -26.63 -9.34 -2.46
C ILE C 348 -27.55 -10.02 -1.44
N THR C 349 -26.97 -10.64 -0.43
CA THR C 349 -27.74 -11.54 0.43
C THR C 349 -28.57 -10.76 1.45
N ASP C 350 -29.27 -11.53 2.31
CA ASP C 350 -30.12 -10.92 3.33
C ASP C 350 -29.40 -10.80 4.67
N GLY C 351 -28.96 -11.93 5.22
CA GLY C 351 -28.25 -11.92 6.49
C GLY C 351 -26.87 -12.52 6.38
N GLN C 352 -26.20 -12.74 7.52
CA GLN C 352 -24.87 -13.33 7.52
C GLN C 352 -24.55 -13.85 8.91
N CYS C 353 -23.64 -14.82 8.95
CA CYS C 353 -23.11 -15.37 10.19
C CYS C 353 -21.59 -15.40 10.10
N PHE C 354 -20.94 -14.98 11.17
CA PHE C 354 -19.49 -14.79 11.19
C PHE C 354 -18.84 -15.78 12.14
N LEU C 355 -17.75 -16.41 11.70
CA LEU C 355 -17.00 -17.37 12.49
C LEU C 355 -15.60 -16.84 12.72
N GLU C 356 -15.18 -16.78 13.99
CA GLU C 356 -13.89 -16.24 14.38
C GLU C 356 -12.95 -17.37 14.73
N SER C 357 -11.79 -17.41 14.06
CA SER C 357 -10.83 -18.48 14.31
C SER C 357 -10.16 -18.34 15.67
N ASP C 358 -10.00 -17.12 16.17
CA ASP C 358 -9.42 -16.93 17.49
C ASP C 358 -10.27 -17.59 18.56
N LEU C 359 -11.60 -17.45 18.47
CA LEU C 359 -12.49 -18.16 19.37
C LEU C 359 -12.46 -19.66 19.13
N PHE C 360 -12.29 -20.07 17.86
CA PHE C 360 -12.22 -21.49 17.55
C PHE C 360 -11.03 -22.15 18.22
N ASN C 361 -9.89 -21.46 18.29
CA ASN C 361 -8.71 -22.01 18.93
C ASN C 361 -8.86 -22.15 20.44
N GLN C 362 -9.88 -21.55 21.03
CA GLN C 362 -10.12 -21.63 22.46
C GLN C 362 -10.99 -22.81 22.86
N GLY C 363 -11.36 -23.67 21.90
CA GLY C 363 -12.17 -24.82 22.17
C GLY C 363 -13.67 -24.60 22.03
N VAL C 364 -14.11 -23.37 21.77
CA VAL C 364 -15.53 -23.10 21.58
C VAL C 364 -15.91 -23.59 20.18
N ARG C 365 -16.45 -24.80 20.09
CA ARG C 365 -16.71 -25.44 18.81
C ARG C 365 -17.75 -24.68 17.98
N PRO C 366 -18.91 -24.29 18.55
CA PRO C 366 -19.85 -23.45 17.78
C PRO C 366 -19.43 -21.98 17.82
N ALA C 367 -18.29 -21.67 17.22
CA ALA C 367 -17.70 -20.32 17.29
C ALA C 367 -18.37 -19.41 16.25
N ILE C 368 -19.41 -18.72 16.71
CA ILE C 368 -20.10 -17.71 15.93
C ILE C 368 -20.09 -16.42 16.72
N ASN C 369 -19.63 -15.34 16.08
CA ASN C 369 -19.54 -14.04 16.73
C ASN C 369 -20.93 -13.40 16.73
N VAL C 370 -21.46 -13.15 17.93
CA VAL C 370 -22.78 -12.54 18.03
C VAL C 370 -22.69 -11.04 17.73
N GLY C 371 -21.48 -10.51 17.65
CA GLY C 371 -21.32 -9.08 17.47
C GLY C 371 -21.86 -8.57 16.14
N VAL C 372 -21.53 -9.27 15.06
CA VAL C 372 -21.85 -8.77 13.72
C VAL C 372 -22.91 -9.64 13.05
N SER C 373 -23.06 -10.87 13.53
CA SER C 373 -24.06 -11.77 12.96
C SER C 373 -25.46 -11.28 13.29
N VAL C 374 -26.32 -11.22 12.26
CA VAL C 374 -27.66 -10.69 12.43
C VAL C 374 -28.50 -11.10 11.23
N SER C 375 -29.81 -11.20 11.44
CA SER C 375 -30.77 -11.46 10.37
C SER C 375 -31.87 -10.43 10.43
N ARG C 376 -32.32 -9.97 9.26
CA ARG C 376 -33.37 -8.96 9.19
C ARG C 376 -34.75 -9.58 9.05
N VAL C 377 -34.92 -10.47 8.06
CA VAL C 377 -36.22 -11.06 7.81
C VAL C 377 -36.66 -11.97 8.95
N GLY C 378 -35.71 -12.69 9.56
CA GLY C 378 -36.04 -13.61 10.63
C GLY C 378 -36.65 -12.94 11.84
N GLY C 379 -37.40 -13.71 12.62
CA GLY C 379 -38.09 -13.21 13.79
C GLY C 379 -39.60 -13.30 13.71
N ALA C 380 -40.18 -13.08 12.52
CA ALA C 380 -41.62 -13.22 12.37
C ALA C 380 -42.03 -14.68 12.36
N ALA C 381 -41.24 -15.54 11.71
CA ALA C 381 -41.56 -16.95 11.61
C ALA C 381 -41.17 -17.75 12.85
N GLN C 382 -40.45 -17.15 13.78
CA GLN C 382 -40.01 -17.87 14.97
C GLN C 382 -41.21 -18.24 15.83
N ILE C 383 -41.08 -19.36 16.55
CA ILE C 383 -42.15 -19.81 17.44
C ILE C 383 -42.31 -18.81 18.58
N LYS C 384 -43.57 -18.49 18.92
CA LYS C 384 -43.83 -17.53 19.98
C LYS C 384 -43.25 -18.01 21.31
N ALA C 385 -43.40 -19.30 21.60
CA ALA C 385 -42.77 -19.85 22.80
C ALA C 385 -41.26 -19.69 22.74
N MET C 386 -40.67 -19.92 21.58
CA MET C 386 -39.25 -19.70 21.40
C MET C 386 -38.90 -18.21 21.56
N LYS C 387 -39.76 -17.34 21.03
CA LYS C 387 -39.52 -15.90 21.13
C LYS C 387 -39.64 -15.38 22.56
N GLU C 388 -40.39 -16.05 23.42
CA GLU C 388 -40.61 -15.56 24.78
C GLU C 388 -39.84 -16.36 25.83
N VAL C 389 -39.21 -17.46 25.42
CA VAL C 389 -38.42 -18.25 26.36
C VAL C 389 -37.02 -17.65 26.46
N ALA C 390 -36.59 -17.00 25.39
CA ALA C 390 -35.29 -16.35 25.34
C ALA C 390 -35.49 -14.84 25.51
N GLY C 391 -35.30 -14.36 26.73
CA GLY C 391 -35.52 -12.95 26.98
C GLY C 391 -34.31 -12.10 26.69
N SER C 392 -34.27 -11.53 25.48
CA SER C 392 -33.24 -10.62 25.01
C SER C 392 -31.84 -11.01 25.46
N LEU C 393 -31.40 -12.22 25.09
CA LEU C 393 -30.06 -12.66 25.47
C LEU C 393 -28.97 -11.86 24.79
N ARG C 394 -29.29 -11.12 23.74
CA ARG C 394 -28.27 -10.36 23.02
C ARG C 394 -27.65 -9.28 23.91
N LEU C 395 -28.49 -8.55 24.65
CA LEU C 395 -27.96 -7.51 25.53
C LEU C 395 -27.16 -8.13 26.67
N ASP C 396 -27.60 -9.29 27.17
CA ASP C 396 -26.83 -9.96 28.21
C ASP C 396 -25.45 -10.37 27.69
N LEU C 397 -25.38 -10.90 26.47
CA LEU C 397 -24.10 -11.32 25.92
C LEU C 397 -23.19 -10.12 25.68
N SER C 398 -23.73 -9.03 25.12
CA SER C 398 -22.92 -7.84 24.90
C SER C 398 -22.46 -7.23 26.22
N GLN C 399 -23.33 -7.23 27.23
CA GLN C 399 -22.97 -6.75 28.55
C GLN C 399 -21.85 -7.60 29.15
N TYR C 400 -21.93 -8.92 28.99
CA TYR C 400 -20.86 -9.79 29.49
C TYR C 400 -19.55 -9.50 28.76
N ARG C 401 -19.60 -9.29 27.45
CA ARG C 401 -18.39 -8.99 26.70
C ARG C 401 -17.74 -7.70 27.18
N GLU C 402 -18.52 -6.63 27.32
CA GLU C 402 -17.95 -5.37 27.79
C GLU C 402 -17.50 -5.48 29.24
N LEU C 403 -18.22 -6.26 30.06
CA LEU C 403 -17.84 -6.42 31.46
C LEU C 403 -16.50 -7.13 31.59
N GLU C 404 -16.28 -8.20 30.81
CA GLU C 404 -14.98 -8.86 30.86
C GLU C 404 -13.89 -8.00 30.26
N ALA C 405 -14.22 -7.20 29.24
CA ALA C 405 -13.24 -6.26 28.71
C ALA C 405 -12.79 -5.26 29.77
N PHE C 406 -13.74 -4.76 30.56
CA PHE C 406 -13.41 -3.84 31.65
C PHE C 406 -12.65 -4.55 32.77
N ALA C 407 -13.06 -5.78 33.11
CA ALA C 407 -12.46 -6.50 34.22
C ALA C 407 -11.13 -7.15 33.88
N ALA C 408 -10.71 -7.09 32.61
CA ALA C 408 -9.42 -7.65 32.22
C ALA C 408 -8.29 -7.11 33.10
N PHE C 409 -8.26 -5.80 33.32
CA PHE C 409 -7.24 -5.23 34.20
C PHE C 409 -7.64 -5.26 35.66
N ALA C 410 -8.94 -5.30 35.95
CA ALA C 410 -9.41 -5.33 37.33
C ALA C 410 -9.87 -6.74 37.72
N ASP C 414 -17.16 -5.42 42.86
CA ASP C 414 -18.59 -5.24 42.66
C ASP C 414 -19.32 -6.58 42.66
N ALA C 415 -20.18 -6.77 43.66
CA ALA C 415 -20.93 -8.01 43.77
C ALA C 415 -21.90 -8.16 42.60
N ALA C 416 -22.58 -7.07 42.22
CA ALA C 416 -23.50 -7.14 41.09
C ALA C 416 -22.77 -7.49 39.81
N SER C 417 -21.62 -6.86 39.58
CA SER C 417 -20.82 -7.19 38.41
C SER C 417 -20.33 -8.64 38.46
N LYS C 418 -19.97 -9.11 39.65
CA LYS C 418 -19.53 -10.50 39.79
C LYS C 418 -20.65 -11.47 39.41
N ALA C 419 -21.86 -11.21 39.90
CA ALA C 419 -22.99 -12.07 39.56
C ALA C 419 -23.28 -12.00 38.06
N GLN C 420 -23.22 -10.80 37.48
CA GLN C 420 -23.48 -10.65 36.06
C GLN C 420 -22.47 -11.42 35.22
N LEU C 421 -21.18 -11.34 35.58
CA LEU C 421 -20.17 -12.04 34.81
C LEU C 421 -20.28 -13.55 35.01
N ASP C 422 -20.64 -14.00 36.21
CA ASP C 422 -20.85 -15.42 36.42
C ASP C 422 -22.00 -15.93 35.55
N ARG C 423 -23.11 -15.19 35.51
CA ARG C 423 -24.24 -15.58 34.67
C ARG C 423 -23.85 -15.58 33.20
N GLY C 424 -23.09 -14.57 32.77
CA GLY C 424 -22.65 -14.53 31.40
C GLY C 424 -21.75 -15.69 31.03
N ALA C 425 -20.85 -16.06 31.94
CA ALA C 425 -19.98 -17.22 31.70
C ALA C 425 -20.79 -18.50 31.59
N ARG C 426 -21.76 -18.68 32.49
CA ARG C 426 -22.60 -19.88 32.40
C ARG C 426 -23.37 -19.92 31.08
N LEU C 427 -23.94 -18.78 30.67
CA LEU C 427 -24.68 -18.73 29.43
C LEU C 427 -23.80 -19.02 28.23
N VAL C 428 -22.60 -18.44 28.20
CA VAL C 428 -21.68 -18.67 27.10
C VAL C 428 -21.29 -20.14 27.03
N GLU C 429 -20.95 -20.73 28.17
CA GLU C 429 -20.56 -22.13 28.19
C GLU C 429 -21.72 -23.06 27.84
N LEU C 430 -22.96 -22.61 28.05
CA LEU C 430 -24.12 -23.45 27.76
C LEU C 430 -24.22 -23.75 26.27
N LEU C 431 -23.91 -22.75 25.43
CA LEU C 431 -24.15 -22.89 23.99
C LEU C 431 -23.25 -23.91 23.32
N LYS C 432 -22.20 -24.38 24.00
CA LYS C 432 -21.29 -25.35 23.43
C LYS C 432 -22.02 -26.65 23.09
N GLN C 433 -21.78 -27.16 21.88
CA GLN C 433 -22.44 -28.37 21.41
C GLN C 433 -21.41 -29.32 20.81
N PRO C 434 -21.58 -30.62 21.00
CA PRO C 434 -20.66 -31.58 20.39
C PRO C 434 -20.94 -31.75 18.90
N GLN C 435 -20.03 -32.46 18.23
CA GLN C 435 -20.18 -32.74 16.81
C GLN C 435 -21.44 -33.54 16.53
N TYR C 436 -22.12 -33.17 15.44
CA TYR C 436 -23.40 -33.78 15.04
C TYR C 436 -24.39 -33.58 16.18
N SER C 437 -25.17 -34.58 16.57
CA SER C 437 -26.21 -34.49 17.58
C SER C 437 -27.12 -33.29 17.36
N PRO C 438 -27.83 -33.22 16.24
CA PRO C 438 -28.77 -32.10 16.03
C PRO C 438 -29.97 -32.22 16.94
N LEU C 439 -30.14 -31.22 17.80
CA LEU C 439 -31.24 -31.24 18.77
C LEU C 439 -32.54 -30.77 18.14
N ALA C 440 -33.65 -31.35 18.62
CA ALA C 440 -34.97 -30.94 18.20
C ALA C 440 -35.43 -29.72 18.99
N VAL C 441 -36.63 -29.23 18.65
CA VAL C 441 -37.10 -27.97 19.20
C VAL C 441 -37.39 -28.11 20.69
N GLU C 442 -37.92 -29.26 21.11
CA GLU C 442 -38.38 -29.40 22.49
C GLU C 442 -37.24 -29.28 23.48
N GLU C 443 -36.17 -30.06 23.30
CA GLU C 443 -35.04 -29.97 24.22
C GLU C 443 -34.30 -28.65 24.05
N GLN C 444 -34.32 -28.08 22.84
CA GLN C 444 -33.73 -26.75 22.66
C GLN C 444 -34.42 -25.72 23.54
N VAL C 445 -35.75 -25.66 23.48
CA VAL C 445 -36.46 -24.68 24.29
C VAL C 445 -36.36 -25.01 25.77
N VAL C 446 -36.28 -26.30 26.12
CA VAL C 446 -36.11 -26.66 27.53
C VAL C 446 -34.78 -26.15 28.06
N ALA C 447 -33.71 -26.36 27.29
CA ALA C 447 -32.39 -25.88 27.71
C ALA C 447 -32.35 -24.37 27.75
N ILE C 448 -33.01 -23.71 26.79
CA ILE C 448 -33.05 -22.25 26.79
C ILE C 448 -33.76 -21.73 28.04
N PHE C 449 -34.87 -22.37 28.41
CA PHE C 449 -35.57 -22.01 29.64
C PHE C 449 -34.67 -22.23 30.86
N LEU C 450 -33.96 -23.36 30.89
CA LEU C 450 -33.09 -23.65 32.02
C LEU C 450 -32.02 -22.59 32.19
N GLY C 451 -31.37 -22.20 31.08
CA GLY C 451 -30.33 -21.20 31.16
C GLY C 451 -30.87 -19.81 31.47
N THR C 452 -31.91 -19.39 30.76
CA THR C 452 -32.40 -18.02 30.86
C THR C 452 -33.01 -17.75 32.24
N GLN C 453 -33.73 -18.73 32.79
CA GLN C 453 -34.38 -18.54 34.09
C GLN C 453 -33.38 -18.19 35.17
N GLY C 454 -32.18 -18.75 35.10
CA GLY C 454 -31.19 -18.55 36.13
C GLY C 454 -30.77 -19.81 36.87
N HIS C 455 -31.04 -20.98 36.31
CA HIS C 455 -30.59 -22.22 36.91
C HIS C 455 -29.08 -22.38 36.74
N LEU C 456 -28.55 -23.42 37.37
CA LEU C 456 -27.14 -23.79 37.28
C LEU C 456 -26.21 -22.73 37.87
N ASP C 457 -26.76 -21.79 38.65
CA ASP C 457 -25.93 -20.77 39.27
C ASP C 457 -24.97 -21.40 40.28
N SER C 458 -25.44 -22.36 41.06
CA SER C 458 -24.59 -23.05 42.03
C SER C 458 -23.80 -24.18 41.40
N VAL C 459 -24.15 -24.61 40.20
CA VAL C 459 -23.48 -25.72 39.52
C VAL C 459 -22.16 -25.24 38.95
N PRO C 460 -21.04 -25.88 39.29
CA PRO C 460 -19.76 -25.53 38.66
C PRO C 460 -19.81 -25.74 37.16
N VAL C 461 -19.07 -24.91 36.42
CA VAL C 461 -19.11 -24.94 34.96
C VAL C 461 -18.60 -26.27 34.44
N GLU C 462 -17.56 -26.83 35.06
CA GLU C 462 -16.90 -28.01 34.52
C GLU C 462 -17.84 -29.20 34.40
N ASP C 463 -18.85 -29.27 35.26
CA ASP C 463 -19.80 -30.38 35.24
C ASP C 463 -21.13 -30.00 34.59
N VAL C 464 -21.20 -28.85 33.91
CA VAL C 464 -22.47 -28.41 33.35
C VAL C 464 -22.88 -29.29 32.18
N GLN C 465 -21.97 -29.51 31.23
CA GLN C 465 -22.32 -30.15 29.96
C GLN C 465 -23.07 -31.46 30.17
N ARG C 466 -22.42 -32.42 30.82
CA ARG C 466 -23.06 -33.71 31.06
C ARG C 466 -24.39 -33.53 31.79
N PHE C 467 -24.43 -32.63 32.77
CA PHE C 467 -25.68 -32.35 33.47
C PHE C 467 -26.77 -31.96 32.47
N GLU C 468 -26.46 -31.00 31.59
CA GLU C 468 -27.45 -30.53 30.63
C GLU C 468 -27.94 -31.64 29.73
N SER C 469 -27.18 -32.74 29.62
CA SER C 469 -27.67 -33.90 28.90
C SER C 469 -28.53 -34.78 29.80
N GLU C 470 -28.00 -35.16 30.95
CA GLU C 470 -28.60 -36.26 31.72
C GLU C 470 -30.03 -35.93 32.14
N LEU C 471 -30.23 -34.71 32.65
CA LEU C 471 -31.57 -34.27 33.01
C LEU C 471 -32.54 -34.47 31.85
N LEU C 472 -32.14 -34.00 30.66
CA LEU C 472 -32.98 -34.18 29.49
C LEU C 472 -33.38 -35.63 29.31
N GLU C 473 -32.41 -36.55 29.45
CA GLU C 473 -32.73 -37.97 29.28
C GLU C 473 -33.78 -38.41 30.28
N HIS C 474 -33.65 -37.97 31.53
CA HIS C 474 -34.68 -38.31 32.51
C HIS C 474 -36.04 -37.75 32.10
N VAL C 475 -36.07 -36.53 31.57
CA VAL C 475 -37.32 -35.97 31.08
C VAL C 475 -37.86 -36.81 29.92
N LYS C 476 -36.98 -37.40 29.11
CA LYS C 476 -37.43 -38.30 28.06
C LYS C 476 -38.04 -39.57 28.66
N ALA C 477 -37.57 -40.00 29.82
CA ALA C 477 -38.09 -41.21 30.44
C ALA C 477 -39.36 -40.91 31.22
N SER C 478 -39.26 -40.07 32.24
CA SER C 478 -40.39 -39.68 33.05
C SER C 478 -40.93 -38.33 32.62
N HIS C 479 -42.26 -38.19 32.60
CA HIS C 479 -42.92 -36.95 32.24
C HIS C 479 -42.61 -36.54 30.79
N SER C 480 -42.62 -37.53 29.89
CA SER C 480 -42.42 -37.24 28.48
C SER C 480 -43.60 -36.50 27.86
N ASP C 481 -44.73 -36.41 28.58
CA ASP C 481 -45.89 -35.70 28.05
C ASP C 481 -45.63 -34.21 27.90
N ILE C 482 -44.60 -33.70 28.58
CA ILE C 482 -44.27 -32.28 28.47
C ILE C 482 -43.92 -31.92 27.03
N PHE C 483 -43.14 -32.78 26.37
CA PHE C 483 -42.80 -32.55 24.97
C PHE C 483 -44.04 -32.58 24.08
N ASP C 484 -45.07 -33.33 24.48
CA ASP C 484 -46.27 -33.43 23.67
C ASP C 484 -46.99 -32.08 23.58
N GLY C 485 -47.06 -31.36 24.70
CA GLY C 485 -47.68 -30.05 24.66
C GLY C 485 -46.95 -29.08 23.75
N ILE C 486 -45.61 -29.13 23.77
CA ILE C 486 -44.84 -28.26 22.89
C ILE C 486 -45.05 -28.66 21.43
N ARG C 487 -45.15 -29.97 21.16
CA ARG C 487 -45.43 -30.42 19.81
C ARG C 487 -46.80 -29.95 19.32
N GLU C 488 -47.79 -29.95 20.20
CA GLU C 488 -49.16 -29.65 19.78
C GLU C 488 -49.44 -28.15 19.74
N THR C 489 -49.35 -27.48 20.89
CA THR C 489 -49.75 -26.07 20.95
C THR C 489 -48.60 -25.11 20.72
N LYS C 490 -47.35 -25.61 20.68
CA LYS C 490 -46.17 -24.78 20.42
C LYS C 490 -46.06 -23.61 21.39
N LYS C 491 -46.60 -23.79 22.60
CA LYS C 491 -46.43 -22.82 23.68
C LYS C 491 -46.28 -23.59 24.98
N LEU C 492 -45.67 -22.93 25.96
CA LEU C 492 -45.47 -23.54 27.28
C LEU C 492 -46.55 -23.04 28.23
N SER C 493 -47.24 -23.98 28.87
CA SER C 493 -48.33 -23.65 29.77
C SER C 493 -47.83 -23.57 31.21
N GLU C 494 -48.68 -23.06 32.09
CA GLU C 494 -48.32 -22.91 33.50
C GLU C 494 -48.16 -24.27 34.19
N GLU C 495 -49.13 -25.17 33.97
CA GLU C 495 -49.06 -26.48 34.60
C GLU C 495 -47.81 -27.24 34.19
N ALA C 496 -47.52 -27.25 32.88
CA ALA C 496 -46.35 -27.96 32.40
C ALA C 496 -45.06 -27.36 32.96
N GLU C 497 -44.96 -26.03 32.97
CA GLU C 497 -43.73 -25.40 33.45
C GLU C 497 -43.54 -25.64 34.94
N GLU C 498 -44.60 -25.56 35.74
CA GLU C 498 -44.44 -25.85 37.16
C GLU C 498 -44.14 -27.32 37.41
N LYS C 499 -44.72 -28.22 36.61
CA LYS C 499 -44.40 -29.64 36.75
C LYS C 499 -42.93 -29.90 36.46
N LEU C 500 -42.40 -29.30 35.39
CA LEU C 500 -41.00 -29.52 35.08
C LEU C 500 -40.08 -28.84 36.09
N VAL C 501 -40.51 -27.70 36.64
CA VAL C 501 -39.74 -27.06 37.71
C VAL C 501 -39.64 -27.99 38.91
N SER C 502 -40.76 -28.60 39.30
CA SER C 502 -40.74 -29.55 40.40
C SER C 502 -39.87 -30.76 40.06
N VAL C 503 -39.93 -31.23 38.82
CA VAL C 503 -39.15 -32.40 38.41
C VAL C 503 -37.66 -32.11 38.53
N ILE C 504 -37.23 -30.96 38.02
CA ILE C 504 -35.81 -30.62 38.08
C ILE C 504 -35.40 -30.33 39.53
N ASN C 505 -36.31 -29.80 40.34
CA ASN C 505 -36.03 -29.65 41.76
C ASN C 505 -35.84 -30.99 42.44
N GLU C 506 -36.53 -32.02 41.97
CA GLU C 506 -36.38 -33.37 42.51
C GLU C 506 -35.28 -34.17 41.82
N PHE C 507 -34.57 -33.57 40.88
CA PHE C 507 -33.50 -34.26 40.15
C PHE C 507 -32.10 -33.75 40.51
N LYS C 508 -31.96 -32.45 40.79
CA LYS C 508 -30.64 -31.89 41.06
C LYS C 508 -30.01 -32.51 42.29
N LYS C 509 -30.82 -32.97 43.24
CA LYS C 509 -30.28 -33.66 44.40
C LYS C 509 -29.77 -35.06 44.07
N GLY C 510 -30.26 -35.66 42.99
CA GLY C 510 -29.83 -36.97 42.55
C GLY C 510 -28.61 -37.01 41.67
N PHE C 511 -28.00 -35.87 41.38
CA PHE C 511 -26.80 -35.79 40.57
C PHE C 511 -25.66 -35.24 41.41
N GLN C 512 -24.47 -35.81 41.22
CA GLN C 512 -23.31 -35.45 42.01
C GLN C 512 -22.13 -35.16 41.08
N ALA C 513 -21.22 -34.32 41.57
CA ALA C 513 -20.02 -33.95 40.83
C ALA C 513 -18.83 -33.94 41.77
N SER C 514 -17.64 -33.92 41.19
CA SER C 514 -16.41 -33.90 41.97
C SER C 514 -16.34 -32.66 42.85
N ASP C 515 -16.69 -31.50 42.29
CA ASP C 515 -16.72 -30.25 43.02
C ASP C 515 -18.11 -29.62 43.05
N GLY C 516 -19.16 -30.35 42.67
CA GLY C 516 -20.50 -29.80 42.59
C GLY C 516 -21.42 -30.43 43.61
N SER C 517 -22.31 -29.60 44.17
CA SER C 517 -23.32 -30.04 45.11
C SER C 517 -24.64 -29.34 44.78
N SER C 518 -25.74 -29.96 45.22
CA SER C 518 -27.05 -29.39 44.96
C SER C 518 -27.21 -28.04 45.63
N VAL C 519 -27.92 -27.14 44.98
CA VAL C 519 -28.12 -25.79 45.53
C VAL C 519 -28.91 -25.87 46.83
N VAL C 520 -29.91 -26.75 46.88
CA VAL C 520 -30.72 -26.96 48.08
C VAL C 520 -31.35 -25.66 48.57
N THR D 14 13.36 14.51 -56.59
CA THR D 14 14.23 14.26 -55.45
C THR D 14 13.70 14.95 -54.20
N ALA D 15 12.61 15.69 -54.35
CA ALA D 15 12.06 16.43 -53.23
C ALA D 15 11.36 15.52 -52.23
N GLY D 16 10.58 14.56 -52.71
CA GLY D 16 9.74 13.76 -51.83
C GLY D 16 8.49 14.53 -51.42
N ARG D 17 7.69 13.88 -50.58
CA ARG D 17 6.43 14.49 -50.17
C ARG D 17 6.01 13.98 -48.81
N VAL D 18 5.15 14.75 -48.16
CA VAL D 18 4.59 14.37 -46.87
C VAL D 18 3.39 13.46 -47.10
N VAL D 19 3.24 12.45 -46.25
CA VAL D 19 2.15 11.49 -46.37
C VAL D 19 1.23 11.52 -45.15
N ARG D 20 1.79 11.64 -43.95
CA ARG D 20 0.99 11.66 -42.73
C ARG D 20 1.44 12.82 -41.85
N ILE D 21 0.48 13.47 -41.20
CA ILE D 21 0.78 14.46 -40.18
C ILE D 21 -0.08 14.16 -38.95
N THR D 22 0.55 14.04 -37.79
CA THR D 22 -0.15 13.74 -36.57
C THR D 22 0.67 14.27 -35.39
N GLY D 23 0.23 15.40 -34.84
CA GLY D 23 0.95 16.05 -33.78
C GLY D 23 2.34 16.47 -34.22
N PRO D 24 3.32 16.32 -33.34
CA PRO D 24 4.69 16.75 -33.67
C PRO D 24 5.38 15.88 -34.70
N VAL D 25 4.96 14.63 -34.88
CA VAL D 25 5.67 13.70 -35.75
C VAL D 25 5.10 13.78 -37.17
N VAL D 26 5.98 13.67 -38.16
CA VAL D 26 5.61 13.76 -39.57
C VAL D 26 6.21 12.56 -40.30
N ASP D 27 5.58 12.21 -41.42
CA ASP D 27 6.00 11.07 -42.23
C ASP D 27 6.26 11.53 -43.66
N VAL D 28 7.45 11.20 -44.18
CA VAL D 28 7.89 11.70 -45.48
C VAL D 28 8.31 10.51 -46.34
N GLU D 29 8.13 10.65 -47.65
CA GLU D 29 8.58 9.65 -48.61
C GLU D 29 9.45 10.31 -49.67
N PHE D 30 10.39 9.55 -50.19
CA PHE D 30 11.38 10.03 -51.15
C PHE D 30 11.48 9.07 -52.32
N PRO D 31 11.94 9.56 -53.47
CA PRO D 31 12.22 8.65 -54.58
C PRO D 31 13.36 7.70 -54.23
N ARG D 32 13.35 6.52 -54.86
CA ARG D 32 14.34 5.50 -54.56
C ARG D 32 15.75 6.00 -54.89
N GLY D 33 16.67 5.79 -53.96
CA GLY D 33 18.05 6.21 -54.11
C GLY D 33 18.38 7.54 -53.49
N SER D 34 17.37 8.36 -53.19
CA SER D 34 17.59 9.69 -52.62
C SER D 34 17.19 9.77 -51.16
N VAL D 35 17.10 8.64 -50.48
CA VAL D 35 16.73 8.64 -49.06
C VAL D 35 17.84 9.30 -48.25
N PRO D 36 17.52 10.28 -47.41
CA PRO D 36 18.57 10.93 -46.62
C PRO D 36 19.02 10.07 -45.45
N GLU D 37 20.25 10.31 -45.03
CA GLU D 37 20.80 9.57 -43.90
C GLU D 37 20.16 10.04 -42.59
N LEU D 38 20.60 9.44 -41.49
CA LEU D 38 20.03 9.78 -40.19
C LEU D 38 20.52 11.15 -39.73
N PHE D 39 19.70 11.79 -38.89
CA PHE D 39 20.04 13.04 -38.22
C PHE D 39 20.27 14.19 -39.19
N ASN D 40 19.71 14.11 -40.39
CA ASN D 40 19.85 15.18 -41.37
C ASN D 40 18.81 16.27 -41.08
N ALA D 41 18.72 17.26 -41.97
CA ALA D 41 17.77 18.35 -41.83
C ALA D 41 17.06 18.58 -43.15
N LEU D 42 15.77 18.87 -43.08
CA LEU D 42 14.93 19.10 -44.25
C LEU D 42 14.13 20.38 -44.06
N HIS D 43 13.71 20.97 -45.17
CA HIS D 43 12.98 22.24 -45.17
C HIS D 43 11.61 22.07 -45.81
N ALA D 44 10.60 22.69 -45.21
CA ALA D 44 9.25 22.69 -45.72
C ALA D 44 8.66 24.09 -45.57
N GLU D 45 7.66 24.40 -46.40
CA GLU D 45 7.10 25.75 -46.47
C GLU D 45 5.62 25.73 -46.10
N ILE D 46 5.19 26.75 -45.38
CA ILE D 46 3.78 26.99 -45.06
C ILE D 46 3.35 28.25 -45.79
N THR D 47 2.31 28.14 -46.61
CA THR D 47 1.89 29.22 -47.49
C THR D 47 0.70 30.01 -46.95
N PHE D 48 0.18 29.67 -45.78
CA PHE D 48 -0.98 30.38 -45.26
C PHE D 48 -0.59 31.80 -44.86
N GLY D 49 -1.49 32.75 -45.16
CA GLY D 49 -1.18 34.15 -44.92
C GLY D 49 -1.05 34.49 -43.45
N ALA D 50 -1.96 33.96 -42.63
CA ALA D 50 -1.98 34.33 -41.21
C ALA D 50 -0.73 33.86 -40.50
N LEU D 51 -0.22 32.68 -40.84
CA LEU D 51 0.95 32.11 -40.19
C LEU D 51 1.87 31.55 -41.27
N ALA D 52 2.94 32.27 -41.57
CA ALA D 52 3.94 31.82 -42.53
C ALA D 52 5.24 31.47 -41.81
N LYS D 53 5.74 30.28 -42.07
CA LYS D 53 6.95 29.80 -41.42
C LYS D 53 7.75 28.95 -42.40
N THR D 54 8.96 28.60 -42.00
CA THR D 54 9.78 27.63 -42.73
C THR D 54 10.11 26.49 -41.77
N LEU D 55 9.37 25.40 -41.90
CA LEU D 55 9.53 24.26 -41.02
C LEU D 55 10.86 23.56 -41.29
N THR D 56 11.58 23.25 -40.23
CA THR D 56 12.79 22.44 -40.30
C THR D 56 12.54 21.09 -39.65
N LEU D 57 12.76 20.03 -40.40
CA LEU D 57 12.46 18.67 -39.96
C LEU D 57 13.77 17.92 -39.74
N GLU D 58 13.78 17.06 -38.72
CA GLU D 58 14.93 16.24 -38.39
C GLU D 58 14.51 14.77 -38.47
N VAL D 59 15.15 14.03 -39.37
CA VAL D 59 14.80 12.63 -39.58
C VAL D 59 15.28 11.80 -38.41
N ALA D 60 14.44 10.89 -37.94
CA ALA D 60 14.79 10.08 -36.79
C ALA D 60 14.48 8.59 -36.91
N GLN D 61 13.65 8.16 -37.87
CA GLN D 61 13.30 6.75 -37.99
C GLN D 61 13.31 6.35 -39.46
N HIS D 62 14.09 5.32 -39.79
CA HIS D 62 14.05 4.71 -41.11
C HIS D 62 13.01 3.61 -41.14
N LEU D 63 12.21 3.57 -42.21
CA LEU D 63 11.16 2.58 -42.39
C LEU D 63 11.31 1.94 -43.77
N GLY D 64 10.46 0.97 -44.04
CA GLY D 64 10.45 0.32 -45.34
C GLY D 64 9.81 1.18 -46.40
N ASP D 65 9.95 0.73 -47.65
CA ASP D 65 9.37 1.40 -48.82
C ASP D 65 9.88 2.84 -48.96
N SER D 66 11.08 3.10 -48.46
CA SER D 66 11.71 4.42 -48.53
C SER D 66 10.87 5.50 -47.85
N LEU D 67 10.27 5.20 -46.72
CA LEU D 67 9.59 6.19 -45.89
C LEU D 67 10.40 6.47 -44.63
N VAL D 68 10.28 7.70 -44.13
CA VAL D 68 11.02 8.12 -42.97
C VAL D 68 10.09 8.85 -42.01
N ARG D 69 10.26 8.56 -40.72
CA ARG D 69 9.59 9.31 -39.67
C ARG D 69 10.50 10.41 -39.14
N CYS D 70 9.98 11.63 -39.12
CA CYS D 70 10.75 12.80 -38.73
C CYS D 70 10.01 13.54 -37.63
N ILE D 71 10.78 14.31 -36.86
CA ILE D 71 10.22 15.15 -35.81
C ILE D 71 10.26 16.60 -36.28
N SER D 72 9.33 17.39 -35.77
CA SER D 72 9.21 18.79 -36.14
C SER D 72 9.94 19.67 -35.13
N MET D 73 10.33 20.86 -35.59
CA MET D 73 11.08 21.80 -34.77
C MET D 73 10.23 22.95 -34.24
N GLN D 74 9.17 23.33 -34.95
CA GLN D 74 8.29 24.41 -34.54
C GLN D 74 6.85 23.96 -34.82
N PRO D 75 5.84 24.59 -34.21
CA PRO D 75 4.48 24.06 -34.32
C PRO D 75 4.03 23.90 -35.76
N THR D 76 3.26 22.84 -36.01
CA THR D 76 2.94 22.39 -37.35
C THR D 76 1.53 22.77 -37.79
N ASP D 77 0.88 23.73 -37.12
CA ASP D 77 -0.46 24.14 -37.51
C ASP D 77 -0.46 24.74 -38.90
N GLY D 78 -1.40 24.30 -39.74
CA GLY D 78 -1.58 24.83 -41.06
C GLY D 78 -1.01 24.01 -42.19
N LEU D 79 -0.22 22.99 -41.90
CA LEU D 79 0.40 22.19 -42.95
C LEU D 79 -0.62 21.25 -43.58
N VAL D 80 -0.40 20.92 -44.86
CA VAL D 80 -1.30 20.09 -45.63
C VAL D 80 -0.49 18.97 -46.28
N ARG D 81 -1.16 18.15 -47.07
CA ARG D 81 -0.52 17.03 -47.76
C ARG D 81 0.00 17.46 -49.13
N GLY D 82 0.98 16.71 -49.62
CA GLY D 82 1.52 16.94 -50.95
C GLY D 82 2.56 18.03 -51.05
N VAL D 83 2.88 18.71 -49.95
CA VAL D 83 3.86 19.79 -49.98
C VAL D 83 5.25 19.19 -50.14
N GLU D 84 6.01 19.72 -51.09
CA GLU D 84 7.36 19.22 -51.34
C GLU D 84 8.30 19.62 -50.21
N VAL D 85 9.40 18.87 -50.09
CA VAL D 85 10.38 19.05 -49.03
C VAL D 85 11.77 19.09 -49.65
N THR D 86 12.62 19.98 -49.16
CA THR D 86 13.98 20.11 -49.64
C THR D 86 14.95 19.55 -48.60
N ASP D 87 15.99 18.88 -49.08
CA ASP D 87 16.97 18.22 -48.23
C ASP D 87 18.25 19.05 -48.15
N THR D 88 18.77 19.20 -46.92
CA THR D 88 20.00 19.94 -46.72
C THR D 88 21.22 19.06 -46.96
N GLY D 89 21.16 17.81 -46.49
CA GLY D 89 22.28 16.90 -46.65
C GLY D 89 23.30 16.92 -45.55
N ALA D 90 23.02 17.63 -44.45
CA ALA D 90 23.93 17.68 -43.32
C ALA D 90 23.15 17.98 -42.06
N SER D 91 23.74 17.65 -40.91
CA SER D 91 23.09 17.91 -39.65
C SER D 91 22.99 19.42 -39.40
N ILE D 92 22.19 19.79 -38.41
CA ILE D 92 22.07 21.19 -38.04
C ILE D 92 23.41 21.69 -37.50
N SER D 93 23.70 22.96 -37.77
CA SER D 93 24.96 23.56 -37.37
C SER D 93 24.70 24.93 -36.75
N VAL D 94 25.63 25.35 -35.91
CA VAL D 94 25.49 26.60 -35.16
C VAL D 94 26.75 27.45 -35.36
N PRO D 95 26.66 28.77 -35.24
CA PRO D 95 27.87 29.59 -35.33
C PRO D 95 28.81 29.34 -34.16
N VAL D 96 30.11 29.45 -34.45
CA VAL D 96 31.14 29.27 -33.44
C VAL D 96 32.07 30.48 -33.47
N GLY D 97 33.01 30.49 -32.55
CA GLY D 97 33.95 31.59 -32.40
C GLY D 97 33.66 32.40 -31.15
N ASP D 98 34.63 33.28 -30.83
CA ASP D 98 34.51 34.16 -29.69
C ASP D 98 33.66 35.39 -29.98
N GLY D 99 33.21 35.56 -31.22
CA GLY D 99 32.37 36.67 -31.60
C GLY D 99 30.90 36.48 -31.33
N VAL D 100 30.53 35.38 -30.67
CA VAL D 100 29.13 35.13 -30.36
C VAL D 100 28.79 35.55 -28.93
N LYS D 101 29.78 35.58 -28.05
CA LYS D 101 29.52 35.91 -26.66
C LYS D 101 29.09 37.37 -26.53
N GLY D 102 28.23 37.62 -25.53
CA GLY D 102 27.60 38.91 -25.38
C GLY D 102 26.27 39.06 -26.08
N HIS D 103 25.70 37.96 -26.59
CA HIS D 103 24.43 37.99 -27.30
C HIS D 103 23.56 36.84 -26.83
N VAL D 104 22.24 37.03 -26.91
CA VAL D 104 21.29 35.96 -26.62
C VAL D 104 20.88 35.30 -27.93
N PHE D 105 20.93 33.97 -27.96
CA PHE D 105 20.74 33.22 -29.19
C PHE D 105 19.56 32.26 -29.07
N ASN D 106 19.00 31.91 -30.21
CA ASN D 106 17.92 30.94 -30.31
C ASN D 106 18.47 29.52 -30.27
N ALA D 107 17.56 28.55 -30.26
CA ALA D 107 17.97 27.15 -30.28
C ALA D 107 18.73 26.80 -31.54
N LEU D 108 18.34 27.38 -32.67
CA LEU D 108 19.04 27.16 -33.93
C LEU D 108 20.20 28.11 -34.15
N GLY D 109 20.40 29.06 -33.24
CA GLY D 109 21.49 30.02 -33.34
C GLY D 109 21.08 31.41 -33.78
N ASP D 110 19.80 31.66 -34.03
CA ASP D 110 19.37 33.00 -34.44
C ASP D 110 19.47 33.96 -33.26
N CYS D 111 20.04 35.14 -33.50
CA CYS D 111 20.24 36.12 -32.44
C CYS D 111 18.93 36.83 -32.16
N LEU D 112 18.45 36.72 -30.92
CA LEU D 112 17.20 37.38 -30.54
C LEU D 112 17.35 38.90 -30.62
N ASP D 113 18.48 39.43 -30.17
CA ASP D 113 18.68 40.88 -30.15
C ASP D 113 18.62 41.47 -31.55
N ASP D 114 19.25 40.80 -32.53
CA ASP D 114 19.24 41.29 -33.89
C ASP D 114 19.28 40.13 -34.88
N PRO D 115 18.30 40.04 -35.78
CA PRO D 115 18.34 38.98 -36.80
C PRO D 115 19.47 39.19 -37.78
N GLY D 116 19.93 38.09 -38.36
CA GLY D 116 20.99 38.14 -39.34
C GLY D 116 22.31 38.66 -38.81
N TYR D 117 22.67 38.22 -37.60
CA TYR D 117 23.93 38.61 -36.97
C TYR D 117 24.79 37.37 -36.80
N GLY D 118 26.03 37.46 -37.26
CA GLY D 118 26.95 36.35 -37.10
C GLY D 118 26.72 35.19 -38.05
N LYS D 119 25.86 35.38 -39.06
CA LYS D 119 25.60 34.32 -40.02
C LYS D 119 26.80 34.06 -40.93
N ASP D 120 27.81 34.93 -40.91
CA ASP D 120 29.04 34.70 -41.64
C ASP D 120 30.10 33.97 -40.82
N PHE D 121 29.82 33.69 -39.55
CA PHE D 121 30.76 32.98 -38.71
C PHE D 121 30.94 31.55 -39.19
N GLU D 122 31.90 30.85 -38.60
CA GLU D 122 32.07 29.44 -38.94
C GLU D 122 31.01 28.63 -38.22
N HIS D 123 30.42 27.66 -38.90
CA HIS D 123 29.43 26.81 -38.28
C HIS D 123 29.82 25.37 -38.52
N TRP D 124 29.79 24.52 -37.49
CA TRP D 124 30.07 23.10 -37.73
C TRP D 124 29.14 22.14 -37.00
N SER D 125 29.42 20.84 -37.10
CA SER D 125 28.55 19.81 -36.52
C SER D 125 28.09 20.01 -35.09
N ILE D 126 27.01 19.34 -34.71
CA ILE D 126 26.51 19.43 -33.35
C ILE D 126 26.53 18.05 -32.68
N HIS D 127 26.62 16.99 -33.49
CA HIS D 127 26.63 15.65 -32.93
C HIS D 127 28.01 15.04 -33.18
N ARG D 128 28.75 14.76 -32.11
CA ARG D 128 30.09 14.21 -32.20
C ARG D 128 30.27 13.12 -31.15
N LYS D 129 31.28 12.28 -31.37
CA LYS D 129 31.62 11.24 -30.42
C LYS D 129 32.37 11.80 -29.22
N PRO D 130 32.28 11.15 -28.07
CA PRO D 130 33.06 11.57 -26.91
C PRO D 130 34.53 11.22 -27.08
N PRO D 131 35.41 11.81 -26.27
CA PRO D 131 36.84 11.53 -26.42
C PRO D 131 37.19 10.09 -26.03
N ALA D 132 38.44 9.72 -26.29
CA ALA D 132 38.94 8.39 -26.01
C ALA D 132 39.27 8.23 -24.53
N PHE D 133 39.34 6.97 -24.10
CA PHE D 133 39.57 6.67 -22.69
C PHE D 133 40.98 7.05 -22.24
N SER D 134 41.95 6.99 -23.16
CA SER D 134 43.34 7.23 -22.77
C SER D 134 43.54 8.64 -22.24
N ASP D 135 42.88 9.63 -22.86
CA ASP D 135 43.06 11.02 -22.45
C ASP D 135 42.40 11.33 -21.12
N LEU D 136 41.55 10.45 -20.60
CA LEU D 136 40.88 10.71 -19.34
C LEU D 136 41.89 10.73 -18.19
N GLU D 137 41.56 11.50 -17.15
CA GLU D 137 42.43 11.67 -16.00
C GLU D 137 41.62 12.15 -14.82
N PRO D 138 41.80 11.58 -13.63
CA PRO D 138 41.08 12.09 -12.46
C PRO D 138 41.54 13.49 -12.10
N ARG D 139 40.63 14.26 -11.51
CA ARG D 139 40.88 15.65 -11.14
C ARG D 139 40.51 15.84 -9.68
N THR D 140 41.52 16.11 -8.84
CA THR D 140 41.31 16.35 -7.42
C THR D 140 41.84 17.73 -7.07
N GLU D 141 40.96 18.58 -6.53
CA GLU D 141 41.31 19.95 -6.19
C GLU D 141 40.28 20.48 -5.20
N MET D 142 40.34 21.78 -4.95
CA MET D 142 39.45 22.42 -3.99
C MET D 142 39.19 23.85 -4.44
N LEU D 143 37.97 24.33 -4.18
CA LEU D 143 37.61 25.71 -4.47
C LEU D 143 36.67 26.20 -3.38
N GLU D 144 36.92 27.42 -2.90
CA GLU D 144 36.09 27.98 -1.84
C GLU D 144 34.78 28.50 -2.40
N THR D 145 33.75 28.51 -1.56
CA THR D 145 32.43 28.98 -1.95
C THR D 145 31.88 30.06 -1.02
N GLY D 146 32.22 30.02 0.27
CA GLY D 146 31.66 30.99 1.20
C GLY D 146 30.32 30.62 1.76
N LEU D 147 29.93 29.35 1.69
CA LEU D 147 28.69 28.86 2.27
C LEU D 147 29.01 27.83 3.34
N LYS D 148 28.28 27.89 4.46
CA LYS D 148 28.61 27.04 5.60
C LYS D 148 28.45 25.56 5.26
N VAL D 149 27.33 25.19 4.66
CA VAL D 149 27.05 23.77 4.42
C VAL D 149 28.01 23.21 3.38
N VAL D 150 28.18 23.92 2.26
CA VAL D 150 28.96 23.38 1.16
C VAL D 150 30.42 23.22 1.54
N ASP D 151 30.99 24.23 2.20
CA ASP D 151 32.40 24.18 2.56
C ASP D 151 32.71 23.09 3.58
N LEU D 152 31.73 22.66 4.37
CA LEU D 152 31.94 21.63 5.38
C LEU D 152 31.62 20.23 4.87
N LEU D 153 30.37 20.01 4.47
CA LEU D 153 29.88 18.65 4.30
C LEU D 153 30.12 18.11 2.90
N THR D 154 29.90 18.92 1.87
CA THR D 154 30.05 18.50 0.47
C THR D 154 30.94 19.49 -0.24
N PRO D 155 32.25 19.43 -0.02
CA PRO D 155 33.17 20.32 -0.72
C PRO D 155 33.16 20.04 -2.22
N TYR D 156 33.38 21.10 -2.99
CA TYR D 156 33.34 21.02 -4.44
C TYR D 156 34.73 20.69 -4.98
N VAL D 157 34.89 20.74 -6.30
CA VAL D 157 36.16 20.42 -6.92
C VAL D 157 36.24 21.17 -8.25
N ARG D 158 37.45 21.61 -8.59
CA ARG D 158 37.68 22.30 -9.85
C ARG D 158 37.74 21.29 -11.00
N GLY D 159 36.99 21.58 -12.06
CA GLY D 159 37.00 20.73 -13.24
C GLY D 159 36.10 19.52 -13.18
N GLY D 160 35.36 19.33 -12.09
CA GLY D 160 34.47 18.19 -11.94
C GLY D 160 33.07 18.49 -12.41
N LYS D 161 32.12 17.74 -11.85
CA LYS D 161 30.70 17.93 -12.13
C LYS D 161 29.97 18.15 -10.82
N ILE D 162 29.02 19.10 -10.81
CA ILE D 162 28.24 19.40 -9.62
C ILE D 162 26.77 19.39 -10.01
N ALA D 163 25.93 18.85 -9.13
CA ALA D 163 24.50 18.83 -9.40
C ALA D 163 23.73 19.13 -8.12
N LEU D 164 22.54 19.69 -8.30
CA LEU D 164 21.64 20.03 -7.20
C LEU D 164 20.34 19.25 -7.38
N PHE D 165 20.00 18.43 -6.39
CA PHE D 165 18.79 17.62 -6.43
C PHE D 165 17.73 18.21 -5.50
N GLY D 166 16.49 17.88 -5.79
CA GLY D 166 15.38 18.32 -4.98
C GLY D 166 14.07 18.24 -5.75
N GLY D 167 12.97 18.43 -5.02
CA GLY D 167 11.65 18.41 -5.60
C GLY D 167 11.24 19.78 -6.13
N ALA D 168 9.94 19.89 -6.42
CA ALA D 168 9.39 21.14 -6.91
C ALA D 168 9.11 22.11 -5.76
N GLY D 169 9.22 23.40 -6.06
CA GLY D 169 8.93 24.44 -5.10
C GLY D 169 9.83 24.43 -3.88
N VAL D 170 11.14 24.31 -4.09
CA VAL D 170 12.10 24.23 -3.00
C VAL D 170 13.08 25.39 -2.98
N GLY D 171 13.31 26.06 -4.11
CA GLY D 171 14.28 27.13 -4.15
C GLY D 171 15.53 26.84 -4.93
N LYS D 172 15.43 26.12 -6.06
CA LYS D 172 16.62 25.78 -6.83
C LYS D 172 17.16 26.98 -7.60
N THR D 173 16.26 27.77 -8.19
CA THR D 173 16.69 28.86 -9.07
C THR D 173 17.46 29.92 -8.31
N VAL D 174 16.99 30.26 -7.10
CA VAL D 174 17.69 31.27 -6.31
C VAL D 174 19.09 30.80 -5.94
N LEU D 175 19.25 29.50 -5.65
CA LEU D 175 20.58 28.97 -5.40
C LEU D 175 21.46 29.07 -6.65
N ILE D 176 20.90 28.81 -7.83
CA ILE D 176 21.68 28.93 -9.06
C ILE D 176 22.14 30.37 -9.26
N GLN D 177 21.24 31.34 -9.05
CA GLN D 177 21.62 32.74 -9.19
C GLN D 177 22.68 33.13 -8.17
N GLU D 178 22.52 32.68 -6.92
CA GLU D 178 23.53 32.95 -5.90
C GLU D 178 24.88 32.36 -6.30
N MET D 179 24.88 31.15 -6.85
CA MET D 179 26.13 30.51 -7.22
C MET D 179 26.82 31.25 -8.37
N ILE D 180 26.04 31.68 -9.37
CA ILE D 180 26.67 32.42 -10.47
C ILE D 180 27.19 33.76 -9.96
N ASN D 181 26.48 34.42 -9.04
CA ASN D 181 26.98 35.65 -8.48
C ASN D 181 28.23 35.42 -7.64
N ARG D 182 28.34 34.24 -7.01
CA ARG D 182 29.47 33.97 -6.13
C ARG D 182 30.72 33.58 -6.93
N ILE D 183 30.54 32.84 -8.02
CA ILE D 183 31.65 32.22 -8.73
C ILE D 183 31.95 32.92 -10.06
N ALA D 184 30.92 33.18 -10.87
CA ALA D 184 31.15 33.73 -12.20
C ALA D 184 31.86 35.07 -12.13
N ARG D 185 31.55 35.87 -11.10
CA ARG D 185 32.25 37.14 -10.93
C ARG D 185 33.72 36.88 -10.61
N ASN D 186 34.58 37.77 -11.12
CA ASN D 186 36.02 37.70 -10.88
C ASN D 186 36.63 36.40 -11.39
N PHE D 187 36.08 35.83 -12.45
CA PHE D 187 36.61 34.59 -13.02
C PHE D 187 37.47 34.91 -14.24
N GLY D 188 38.62 34.25 -14.34
CA GLY D 188 39.53 34.53 -15.43
C GLY D 188 39.00 34.12 -16.79
N GLY D 189 38.32 32.98 -16.85
CA GLY D 189 37.91 32.39 -18.11
C GLY D 189 36.56 32.84 -18.58
N THR D 190 35.85 31.93 -19.26
CA THR D 190 34.58 32.21 -19.89
C THR D 190 33.48 31.38 -19.24
N SER D 191 32.24 31.87 -19.33
CA SER D 191 31.09 31.19 -18.77
C SER D 191 30.01 31.06 -19.83
N VAL D 192 29.34 29.91 -19.85
CA VAL D 192 28.23 29.62 -20.76
C VAL D 192 27.06 29.13 -19.93
N PHE D 193 25.88 29.69 -20.18
CA PHE D 193 24.67 29.31 -19.48
C PHE D 193 23.60 28.88 -20.49
N ALA D 194 22.84 27.84 -20.13
CA ALA D 194 21.78 27.34 -20.97
C ALA D 194 20.50 27.19 -20.15
N GLY D 195 19.37 27.40 -20.80
CA GLY D 195 18.08 27.30 -20.13
C GLY D 195 17.14 26.33 -20.82
N VAL D 196 16.76 25.27 -20.11
CA VAL D 196 15.91 24.21 -20.65
C VAL D 196 14.62 24.19 -19.84
N GLY D 197 13.50 24.50 -20.50
CA GLY D 197 12.20 24.39 -19.89
C GLY D 197 12.02 25.20 -18.62
N GLU D 198 12.45 26.46 -18.63
CA GLU D 198 12.35 27.33 -17.47
C GLU D 198 11.30 28.40 -17.69
N ARG D 199 10.99 29.12 -16.62
CA ARG D 199 10.02 30.21 -16.69
C ARG D 199 10.63 31.41 -17.37
N THR D 200 9.90 31.97 -18.35
CA THR D 200 10.44 33.05 -19.17
C THR D 200 10.76 34.30 -18.34
N ARG D 201 9.96 34.56 -17.30
CA ARG D 201 10.24 35.69 -16.43
C ARG D 201 11.62 35.58 -15.81
N GLU D 202 12.02 34.36 -15.42
CA GLU D 202 13.35 34.16 -14.88
C GLU D 202 14.42 34.47 -15.93
N GLY D 203 14.21 34.03 -17.17
CA GLY D 203 15.16 34.37 -18.21
C GLY D 203 15.31 35.87 -18.39
N ASN D 204 14.18 36.58 -18.43
CA ASN D 204 14.22 38.02 -18.63
C ASN D 204 14.94 38.73 -17.49
N ASP D 205 14.59 38.38 -16.24
CA ASP D 205 15.20 39.10 -15.13
C ASP D 205 16.66 38.73 -14.95
N LEU D 206 17.03 37.49 -15.28
CA LEU D 206 18.45 37.12 -15.27
C LEU D 206 19.23 37.89 -16.32
N TRP D 207 18.66 38.06 -17.51
CA TRP D 207 19.33 38.86 -18.54
C TRP D 207 19.50 40.29 -18.07
N VAL D 208 18.46 40.86 -17.45
CA VAL D 208 18.55 42.22 -16.95
C VAL D 208 19.62 42.34 -15.87
N GLU D 209 19.66 41.37 -14.95
CA GLU D 209 20.64 41.41 -13.88
C GLU D 209 22.07 41.30 -14.42
N LEU D 210 22.28 40.42 -15.39
CA LEU D 210 23.60 40.30 -16.00
C LEU D 210 23.98 41.58 -16.72
N ALA D 211 23.03 42.22 -17.41
CA ALA D 211 23.31 43.49 -18.06
C ALA D 211 23.64 44.57 -17.03
N ASP D 212 23.10 44.45 -15.82
CA ASP D 212 23.40 45.42 -14.78
C ASP D 212 24.87 45.44 -14.44
N ALA D 213 25.48 44.27 -14.29
CA ALA D 213 26.91 44.19 -14.01
C ALA D 213 27.70 44.18 -15.31
N ASN D 214 29.00 43.88 -15.20
CA ASN D 214 29.91 43.96 -16.32
C ASN D 214 30.41 42.60 -16.79
N VAL D 215 29.58 41.55 -16.66
CA VAL D 215 29.99 40.23 -17.12
C VAL D 215 29.33 39.81 -18.43
N LEU D 216 28.24 40.47 -18.84
CA LEU D 216 27.54 40.10 -20.06
C LEU D 216 28.44 40.24 -21.28
N LYS D 217 29.48 41.08 -21.20
CA LYS D 217 30.42 41.22 -22.30
C LYS D 217 31.24 39.97 -22.56
N ASP D 218 31.24 39.00 -21.64
CA ASP D 218 32.03 37.78 -21.77
C ASP D 218 31.17 36.57 -21.44
N THR D 219 29.96 36.53 -22.01
CA THR D 219 29.06 35.41 -21.76
C THR D 219 28.17 35.22 -22.99
N ALA D 220 27.86 33.96 -23.28
CA ALA D 220 26.98 33.60 -24.38
C ALA D 220 25.77 32.87 -23.81
N LEU D 221 24.58 33.37 -24.10
CA LEU D 221 23.35 32.81 -23.58
C LEU D 221 22.52 32.20 -24.70
N VAL D 222 21.94 31.05 -24.41
CA VAL D 222 21.04 30.36 -25.35
C VAL D 222 20.06 29.54 -24.53
N PHE D 223 18.79 29.57 -24.94
CA PHE D 223 17.75 28.92 -24.16
C PHE D 223 16.45 28.87 -24.95
N GLY D 224 15.69 27.80 -24.74
CA GLY D 224 14.35 27.67 -25.28
C GLY D 224 13.35 27.50 -24.15
N GLN D 225 12.14 27.97 -24.37
CA GLN D 225 11.14 28.07 -23.32
C GLN D 225 10.20 26.86 -23.33
N MET D 226 9.28 26.86 -22.38
CA MET D 226 8.34 25.75 -22.24
C MET D 226 7.30 25.72 -23.37
N ASP D 227 6.95 26.89 -23.91
CA ASP D 227 5.91 26.97 -24.92
C ASP D 227 6.32 26.31 -26.23
N GLU D 228 7.59 26.01 -26.42
CA GLU D 228 8.07 25.41 -27.66
C GLU D 228 7.65 23.94 -27.76
N PRO D 229 7.54 23.42 -28.98
CA PRO D 229 7.16 22.01 -29.15
C PRO D 229 8.25 21.09 -28.64
N PRO D 230 7.97 19.78 -28.56
CA PRO D 230 8.98 18.85 -28.00
C PRO D 230 10.26 18.77 -28.81
N GLY D 231 10.25 19.21 -30.07
CA GLY D 231 11.46 19.14 -30.88
C GLY D 231 12.59 19.96 -30.30
N THR D 232 12.28 21.16 -29.77
CA THR D 232 13.30 22.06 -29.27
C THR D 232 13.84 21.64 -27.90
N ARG D 233 13.00 21.07 -27.04
CA ARG D 233 13.40 20.82 -25.67
C ARG D 233 14.50 19.77 -25.54
N MET D 234 14.82 19.05 -26.61
CA MET D 234 15.85 18.02 -26.57
C MET D 234 17.01 18.34 -27.52
N ARG D 235 17.25 19.62 -27.81
CA ARG D 235 18.30 20.01 -28.73
C ARG D 235 19.18 21.15 -28.25
N VAL D 236 18.73 22.00 -27.32
CA VAL D 236 19.50 23.17 -26.94
C VAL D 236 20.78 22.78 -26.20
N ALA D 237 20.71 21.73 -25.37
CA ALA D 237 21.88 21.29 -24.63
C ALA D 237 23.02 20.91 -25.57
N LEU D 238 22.68 20.31 -26.71
CA LEU D 238 23.70 19.96 -27.69
C LEU D 238 24.38 21.20 -28.25
N SER D 239 23.62 22.27 -28.50
CA SER D 239 24.22 23.52 -28.97
C SER D 239 25.15 24.11 -27.92
N ALA D 240 24.71 24.11 -26.65
CA ALA D 240 25.56 24.63 -25.59
C ALA D 240 26.85 23.82 -25.46
N LEU D 241 26.74 22.49 -25.55
CA LEU D 241 27.93 21.65 -25.50
C LEU D 241 28.84 21.89 -26.70
N THR D 242 28.27 22.13 -27.87
CA THR D 242 29.09 22.44 -29.04
C THR D 242 29.89 23.72 -28.81
N MET D 243 29.25 24.76 -28.30
CA MET D 243 29.96 26.00 -28.03
C MET D 243 31.06 25.80 -27.00
N ALA D 244 30.74 25.10 -25.90
CA ALA D 244 31.74 24.87 -24.86
C ALA D 244 32.90 24.04 -25.38
N GLU D 245 32.61 23.03 -26.21
CA GLU D 245 33.66 22.20 -26.78
C GLU D 245 34.58 23.01 -27.69
N PHE D 246 34.00 23.88 -28.52
CA PHE D 246 34.83 24.71 -29.37
C PHE D 246 35.75 25.59 -28.53
N PHE D 247 35.20 26.24 -27.52
CA PHE D 247 36.02 27.12 -26.70
C PHE D 247 37.11 26.36 -25.96
N ARG D 248 36.79 25.17 -25.44
CA ARG D 248 37.81 24.40 -24.74
C ARG D 248 38.91 23.92 -25.68
N ASP D 249 38.53 23.43 -26.86
CA ASP D 249 39.49 22.80 -27.75
C ASP D 249 40.38 23.82 -28.45
N GLU D 250 39.82 24.96 -28.87
CA GLU D 250 40.61 25.89 -29.68
C GLU D 250 41.37 26.89 -28.83
N GLN D 251 40.66 27.70 -28.05
CA GLN D 251 41.33 28.73 -27.27
C GLN D 251 42.03 28.15 -26.04
N GLY D 252 41.42 27.16 -25.39
CA GLY D 252 42.07 26.50 -24.26
C GLY D 252 42.18 27.33 -23.00
N GLN D 253 41.05 27.62 -22.36
CA GLN D 253 41.03 28.27 -21.05
C GLN D 253 39.98 27.60 -20.19
N ASP D 254 40.06 27.86 -18.88
CA ASP D 254 39.08 27.34 -17.95
C ASP D 254 37.71 27.92 -18.27
N VAL D 255 36.69 27.06 -18.32
CA VAL D 255 35.34 27.47 -18.69
C VAL D 255 34.35 26.95 -17.66
N LEU D 256 33.25 27.68 -17.53
CA LEU D 256 32.14 27.30 -16.67
C LEU D 256 30.91 27.01 -17.52
N LEU D 257 30.16 25.98 -17.13
CA LEU D 257 28.95 25.59 -17.82
C LEU D 257 27.81 25.49 -16.82
N PHE D 258 26.69 26.12 -17.15
CA PHE D 258 25.51 26.12 -16.29
C PHE D 258 24.33 25.57 -17.07
N ILE D 259 23.68 24.55 -16.51
CA ILE D 259 22.51 23.93 -17.10
C ILE D 259 21.42 23.87 -16.04
N ASP D 260 20.18 24.15 -16.44
CA ASP D 260 19.04 24.13 -15.53
C ASP D 260 18.03 23.08 -15.94
N ASN D 261 17.55 22.32 -14.96
CA ASN D 261 16.47 21.34 -15.09
C ASN D 261 16.70 20.44 -16.32
N ILE D 262 17.79 19.69 -16.25
CA ILE D 262 18.12 18.75 -17.32
C ILE D 262 17.06 17.67 -17.47
N PHE D 263 16.29 17.41 -16.41
CA PHE D 263 15.28 16.36 -16.45
C PHE D 263 14.29 16.57 -17.59
N ARG D 264 13.98 17.84 -17.89
CA ARG D 264 13.05 18.13 -18.98
C ARG D 264 13.49 17.45 -20.27
N PHE D 265 14.80 17.38 -20.51
CA PHE D 265 15.31 16.70 -21.69
C PHE D 265 14.72 15.31 -21.82
N THR D 266 14.78 14.53 -20.74
CA THR D 266 14.21 13.18 -20.77
C THR D 266 12.73 13.24 -21.11
N GLN D 267 11.99 14.15 -20.49
CA GLN D 267 10.57 14.28 -20.78
C GLN D 267 10.34 14.53 -22.26
N ALA D 268 11.23 15.29 -22.90
CA ALA D 268 11.07 15.58 -24.31
C ALA D 268 10.99 14.30 -25.13
N GLY D 269 11.74 13.28 -24.76
CA GLY D 269 11.66 12.02 -25.47
C GLY D 269 10.35 11.30 -25.24
N SER D 270 9.84 11.35 -24.01
CA SER D 270 8.80 10.41 -23.58
C SER D 270 7.60 10.40 -24.51
N GLU D 271 7.03 11.58 -24.77
CA GLU D 271 5.86 11.65 -25.64
C GLU D 271 6.15 11.06 -27.01
N VAL D 272 7.28 11.45 -27.60
CA VAL D 272 7.62 10.95 -28.93
C VAL D 272 7.79 9.44 -28.89
N SER D 273 8.23 8.91 -27.75
CA SER D 273 8.39 7.47 -27.61
C SER D 273 7.10 6.73 -27.93
N THR D 274 5.95 7.32 -27.56
CA THR D 274 4.68 6.70 -27.89
C THR D 274 4.35 6.84 -29.37
N LEU D 275 4.65 8.02 -29.95
CA LEU D 275 4.29 8.25 -31.34
C LEU D 275 5.12 7.38 -32.28
N LEU D 276 6.37 7.13 -31.93
CA LEU D 276 7.24 6.32 -32.78
C LEU D 276 6.94 4.83 -32.68
N GLY D 277 6.09 4.42 -31.76
CA GLY D 277 5.69 3.02 -31.64
C GLY D 277 6.46 2.22 -30.62
N ARG D 278 7.37 2.84 -29.88
CA ARG D 278 8.14 2.11 -28.88
C ARG D 278 7.25 1.72 -27.71
N MET D 279 7.41 0.48 -27.23
CA MET D 279 6.65 -0.03 -26.11
C MET D 279 7.04 0.72 -24.84
N PRO D 280 6.14 0.83 -23.87
CA PRO D 280 6.46 1.61 -22.66
C PRO D 280 7.17 0.77 -21.60
N SER D 281 7.90 1.49 -20.74
CA SER D 281 8.66 0.90 -19.66
C SER D 281 7.80 0.85 -18.40
N ALA D 282 8.44 0.59 -17.26
CA ALA D 282 7.71 0.38 -16.01
C ALA D 282 6.80 1.56 -15.68
N VAL D 283 7.30 2.78 -15.77
CA VAL D 283 6.54 3.97 -15.38
C VAL D 283 6.16 4.80 -16.61
N GLY D 284 6.01 4.14 -17.76
CA GLY D 284 5.70 4.85 -18.99
C GLY D 284 6.88 5.53 -19.63
N TYR D 285 8.08 5.33 -19.10
CA TYR D 285 9.27 5.93 -19.68
C TYR D 285 9.67 5.21 -20.97
N GLN D 286 10.52 5.86 -21.75
CA GLN D 286 11.07 5.23 -22.93
C GLN D 286 12.03 4.11 -22.52
N PRO D 287 12.14 3.06 -23.33
CA PRO D 287 13.03 1.95 -22.97
C PRO D 287 14.51 2.29 -23.04
N THR D 288 14.89 3.38 -23.71
CA THR D 288 16.29 3.67 -23.99
C THR D 288 16.71 5.02 -23.43
N LEU D 289 16.36 5.32 -22.18
CA LEU D 289 16.76 6.60 -21.59
C LEU D 289 18.21 6.57 -21.12
N ALA D 290 18.66 5.44 -20.57
CA ALA D 290 19.97 5.36 -19.96
C ALA D 290 21.08 5.60 -20.98
N ASP D 291 20.93 5.02 -22.17
CA ASP D 291 21.95 5.17 -23.19
C ASP D 291 22.12 6.64 -23.61
N GLU D 292 21.00 7.34 -23.83
CA GLU D 292 21.09 8.73 -24.27
C GLU D 292 21.67 9.61 -23.17
N MET D 293 21.20 9.42 -21.93
CA MET D 293 21.74 10.23 -20.85
C MET D 293 23.21 9.96 -20.64
N GLY D 294 23.63 8.71 -20.79
CA GLY D 294 25.05 8.38 -20.69
C GLY D 294 25.86 9.03 -21.79
N GLU D 295 25.33 9.06 -23.01
CA GLU D 295 26.03 9.75 -24.09
C GLU D 295 26.22 11.22 -23.77
N LEU D 296 25.18 11.86 -23.25
CA LEU D 296 25.29 13.28 -22.89
C LEU D 296 26.33 13.48 -21.79
N GLN D 297 26.23 12.72 -20.70
CA GLN D 297 27.15 12.90 -19.58
C GLN D 297 28.59 12.60 -20.00
N GLU D 298 28.80 11.63 -20.90
CA GLU D 298 30.14 11.39 -21.42
C GLU D 298 30.63 12.56 -22.25
N ARG D 299 29.73 13.17 -23.03
CA ARG D 299 30.12 14.36 -23.78
C ARG D 299 30.51 15.51 -22.85
N ILE D 300 29.93 15.54 -21.65
CA ILE D 300 30.24 16.62 -20.70
C ILE D 300 31.71 16.62 -20.30
N THR D 301 32.37 15.47 -20.34
CA THR D 301 33.65 15.29 -19.66
C THR D 301 34.72 16.25 -20.16
N SER D 302 35.70 16.52 -19.30
CA SER D 302 36.83 17.39 -19.59
C SER D 302 38.12 16.59 -19.50
N THR D 303 38.92 16.63 -20.56
CA THR D 303 40.16 15.88 -20.62
C THR D 303 41.27 16.61 -19.86
N ARG D 304 42.37 15.90 -19.62
CA ARG D 304 43.50 16.50 -18.93
C ARG D 304 44.19 17.52 -19.84
N GLY D 305 44.73 18.57 -19.22
CA GLY D 305 45.24 19.71 -19.93
C GLY D 305 44.22 20.80 -20.19
N ARG D 306 42.94 20.50 -19.96
CA ARG D 306 41.87 21.47 -20.11
C ARG D 306 40.90 21.31 -18.96
N SER D 307 40.17 22.38 -18.65
CA SER D 307 39.27 22.39 -17.50
C SER D 307 37.88 22.83 -17.91
N ILE D 308 36.88 22.11 -17.41
CA ILE D 308 35.48 22.49 -17.54
C ILE D 308 34.82 22.29 -16.19
N THR D 309 34.19 23.35 -15.67
CA THR D 309 33.46 23.27 -14.41
C THR D 309 31.96 23.35 -14.71
N SER D 310 31.27 22.23 -14.57
CA SER D 310 29.87 22.13 -14.97
C SER D 310 28.99 22.01 -13.73
N MET D 311 27.92 22.80 -13.68
CA MET D 311 26.96 22.76 -12.59
C MET D 311 25.56 22.61 -13.16
N GLN D 312 24.79 21.68 -12.60
CA GLN D 312 23.46 21.36 -13.11
C GLN D 312 22.48 21.30 -11.95
N ALA D 313 21.20 21.46 -12.28
CA ALA D 313 20.10 21.27 -11.35
C ALA D 313 19.12 20.28 -11.95
N VAL D 314 18.62 19.37 -11.13
CA VAL D 314 17.69 18.33 -11.59
C VAL D 314 16.44 18.37 -10.72
N TYR D 315 15.33 17.96 -11.31
CA TYR D 315 14.02 18.04 -10.67
C TYR D 315 13.53 16.64 -10.34
N VAL D 316 13.19 16.41 -9.08
CA VAL D 316 12.68 15.11 -8.61
C VAL D 316 11.17 15.11 -8.80
N PRO D 317 10.62 14.18 -9.57
CA PRO D 317 9.17 14.16 -9.80
C PRO D 317 8.44 13.50 -8.63
N ALA D 318 7.40 14.17 -8.15
CA ALA D 318 6.52 13.68 -7.08
C ALA D 318 7.28 13.42 -5.77
N ASP D 319 8.44 14.05 -5.60
CA ASP D 319 9.23 13.92 -4.38
C ASP D 319 9.61 12.47 -4.07
N ASP D 320 9.78 11.67 -5.11
CA ASP D 320 10.10 10.26 -4.96
C ASP D 320 11.51 10.00 -5.51
N TYR D 321 12.35 9.38 -4.68
CA TYR D 321 13.74 9.13 -5.05
C TYR D 321 13.95 7.77 -5.71
N THR D 322 12.91 6.95 -5.82
CA THR D 322 13.01 5.64 -6.44
C THR D 322 12.62 5.65 -7.91
N ASP D 323 12.40 6.83 -8.48
CA ASP D 323 12.05 6.92 -9.89
C ASP D 323 13.22 6.44 -10.74
N PRO D 324 12.95 5.82 -11.90
CA PRO D 324 14.06 5.30 -12.72
C PRO D 324 15.03 6.36 -13.18
N ALA D 325 14.56 7.57 -13.49
CA ALA D 325 15.44 8.60 -14.05
C ALA D 325 16.52 9.06 -13.09
N PRO D 326 16.23 9.42 -11.83
CA PRO D 326 17.29 9.95 -10.97
C PRO D 326 18.42 8.97 -10.66
N ALA D 327 18.19 7.66 -10.82
CA ALA D 327 19.24 6.70 -10.51
C ALA D 327 20.46 6.89 -11.41
N THR D 328 20.21 7.09 -12.71
CA THR D 328 21.30 7.34 -13.64
C THR D 328 22.01 8.66 -13.33
N THR D 329 21.26 9.68 -12.90
CA THR D 329 21.88 10.93 -12.49
C THR D 329 22.82 10.71 -11.33
N PHE D 330 22.39 9.92 -10.34
CA PHE D 330 23.26 9.59 -9.22
C PHE D 330 24.51 8.85 -9.71
N ALA D 331 24.34 7.94 -10.66
CA ALA D 331 25.48 7.18 -11.16
C ALA D 331 26.49 8.09 -11.85
N HIS D 332 26.02 8.98 -12.71
CA HIS D 332 26.93 9.86 -13.43
C HIS D 332 27.06 11.16 -12.67
N LEU D 333 27.81 11.14 -11.58
CA LEU D 333 27.93 12.33 -10.75
C LEU D 333 29.06 12.16 -9.74
N ASP D 334 29.32 13.22 -9.00
CA ASP D 334 30.23 13.27 -7.87
C ASP D 334 30.05 14.60 -7.15
N ALA D 335 30.17 14.56 -5.82
CA ALA D 335 30.02 15.76 -4.98
C ALA D 335 28.67 16.43 -5.21
N THR D 336 27.60 15.73 -4.86
CA THR D 336 26.25 16.21 -5.10
C THR D 336 25.65 16.81 -3.82
N THR D 337 24.56 17.55 -4.01
CA THR D 337 23.78 18.14 -2.92
C THR D 337 22.31 17.79 -3.11
N GLU D 338 21.59 17.70 -1.99
CA GLU D 338 20.20 17.26 -2.01
C GLU D 338 19.34 18.22 -1.20
N LEU D 339 18.17 18.56 -1.76
CA LEU D 339 17.21 19.44 -1.10
C LEU D 339 15.99 18.64 -0.69
N SER D 340 15.53 18.83 0.54
CA SER D 340 14.36 18.15 1.07
C SER D 340 13.27 19.15 1.39
N ARG D 341 12.09 18.62 1.76
CA ARG D 341 10.92 19.44 1.99
C ARG D 341 10.67 19.75 3.46
N ALA D 342 11.10 18.87 4.38
CA ALA D 342 10.83 19.09 5.80
C ALA D 342 11.55 20.34 6.31
N VAL D 343 12.83 20.50 5.95
CA VAL D 343 13.57 21.67 6.41
C VAL D 343 13.00 22.95 5.82
N PHE D 344 12.52 22.89 4.58
CA PHE D 344 11.85 24.03 3.99
C PHE D 344 10.56 24.35 4.73
N SER D 345 9.84 23.30 5.16
CA SER D 345 8.62 23.52 5.92
C SER D 345 8.91 24.18 7.26
N LYS D 346 9.99 23.76 7.93
CA LYS D 346 10.34 24.31 9.24
C LYS D 346 11.15 25.60 9.13
N GLY D 347 11.15 26.25 7.98
CA GLY D 347 11.69 27.59 7.87
C GLY D 347 13.19 27.70 7.78
N ILE D 348 13.88 26.72 7.22
CA ILE D 348 15.31 26.81 6.99
C ILE D 348 15.54 27.10 5.51
N PHE D 349 16.12 28.27 5.20
CA PHE D 349 16.23 28.68 3.80
C PHE D 349 17.12 27.75 2.98
N PRO D 350 18.35 27.40 3.40
CA PRO D 350 19.08 26.36 2.66
C PRO D 350 18.50 25.00 2.95
N ALA D 351 17.78 24.43 1.98
CA ALA D 351 17.04 23.19 2.20
C ALA D 351 17.89 21.94 2.06
N VAL D 352 19.21 22.06 2.14
CA VAL D 352 20.07 20.90 2.01
C VAL D 352 19.86 19.98 3.20
N ASP D 353 19.87 18.67 2.93
CA ASP D 353 19.73 17.68 3.98
C ASP D 353 21.10 17.10 4.31
N PRO D 354 21.65 17.36 5.49
CA PRO D 354 23.02 16.89 5.79
C PRO D 354 23.16 15.38 5.81
N LEU D 355 22.08 14.64 6.01
CA LEU D 355 22.14 13.20 6.17
C LEU D 355 21.96 12.45 4.84
N ALA D 356 21.82 13.17 3.73
CA ALA D 356 21.65 12.51 2.44
C ALA D 356 22.50 13.13 1.35
N SER D 357 23.61 13.79 1.71
CA SER D 357 24.50 14.40 0.73
C SER D 357 25.94 14.10 1.14
N SER D 358 26.80 13.87 0.15
CA SER D 358 28.19 13.54 0.41
C SER D 358 29.01 13.86 -0.83
N SER D 359 30.32 13.93 -0.65
CA SER D 359 31.25 14.25 -1.72
C SER D 359 32.40 13.25 -1.73
N THR D 360 32.94 13.01 -2.92
CA THR D 360 34.03 12.05 -3.06
C THR D 360 35.37 12.64 -2.63
N ILE D 361 35.55 13.95 -2.78
CA ILE D 361 36.87 14.56 -2.60
C ILE D 361 37.30 14.50 -1.14
N LEU D 362 36.34 14.44 -0.22
CA LEU D 362 36.69 14.48 1.20
C LEU D 362 37.49 13.25 1.59
N ASP D 363 38.61 13.48 2.28
CA ASP D 363 39.60 12.47 2.59
C ASP D 363 40.57 13.07 3.60
N PRO D 364 40.87 12.36 4.69
CA PRO D 364 41.87 12.89 5.63
C PRO D 364 43.22 13.13 4.97
N ALA D 365 43.58 12.32 3.98
CA ALA D 365 44.82 12.55 3.25
C ALA D 365 44.71 13.77 2.34
N ILE D 366 43.57 13.92 1.65
CA ILE D 366 43.42 14.98 0.66
C ILE D 366 43.15 16.32 1.35
N VAL D 367 42.07 16.38 2.13
CA VAL D 367 41.65 17.65 2.72
C VAL D 367 42.33 17.90 4.05
N GLY D 368 42.23 16.95 4.96
CA GLY D 368 42.79 17.11 6.29
C GLY D 368 42.05 16.25 7.30
N ASP D 369 42.60 16.21 8.50
CA ASP D 369 42.08 15.34 9.55
C ASP D 369 41.05 16.03 10.44
N GLU D 370 41.29 17.29 10.80
CA GLU D 370 40.34 18.01 11.64
C GLU D 370 39.00 18.19 10.94
N HIS D 371 39.05 18.54 9.65
CA HIS D 371 37.82 18.66 8.87
C HIS D 371 37.04 17.36 8.88
N TYR D 372 37.74 16.24 8.65
CA TYR D 372 37.09 14.93 8.61
C TYR D 372 36.47 14.57 9.96
N ARG D 373 37.22 14.77 11.04
CA ARG D 373 36.70 14.42 12.35
C ARG D 373 35.49 15.27 12.71
N VAL D 374 35.53 16.56 12.36
CA VAL D 374 34.41 17.45 12.66
C VAL D 374 33.17 17.00 11.89
N ALA D 375 33.35 16.68 10.61
CA ALA D 375 32.20 16.24 9.81
C ALA D 375 31.61 14.95 10.36
N GLN D 376 32.46 13.99 10.73
CA GLN D 376 31.96 12.74 11.27
C GLN D 376 31.19 12.97 12.57
N GLU D 377 31.74 13.81 13.46
CA GLU D 377 31.08 14.07 14.73
C GLU D 377 29.71 14.71 14.51
N VAL D 378 29.63 15.70 13.63
CA VAL D 378 28.36 16.40 13.47
C VAL D 378 27.32 15.50 12.81
N ILE D 379 27.73 14.67 11.84
CA ILE D 379 26.74 13.81 11.20
C ILE D 379 26.25 12.74 12.17
N ARG D 380 27.14 12.20 13.01
CA ARG D 380 26.70 11.24 14.01
C ARG D 380 25.74 11.90 15.00
N ILE D 381 26.03 13.13 15.41
CA ILE D 381 25.15 13.83 16.36
C ILE D 381 23.78 14.03 15.74
N LEU D 382 23.72 14.42 14.48
CA LEU D 382 22.43 14.63 13.83
C LEU D 382 21.64 13.33 13.72
N GLN D 383 22.31 12.23 13.38
CA GLN D 383 21.61 10.94 13.30
C GLN D 383 21.03 10.56 14.65
N ARG D 384 21.83 10.71 15.71
CA ARG D 384 21.36 10.40 17.06
C ARG D 384 20.17 11.27 17.44
N TYR D 385 20.21 12.55 17.07
CA TYR D 385 19.09 13.43 17.37
C TYR D 385 17.83 12.96 16.65
N LYS D 386 17.96 12.51 15.41
CA LYS D 386 16.79 12.07 14.67
C LYS D 386 16.14 10.86 15.33
N ASP D 387 16.93 9.82 15.61
CA ASP D 387 16.25 8.66 16.16
C ASP D 387 15.88 8.83 17.62
N LEU D 388 16.42 9.85 18.31
CA LEU D 388 15.91 10.19 19.63
C LEU D 388 14.60 10.97 19.54
N GLN D 389 14.49 11.88 18.57
CA GLN D 389 13.26 12.66 18.45
C GLN D 389 12.10 11.77 18.06
N ASP D 390 12.38 10.70 17.29
CA ASP D 390 11.31 9.80 16.87
C ASP D 390 10.51 9.26 18.05
N ILE D 391 11.14 9.13 19.22
CA ILE D 391 10.46 8.65 20.42
C ILE D 391 10.11 9.78 21.37
N ILE D 392 10.95 10.81 21.46
CA ILE D 392 10.70 11.88 22.42
C ILE D 392 9.50 12.71 21.99
N ALA D 393 9.12 12.65 20.70
CA ALA D 393 7.95 13.38 20.25
C ALA D 393 6.66 12.91 20.93
N ILE D 394 6.65 11.68 21.45
CA ILE D 394 5.48 11.12 22.10
C ILE D 394 5.72 10.87 23.58
N LEU D 395 6.85 10.26 23.94
CA LEU D 395 7.05 9.89 25.33
C LEU D 395 7.45 11.05 26.22
N GLY D 396 7.80 12.20 25.66
CA GLY D 396 8.14 13.36 26.45
C GLY D 396 9.64 13.46 26.72
N ILE D 397 10.05 14.66 27.14
CA ILE D 397 11.47 14.95 27.32
C ILE D 397 12.03 14.17 28.52
N ASP D 398 11.25 14.02 29.59
CA ASP D 398 11.77 13.47 30.83
C ASP D 398 12.13 11.99 30.73
N GLU D 399 11.74 11.31 29.67
CA GLU D 399 11.96 9.87 29.56
C GLU D 399 13.42 9.49 29.33
N LEU D 400 14.30 10.45 29.08
CA LEU D 400 15.69 10.16 28.75
C LEU D 400 16.61 10.62 29.89
N SER D 401 17.89 10.29 29.76
CA SER D 401 18.90 10.64 30.74
C SER D 401 19.53 11.99 30.40
N GLU D 402 20.52 12.39 31.20
CA GLU D 402 21.15 13.70 31.00
C GLU D 402 21.89 13.77 29.67
N GLU D 403 22.60 12.70 29.32
CA GLU D 403 23.39 12.71 28.08
C GLU D 403 22.49 12.88 26.86
N ASP D 404 21.35 12.20 26.85
CA ASP D 404 20.43 12.33 25.72
C ASP D 404 19.91 13.75 25.56
N LYS D 405 19.52 14.38 26.68
CA LYS D 405 19.04 15.75 26.61
C LYS D 405 20.13 16.70 26.16
N GLN D 406 21.36 16.50 26.67
CA GLN D 406 22.49 17.31 26.21
C GLN D 406 22.68 17.19 24.71
N LEU D 407 22.66 15.97 24.20
CA LEU D 407 22.84 15.76 22.77
C LEU D 407 21.72 16.40 21.97
N VAL D 408 20.48 16.30 22.47
CA VAL D 408 19.35 16.89 21.75
C VAL D 408 19.51 18.40 21.68
N ASN D 409 19.87 19.04 22.79
CA ASN D 409 20.04 20.49 22.79
C ASN D 409 21.18 20.90 21.86
N ARG D 410 22.30 20.18 21.91
CA ARG D 410 23.42 20.50 21.04
C ARG D 410 23.02 20.37 19.58
N ALA D 411 22.31 19.30 19.23
CA ALA D 411 21.85 19.11 17.86
C ALA D 411 20.91 20.22 17.43
N ARG D 412 19.99 20.63 18.31
CA ARG D 412 19.08 21.71 17.98
C ARG D 412 19.84 22.98 17.65
N ARG D 413 20.82 23.33 18.48
CA ARG D 413 21.66 24.48 18.18
C ARG D 413 22.39 24.29 16.84
N ILE D 414 22.82 23.06 16.55
CA ILE D 414 23.54 22.80 15.32
C ILE D 414 22.67 23.09 14.11
N GLU D 415 21.45 22.53 14.07
CA GLU D 415 20.63 22.79 12.89
C GLU D 415 20.17 24.24 12.84
N ARG D 416 20.02 24.91 13.98
CA ARG D 416 19.68 26.33 13.95
C ARG D 416 20.81 27.14 13.32
N PHE D 417 22.05 26.86 13.72
CA PHE D 417 23.19 27.65 13.26
C PHE D 417 23.54 27.36 11.80
N LEU D 418 23.04 26.27 11.24
CA LEU D 418 23.49 25.82 9.93
C LEU D 418 22.95 26.67 8.78
N SER D 419 22.01 27.57 9.04
CA SER D 419 21.44 28.42 8.01
C SER D 419 22.27 29.70 7.85
N GLN D 420 21.98 30.45 6.78
CA GLN D 420 22.73 31.66 6.49
C GLN D 420 21.89 32.56 5.60
N ASN D 421 22.25 33.85 5.60
CA ASN D 421 21.66 34.82 4.68
C ASN D 421 22.36 34.77 3.33
N MET D 422 21.66 35.23 2.30
CA MET D 422 22.05 34.98 0.92
C MET D 422 22.03 36.27 0.10
N MET D 423 22.84 36.29 -0.95
CA MET D 423 22.97 37.46 -1.82
C MET D 423 21.67 37.77 -2.54
N ALA D 424 21.23 36.84 -3.40
CA ALA D 424 20.11 37.09 -4.30
C ALA D 424 18.76 37.11 -3.58
N ALA D 425 18.70 36.69 -2.31
CA ALA D 425 17.45 36.67 -1.57
C ALA D 425 17.36 37.79 -0.55
N GLU D 426 18.24 38.80 -0.63
CA GLU D 426 18.24 39.86 0.36
C GLU D 426 16.98 40.70 0.30
N GLN D 427 16.33 40.77 -0.86
CA GLN D 427 15.13 41.60 -0.98
C GLN D 427 13.99 41.06 -0.11
N PHE D 428 13.85 39.73 -0.05
CA PHE D 428 12.83 39.15 0.81
C PHE D 428 13.12 39.42 2.28
N THR D 429 14.39 39.26 2.69
CA THR D 429 14.76 39.53 4.07
C THR D 429 14.89 41.02 4.34
N GLY D 430 15.21 41.82 3.33
CA GLY D 430 15.43 43.23 3.51
C GLY D 430 16.81 43.61 4.01
N GLN D 431 17.70 42.64 4.24
CA GLN D 431 19.02 42.90 4.78
C GLN D 431 20.05 42.13 3.96
N PRO D 432 21.11 42.79 3.50
CA PRO D 432 22.12 42.09 2.69
C PRO D 432 22.86 41.04 3.48
N GLY D 433 23.32 40.00 2.78
CA GLY D 433 24.01 38.89 3.39
C GLY D 433 25.52 39.12 3.48
N SER D 434 26.23 38.02 3.72
CA SER D 434 27.68 38.07 3.86
C SER D 434 28.26 36.70 3.52
N THR D 435 29.58 36.61 3.54
CA THR D 435 30.32 35.37 3.30
C THR D 435 31.29 35.14 4.46
N VAL D 436 31.72 33.90 4.62
CA VAL D 436 32.56 33.53 5.75
C VAL D 436 33.79 32.74 5.29
N PRO D 437 34.91 32.86 5.98
CA PRO D 437 36.09 32.03 5.66
C PRO D 437 35.93 30.60 6.13
N LEU D 438 36.73 29.72 5.51
CA LEU D 438 36.67 28.30 5.83
C LEU D 438 37.18 28.01 7.24
N LYS D 439 38.31 28.63 7.59
CA LYS D 439 38.89 28.38 8.91
C LYS D 439 37.96 28.80 10.02
N GLU D 440 37.29 29.94 9.85
CA GLU D 440 36.31 30.38 10.85
C GLU D 440 35.18 29.37 10.99
N THR D 441 34.70 28.84 9.86
CA THR D 441 33.63 27.85 9.91
C THR D 441 34.06 26.60 10.67
N ILE D 442 35.25 26.08 10.36
CA ILE D 442 35.67 24.86 11.03
C ILE D 442 35.91 25.11 12.52
N GLU D 443 36.49 26.24 12.88
CA GLU D 443 36.71 26.54 14.29
C GLU D 443 35.39 26.70 15.04
N ALA D 444 34.43 27.41 14.44
CA ALA D 444 33.14 27.60 15.09
C ALA D 444 32.41 26.29 15.27
N PHE D 445 32.44 25.42 14.27
CA PHE D 445 31.76 24.14 14.39
C PHE D 445 32.46 23.22 15.37
N ASP D 446 33.79 23.28 15.45
CA ASP D 446 34.49 22.56 16.49
C ASP D 446 34.08 23.03 17.87
N LYS D 447 33.97 24.35 18.06
CA LYS D 447 33.53 24.89 19.34
C LYS D 447 32.10 24.44 19.66
N LEU D 448 31.22 24.44 18.66
CA LEU D 448 29.86 23.97 18.87
C LEU D 448 29.82 22.52 19.29
N THR D 449 30.62 21.67 18.63
CA THR D 449 30.70 20.27 19.03
C THR D 449 31.26 20.11 20.43
N LYS D 450 32.14 21.01 20.85
CA LYS D 450 32.69 20.94 22.20
C LYS D 450 31.61 21.12 23.25
N GLY D 451 30.68 22.04 23.03
CA GLY D 451 29.60 22.25 23.97
C GLY D 451 29.74 23.52 24.80
N GLU D 452 30.23 24.58 24.18
CA GLU D 452 30.43 25.85 24.87
C GLU D 452 29.26 26.81 24.69
N PHE D 453 28.59 26.79 23.54
CA PHE D 453 27.49 27.71 23.26
C PHE D 453 26.17 27.29 23.89
N ASP D 454 26.19 26.37 24.86
CA ASP D 454 24.95 25.89 25.47
C ASP D 454 24.25 26.97 26.30
N HIS D 455 24.92 28.07 26.61
CA HIS D 455 24.32 29.12 27.43
C HIS D 455 23.51 30.13 26.62
N LEU D 456 23.43 29.98 25.30
CA LEU D 456 22.75 30.97 24.49
C LEU D 456 21.44 30.42 23.94
N PRO D 457 20.44 31.29 23.73
CA PRO D 457 19.19 30.82 23.14
C PRO D 457 19.36 30.47 21.67
N GLU D 458 18.52 29.55 21.19
CA GLU D 458 18.62 29.09 19.82
C GLU D 458 18.23 30.18 18.83
N GLN D 459 17.42 31.14 19.25
CA GLN D 459 16.95 32.18 18.35
C GLN D 459 18.09 33.03 17.81
N ALA D 460 19.21 33.10 18.53
CA ALA D 460 20.37 33.86 18.04
C ALA D 460 21.05 33.16 16.87
N PHE D 461 20.82 31.87 16.68
CA PHE D 461 21.51 31.13 15.63
C PHE D 461 20.79 31.18 14.29
N PHE D 462 19.66 31.88 14.21
CA PHE D 462 18.84 31.83 13.01
C PHE D 462 19.25 32.94 12.04
N LEU D 463 19.50 32.56 10.79
CA LEU D 463 19.88 33.47 9.71
C LEU D 463 21.12 34.28 10.03
N ILE D 464 22.13 33.65 10.64
CA ILE D 464 23.31 34.39 11.05
C ILE D 464 24.45 34.12 10.08
N GLY D 465 25.49 34.95 10.17
CA GLY D 465 26.70 34.73 9.40
C GLY D 465 27.93 35.04 10.21
N GLY D 466 28.85 34.09 10.25
CA GLY D 466 30.07 34.32 11.01
C GLY D 466 29.83 34.17 12.52
N LEU D 467 30.77 34.74 13.28
CA LEU D 467 30.72 34.68 14.73
C LEU D 467 30.56 36.05 15.39
N ASP D 468 31.12 37.11 14.80
CA ASP D 468 30.89 38.44 15.32
C ASP D 468 29.41 38.82 15.24
N ASP D 469 28.73 38.40 14.16
CA ASP D 469 27.29 38.61 14.08
C ASP D 469 26.57 37.80 15.15
N LEU D 470 27.04 36.60 15.45
CA LEU D 470 26.50 35.84 16.58
C LEU D 470 26.60 36.63 17.87
N ALA D 471 27.78 37.20 18.14
CA ALA D 471 27.96 37.96 19.37
C ALA D 471 27.05 39.17 19.41
N LYS D 472 26.95 39.89 18.29
CA LYS D 472 26.11 41.08 18.24
C LYS D 472 24.64 40.74 18.46
N LYS D 473 24.15 39.69 17.78
CA LYS D 473 22.75 39.29 17.93
C LYS D 473 22.47 38.79 19.34
N ALA D 474 23.39 38.03 19.93
CA ALA D 474 23.20 37.55 21.31
C ALA D 474 23.15 38.71 22.29
N GLU D 475 24.03 39.70 22.11
CA GLU D 475 24.00 40.87 22.99
C GLU D 475 22.77 41.75 22.71
N SER D 476 22.17 41.63 21.53
CA SER D 476 20.96 42.38 21.22
C SER D 476 19.75 41.89 22.02
N LEU D 477 19.85 40.74 22.67
CA LEU D 477 18.74 40.21 23.47
C LEU D 477 19.14 40.12 24.94
N THR E 14 6.04 -36.75 -44.14
CA THR E 14 5.84 -37.34 -42.83
C THR E 14 6.77 -36.72 -41.79
N ALA E 15 7.58 -35.77 -42.23
CA ALA E 15 8.51 -35.05 -41.36
C ALA E 15 8.28 -33.55 -41.50
N GLY E 16 8.36 -32.85 -40.36
CA GLY E 16 8.10 -31.43 -40.32
C GLY E 16 9.34 -30.60 -40.53
N ARG E 17 9.17 -29.29 -40.35
CA ARG E 17 10.27 -28.33 -40.46
C ARG E 17 10.11 -27.27 -39.39
N VAL E 18 11.16 -26.49 -39.18
CA VAL E 18 11.16 -25.44 -38.17
C VAL E 18 10.93 -24.11 -38.89
N VAL E 19 9.95 -23.34 -38.40
CA VAL E 19 9.63 -22.07 -39.05
C VAL E 19 10.19 -20.90 -38.25
N ARG E 20 10.01 -20.92 -36.92
CA ARG E 20 10.48 -19.82 -36.10
C ARG E 20 11.28 -20.37 -34.93
N ILE E 21 12.35 -19.68 -34.58
CA ILE E 21 13.29 -20.14 -33.55
C ILE E 21 13.49 -19.11 -32.44
N THR E 22 12.66 -18.08 -32.36
CA THR E 22 12.84 -17.06 -31.33
C THR E 22 12.71 -17.67 -29.94
N GLY E 23 13.66 -17.33 -29.07
CA GLY E 23 13.64 -17.78 -27.70
C GLY E 23 13.69 -19.29 -27.56
N PRO E 24 13.38 -19.79 -26.37
CA PRO E 24 13.23 -21.25 -26.21
C PRO E 24 12.11 -21.84 -27.03
N VAL E 25 11.03 -21.09 -27.25
CA VAL E 25 9.86 -21.60 -27.96
C VAL E 25 10.20 -21.82 -29.43
N VAL E 26 9.54 -22.80 -30.04
CA VAL E 26 9.82 -23.17 -31.42
C VAL E 26 8.50 -23.49 -32.12
N ASP E 27 8.38 -23.04 -33.37
CA ASP E 27 7.21 -23.31 -34.17
C ASP E 27 7.55 -24.29 -35.29
N VAL E 28 6.69 -25.30 -35.46
CA VAL E 28 6.95 -26.42 -36.34
C VAL E 28 5.81 -26.55 -37.34
N GLU E 29 6.17 -26.89 -38.58
CA GLU E 29 5.22 -27.10 -39.67
C GLU E 29 5.20 -28.57 -40.05
N PHE E 30 4.01 -29.11 -40.24
CA PHE E 30 3.80 -30.53 -40.50
C PHE E 30 2.91 -30.72 -41.73
N PRO E 31 3.05 -31.85 -42.42
CA PRO E 31 2.15 -32.15 -43.54
C PRO E 31 0.74 -32.41 -43.04
N ARG E 32 -0.18 -32.43 -44.00
CA ARG E 32 -1.59 -32.63 -43.68
C ARG E 32 -1.84 -34.04 -43.17
N GLY E 33 -2.64 -34.14 -42.11
CA GLY E 33 -3.05 -35.43 -41.57
C GLY E 33 -2.05 -36.10 -40.66
N SER E 34 -0.90 -35.48 -40.40
CA SER E 34 0.13 -36.07 -39.56
C SER E 34 0.47 -35.21 -38.35
N VAL E 35 -0.35 -34.21 -38.03
CA VAL E 35 -0.05 -33.34 -36.89
C VAL E 35 -0.17 -34.14 -35.60
N PRO E 36 0.83 -34.12 -34.73
CA PRO E 36 0.75 -34.86 -33.47
C PRO E 36 -0.21 -34.19 -32.50
N GLU E 37 -0.69 -34.98 -31.54
CA GLU E 37 -1.59 -34.47 -30.53
C GLU E 37 -0.81 -33.68 -29.49
N LEU E 38 -1.50 -33.24 -28.44
CA LEU E 38 -0.87 -32.47 -27.39
C LEU E 38 -0.01 -33.38 -26.52
N PHE E 39 0.98 -32.76 -25.85
CA PHE E 39 1.86 -33.45 -24.92
C PHE E 39 2.61 -34.61 -25.58
N ASN E 40 3.05 -34.42 -26.81
CA ASN E 40 3.72 -35.46 -27.58
C ASN E 40 5.18 -35.09 -27.79
N ALA E 41 6.03 -36.10 -27.87
CA ALA E 41 7.48 -35.90 -27.91
C ALA E 41 7.98 -35.85 -29.35
N LEU E 42 9.01 -35.04 -29.56
CA LEU E 42 9.67 -34.89 -30.85
C LEU E 42 11.16 -34.72 -30.63
N HIS E 43 11.96 -35.13 -31.63
CA HIS E 43 13.41 -35.07 -31.53
C HIS E 43 13.97 -34.23 -32.68
N ALA E 44 14.99 -33.42 -32.37
CA ALA E 44 15.66 -32.60 -33.38
C ALA E 44 17.13 -32.50 -33.01
N GLU E 45 18.01 -32.78 -33.97
CA GLU E 45 19.43 -32.90 -33.65
C GLU E 45 20.22 -31.72 -34.21
N ILE E 46 21.09 -31.15 -33.37
CA ILE E 46 21.97 -30.05 -33.75
C ILE E 46 23.32 -30.63 -34.12
N THR E 47 23.74 -30.44 -35.36
CA THR E 47 24.97 -31.03 -35.87
C THR E 47 26.01 -29.99 -36.30
N PHE E 48 25.72 -28.70 -36.12
CA PHE E 48 26.62 -27.66 -36.58
C PHE E 48 27.49 -27.18 -35.43
N GLY E 49 28.76 -26.94 -35.72
CA GLY E 49 29.70 -26.45 -34.72
C GLY E 49 30.14 -27.53 -33.75
N ALA E 50 30.99 -27.11 -32.82
CA ALA E 50 31.49 -28.04 -31.81
C ALA E 50 30.37 -28.47 -30.87
N LEU E 51 29.43 -27.57 -30.58
CA LEU E 51 28.35 -27.83 -29.63
C LEU E 51 27.22 -28.57 -30.35
N ALA E 52 27.40 -29.88 -30.49
CA ALA E 52 26.44 -30.75 -31.15
C ALA E 52 25.71 -31.59 -30.11
N LYS E 53 24.39 -31.66 -30.24
CA LYS E 53 23.57 -32.40 -29.29
C LYS E 53 22.19 -32.63 -29.89
N THR E 54 21.38 -33.40 -29.16
CA THR E 54 20.01 -33.65 -29.58
C THR E 54 19.04 -33.02 -28.58
N LEU E 55 17.94 -32.46 -29.11
CA LEU E 55 16.95 -31.75 -28.32
C LEU E 55 15.61 -32.47 -28.41
N THR E 56 14.85 -32.43 -27.33
CA THR E 56 13.50 -32.97 -27.27
C THR E 56 12.50 -31.84 -27.12
N LEU E 57 11.39 -31.93 -27.85
CA LEU E 57 10.36 -30.91 -27.81
C LEU E 57 9.02 -31.58 -27.51
N GLU E 58 8.12 -30.80 -26.91
CA GLU E 58 6.78 -31.29 -26.60
C GLU E 58 5.74 -30.33 -27.18
N VAL E 59 4.70 -30.90 -27.78
CA VAL E 59 3.65 -30.10 -28.39
C VAL E 59 2.92 -29.31 -27.31
N ALA E 60 2.84 -27.99 -27.49
CA ALA E 60 2.21 -27.13 -26.50
C ALA E 60 0.88 -26.55 -26.97
N GLN E 61 0.77 -26.16 -28.24
CA GLN E 61 -0.48 -25.57 -28.69
C GLN E 61 -0.61 -25.67 -30.20
N HIS E 62 -1.83 -25.89 -30.68
CA HIS E 62 -2.12 -25.86 -32.12
C HIS E 62 -2.47 -24.44 -32.54
N LEU E 63 -1.76 -23.92 -33.54
CA LEU E 63 -2.03 -22.60 -34.07
C LEU E 63 -2.90 -22.62 -35.32
N GLY E 64 -3.27 -23.79 -35.82
CA GLY E 64 -4.01 -23.90 -37.05
C GLY E 64 -3.11 -23.85 -38.27
N ASP E 65 -3.66 -24.29 -39.40
CA ASP E 65 -2.93 -24.37 -40.66
C ASP E 65 -1.66 -25.21 -40.52
N SER E 66 -1.75 -26.32 -39.78
CA SER E 66 -0.65 -27.26 -39.58
C SER E 66 0.55 -26.62 -38.88
N LEU E 67 0.32 -25.62 -38.05
CA LEU E 67 1.37 -25.02 -37.25
C LEU E 67 1.24 -25.48 -35.80
N VAL E 68 2.37 -25.85 -35.20
CA VAL E 68 2.39 -26.32 -33.81
C VAL E 68 3.44 -25.52 -33.05
N ARG E 69 3.04 -24.99 -31.90
CA ARG E 69 3.97 -24.27 -31.04
C ARG E 69 4.40 -25.19 -29.90
N CYS E 70 5.71 -25.29 -29.69
CA CYS E 70 6.30 -26.23 -28.76
C CYS E 70 7.39 -25.55 -27.95
N ILE E 71 7.74 -26.17 -26.82
CA ILE E 71 8.75 -25.65 -25.91
C ILE E 71 9.94 -26.62 -25.89
N SER E 72 11.14 -26.07 -25.93
CA SER E 72 12.35 -26.88 -25.93
C SER E 72 12.69 -27.32 -24.50
N MET E 73 13.61 -28.27 -24.40
CA MET E 73 14.05 -28.81 -23.13
C MET E 73 15.47 -28.39 -22.75
N GLN E 74 16.36 -28.27 -23.75
CA GLN E 74 17.73 -27.82 -23.56
C GLN E 74 17.93 -26.55 -24.40
N PRO E 75 18.99 -25.78 -24.16
CA PRO E 75 19.15 -24.51 -24.89
C PRO E 75 19.15 -24.72 -26.39
N THR E 76 18.53 -23.77 -27.11
CA THR E 76 18.32 -23.84 -28.55
C THR E 76 19.45 -23.19 -29.33
N ASP E 77 20.58 -22.91 -28.68
CA ASP E 77 21.70 -22.30 -29.36
C ASP E 77 22.25 -23.21 -30.46
N GLY E 78 22.62 -22.61 -31.58
CA GLY E 78 23.19 -23.32 -32.70
C GLY E 78 22.19 -23.93 -33.67
N LEU E 79 20.89 -23.74 -33.45
CA LEU E 79 19.90 -24.31 -34.34
C LEU E 79 19.81 -23.50 -35.63
N VAL E 80 19.40 -24.17 -36.71
CA VAL E 80 19.31 -23.57 -38.03
C VAL E 80 17.90 -23.76 -38.56
N ARG E 81 17.41 -22.77 -39.29
CA ARG E 81 16.07 -22.84 -39.88
C ARG E 81 16.01 -23.92 -40.96
N GLY E 82 14.84 -24.53 -41.11
CA GLY E 82 14.61 -25.51 -42.14
C GLY E 82 15.13 -26.90 -41.86
N VAL E 83 15.49 -27.21 -40.61
CA VAL E 83 16.04 -28.51 -40.27
C VAL E 83 14.89 -29.51 -40.20
N GLU E 84 15.21 -30.80 -40.19
CA GLU E 84 14.21 -31.86 -40.17
C GLU E 84 13.96 -32.33 -38.73
N VAL E 85 12.72 -32.75 -38.48
CA VAL E 85 12.28 -33.14 -37.14
C VAL E 85 11.38 -34.38 -37.24
N THR E 86 11.51 -35.26 -36.26
CA THR E 86 10.72 -36.48 -36.17
C THR E 86 9.96 -36.50 -34.85
N ASP E 87 8.84 -37.22 -34.84
CA ASP E 87 7.98 -37.33 -33.67
C ASP E 87 7.95 -38.77 -33.18
N THR E 88 8.07 -38.95 -31.87
CA THR E 88 8.04 -40.28 -31.28
C THR E 88 6.67 -40.93 -31.48
N GLY E 89 5.61 -40.16 -31.27
CA GLY E 89 4.25 -40.65 -31.35
C GLY E 89 3.60 -40.89 -30.01
N ALA E 90 4.38 -40.93 -28.93
CA ALA E 90 3.86 -41.12 -27.59
C ALA E 90 4.43 -40.05 -26.66
N SER E 91 3.79 -39.89 -25.51
CA SER E 91 4.20 -38.86 -24.56
C SER E 91 5.56 -39.21 -23.97
N ILE E 92 6.07 -38.32 -23.11
CA ILE E 92 7.35 -38.50 -22.45
C ILE E 92 7.34 -39.79 -21.67
N SER E 93 8.37 -40.61 -21.83
CA SER E 93 8.43 -41.92 -21.21
C SER E 93 9.65 -42.01 -20.30
N VAL E 94 9.49 -42.72 -19.19
CA VAL E 94 10.56 -42.89 -18.21
C VAL E 94 10.64 -44.37 -17.85
N PRO E 95 11.84 -44.93 -17.69
CA PRO E 95 11.96 -46.33 -17.29
C PRO E 95 11.71 -46.53 -15.81
N VAL E 96 11.01 -47.60 -15.46
CA VAL E 96 10.70 -47.95 -14.09
C VAL E 96 11.02 -49.43 -13.87
N GLY E 97 11.17 -49.80 -12.62
CA GLY E 97 11.46 -51.17 -12.27
C GLY E 97 12.05 -51.25 -10.88
N ASP E 98 12.35 -52.49 -10.48
CA ASP E 98 12.96 -52.73 -9.18
C ASP E 98 14.45 -52.44 -9.16
N GLY E 99 15.08 -52.32 -10.32
CA GLY E 99 16.50 -52.05 -10.40
C GLY E 99 16.87 -50.60 -10.58
N VAL E 100 15.91 -49.67 -10.49
CA VAL E 100 16.22 -48.26 -10.71
C VAL E 100 16.79 -47.56 -9.49
N LYS E 101 16.67 -48.17 -8.30
CA LYS E 101 17.16 -47.53 -7.09
C LYS E 101 18.67 -47.67 -6.99
N GLY E 102 19.26 -46.83 -6.15
CA GLY E 102 20.72 -46.75 -6.07
C GLY E 102 21.37 -46.20 -7.31
N HIS E 103 20.71 -45.27 -8.00
CA HIS E 103 21.25 -44.64 -9.20
C HIS E 103 20.64 -43.26 -9.35
N VAL E 104 21.44 -42.32 -9.84
CA VAL E 104 20.97 -40.95 -10.04
C VAL E 104 20.42 -40.82 -11.45
N PHE E 105 19.35 -40.03 -11.59
CA PHE E 105 18.69 -39.87 -12.88
C PHE E 105 18.34 -38.40 -13.09
N ASN E 106 18.22 -38.03 -14.36
CA ASN E 106 17.76 -36.71 -14.75
C ASN E 106 16.28 -36.76 -15.13
N ALA E 107 15.76 -35.62 -15.57
CA ALA E 107 14.34 -35.53 -15.91
C ALA E 107 13.99 -36.44 -17.09
N LEU E 108 14.84 -36.50 -18.10
CA LEU E 108 14.55 -37.26 -19.30
C LEU E 108 14.78 -38.77 -19.13
N GLY E 109 15.34 -39.20 -18.01
CA GLY E 109 15.59 -40.60 -17.76
C GLY E 109 17.00 -41.07 -18.01
N ASP E 110 17.88 -40.22 -18.53
CA ASP E 110 19.26 -40.61 -18.73
C ASP E 110 19.97 -40.77 -17.39
N CYS E 111 20.85 -41.76 -17.30
CA CYS E 111 21.58 -42.08 -16.07
C CYS E 111 22.91 -41.35 -16.12
N LEU E 112 23.07 -40.33 -15.25
CA LEU E 112 24.31 -39.56 -15.23
C LEU E 112 25.48 -40.41 -14.77
N ASP E 113 25.28 -41.27 -13.77
CA ASP E 113 26.37 -42.07 -13.23
C ASP E 113 26.95 -42.99 -14.29
N ASP E 114 26.10 -43.63 -15.08
CA ASP E 114 26.55 -44.52 -16.14
C ASP E 114 25.65 -44.38 -17.36
N PRO E 115 26.11 -43.72 -18.42
CA PRO E 115 25.27 -43.60 -19.62
C PRO E 115 24.98 -44.95 -20.24
N GLY E 116 23.80 -45.06 -20.83
CA GLY E 116 23.33 -46.31 -21.38
C GLY E 116 22.64 -47.23 -20.40
N TYR E 117 22.62 -46.86 -19.12
CA TYR E 117 21.96 -47.68 -18.12
C TYR E 117 20.44 -47.61 -18.26
N GLY E 118 19.78 -48.73 -17.98
CA GLY E 118 18.34 -48.75 -17.97
C GLY E 118 17.67 -48.71 -19.32
N LYS E 119 18.42 -48.88 -20.41
CA LYS E 119 17.81 -48.84 -21.74
C LYS E 119 16.90 -50.04 -21.99
N ASP E 120 17.10 -51.15 -21.28
CA ASP E 120 16.31 -52.35 -21.48
C ASP E 120 15.20 -52.50 -20.44
N PHE E 121 14.93 -51.45 -19.66
CA PHE E 121 13.86 -51.47 -18.68
C PHE E 121 12.51 -51.26 -19.37
N GLU E 122 11.46 -51.28 -18.55
CA GLU E 122 10.12 -51.04 -19.05
C GLU E 122 9.74 -49.58 -18.80
N HIS E 123 9.23 -48.91 -19.84
CA HIS E 123 8.99 -47.48 -19.80
C HIS E 123 7.49 -47.20 -19.63
N TRP E 124 7.18 -46.19 -18.82
CA TRP E 124 5.81 -45.72 -18.62
C TRP E 124 5.72 -44.23 -18.94
N SER E 125 4.50 -43.79 -19.22
CA SER E 125 4.24 -42.38 -19.43
C SER E 125 4.12 -41.66 -18.08
N ILE E 126 4.11 -40.33 -18.13
CA ILE E 126 4.04 -39.52 -16.92
C ILE E 126 2.71 -38.78 -16.78
N HIS E 127 1.95 -38.60 -17.85
CA HIS E 127 0.63 -37.99 -17.75
C HIS E 127 -0.38 -39.07 -17.42
N ARG E 128 -0.84 -39.10 -16.17
CA ARG E 128 -1.71 -40.15 -15.69
C ARG E 128 -2.87 -39.54 -14.93
N LYS E 129 -3.98 -40.26 -14.91
CA LYS E 129 -5.23 -39.84 -14.28
C LYS E 129 -5.29 -40.29 -12.83
N PRO E 130 -5.76 -39.44 -11.92
CA PRO E 130 -5.98 -39.88 -10.53
C PRO E 130 -7.06 -40.92 -10.47
N PRO E 131 -7.09 -41.74 -9.42
CA PRO E 131 -8.05 -42.86 -9.36
C PRO E 131 -9.49 -42.37 -9.35
N ALA E 132 -10.40 -43.34 -9.48
CA ALA E 132 -11.82 -43.05 -9.52
C ALA E 132 -12.34 -42.70 -8.13
N PHE E 133 -13.56 -42.15 -8.10
CA PHE E 133 -14.15 -41.73 -6.84
C PHE E 133 -14.45 -42.90 -5.93
N SER E 134 -14.89 -44.03 -6.52
CA SER E 134 -15.28 -45.17 -5.71
C SER E 134 -14.12 -45.78 -4.94
N ASP E 135 -12.90 -45.70 -5.48
CA ASP E 135 -11.76 -46.32 -4.83
C ASP E 135 -11.31 -45.58 -3.59
N LEU E 136 -11.73 -44.33 -3.41
CA LEU E 136 -11.36 -43.58 -2.22
C LEU E 136 -11.93 -44.23 -0.97
N GLU E 137 -11.19 -44.20 0.12
CA GLU E 137 -11.62 -44.82 1.35
C GLU E 137 -12.06 -43.74 2.35
N PRO E 138 -13.33 -43.75 2.76
CA PRO E 138 -13.81 -42.77 3.76
C PRO E 138 -13.34 -43.08 5.17
N ARG E 139 -12.03 -42.98 5.37
CA ARG E 139 -11.43 -43.30 6.66
C ARG E 139 -10.13 -42.52 6.78
N THR E 140 -9.71 -42.27 8.03
CA THR E 140 -8.44 -41.62 8.31
C THR E 140 -7.63 -42.53 9.21
N GLU E 141 -6.52 -43.04 8.70
CA GLU E 141 -5.65 -43.95 9.45
C GLU E 141 -4.41 -43.19 9.88
N MET E 142 -4.11 -43.25 11.18
CA MET E 142 -2.98 -42.51 11.75
C MET E 142 -1.73 -43.35 11.56
N LEU E 143 -0.77 -42.81 10.79
CA LEU E 143 0.49 -43.51 10.57
C LEU E 143 1.37 -43.36 11.81
N GLU E 144 1.87 -44.48 12.31
CA GLU E 144 2.68 -44.50 13.52
C GLU E 144 4.12 -44.90 13.20
N THR E 145 5.04 -44.36 13.98
CA THR E 145 6.46 -44.67 13.83
C THR E 145 7.10 -44.73 15.20
N GLY E 146 8.40 -44.96 15.23
CA GLY E 146 9.12 -45.10 16.47
C GLY E 146 9.51 -43.83 17.16
N LEU E 147 9.19 -42.67 16.58
CA LEU E 147 9.56 -41.38 17.14
C LEU E 147 8.47 -40.92 18.10
N LYS E 148 8.82 -40.79 19.39
CA LYS E 148 7.89 -40.26 20.38
C LYS E 148 7.86 -38.74 20.37
N VAL E 149 8.71 -38.09 19.59
CA VAL E 149 8.72 -36.63 19.53
C VAL E 149 7.48 -36.13 18.81
N VAL E 150 7.04 -36.83 17.76
CA VAL E 150 6.03 -36.32 16.85
C VAL E 150 4.68 -36.97 17.12
N ASP E 151 4.70 -38.19 17.65
CA ASP E 151 3.44 -38.92 17.83
C ASP E 151 2.54 -38.25 18.84
N LEU E 152 3.10 -37.73 19.94
CA LEU E 152 2.30 -37.19 21.02
C LEU E 152 1.68 -35.84 20.68
N LEU E 153 2.23 -35.11 19.73
CA LEU E 153 1.78 -33.74 19.47
C LEU E 153 1.21 -33.57 18.07
N THR E 154 1.92 -34.02 17.04
CA THR E 154 1.51 -33.84 15.65
C THR E 154 1.53 -35.18 14.93
N PRO E 155 0.53 -36.02 15.16
CA PRO E 155 0.50 -37.33 14.51
C PRO E 155 0.41 -37.20 13.00
N TYR E 156 0.97 -38.19 12.31
CA TYR E 156 0.95 -38.22 10.85
C TYR E 156 -0.25 -39.02 10.35
N VAL E 157 -0.62 -38.77 9.10
CA VAL E 157 -1.76 -39.40 8.47
C VAL E 157 -1.30 -40.15 7.23
N ARG E 158 -1.69 -41.42 7.12
CA ARG E 158 -1.34 -42.22 5.95
C ARG E 158 -1.93 -41.59 4.69
N GLY E 159 -1.08 -41.41 3.68
CA GLY E 159 -1.50 -40.84 2.43
C GLY E 159 -1.69 -39.35 2.42
N GLY E 160 -1.33 -38.65 3.50
CA GLY E 160 -1.49 -37.22 3.59
C GLY E 160 -0.24 -36.47 3.18
N LYS E 161 -0.24 -35.16 3.48
CA LYS E 161 0.88 -34.29 3.19
C LYS E 161 1.36 -33.65 4.49
N ILE E 162 2.68 -33.54 4.62
CA ILE E 162 3.29 -32.96 5.81
C ILE E 162 4.20 -31.82 5.38
N ALA E 163 4.00 -30.65 5.99
CA ALA E 163 4.78 -29.46 5.67
C ALA E 163 6.01 -29.38 6.58
N LEU E 164 7.14 -29.01 5.98
CA LEU E 164 8.38 -28.88 6.72
C LEU E 164 9.16 -27.69 6.17
N PHE E 165 9.51 -26.75 7.04
CA PHE E 165 10.28 -25.60 6.62
C PHE E 165 11.06 -25.06 7.82
N GLY E 166 12.20 -24.44 7.52
CA GLY E 166 13.09 -23.93 8.53
C GLY E 166 14.41 -24.67 8.67
N GLY E 167 14.96 -25.22 7.59
CA GLY E 167 16.17 -26.01 7.65
C GLY E 167 17.34 -25.31 8.32
N ALA E 168 17.84 -24.24 7.70
CA ALA E 168 18.84 -23.37 8.29
C ALA E 168 20.06 -24.12 8.82
N GLY E 169 20.36 -25.28 8.23
CA GLY E 169 21.50 -26.07 8.66
C GLY E 169 21.41 -26.56 10.09
N VAL E 170 20.22 -27.00 10.50
CA VAL E 170 20.02 -27.57 11.82
C VAL E 170 19.99 -29.11 11.77
N GLY E 171 20.22 -29.68 10.59
CA GLY E 171 20.29 -31.13 10.47
C GLY E 171 19.05 -31.78 9.90
N LYS E 172 18.42 -31.18 8.89
CA LYS E 172 17.25 -31.79 8.28
C LYS E 172 17.62 -33.00 7.43
N THR E 173 18.85 -33.07 6.92
CA THR E 173 19.29 -34.27 6.22
C THR E 173 19.29 -35.48 7.15
N VAL E 174 19.60 -35.25 8.43
CA VAL E 174 19.49 -36.31 9.42
C VAL E 174 18.05 -36.80 9.51
N LEU E 175 17.09 -35.88 9.52
CA LEU E 175 15.68 -36.29 9.52
C LEU E 175 15.33 -37.08 8.27
N ILE E 176 15.84 -36.66 7.11
CA ILE E 176 15.52 -37.35 5.86
C ILE E 176 16.05 -38.78 5.90
N GLN E 177 17.31 -38.95 6.30
CA GLN E 177 17.86 -40.30 6.36
C GLN E 177 17.19 -41.12 7.45
N GLU E 178 16.75 -40.47 8.53
CA GLU E 178 16.02 -41.16 9.58
C GLU E 178 14.71 -41.74 9.04
N MET E 179 13.97 -40.92 8.29
CA MET E 179 12.74 -41.41 7.68
C MET E 179 13.05 -42.54 6.71
N ILE E 180 14.12 -42.41 5.93
CA ILE E 180 14.46 -43.45 4.95
C ILE E 180 14.70 -44.77 5.64
N ASN E 181 15.56 -44.78 6.66
CA ASN E 181 15.87 -46.05 7.33
C ASN E 181 14.67 -46.58 8.11
N ARG E 182 13.86 -45.70 8.69
CA ARG E 182 12.69 -46.17 9.44
C ARG E 182 11.69 -46.85 8.52
N ILE E 183 11.42 -46.26 7.34
CA ILE E 183 10.50 -46.93 6.42
C ILE E 183 11.15 -48.18 5.83
N ALA E 184 12.49 -48.19 5.70
CA ALA E 184 13.15 -49.39 5.19
C ALA E 184 13.01 -50.55 6.16
N ARG E 185 13.12 -50.30 7.46
CA ARG E 185 13.11 -51.38 8.44
C ARG E 185 11.69 -51.71 8.91
N ASN E 186 11.01 -50.73 9.52
CA ASN E 186 9.76 -51.01 10.21
C ASN E 186 8.67 -51.47 9.26
N PHE E 187 8.56 -50.85 8.09
CA PHE E 187 7.49 -51.13 7.16
C PHE E 187 7.94 -51.81 5.88
N GLY E 188 9.24 -52.01 5.70
CA GLY E 188 9.73 -52.63 4.48
C GLY E 188 9.43 -51.81 3.23
N GLY E 189 9.55 -50.49 3.33
CA GLY E 189 9.25 -49.60 2.24
C GLY E 189 10.48 -49.14 1.50
N THR E 190 10.28 -48.16 0.62
CA THR E 190 11.33 -47.55 -0.18
C THR E 190 11.30 -46.03 0.01
N SER E 191 12.08 -45.33 -0.81
CA SER E 191 12.10 -43.87 -0.73
C SER E 191 12.55 -43.31 -2.08
N VAL E 192 11.90 -42.23 -2.49
CA VAL E 192 12.23 -41.53 -3.72
C VAL E 192 12.47 -40.06 -3.39
N PHE E 193 13.57 -39.51 -3.87
CA PHE E 193 13.94 -38.12 -3.64
C PHE E 193 13.93 -37.38 -4.97
N ALA E 194 13.31 -36.21 -4.98
CA ALA E 194 13.21 -35.38 -6.17
C ALA E 194 13.66 -33.96 -5.85
N GLY E 195 14.54 -33.43 -6.70
CA GLY E 195 14.98 -32.05 -6.56
C GLY E 195 14.54 -31.21 -7.73
N VAL E 196 13.94 -30.05 -7.46
CA VAL E 196 13.38 -29.21 -8.51
C VAL E 196 14.43 -28.18 -8.94
N GLY E 197 14.82 -27.32 -7.99
CA GLY E 197 15.91 -26.39 -8.21
C GLY E 197 17.07 -26.73 -7.28
N GLU E 198 18.14 -27.28 -7.83
CA GLU E 198 19.23 -27.82 -7.02
C GLU E 198 20.54 -27.13 -7.36
N ARG E 199 21.24 -26.66 -6.33
CA ARG E 199 22.63 -26.26 -6.47
C ARG E 199 23.48 -27.51 -6.64
N THR E 200 24.40 -27.47 -7.61
CA THR E 200 25.17 -28.66 -7.94
C THR E 200 26.01 -29.14 -6.76
N ARG E 201 26.62 -28.20 -6.03
CA ARG E 201 27.45 -28.58 -4.90
C ARG E 201 26.62 -29.26 -3.80
N GLU E 202 25.43 -28.74 -3.53
CA GLU E 202 24.58 -29.34 -2.51
C GLU E 202 24.15 -30.75 -2.91
N GLY E 203 23.78 -30.94 -4.18
CA GLY E 203 23.41 -32.27 -4.63
C GLY E 203 24.56 -33.25 -4.56
N ASN E 204 25.75 -32.83 -4.97
CA ASN E 204 26.93 -33.69 -4.89
C ASN E 204 27.25 -34.06 -3.45
N ASP E 205 27.17 -33.07 -2.54
CA ASP E 205 27.44 -33.34 -1.13
C ASP E 205 26.41 -34.31 -0.57
N LEU E 206 25.13 -34.14 -0.91
CA LEU E 206 24.11 -35.06 -0.44
C LEU E 206 24.34 -36.47 -0.97
N TRP E 207 24.71 -36.60 -2.24
CA TRP E 207 25.00 -37.92 -2.80
C TRP E 207 26.17 -38.58 -2.06
N VAL E 208 27.23 -37.80 -1.81
CA VAL E 208 28.39 -38.35 -1.11
C VAL E 208 28.00 -38.79 0.30
N GLU E 209 27.23 -37.96 1.00
CA GLU E 209 26.82 -38.30 2.36
C GLU E 209 25.96 -39.56 2.39
N LEU E 210 25.04 -39.68 1.43
CA LEU E 210 24.19 -40.88 1.38
C LEU E 210 25.01 -42.12 1.04
N ALA E 211 25.99 -41.99 0.15
CA ALA E 211 26.87 -43.11 -0.16
C ALA E 211 27.65 -43.53 1.07
N ASP E 212 28.15 -42.57 1.85
CA ASP E 212 28.86 -42.89 3.08
C ASP E 212 27.93 -43.53 4.11
N ALA E 213 26.66 -43.14 4.12
CA ALA E 213 25.70 -43.70 5.06
C ALA E 213 25.23 -45.10 4.68
N ASN E 214 25.59 -45.57 3.50
CA ASN E 214 25.22 -46.91 3.03
C ASN E 214 23.70 -47.07 2.94
N VAL E 215 23.03 -46.07 2.37
CA VAL E 215 21.59 -46.11 2.16
C VAL E 215 21.20 -45.77 0.73
N LEU E 216 22.15 -45.78 -0.22
CA LEU E 216 21.79 -45.53 -1.61
C LEU E 216 20.86 -46.61 -2.13
N LYS E 217 21.11 -47.86 -1.77
CA LYS E 217 20.15 -48.91 -2.05
C LYS E 217 18.87 -48.64 -1.27
N ASP E 218 17.75 -49.05 -1.85
CA ASP E 218 16.40 -48.76 -1.35
C ASP E 218 16.09 -47.27 -1.39
N THR E 219 16.67 -46.53 -2.32
CA THR E 219 16.42 -45.09 -2.45
C THR E 219 16.71 -44.68 -3.90
N ALA E 220 15.72 -44.08 -4.55
CA ALA E 220 15.93 -43.52 -5.87
C ALA E 220 16.10 -42.01 -5.78
N LEU E 221 16.89 -41.46 -6.71
CA LEU E 221 17.20 -40.04 -6.72
C LEU E 221 16.99 -39.45 -8.11
N VAL E 222 16.33 -38.29 -8.15
CA VAL E 222 16.17 -37.54 -9.39
C VAL E 222 16.47 -36.07 -9.10
N PHE E 223 17.28 -35.46 -9.94
CA PHE E 223 17.69 -34.07 -9.76
C PHE E 223 17.31 -33.24 -10.97
N GLY E 224 16.90 -32.01 -10.69
CA GLY E 224 16.75 -31.01 -11.73
C GLY E 224 17.58 -29.79 -11.39
N GLN E 225 18.50 -29.46 -12.29
CA GLN E 225 19.47 -28.42 -12.02
C GLN E 225 18.82 -27.05 -12.03
N MET E 226 19.34 -26.15 -11.17
CA MET E 226 18.81 -24.80 -11.09
C MET E 226 19.01 -24.05 -12.40
N ASP E 227 20.16 -24.23 -13.03
CA ASP E 227 20.47 -23.58 -14.31
C ASP E 227 20.01 -24.48 -15.44
N GLU E 228 18.74 -24.33 -15.83
CA GLU E 228 18.17 -25.16 -16.88
C GLU E 228 17.02 -24.40 -17.52
N PRO E 229 16.80 -24.55 -18.82
CA PRO E 229 15.64 -23.91 -19.46
C PRO E 229 14.35 -24.39 -18.84
N PRO E 230 13.36 -23.52 -18.69
CA PRO E 230 12.09 -23.92 -18.08
C PRO E 230 11.44 -25.06 -18.85
N GLY E 231 10.81 -25.97 -18.11
CA GLY E 231 10.21 -27.15 -18.70
C GLY E 231 10.58 -28.41 -17.94
N THR E 232 11.82 -28.46 -17.45
CA THR E 232 12.25 -29.56 -16.60
C THR E 232 11.68 -29.48 -15.19
N ARG E 233 11.46 -28.27 -14.68
CA ARG E 233 11.11 -28.04 -13.28
C ARG E 233 9.76 -28.62 -12.91
N MET E 234 8.94 -29.01 -13.88
CA MET E 234 7.69 -29.72 -13.67
C MET E 234 7.83 -31.21 -13.95
N ARG E 235 8.54 -31.54 -15.01
CA ARG E 235 8.67 -32.92 -15.45
C ARG E 235 9.47 -33.75 -14.46
N VAL E 236 10.37 -33.13 -13.68
CA VAL E 236 11.07 -33.88 -12.64
C VAL E 236 10.08 -34.40 -11.60
N ALA E 237 9.16 -33.53 -11.14
CA ALA E 237 8.14 -33.98 -10.19
C ALA E 237 7.22 -35.02 -10.82
N LEU E 238 6.84 -34.81 -12.08
CA LEU E 238 5.98 -35.79 -12.75
C LEU E 238 6.65 -37.16 -12.82
N SER E 239 7.93 -37.20 -13.18
CA SER E 239 8.64 -38.47 -13.26
C SER E 239 8.78 -39.13 -11.90
N ALA E 240 9.09 -38.34 -10.87
CA ALA E 240 9.20 -38.90 -9.53
C ALA E 240 7.87 -39.52 -9.09
N LEU E 241 6.76 -38.84 -9.37
CA LEU E 241 5.45 -39.41 -9.04
C LEU E 241 5.17 -40.67 -9.84
N THR E 242 5.58 -40.70 -11.11
CA THR E 242 5.38 -41.91 -11.91
C THR E 242 6.10 -43.11 -11.28
N MET E 243 7.36 -42.91 -10.90
CA MET E 243 8.10 -44.00 -10.26
C MET E 243 7.45 -44.41 -8.94
N ALA E 244 7.02 -43.42 -8.15
CA ALA E 244 6.41 -43.73 -6.86
C ALA E 244 5.13 -44.55 -7.03
N GLU E 245 4.27 -44.18 -7.96
CA GLU E 245 3.03 -44.92 -8.14
C GLU E 245 3.30 -46.31 -8.72
N PHE E 246 4.30 -46.44 -9.60
CA PHE E 246 4.64 -47.77 -10.08
C PHE E 246 5.10 -48.66 -8.93
N PHE E 247 5.90 -48.12 -8.02
CA PHE E 247 6.29 -48.90 -6.84
C PHE E 247 5.08 -49.27 -6.00
N ARG E 248 4.15 -48.33 -5.81
CA ARG E 248 3.00 -48.63 -4.95
C ARG E 248 2.13 -49.73 -5.54
N ASP E 249 1.84 -49.65 -6.83
CA ASP E 249 0.79 -50.51 -7.39
C ASP E 249 1.26 -51.95 -7.57
N GLU E 250 2.27 -52.17 -8.43
CA GLU E 250 2.66 -53.53 -8.76
C GLU E 250 3.35 -54.22 -7.60
N GLN E 251 4.29 -53.56 -6.94
CA GLN E 251 4.97 -54.19 -5.82
C GLN E 251 4.09 -54.31 -4.59
N GLY E 252 3.04 -53.49 -4.50
CA GLY E 252 2.13 -53.57 -3.36
C GLY E 252 2.79 -53.31 -2.03
N GLN E 253 3.76 -52.39 -2.00
CA GLN E 253 4.50 -52.09 -0.79
C GLN E 253 4.58 -50.58 -0.62
N ASP E 254 4.45 -50.13 0.63
CA ASP E 254 4.33 -48.70 0.92
C ASP E 254 5.61 -47.96 0.55
N VAL E 255 5.45 -46.71 0.09
CA VAL E 255 6.57 -45.87 -0.29
C VAL E 255 6.42 -44.52 0.38
N LEU E 256 7.54 -43.80 0.46
CA LEU E 256 7.57 -42.44 0.98
C LEU E 256 8.30 -41.55 -0.01
N LEU E 257 7.67 -40.44 -0.38
CA LEU E 257 8.20 -39.52 -1.38
C LEU E 257 8.71 -38.26 -0.71
N PHE E 258 9.96 -37.92 -0.99
CA PHE E 258 10.56 -36.66 -0.54
C PHE E 258 10.61 -35.70 -1.71
N ILE E 259 9.85 -34.61 -1.60
CA ILE E 259 9.88 -33.55 -2.59
C ILE E 259 10.24 -32.25 -1.88
N ASP E 260 11.28 -31.60 -2.39
CA ASP E 260 11.72 -30.32 -1.87
C ASP E 260 11.41 -29.22 -2.87
N ASN E 261 11.46 -27.98 -2.41
CA ASN E 261 11.43 -26.81 -3.28
C ASN E 261 10.12 -26.75 -4.06
N ILE E 262 9.02 -26.84 -3.32
CA ILE E 262 7.71 -26.75 -3.97
C ILE E 262 7.47 -25.34 -4.50
N PHE E 263 8.24 -24.36 -4.03
CA PHE E 263 7.97 -22.97 -4.37
C PHE E 263 8.23 -22.66 -5.84
N ARG E 264 9.47 -22.78 -6.29
CA ARG E 264 9.80 -22.31 -7.64
C ARG E 264 9.29 -23.25 -8.72
N PHE E 265 8.63 -24.35 -8.34
CA PHE E 265 7.79 -25.06 -9.29
C PHE E 265 6.74 -24.11 -9.88
N THR E 266 6.05 -23.37 -9.02
CA THR E 266 5.06 -22.40 -9.47
C THR E 266 5.70 -21.28 -10.29
N GLN E 267 6.88 -20.83 -9.88
CA GLN E 267 7.58 -19.81 -10.65
C GLN E 267 7.95 -20.30 -12.04
N ALA E 268 8.39 -21.55 -12.17
CA ALA E 268 8.65 -22.12 -13.49
C ALA E 268 7.38 -22.17 -14.33
N GLY E 269 6.27 -22.58 -13.71
CA GLY E 269 5.01 -22.59 -14.44
C GLY E 269 4.60 -21.22 -14.93
N SER E 270 4.73 -20.21 -14.07
CA SER E 270 4.41 -18.84 -14.45
C SER E 270 5.35 -18.34 -15.56
N GLU E 271 6.62 -18.71 -15.47
CA GLU E 271 7.59 -18.33 -16.49
C GLU E 271 7.19 -18.89 -17.85
N VAL E 272 6.82 -20.17 -17.87
CA VAL E 272 6.39 -20.79 -19.13
C VAL E 272 5.12 -20.11 -19.65
N SER E 273 4.16 -19.83 -18.76
CA SER E 273 2.94 -19.17 -19.18
C SER E 273 3.22 -17.81 -19.80
N THR E 274 4.10 -17.03 -19.18
CA THR E 274 4.49 -15.74 -19.73
C THR E 274 5.16 -15.91 -21.09
N LEU E 275 6.02 -16.92 -21.23
CA LEU E 275 6.67 -17.15 -22.51
C LEU E 275 5.67 -17.48 -23.61
N LEU E 276 4.62 -18.24 -23.28
CA LEU E 276 3.60 -18.52 -24.29
C LEU E 276 2.86 -17.26 -24.72
N GLY E 277 2.79 -16.25 -23.85
CA GLY E 277 2.20 -14.98 -24.21
C GLY E 277 0.79 -14.74 -23.70
N ARG E 278 0.24 -15.63 -22.90
CA ARG E 278 -1.09 -15.42 -22.35
C ARG E 278 -1.08 -14.33 -21.29
N MET E 279 -2.22 -13.67 -21.13
CA MET E 279 -2.31 -12.55 -20.21
C MET E 279 -2.10 -13.04 -18.77
N PRO E 280 -1.39 -12.25 -17.96
CA PRO E 280 -1.17 -12.62 -16.56
C PRO E 280 -2.38 -12.29 -15.70
N SER E 281 -2.29 -12.63 -14.42
CA SER E 281 -3.35 -12.43 -13.45
C SER E 281 -2.80 -11.66 -12.27
N ALA E 282 -3.61 -11.58 -11.21
CA ALA E 282 -3.28 -10.78 -10.03
C ALA E 282 -1.92 -11.15 -9.46
N VAL E 283 -1.11 -10.11 -9.22
CA VAL E 283 0.23 -10.25 -8.63
C VAL E 283 1.07 -11.07 -9.60
N GLY E 284 0.84 -10.85 -10.89
CA GLY E 284 1.66 -11.46 -11.94
C GLY E 284 1.79 -12.97 -11.87
N TYR E 285 0.68 -13.68 -12.07
CA TYR E 285 0.68 -15.13 -12.03
C TYR E 285 -0.12 -15.66 -13.20
N GLN E 286 0.16 -16.91 -13.58
CA GLN E 286 -0.62 -17.54 -14.62
C GLN E 286 -2.06 -17.74 -14.14
N PRO E 287 -3.04 -17.71 -15.04
CA PRO E 287 -4.43 -17.82 -14.63
C PRO E 287 -4.90 -19.24 -14.33
N THR E 288 -4.03 -20.25 -14.44
CA THR E 288 -4.42 -21.63 -14.23
C THR E 288 -3.53 -22.35 -13.21
N LEU E 289 -3.04 -21.64 -12.19
CA LEU E 289 -2.16 -22.26 -11.21
C LEU E 289 -2.93 -23.26 -10.35
N ALA E 290 -4.18 -22.94 -10.01
CA ALA E 290 -4.95 -23.79 -9.10
C ALA E 290 -5.16 -25.17 -9.69
N ASP E 291 -5.47 -25.25 -10.98
CA ASP E 291 -5.69 -26.55 -11.61
C ASP E 291 -4.43 -27.40 -11.59
N GLU E 292 -3.28 -26.80 -11.90
CA GLU E 292 -2.03 -27.55 -11.92
C GLU E 292 -1.67 -28.05 -10.54
N MET E 293 -1.76 -27.18 -9.53
CA MET E 293 -1.44 -27.62 -8.17
C MET E 293 -2.41 -28.68 -7.69
N GLY E 294 -3.68 -28.55 -8.05
CA GLY E 294 -4.65 -29.58 -7.68
C GLY E 294 -4.33 -30.91 -8.33
N GLU E 295 -3.94 -30.90 -9.61
CA GLU E 295 -3.56 -32.14 -10.27
C GLU E 295 -2.37 -32.79 -9.56
N LEU E 296 -1.35 -31.99 -9.25
CA LEU E 296 -0.17 -32.55 -8.60
C LEU E 296 -0.51 -33.12 -7.22
N GLN E 297 -1.32 -32.41 -6.44
CA GLN E 297 -1.67 -32.89 -5.11
C GLN E 297 -2.55 -34.13 -5.16
N GLU E 298 -3.52 -34.15 -6.08
CA GLU E 298 -4.43 -35.28 -6.15
C GLU E 298 -3.79 -36.47 -6.85
N ARG E 299 -2.60 -36.29 -7.43
CA ARG E 299 -1.85 -37.41 -7.96
C ARG E 299 -1.64 -38.49 -6.92
N ILE E 300 -1.30 -38.10 -5.69
CA ILE E 300 -1.05 -39.07 -4.62
C ILE E 300 -2.34 -39.32 -3.86
N THR E 301 -2.51 -40.56 -3.39
CA THR E 301 -3.68 -40.95 -2.62
C THR E 301 -3.38 -42.30 -1.98
N SER E 302 -4.41 -42.88 -1.37
CA SER E 302 -4.31 -44.20 -0.74
C SER E 302 -5.38 -45.11 -1.33
N THR E 303 -4.97 -46.31 -1.73
CA THR E 303 -5.89 -47.26 -2.32
C THR E 303 -5.34 -48.67 -2.15
N ARG E 304 -6.25 -49.64 -2.13
CA ARG E 304 -5.92 -51.07 -2.03
C ARG E 304 -5.09 -51.37 -0.79
N GLY E 305 -5.25 -50.56 0.26
CA GLY E 305 -4.47 -50.73 1.46
C GLY E 305 -3.07 -50.15 1.42
N ARG E 306 -2.66 -49.57 0.30
CA ARG E 306 -1.36 -48.95 0.16
C ARG E 306 -1.52 -47.43 0.15
N SER E 307 -0.40 -46.72 0.30
CA SER E 307 -0.45 -45.27 0.44
C SER E 307 0.89 -44.67 0.04
N ILE E 308 0.88 -43.36 -0.18
CA ILE E 308 2.10 -42.59 -0.41
C ILE E 308 2.06 -41.38 0.51
N THR E 309 2.86 -41.40 1.57
CA THR E 309 3.06 -40.20 2.36
C THR E 309 4.11 -39.31 1.68
N SER E 310 4.14 -38.05 2.09
CA SER E 310 5.02 -37.08 1.44
C SER E 310 5.41 -35.99 2.42
N MET E 311 6.64 -35.50 2.27
CA MET E 311 7.15 -34.37 3.03
C MET E 311 7.63 -33.32 2.05
N GLN E 312 7.17 -32.08 2.22
CA GLN E 312 7.45 -31.01 1.29
C GLN E 312 8.09 -29.82 2.02
N ALA E 313 9.00 -29.16 1.33
CA ALA E 313 9.66 -27.97 1.83
C ALA E 313 9.13 -26.75 1.10
N VAL E 314 8.71 -25.74 1.87
CA VAL E 314 8.06 -24.55 1.31
C VAL E 314 8.82 -23.32 1.76
N TYR E 315 8.69 -22.24 0.98
CA TYR E 315 9.36 -20.98 1.25
C TYR E 315 8.37 -19.85 1.01
N VAL E 316 8.03 -19.10 2.06
CA VAL E 316 7.03 -18.04 1.97
C VAL E 316 7.63 -16.82 1.27
N PRO E 317 6.85 -16.14 0.42
CA PRO E 317 7.35 -14.94 -0.24
C PRO E 317 7.36 -13.73 0.67
N ALA E 318 8.40 -13.57 1.48
CA ALA E 318 8.57 -12.43 2.36
C ALA E 318 7.48 -12.36 3.43
N ASP E 319 7.14 -13.52 4.01
CA ASP E 319 6.29 -13.62 5.19
C ASP E 319 4.86 -13.14 4.93
N ASP E 320 4.46 -13.05 3.67
CA ASP E 320 3.08 -12.66 3.34
C ASP E 320 2.28 -13.93 3.08
N TYR E 321 1.61 -14.42 4.13
CA TYR E 321 0.82 -15.64 4.01
C TYR E 321 -0.39 -15.46 3.10
N THR E 322 -0.74 -14.23 2.75
CA THR E 322 -1.87 -13.97 1.87
C THR E 322 -1.48 -13.98 0.39
N ASP E 323 -0.21 -14.23 0.08
CA ASP E 323 0.21 -14.32 -1.31
C ASP E 323 -0.49 -15.51 -1.99
N PRO E 324 -0.79 -15.39 -3.28
CA PRO E 324 -1.53 -16.48 -3.94
C PRO E 324 -0.84 -17.83 -3.89
N ALA E 325 0.50 -17.87 -3.98
CA ALA E 325 1.18 -19.17 -4.01
C ALA E 325 1.06 -19.91 -2.69
N PRO E 326 1.44 -19.35 -1.54
CA PRO E 326 1.24 -20.09 -0.29
C PRO E 326 -0.23 -20.34 0.04
N ALA E 327 -1.11 -19.42 -0.35
CA ALA E 327 -2.54 -19.63 -0.11
C ALA E 327 -3.05 -20.84 -0.87
N THR E 328 -2.65 -20.98 -2.14
CA THR E 328 -3.02 -22.16 -2.91
C THR E 328 -2.37 -23.42 -2.33
N THR E 329 -1.11 -23.30 -1.89
CA THR E 329 -0.41 -24.48 -1.37
C THR E 329 -1.07 -25.01 -0.10
N PHE E 330 -1.46 -24.12 0.81
CA PHE E 330 -1.96 -24.55 2.11
C PHE E 330 -3.32 -25.21 2.03
N ALA E 331 -3.99 -25.19 0.88
CA ALA E 331 -5.28 -25.82 0.75
C ALA E 331 -5.21 -27.35 0.76
N HIS E 332 -4.01 -27.92 0.71
CA HIS E 332 -3.86 -29.37 0.64
C HIS E 332 -3.02 -29.96 1.76
N LEU E 333 -2.32 -29.15 2.55
CA LEU E 333 -1.49 -29.69 3.61
C LEU E 333 -2.34 -30.23 4.75
N ASP E 334 -1.72 -31.09 5.55
CA ASP E 334 -2.43 -31.77 6.64
C ASP E 334 -1.73 -31.57 7.98
N ALA E 335 -0.41 -31.39 7.95
CA ALA E 335 0.35 -31.19 9.18
C ALA E 335 1.57 -30.35 8.87
N THR E 336 2.02 -29.59 9.87
CA THR E 336 3.17 -28.71 9.74
C THR E 336 4.22 -29.07 10.77
N THR E 337 5.47 -29.15 10.33
CA THR E 337 6.62 -29.41 11.20
C THR E 337 7.58 -28.25 11.10
N GLU E 338 8.07 -27.77 12.25
CA GLU E 338 8.94 -26.61 12.30
C GLU E 338 10.31 -27.00 12.84
N LEU E 339 11.35 -26.54 12.16
CA LEU E 339 12.73 -26.75 12.59
C LEU E 339 13.25 -25.51 13.29
N SER E 340 13.62 -25.66 14.56
CA SER E 340 14.00 -24.54 15.41
C SER E 340 15.51 -24.51 15.57
N ARG E 341 16.05 -23.33 15.87
CA ARG E 341 17.49 -23.13 16.01
C ARG E 341 17.90 -22.87 17.46
N ALA E 342 17.03 -23.14 18.42
CA ALA E 342 17.34 -22.95 19.83
C ALA E 342 17.33 -24.24 20.62
N VAL E 343 16.43 -25.16 20.30
CA VAL E 343 16.36 -26.43 21.03
C VAL E 343 17.63 -27.24 20.84
N PHE E 344 18.20 -27.23 19.63
CA PHE E 344 19.44 -27.96 19.41
C PHE E 344 20.63 -27.25 20.03
N SER E 345 20.60 -25.92 20.11
CA SER E 345 21.61 -25.20 20.87
C SER E 345 21.55 -25.54 22.34
N LYS E 346 20.35 -25.82 22.85
CA LYS E 346 20.18 -26.31 24.22
C LYS E 346 20.72 -27.72 24.41
N GLY E 347 20.98 -28.44 23.31
CA GLY E 347 21.48 -29.80 23.38
C GLY E 347 20.50 -30.86 22.93
N ILE E 348 19.22 -30.51 22.74
CA ILE E 348 18.25 -31.48 22.27
C ILE E 348 18.53 -31.77 20.80
N PHE E 349 19.11 -32.93 20.52
CA PHE E 349 19.59 -33.25 19.17
C PHE E 349 18.45 -33.34 18.16
N PRO E 350 17.34 -34.08 18.45
CA PRO E 350 16.20 -34.01 17.52
C PRO E 350 15.49 -32.68 17.65
N ALA E 351 15.68 -31.81 16.67
CA ALA E 351 15.22 -30.42 16.76
C ALA E 351 13.82 -30.30 16.19
N VAL E 352 12.89 -29.85 17.03
CA VAL E 352 11.54 -29.48 16.61
C VAL E 352 11.11 -28.26 17.41
N ASP E 353 10.00 -27.64 17.02
CA ASP E 353 9.38 -26.55 17.77
C ASP E 353 7.96 -26.98 18.09
N PRO E 354 7.76 -27.62 19.24
CA PRO E 354 6.42 -28.13 19.57
C PRO E 354 5.34 -27.08 19.58
N LEU E 355 5.66 -25.86 20.04
CA LEU E 355 4.65 -24.81 20.13
C LEU E 355 4.26 -24.30 18.75
N ALA E 356 5.21 -24.26 17.82
CA ALA E 356 4.96 -23.75 16.48
C ALA E 356 4.50 -24.82 15.50
N SER E 357 4.32 -26.05 15.96
CA SER E 357 3.89 -27.16 15.11
C SER E 357 2.52 -27.64 15.55
N SER E 358 1.64 -27.89 14.56
CA SER E 358 0.29 -28.34 14.85
C SER E 358 -0.14 -29.31 13.75
N SER E 359 -1.13 -30.14 14.09
CA SER E 359 -1.68 -31.11 13.16
C SER E 359 -3.20 -31.10 13.24
N THR E 360 -3.84 -31.32 12.09
CA THR E 360 -5.30 -31.34 12.04
C THR E 360 -5.88 -32.65 12.55
N ILE E 361 -5.06 -33.70 12.62
CA ILE E 361 -5.56 -35.00 13.07
C ILE E 361 -5.90 -34.97 14.56
N LEU E 362 -5.24 -34.09 15.32
CA LEU E 362 -5.41 -34.06 16.76
C LEU E 362 -6.86 -33.78 17.14
N ASP E 363 -7.55 -34.79 17.66
CA ASP E 363 -8.97 -34.72 17.95
C ASP E 363 -9.33 -35.85 18.91
N PRO E 364 -9.98 -35.56 20.04
CA PRO E 364 -10.36 -36.65 20.95
C PRO E 364 -11.31 -37.65 20.33
N ALA E 365 -12.01 -37.27 19.26
CA ALA E 365 -12.90 -38.20 18.58
C ALA E 365 -12.15 -39.27 17.80
N ILE E 366 -10.83 -39.14 17.65
CA ILE E 366 -10.05 -40.08 16.86
C ILE E 366 -9.05 -40.82 17.75
N VAL E 367 -8.16 -40.07 18.39
CA VAL E 367 -7.06 -40.66 19.15
C VAL E 367 -7.48 -40.94 20.58
N GLY E 368 -8.76 -40.75 20.88
CA GLY E 368 -9.28 -40.98 22.22
C GLY E 368 -9.08 -39.79 23.13
N ASP E 369 -9.66 -39.91 24.32
CA ASP E 369 -9.65 -38.79 25.27
C ASP E 369 -8.28 -38.58 25.90
N GLU E 370 -7.62 -39.67 26.30
CA GLU E 370 -6.40 -39.55 27.08
C GLU E 370 -5.28 -38.84 26.31
N HIS E 371 -5.15 -39.16 25.02
CA HIS E 371 -4.11 -38.54 24.21
C HIS E 371 -4.31 -37.03 24.13
N TYR E 372 -5.54 -36.60 23.83
CA TYR E 372 -5.84 -35.18 23.74
C TYR E 372 -5.62 -34.49 25.09
N ARG E 373 -6.04 -35.15 26.17
CA ARG E 373 -5.83 -34.58 27.50
C ARG E 373 -4.35 -34.32 27.74
N VAL E 374 -3.54 -35.39 27.69
CA VAL E 374 -2.13 -35.26 28.03
C VAL E 374 -1.43 -34.25 27.13
N ALA E 375 -1.83 -34.19 25.85
CA ALA E 375 -1.30 -33.15 24.98
C ALA E 375 -1.67 -31.77 25.50
N GLN E 376 -2.91 -31.61 25.99
CA GLN E 376 -3.33 -30.31 26.50
C GLN E 376 -2.50 -29.88 27.71
N GLU E 377 -2.30 -30.79 28.68
CA GLU E 377 -1.50 -30.40 29.83
C GLU E 377 -0.06 -30.11 29.42
N VAL E 378 0.50 -30.89 28.50
CA VAL E 378 1.87 -30.65 28.06
C VAL E 378 2.01 -29.26 27.45
N ILE E 379 1.06 -28.91 26.57
CA ILE E 379 1.13 -27.60 25.90
C ILE E 379 0.98 -26.47 26.90
N ARG E 380 0.03 -26.60 27.83
CA ARG E 380 -0.17 -25.54 28.82
C ARG E 380 1.07 -25.37 29.69
N ILE E 381 1.67 -26.48 30.12
CA ILE E 381 2.88 -26.42 30.93
C ILE E 381 4.01 -25.74 30.16
N LEU E 382 4.16 -26.09 28.89
CA LEU E 382 5.23 -25.49 28.08
C LEU E 382 5.03 -23.98 27.94
N GLN E 383 3.78 -23.54 27.70
CA GLN E 383 3.52 -22.11 27.59
C GLN E 383 3.81 -21.39 28.89
N ARG E 384 3.37 -21.96 30.02
CA ARG E 384 3.62 -21.33 31.31
C ARG E 384 5.12 -21.22 31.58
N TYR E 385 5.87 -22.29 31.28
CA TYR E 385 7.31 -22.25 31.48
C TYR E 385 7.97 -21.22 30.57
N LYS E 386 7.50 -21.10 29.33
CA LYS E 386 8.07 -20.08 28.45
C LYS E 386 7.85 -18.68 29.01
N ASP E 387 6.65 -18.41 29.52
CA ASP E 387 6.39 -17.11 30.13
C ASP E 387 7.31 -16.87 31.32
N LEU E 388 7.45 -17.87 32.20
CA LEU E 388 8.29 -17.71 33.37
C LEU E 388 9.75 -17.49 32.98
N GLN E 389 10.25 -18.27 32.02
CA GLN E 389 11.63 -18.11 31.57
C GLN E 389 11.85 -16.73 30.97
N ASP E 390 10.88 -16.23 30.20
CA ASP E 390 11.00 -14.89 29.66
C ASP E 390 11.07 -13.84 30.75
N ILE E 391 10.29 -14.03 31.83
CA ILE E 391 10.22 -13.00 32.86
C ILE E 391 11.27 -13.14 33.96
N ILE E 392 12.03 -14.23 34.00
CA ILE E 392 13.04 -14.41 35.04
C ILE E 392 14.45 -14.58 34.46
N ALA E 393 14.64 -14.25 33.18
CA ALA E 393 15.95 -14.45 32.56
C ALA E 393 17.02 -13.57 33.20
N ILE E 394 16.66 -12.33 33.54
CA ILE E 394 17.64 -11.37 34.02
C ILE E 394 17.46 -11.03 35.50
N LEU E 395 16.22 -11.01 36.01
CA LEU E 395 16.00 -10.60 37.39
C LEU E 395 16.68 -11.54 38.38
N GLY E 396 16.59 -12.84 38.14
CA GLY E 396 17.20 -13.80 39.04
C GLY E 396 16.23 -14.85 39.53
N ILE E 397 16.69 -16.11 39.60
CA ILE E 397 15.83 -17.21 40.02
C ILE E 397 15.42 -17.06 41.48
N ASP E 398 16.29 -16.47 42.31
CA ASP E 398 16.03 -16.38 43.74
C ASP E 398 14.84 -15.49 44.08
N GLU E 399 14.37 -14.68 43.14
CA GLU E 399 13.23 -13.79 43.41
C GLU E 399 11.89 -14.49 43.28
N LEU E 400 11.86 -15.75 42.88
CA LEU E 400 10.61 -16.44 42.57
C LEU E 400 10.08 -17.18 43.79
N SER E 401 8.92 -17.82 43.61
CA SER E 401 8.30 -18.63 44.64
C SER E 401 8.64 -20.11 44.40
N GLU E 402 8.10 -20.97 45.27
CA GLU E 402 8.38 -22.40 45.18
C GLU E 402 7.59 -23.06 44.06
N GLU E 403 6.35 -22.61 43.81
CA GLU E 403 5.55 -23.21 42.75
C GLU E 403 6.19 -23.00 41.39
N ASP E 404 6.74 -21.81 41.15
CA ASP E 404 7.42 -21.54 39.89
C ASP E 404 8.65 -22.42 39.72
N LYS E 405 9.40 -22.64 40.81
CA LYS E 405 10.57 -23.51 40.73
C LYS E 405 10.18 -24.96 40.45
N GLN E 406 9.12 -25.44 41.10
CA GLN E 406 8.64 -26.79 40.81
C GLN E 406 8.20 -26.90 39.35
N LEU E 407 7.49 -25.89 38.86
CA LEU E 407 7.01 -25.91 37.48
C LEU E 407 8.17 -25.88 36.49
N VAL E 408 9.19 -25.06 36.76
CA VAL E 408 10.32 -24.99 35.83
C VAL E 408 11.12 -26.29 35.85
N ASN E 409 11.25 -26.91 37.02
CA ASN E 409 11.93 -28.20 37.09
C ASN E 409 11.17 -29.24 36.27
N ARG E 410 9.86 -29.31 36.44
CA ARG E 410 9.07 -30.30 35.70
C ARG E 410 9.10 -30.02 34.20
N ALA E 411 9.05 -28.75 33.81
CA ALA E 411 9.12 -28.40 32.41
C ALA E 411 10.46 -28.76 31.80
N ARG E 412 11.55 -28.56 32.56
CA ARG E 412 12.86 -28.98 32.09
C ARG E 412 12.91 -30.49 31.89
N ARG E 413 12.34 -31.24 32.83
CA ARG E 413 12.27 -32.70 32.66
C ARG E 413 11.51 -33.05 31.38
N ILE E 414 10.37 -32.40 31.17
CA ILE E 414 9.55 -32.69 30.00
C ILE E 414 10.33 -32.42 28.72
N GLU E 415 10.94 -31.24 28.62
CA GLU E 415 11.63 -30.89 27.39
C GLU E 415 12.88 -31.72 27.17
N ARG E 416 13.53 -32.18 28.25
CA ARG E 416 14.64 -33.11 28.10
C ARG E 416 14.14 -34.44 27.56
N PHE E 417 12.99 -34.91 28.02
CA PHE E 417 12.51 -36.23 27.66
C PHE E 417 12.19 -36.37 26.17
N LEU E 418 12.03 -35.25 25.46
CA LEU E 418 11.69 -35.33 24.05
C LEU E 418 12.83 -35.84 23.17
N SER E 419 14.04 -35.95 23.71
CA SER E 419 15.14 -36.47 22.92
C SER E 419 14.98 -37.97 22.70
N GLN E 420 15.69 -38.49 21.71
CA GLN E 420 15.61 -39.91 21.37
C GLN E 420 16.96 -40.38 20.85
N ASN E 421 17.06 -41.69 20.66
CA ASN E 421 18.27 -42.32 20.15
C ASN E 421 18.04 -42.73 18.70
N MET E 422 18.84 -42.18 17.80
CA MET E 422 18.67 -42.41 16.37
C MET E 422 19.87 -43.14 15.80
N MET E 423 19.64 -43.91 14.74
CA MET E 423 20.72 -44.68 14.12
C MET E 423 21.70 -43.80 13.35
N ALA E 424 21.30 -42.58 13.00
CA ALA E 424 22.28 -41.61 12.50
C ALA E 424 23.37 -41.38 13.54
N ALA E 425 22.98 -41.24 14.80
CA ALA E 425 23.95 -41.20 15.88
C ALA E 425 24.69 -42.53 16.00
N GLU E 426 23.98 -43.65 15.82
CA GLU E 426 24.62 -44.96 15.93
C GLU E 426 25.72 -45.15 14.90
N GLN E 427 25.64 -44.45 13.76
CA GLN E 427 26.67 -44.55 12.75
C GLN E 427 28.03 -44.16 13.31
N PHE E 428 28.05 -43.33 14.36
CA PHE E 428 29.29 -42.88 14.98
C PHE E 428 29.47 -43.44 16.38
N THR E 429 28.46 -43.32 17.25
CA THR E 429 28.59 -43.79 18.62
C THR E 429 28.57 -45.31 18.70
N GLY E 430 27.67 -45.95 17.97
CA GLY E 430 27.55 -47.39 18.02
C GLY E 430 26.44 -47.93 18.90
N GLN E 431 25.55 -47.07 19.39
CA GLN E 431 24.41 -47.52 20.18
C GLN E 431 23.18 -47.57 19.28
N PRO E 432 22.61 -48.74 19.03
CA PRO E 432 21.51 -48.85 18.05
C PRO E 432 20.30 -48.03 18.46
N GLY E 433 19.57 -47.55 17.46
CA GLY E 433 18.36 -46.78 17.70
C GLY E 433 17.24 -47.65 18.25
N SER E 434 16.13 -46.98 18.57
CA SER E 434 15.00 -47.64 19.20
C SER E 434 13.70 -47.22 18.54
N THR E 435 12.70 -48.10 18.62
CA THR E 435 11.34 -47.83 18.20
C THR E 435 10.43 -48.08 19.38
N VAL E 436 9.64 -47.08 19.75
CA VAL E 436 8.89 -47.09 21.01
C VAL E 436 7.41 -47.22 20.69
N PRO E 437 6.74 -48.27 21.14
CA PRO E 437 5.28 -48.34 20.98
C PRO E 437 4.58 -47.20 21.69
N LEU E 438 3.39 -46.84 21.18
CA LEU E 438 2.72 -45.62 21.61
C LEU E 438 2.11 -45.75 23.00
N LYS E 439 1.61 -46.94 23.34
CA LYS E 439 0.83 -47.09 24.57
C LYS E 439 1.65 -46.75 25.80
N GLU E 440 2.81 -47.38 25.95
CA GLU E 440 3.64 -47.07 27.11
C GLU E 440 4.23 -45.67 27.02
N THR E 441 4.35 -45.11 25.82
CA THR E 441 4.82 -43.73 25.70
C THR E 441 3.82 -42.76 26.32
N ILE E 442 2.54 -42.89 25.95
CA ILE E 442 1.53 -42.02 26.53
C ILE E 442 1.38 -42.32 28.01
N GLU E 443 1.53 -43.58 28.43
CA GLU E 443 1.47 -43.88 29.86
C GLU E 443 2.60 -43.19 30.60
N ALA E 444 3.82 -43.21 30.04
CA ALA E 444 4.95 -42.58 30.69
C ALA E 444 4.77 -41.08 30.77
N PHE E 445 4.27 -40.46 29.70
CA PHE E 445 4.03 -39.02 29.74
C PHE E 445 2.96 -38.66 30.76
N ASP E 446 1.88 -39.45 30.83
CA ASP E 446 0.84 -39.21 31.83
C ASP E 446 1.40 -39.33 33.23
N LYS E 447 2.21 -40.36 33.48
CA LYS E 447 2.81 -40.52 34.80
C LYS E 447 3.73 -39.36 35.14
N LEU E 448 4.58 -38.95 34.18
CA LEU E 448 5.55 -37.90 34.44
C LEU E 448 4.87 -36.56 34.66
N THR E 449 3.71 -36.33 34.04
CA THR E 449 2.96 -35.11 34.31
C THR E 449 2.58 -35.00 35.79
N LYS E 450 2.46 -36.14 36.48
CA LYS E 450 2.20 -36.16 37.91
C LYS E 450 3.32 -36.87 38.67
N GLY E 451 4.41 -37.20 37.99
CA GLY E 451 5.45 -38.03 38.59
C GLY E 451 6.42 -37.27 39.47
N GLU E 452 7.25 -38.04 40.17
CA GLU E 452 8.29 -37.51 41.03
C GLU E 452 9.67 -37.61 40.39
N PHE E 453 9.73 -37.80 39.08
CA PHE E 453 10.98 -38.03 38.36
C PHE E 453 11.93 -36.83 38.48
N ASP E 454 11.39 -35.67 38.83
CA ASP E 454 12.17 -34.44 38.92
C ASP E 454 13.34 -34.57 39.90
N HIS E 455 13.20 -35.45 40.90
CA HIS E 455 14.29 -35.64 41.85
C HIS E 455 15.49 -36.33 41.21
N LEU E 456 15.30 -36.98 40.07
CA LEU E 456 16.40 -37.55 39.31
C LEU E 456 17.19 -36.42 38.65
N PRO E 457 18.48 -36.63 38.39
CA PRO E 457 19.27 -35.61 37.69
C PRO E 457 18.86 -35.47 36.23
N GLU E 458 19.13 -34.28 35.68
CA GLU E 458 18.70 -33.96 34.32
C GLU E 458 19.41 -34.83 33.29
N GLN E 459 20.66 -35.21 33.56
CA GLN E 459 21.40 -36.02 32.59
C GLN E 459 20.74 -37.37 32.33
N ALA E 460 19.96 -37.87 33.29
CA ALA E 460 19.20 -39.09 33.06
C ALA E 460 18.16 -38.88 31.96
N PHE E 461 17.46 -37.75 32.00
CA PHE E 461 16.42 -37.44 31.03
C PHE E 461 16.94 -36.78 29.77
N PHE E 462 18.24 -36.46 29.70
CA PHE E 462 18.78 -35.72 28.57
C PHE E 462 18.48 -36.42 27.24
N LEU E 463 18.65 -37.73 27.21
CA LEU E 463 18.25 -38.53 26.05
C LEU E 463 18.11 -39.98 26.50
N ILE E 464 17.12 -40.65 25.92
CA ILE E 464 16.74 -41.99 26.39
C ILE E 464 15.93 -42.68 25.30
N GLY E 465 15.89 -44.02 25.37
CA GLY E 465 15.13 -44.79 24.41
C GLY E 465 13.80 -45.30 24.91
N GLY E 466 13.57 -45.28 26.22
CA GLY E 466 12.32 -45.76 26.75
C GLY E 466 12.36 -45.83 28.27
N LEU E 467 11.32 -46.44 28.83
CA LEU E 467 11.18 -46.53 30.28
C LEU E 467 12.28 -47.38 30.90
N ASP E 468 12.54 -48.55 30.32
CA ASP E 468 13.59 -49.42 30.85
C ASP E 468 14.97 -48.76 30.74
N ASP E 469 15.22 -48.06 29.62
CA ASP E 469 16.47 -47.32 29.49
C ASP E 469 16.58 -46.25 30.55
N LEU E 470 15.47 -45.56 30.85
CA LEU E 470 15.47 -44.57 31.92
C LEU E 470 15.80 -45.20 33.26
N ALA E 471 15.20 -46.34 33.57
CA ALA E 471 15.48 -47.00 34.84
C ALA E 471 16.94 -47.42 34.94
N LYS E 472 17.49 -47.99 33.87
CA LYS E 472 18.88 -48.41 33.89
C LYS E 472 19.84 -47.23 34.01
N LYS E 473 19.53 -46.13 33.31
CA LYS E 473 20.35 -44.93 33.43
C LYS E 473 20.31 -44.37 34.85
N ALA E 474 19.13 -44.37 35.46
CA ALA E 474 19.02 -43.92 36.85
C ALA E 474 19.82 -44.83 37.78
N GLU E 475 19.76 -46.14 37.55
CA GLU E 475 20.53 -47.06 38.37
C GLU E 475 22.03 -46.83 38.23
N SER E 476 22.49 -46.58 37.00
CA SER E 476 23.90 -46.36 36.74
C SER E 476 24.44 -45.10 37.41
N LEU E 477 23.58 -44.19 37.84
CA LEU E 477 24.03 -42.97 38.49
C LEU E 477 23.60 -42.94 39.95
N THR F 14 -35.48 -2.22 -46.40
CA THR F 14 -36.72 -2.42 -45.68
C THR F 14 -36.54 -3.39 -44.52
N ALA F 15 -35.77 -4.45 -44.75
CA ALA F 15 -35.48 -5.46 -43.74
C ALA F 15 -33.99 -5.70 -43.66
N GLY F 16 -33.50 -5.97 -42.45
CA GLY F 16 -32.09 -6.18 -42.22
C GLY F 16 -31.75 -7.63 -41.90
N ARG F 17 -30.45 -7.87 -41.78
CA ARG F 17 -29.91 -9.18 -41.46
C ARG F 17 -29.00 -9.07 -40.25
N VAL F 18 -29.15 -10.00 -39.31
CA VAL F 18 -28.23 -10.09 -38.18
C VAL F 18 -26.94 -10.73 -38.67
N VAL F 19 -25.80 -10.13 -38.34
CA VAL F 19 -24.53 -10.62 -38.84
C VAL F 19 -23.66 -11.24 -37.75
N ARG F 20 -23.76 -10.79 -36.51
CA ARG F 20 -22.98 -11.39 -35.42
C ARG F 20 -23.68 -11.11 -34.11
N ILE F 21 -23.74 -12.12 -33.24
CA ILE F 21 -24.35 -12.02 -31.93
C ILE F 21 -23.32 -12.51 -30.91
N THR F 22 -22.82 -11.60 -30.09
CA THR F 22 -21.81 -11.92 -29.08
C THR F 22 -22.34 -11.79 -27.66
N GLY F 23 -23.64 -11.68 -27.48
CA GLY F 23 -24.22 -11.51 -26.17
C GLY F 23 -25.40 -10.55 -26.20
N PRO F 24 -25.45 -9.63 -25.24
CA PRO F 24 -26.48 -8.58 -25.32
C PRO F 24 -26.36 -7.71 -26.56
N VAL F 25 -25.14 -7.52 -27.07
CA VAL F 25 -24.93 -6.64 -28.21
C VAL F 25 -25.09 -7.41 -29.52
N VAL F 26 -25.72 -6.78 -30.49
CA VAL F 26 -26.02 -7.41 -31.78
C VAL F 26 -25.67 -6.43 -32.90
N ASP F 27 -25.10 -6.95 -33.98
CA ASP F 27 -24.78 -6.15 -35.15
C ASP F 27 -25.69 -6.54 -36.31
N VAL F 28 -26.25 -5.52 -36.97
CA VAL F 28 -27.25 -5.76 -38.01
C VAL F 28 -26.93 -4.90 -39.23
N GLU F 29 -27.16 -5.49 -40.41
CA GLU F 29 -26.88 -4.86 -41.70
C GLU F 29 -28.19 -4.53 -42.40
N PHE F 30 -28.19 -3.40 -43.10
CA PHE F 30 -29.39 -2.87 -43.76
C PHE F 30 -29.08 -2.61 -45.22
N PRO F 31 -30.09 -2.65 -46.09
CA PRO F 31 -29.88 -2.27 -47.49
C PRO F 31 -29.62 -0.77 -47.58
N ARG F 32 -29.02 -0.36 -48.70
CA ARG F 32 -28.65 1.03 -48.92
C ARG F 32 -29.89 1.93 -48.90
N GLY F 33 -29.79 3.03 -48.16
CA GLY F 33 -30.86 4.01 -48.10
C GLY F 33 -31.86 3.80 -46.99
N SER F 34 -31.78 2.70 -46.25
CA SER F 34 -32.74 2.41 -45.19
C SER F 34 -32.10 2.34 -43.81
N VAL F 35 -30.86 2.81 -43.65
CA VAL F 35 -30.22 2.78 -42.34
C VAL F 35 -31.00 3.69 -41.38
N PRO F 36 -31.27 3.25 -40.15
CA PRO F 36 -32.06 4.07 -39.23
C PRO F 36 -31.26 5.17 -38.56
N GLU F 37 -31.91 5.94 -37.69
CA GLU F 37 -31.26 7.04 -37.01
C GLU F 37 -30.42 6.52 -35.84
N LEU F 38 -29.81 7.46 -35.11
CA LEU F 38 -28.88 7.07 -34.06
C LEU F 38 -29.62 6.59 -32.81
N PHE F 39 -30.87 7.00 -32.64
CA PHE F 39 -31.72 6.45 -31.58
C PHE F 39 -33.03 6.00 -32.21
N ASN F 40 -33.38 4.73 -32.02
CA ASN F 40 -34.55 4.15 -32.66
C ASN F 40 -34.79 2.78 -32.03
N ALA F 41 -35.91 2.17 -32.40
CA ALA F 41 -36.30 0.87 -31.89
C ALA F 41 -36.53 -0.11 -33.03
N LEU F 42 -36.10 -1.35 -32.81
CA LEU F 42 -36.24 -2.41 -33.79
C LEU F 42 -36.82 -3.64 -33.11
N HIS F 43 -37.48 -4.50 -33.88
CA HIS F 43 -38.13 -5.67 -33.33
C HIS F 43 -37.56 -6.93 -33.96
N ALA F 44 -37.52 -8.00 -33.17
CA ALA F 44 -37.11 -9.31 -33.65
C ALA F 44 -37.84 -10.37 -32.82
N GLU F 45 -37.80 -11.61 -33.29
CA GLU F 45 -38.55 -12.69 -32.66
C GLU F 45 -37.68 -13.93 -32.51
N ILE F 46 -38.03 -14.74 -31.52
CA ILE F 46 -37.37 -16.01 -31.26
C ILE F 46 -38.40 -17.11 -31.51
N THR F 47 -38.09 -18.01 -32.44
CA THR F 47 -39.04 -19.01 -32.90
C THR F 47 -38.90 -20.36 -32.18
N PHE F 48 -37.99 -20.48 -31.23
CA PHE F 48 -37.85 -21.74 -30.51
C PHE F 48 -39.05 -21.96 -29.59
N GLY F 49 -39.43 -23.22 -29.45
CA GLY F 49 -40.64 -23.53 -28.69
C GLY F 49 -40.55 -23.20 -27.22
N ALA F 50 -39.41 -23.51 -26.59
CA ALA F 50 -39.30 -23.36 -25.15
C ALA F 50 -39.20 -21.89 -24.74
N LEU F 51 -38.50 -21.08 -25.53
CA LEU F 51 -38.22 -19.70 -25.18
C LEU F 51 -38.68 -18.75 -26.28
N ALA F 52 -39.89 -18.94 -26.80
CA ALA F 52 -40.41 -18.02 -27.79
C ALA F 52 -40.70 -16.67 -27.17
N LYS F 53 -40.16 -15.62 -27.79
CA LYS F 53 -40.30 -14.26 -27.27
C LYS F 53 -40.29 -13.29 -28.45
N THR F 54 -40.57 -12.03 -28.13
CA THR F 54 -40.37 -10.92 -29.04
C THR F 54 -39.47 -9.90 -28.35
N LEU F 55 -38.34 -9.59 -28.95
CA LEU F 55 -37.32 -8.77 -28.33
C LEU F 55 -37.17 -7.44 -29.07
N THR F 56 -36.81 -6.41 -28.31
CA THR F 56 -36.66 -5.05 -28.81
C THR F 56 -35.19 -4.66 -28.75
N LEU F 57 -34.70 -4.07 -29.84
CA LEU F 57 -33.32 -3.63 -29.93
C LEU F 57 -33.26 -2.12 -30.03
N GLU F 58 -32.27 -1.52 -29.39
CA GLU F 58 -32.03 -0.08 -29.44
C GLU F 58 -30.72 0.15 -30.17
N VAL F 59 -30.76 0.99 -31.22
CA VAL F 59 -29.56 1.26 -32.00
C VAL F 59 -28.58 2.08 -31.18
N ALA F 60 -27.31 1.69 -31.24
CA ALA F 60 -26.27 2.30 -30.41
C ALA F 60 -25.27 3.11 -31.21
N GLN F 61 -24.68 2.55 -32.26
CA GLN F 61 -23.71 3.32 -33.02
C GLN F 61 -23.59 2.79 -34.44
N HIS F 62 -22.97 3.60 -35.29
CA HIS F 62 -22.74 3.27 -36.69
C HIS F 62 -21.37 2.62 -36.87
N LEU F 63 -21.24 1.85 -37.95
CA LEU F 63 -19.99 1.18 -38.26
C LEU F 63 -19.59 1.29 -39.73
N GLY F 64 -20.41 1.96 -40.54
CA GLY F 64 -20.13 2.05 -41.96
C GLY F 64 -20.59 0.82 -42.72
N ASP F 65 -20.57 0.90 -44.05
CA ASP F 65 -21.01 -0.20 -44.91
C ASP F 65 -22.43 -0.63 -44.58
N SER F 66 -23.27 0.34 -44.21
CA SER F 66 -24.67 0.10 -43.86
C SER F 66 -24.79 -0.95 -42.75
N LEU F 67 -23.90 -0.88 -41.76
CA LEU F 67 -23.92 -1.79 -40.62
C LEU F 67 -24.01 -0.98 -39.33
N VAL F 68 -24.84 -1.42 -38.41
CA VAL F 68 -25.07 -0.69 -37.16
C VAL F 68 -24.99 -1.66 -35.98
N ARG F 69 -24.43 -1.18 -34.88
CA ARG F 69 -24.33 -1.96 -33.66
C ARG F 69 -25.40 -1.49 -32.67
N CYS F 70 -26.10 -2.45 -32.07
CA CYS F 70 -27.28 -2.20 -31.26
C CYS F 70 -27.20 -3.04 -29.99
N ILE F 71 -28.00 -2.68 -29.01
CA ILE F 71 -28.13 -3.46 -27.78
C ILE F 71 -29.53 -4.05 -27.71
N SER F 72 -29.75 -4.90 -26.70
CA SER F 72 -31.00 -5.63 -26.57
C SER F 72 -31.59 -5.45 -25.17
N MET F 73 -32.91 -5.59 -25.08
CA MET F 73 -33.64 -5.47 -23.83
C MET F 73 -34.05 -6.81 -23.24
N GLN F 74 -33.74 -7.92 -23.91
CA GLN F 74 -34.09 -9.24 -23.45
C GLN F 74 -32.90 -10.18 -23.60
N PRO F 75 -32.84 -11.25 -22.81
CA PRO F 75 -31.76 -12.22 -22.98
C PRO F 75 -31.76 -12.80 -24.39
N THR F 76 -30.56 -13.05 -24.92
CA THR F 76 -30.37 -13.40 -26.32
C THR F 76 -30.27 -14.92 -26.52
N ASP F 77 -30.55 -15.71 -25.50
CA ASP F 77 -30.47 -17.15 -25.63
C ASP F 77 -31.44 -17.67 -26.68
N GLY F 78 -30.98 -18.61 -27.50
CA GLY F 78 -31.81 -19.23 -28.50
C GLY F 78 -31.93 -18.49 -29.82
N LEU F 79 -31.19 -17.40 -30.00
CA LEU F 79 -31.27 -16.64 -31.23
C LEU F 79 -30.28 -17.17 -32.25
N VAL F 80 -30.68 -17.14 -33.53
CA VAL F 80 -29.89 -17.68 -34.62
C VAL F 80 -29.64 -16.57 -35.64
N ARG F 81 -28.54 -16.68 -36.36
CA ARG F 81 -28.18 -15.68 -37.35
C ARG F 81 -29.12 -15.75 -38.55
N GLY F 82 -29.22 -14.63 -39.26
CA GLY F 82 -30.02 -14.55 -40.47
C GLY F 82 -31.49 -14.26 -40.29
N VAL F 83 -31.94 -14.01 -39.06
CA VAL F 83 -33.33 -13.70 -38.80
C VAL F 83 -33.66 -12.31 -39.35
N GLU F 84 -34.95 -11.99 -39.44
CA GLU F 84 -35.41 -10.73 -40.00
C GLU F 84 -35.70 -9.73 -38.88
N VAL F 85 -35.39 -8.46 -39.14
CA VAL F 85 -35.66 -7.37 -38.20
C VAL F 85 -36.40 -6.27 -38.92
N THR F 86 -37.21 -5.52 -38.17
CA THR F 86 -38.02 -4.44 -38.72
C THR F 86 -37.79 -3.18 -37.90
N ASP F 87 -38.01 -2.04 -38.54
CA ASP F 87 -37.78 -0.73 -37.94
C ASP F 87 -39.11 -0.08 -37.58
N THR F 88 -39.21 0.41 -36.35
CA THR F 88 -40.39 1.13 -35.93
C THR F 88 -40.42 2.55 -36.47
N GLY F 89 -39.26 3.18 -36.59
CA GLY F 89 -39.15 4.53 -37.11
C GLY F 89 -39.09 5.62 -36.07
N ALA F 90 -39.35 5.31 -34.81
CA ALA F 90 -39.32 6.31 -33.74
C ALA F 90 -38.75 5.67 -32.48
N SER F 91 -38.26 6.53 -31.58
CA SER F 91 -37.70 6.06 -30.33
C SER F 91 -38.78 5.40 -29.48
N ILE F 92 -38.35 4.68 -28.45
CA ILE F 92 -39.29 3.97 -27.59
C ILE F 92 -40.17 4.97 -26.84
N SER F 93 -41.36 4.52 -26.46
CA SER F 93 -42.36 5.39 -25.87
C SER F 93 -42.84 4.80 -24.55
N VAL F 94 -43.33 5.67 -23.67
CA VAL F 94 -43.81 5.30 -22.36
C VAL F 94 -45.23 5.83 -22.21
N PRO F 95 -46.21 5.00 -21.84
CA PRO F 95 -47.57 5.51 -21.64
C PRO F 95 -47.63 6.46 -20.46
N VAL F 96 -47.91 7.74 -20.73
CA VAL F 96 -47.87 8.78 -19.71
C VAL F 96 -49.21 9.52 -19.71
N GLY F 97 -49.67 9.89 -18.53
CA GLY F 97 -50.90 10.63 -18.39
C GLY F 97 -51.39 10.58 -16.96
N ASP F 98 -52.42 11.38 -16.70
CA ASP F 98 -53.03 11.35 -15.39
C ASP F 98 -53.77 10.03 -15.17
N GLY F 99 -53.74 9.56 -13.94
CA GLY F 99 -54.37 8.31 -13.58
C GLY F 99 -53.49 7.09 -13.63
N VAL F 100 -52.28 7.21 -14.19
CA VAL F 100 -51.35 6.07 -14.19
C VAL F 100 -50.88 5.77 -12.77
N LYS F 101 -51.07 6.71 -11.85
CA LYS F 101 -50.70 6.49 -10.47
C LYS F 101 -51.55 5.36 -9.86
N GLY F 102 -50.97 4.68 -8.88
CA GLY F 102 -51.61 3.52 -8.29
C GLY F 102 -51.31 2.21 -8.97
N HIS F 103 -50.22 2.13 -9.74
CA HIS F 103 -49.90 0.92 -10.47
C HIS F 103 -48.39 0.77 -10.56
N VAL F 104 -47.96 -0.45 -10.89
CA VAL F 104 -46.54 -0.77 -11.04
C VAL F 104 -46.28 -1.11 -12.50
N PHE F 105 -45.10 -0.71 -12.96
CA PHE F 105 -44.72 -0.87 -14.36
C PHE F 105 -43.27 -1.32 -14.44
N ASN F 106 -42.85 -1.71 -15.64
CA ASN F 106 -41.48 -2.06 -15.94
C ASN F 106 -40.89 -1.04 -16.90
N ALA F 107 -39.67 -1.33 -17.38
CA ALA F 107 -38.98 -0.38 -18.25
C ALA F 107 -39.73 -0.17 -19.55
N LEU F 108 -40.27 -1.24 -20.15
CA LEU F 108 -40.95 -1.10 -21.42
C LEU F 108 -42.22 -0.27 -21.30
N GLY F 109 -42.99 -0.49 -20.23
CA GLY F 109 -44.15 0.34 -20.00
C GLY F 109 -45.44 -0.39 -19.67
N ASP F 110 -45.53 -1.67 -20.04
CA ASP F 110 -46.77 -2.41 -19.82
C ASP F 110 -46.95 -2.73 -18.33
N CYS F 111 -48.19 -2.71 -17.88
CA CYS F 111 -48.49 -2.96 -16.48
C CYS F 111 -48.23 -4.42 -16.12
N LEU F 112 -47.78 -4.64 -14.88
CA LEU F 112 -47.52 -6.00 -14.42
C LEU F 112 -48.82 -6.76 -14.16
N ASP F 113 -49.80 -6.12 -13.52
CA ASP F 113 -51.02 -6.80 -13.16
C ASP F 113 -51.89 -7.08 -14.38
N ASP F 114 -52.32 -6.03 -15.06
CA ASP F 114 -53.17 -6.18 -16.24
C ASP F 114 -52.35 -5.92 -17.48
N PRO F 115 -52.13 -6.92 -18.34
CA PRO F 115 -51.29 -6.70 -19.53
C PRO F 115 -51.84 -5.64 -20.47
N GLY F 116 -53.15 -5.55 -20.62
CA GLY F 116 -53.75 -4.59 -21.52
C GLY F 116 -53.99 -3.22 -20.96
N TYR F 117 -53.66 -2.99 -19.69
CA TYR F 117 -53.95 -1.71 -19.06
C TYR F 117 -53.02 -0.63 -19.60
N GLY F 118 -53.58 0.55 -19.85
CA GLY F 118 -52.78 1.70 -20.25
C GLY F 118 -52.39 1.75 -21.71
N LYS F 119 -52.86 0.81 -22.53
CA LYS F 119 -52.49 0.81 -23.94
C LYS F 119 -53.05 2.01 -24.68
N ASP F 120 -54.17 2.56 -24.24
CA ASP F 120 -54.86 3.63 -24.96
C ASP F 120 -54.39 5.02 -24.59
N PHE F 121 -53.52 5.16 -23.59
CA PHE F 121 -53.10 6.49 -23.17
C PHE F 121 -52.20 7.13 -24.23
N GLU F 122 -51.89 8.41 -24.02
CA GLU F 122 -50.98 9.13 -24.89
C GLU F 122 -49.53 8.83 -24.50
N HIS F 123 -48.66 8.71 -25.51
CA HIS F 123 -47.29 8.30 -25.30
C HIS F 123 -46.33 9.43 -25.63
N TRP F 124 -45.27 9.53 -24.84
CA TRP F 124 -44.20 10.49 -25.03
C TRP F 124 -42.92 9.76 -25.44
N SER F 125 -41.84 10.50 -25.57
CA SER F 125 -40.52 9.95 -25.80
C SER F 125 -39.73 9.96 -24.48
N ILE F 126 -38.54 9.36 -24.52
CA ILE F 126 -37.69 9.28 -23.33
C ILE F 126 -36.38 10.04 -23.46
N HIS F 127 -36.05 10.55 -24.65
CA HIS F 127 -34.84 11.33 -24.86
C HIS F 127 -35.25 12.78 -25.10
N ARG F 128 -34.86 13.65 -24.17
CA ARG F 128 -35.29 15.04 -24.18
C ARG F 128 -34.15 15.93 -23.72
N LYS F 129 -34.04 17.11 -24.33
CA LYS F 129 -33.00 18.05 -23.97
C LYS F 129 -33.32 18.67 -22.61
N PRO F 130 -32.30 19.03 -21.84
CA PRO F 130 -32.53 19.74 -20.57
C PRO F 130 -33.04 21.14 -20.83
N PRO F 131 -33.68 21.76 -19.84
CA PRO F 131 -34.24 23.10 -20.06
C PRO F 131 -33.16 24.14 -20.26
N ALA F 132 -33.58 25.28 -20.81
CA ALA F 132 -32.64 26.36 -21.11
C ALA F 132 -32.09 26.98 -19.83
N PHE F 133 -30.98 27.71 -19.98
CA PHE F 133 -30.30 28.27 -18.82
C PHE F 133 -31.06 29.44 -18.22
N SER F 134 -31.84 30.16 -19.03
CA SER F 134 -32.49 31.37 -18.54
C SER F 134 -33.51 31.07 -17.45
N ASP F 135 -34.22 29.94 -17.55
CA ASP F 135 -35.27 29.64 -16.59
C ASP F 135 -34.74 29.13 -15.26
N LEU F 136 -33.46 28.77 -15.18
CA LEU F 136 -32.90 28.27 -13.93
C LEU F 136 -32.92 29.37 -12.87
N GLU F 137 -33.19 28.98 -11.63
CA GLU F 137 -33.30 29.93 -10.54
C GLU F 137 -32.96 29.26 -9.21
N PRO F 138 -31.93 29.73 -8.51
CA PRO F 138 -31.60 29.14 -7.21
C PRO F 138 -32.72 29.36 -6.20
N ARG F 139 -32.90 28.38 -5.32
CA ARG F 139 -33.91 28.45 -4.27
C ARG F 139 -33.36 27.84 -2.99
N THR F 140 -33.73 28.43 -1.86
CA THR F 140 -33.25 27.98 -0.55
C THR F 140 -34.41 28.03 0.43
N GLU F 141 -34.91 26.86 0.81
CA GLU F 141 -35.97 26.75 1.80
C GLU F 141 -35.61 25.69 2.82
N MET F 142 -35.98 25.95 4.08
CA MET F 142 -35.62 25.08 5.19
C MET F 142 -36.65 23.97 5.31
N LEU F 143 -36.34 22.81 4.73
CA LEU F 143 -37.17 21.64 4.93
C LEU F 143 -36.90 21.04 6.30
N GLU F 144 -37.96 20.58 6.98
CA GLU F 144 -37.87 20.13 8.35
C GLU F 144 -38.25 18.66 8.45
N THR F 145 -37.38 17.87 9.06
CA THR F 145 -37.66 16.48 9.40
C THR F 145 -37.30 16.26 10.87
N GLY F 146 -38.10 15.46 11.57
CA GLY F 146 -37.90 15.28 12.99
C GLY F 146 -36.70 14.43 13.36
N LEU F 147 -35.52 14.82 12.89
CA LEU F 147 -34.28 14.11 13.20
C LEU F 147 -33.25 15.10 13.71
N LYS F 148 -32.49 14.68 14.72
CA LYS F 148 -31.50 15.58 15.32
C LYS F 148 -30.33 15.84 14.38
N VAL F 149 -29.80 14.77 13.77
CA VAL F 149 -28.57 14.90 12.99
C VAL F 149 -28.79 15.77 11.76
N VAL F 150 -29.92 15.56 11.07
CA VAL F 150 -30.18 16.32 9.85
C VAL F 150 -30.47 17.77 10.18
N ASP F 151 -31.30 18.01 11.20
CA ASP F 151 -31.67 19.37 11.55
C ASP F 151 -30.46 20.18 12.01
N LEU F 152 -29.62 19.58 12.86
CA LEU F 152 -28.51 20.35 13.42
C LEU F 152 -27.40 20.57 12.40
N LEU F 153 -27.02 19.52 11.66
CA LEU F 153 -25.82 19.56 10.83
C LEU F 153 -26.11 19.95 9.38
N THR F 154 -26.93 19.15 8.68
CA THR F 154 -27.12 19.29 7.23
C THR F 154 -28.61 19.44 6.95
N PRO F 155 -29.15 20.65 7.11
CA PRO F 155 -30.56 20.88 6.78
C PRO F 155 -30.82 20.66 5.29
N TYR F 156 -32.03 20.21 4.97
CA TYR F 156 -32.42 19.92 3.61
C TYR F 156 -33.07 21.14 2.96
N VAL F 157 -33.33 21.03 1.65
CA VAL F 157 -33.96 22.10 0.88
C VAL F 157 -35.13 21.52 0.12
N ARG F 158 -36.10 22.40 -0.20
CA ARG F 158 -37.34 21.95 -0.81
C ARG F 158 -37.17 21.58 -2.27
N GLY F 159 -36.42 22.39 -3.02
CA GLY F 159 -36.26 22.17 -4.44
C GLY F 159 -34.92 21.59 -4.87
N GLY F 160 -34.10 21.13 -3.93
CA GLY F 160 -32.79 20.61 -4.25
C GLY F 160 -32.76 19.10 -4.40
N LYS F 161 -31.55 18.58 -4.57
CA LYS F 161 -31.31 17.16 -4.72
C LYS F 161 -30.51 16.66 -3.53
N ILE F 162 -30.94 15.56 -2.93
CA ILE F 162 -30.30 15.02 -1.73
C ILE F 162 -29.79 13.62 -2.04
N ALA F 163 -28.64 13.27 -1.47
CA ALA F 163 -28.01 11.99 -1.72
C ALA F 163 -27.63 11.32 -0.40
N LEU F 164 -27.64 9.99 -0.43
CA LEU F 164 -27.28 9.16 0.72
C LEU F 164 -26.15 8.24 0.31
N PHE F 165 -24.94 8.53 0.78
CA PHE F 165 -23.77 7.70 0.49
C PHE F 165 -23.64 6.60 1.53
N GLY F 166 -23.48 5.36 1.07
CA GLY F 166 -23.36 4.26 2.01
C GLY F 166 -22.40 3.19 1.51
N GLY F 167 -22.05 2.30 2.44
CA GLY F 167 -21.23 1.15 2.11
C GLY F 167 -22.08 -0.08 1.86
N ALA F 168 -21.73 -1.20 2.47
CA ALA F 168 -22.48 -2.43 2.35
C ALA F 168 -23.00 -2.87 3.72
N GLY F 169 -24.29 -3.12 3.80
CA GLY F 169 -24.90 -3.51 5.06
C GLY F 169 -24.75 -2.48 6.14
N VAL F 170 -25.04 -1.21 5.82
CA VAL F 170 -24.81 -0.11 6.75
C VAL F 170 -26.13 0.48 7.20
N GLY F 171 -27.24 -0.04 6.70
CA GLY F 171 -28.55 0.41 7.13
C GLY F 171 -29.17 1.51 6.30
N LYS F 172 -28.75 1.68 5.05
CA LYS F 172 -29.26 2.79 4.24
C LYS F 172 -30.74 2.60 3.88
N THR F 173 -31.16 1.35 3.67
CA THR F 173 -32.55 1.10 3.27
C THR F 173 -33.52 1.51 4.37
N VAL F 174 -33.16 1.26 5.63
CA VAL F 174 -33.97 1.71 6.76
C VAL F 174 -34.12 3.23 6.71
N LEU F 175 -33.05 3.92 6.34
CA LEU F 175 -33.13 5.37 6.20
C LEU F 175 -34.10 5.78 5.09
N ILE F 176 -34.12 5.02 3.99
CA ILE F 176 -35.05 5.34 2.91
C ILE F 176 -36.49 5.16 3.38
N GLN F 177 -36.76 4.07 4.10
CA GLN F 177 -38.10 3.87 4.65
C GLN F 177 -38.46 4.98 5.61
N GLU F 178 -37.51 5.39 6.45
CA GLU F 178 -37.75 6.50 7.37
C GLU F 178 -38.09 7.78 6.62
N MET F 179 -37.34 8.08 5.57
CA MET F 179 -37.58 9.31 4.81
C MET F 179 -38.95 9.28 4.14
N ILE F 180 -39.31 8.15 3.53
CA ILE F 180 -40.60 8.09 2.86
C ILE F 180 -41.74 8.18 3.88
N ASN F 181 -41.57 7.59 5.06
CA ASN F 181 -42.58 7.71 6.10
C ASN F 181 -42.68 9.15 6.61
N ARG F 182 -41.55 9.84 6.71
CA ARG F 182 -41.56 11.19 7.27
C ARG F 182 -42.15 12.20 6.29
N ILE F 183 -41.88 12.03 4.99
CA ILE F 183 -42.21 13.04 4.00
C ILE F 183 -43.51 12.74 3.27
N ALA F 184 -43.74 11.48 2.90
CA ALA F 184 -44.87 11.17 2.04
C ALA F 184 -46.22 11.33 2.74
N ARG F 185 -46.25 11.36 4.07
CA ARG F 185 -47.53 11.43 4.77
C ARG F 185 -48.25 12.75 4.48
N ASN F 186 -47.58 13.87 4.68
CA ASN F 186 -48.21 15.19 4.61
C ASN F 186 -48.10 15.84 3.24
N PHE F 187 -47.48 15.18 2.27
CA PHE F 187 -47.32 15.79 0.95
C PHE F 187 -48.64 15.88 0.23
N GLY F 188 -48.86 17.02 -0.44
CA GLY F 188 -50.08 17.22 -1.20
C GLY F 188 -49.94 16.88 -2.66
N GLY F 189 -48.70 16.72 -3.12
CA GLY F 189 -48.42 16.43 -4.51
C GLY F 189 -48.40 14.95 -4.81
N THR F 190 -47.88 14.62 -5.99
CA THR F 190 -47.78 13.25 -6.46
C THR F 190 -46.32 12.80 -6.40
N SER F 191 -46.10 11.63 -5.80
CA SER F 191 -44.76 11.10 -5.65
C SER F 191 -44.48 10.03 -6.71
N VAL F 192 -43.20 9.76 -6.94
CA VAL F 192 -42.78 8.73 -7.88
C VAL F 192 -41.51 8.08 -7.35
N PHE F 193 -41.47 6.75 -7.43
CA PHE F 193 -40.38 5.93 -6.92
C PHE F 193 -39.80 5.11 -8.06
N ALA F 194 -38.48 4.93 -8.03
CA ALA F 194 -37.79 4.14 -9.04
C ALA F 194 -36.87 3.14 -8.38
N GLY F 195 -36.68 2.01 -9.05
CA GLY F 195 -35.80 0.98 -8.54
C GLY F 195 -34.81 0.50 -9.59
N VAL F 196 -33.52 0.62 -9.30
CA VAL F 196 -32.46 0.26 -10.23
C VAL F 196 -31.58 -0.78 -9.55
N GLY F 197 -31.70 -2.04 -10.01
CA GLY F 197 -30.83 -3.09 -9.54
C GLY F 197 -30.91 -3.42 -8.06
N GLU F 198 -32.12 -3.56 -7.53
CA GLU F 198 -32.34 -3.99 -6.16
C GLU F 198 -32.89 -5.41 -6.15
N ARG F 199 -33.21 -5.89 -4.95
CA ARG F 199 -33.77 -7.22 -4.78
C ARG F 199 -35.25 -7.11 -4.45
N THR F 200 -36.04 -8.02 -5.02
CA THR F 200 -37.50 -7.89 -5.04
C THR F 200 -38.14 -8.01 -3.66
N ARG F 201 -37.40 -8.50 -2.65
CA ARG F 201 -37.97 -8.61 -1.32
C ARG F 201 -38.41 -7.25 -0.79
N GLU F 202 -37.54 -6.24 -0.93
CA GLU F 202 -37.93 -4.90 -0.53
C GLU F 202 -39.04 -4.34 -1.42
N GLY F 203 -39.09 -4.76 -2.69
CA GLY F 203 -40.20 -4.33 -3.54
C GLY F 203 -41.54 -4.80 -2.99
N ASN F 204 -41.62 -6.09 -2.64
CA ASN F 204 -42.85 -6.61 -2.06
C ASN F 204 -43.14 -5.96 -0.71
N ASP F 205 -42.09 -5.76 0.10
CA ASP F 205 -42.28 -5.12 1.40
C ASP F 205 -42.87 -3.72 1.23
N LEU F 206 -42.33 -2.94 0.30
CA LEU F 206 -42.83 -1.59 0.06
C LEU F 206 -44.26 -1.63 -0.47
N TRP F 207 -44.55 -2.55 -1.40
CA TRP F 207 -45.90 -2.64 -1.93
C TRP F 207 -46.91 -2.92 -0.83
N VAL F 208 -46.65 -3.93 0.00
CA VAL F 208 -47.61 -4.27 1.04
C VAL F 208 -47.66 -3.20 2.13
N GLU F 209 -46.55 -2.49 2.37
CA GLU F 209 -46.55 -1.47 3.40
C GLU F 209 -47.31 -0.24 2.96
N LEU F 210 -47.23 0.11 1.66
CA LEU F 210 -48.01 1.22 1.16
C LEU F 210 -49.45 0.83 0.88
N ALA F 211 -49.75 -0.47 0.80
CA ALA F 211 -51.12 -0.90 0.53
C ALA F 211 -52.07 -0.43 1.63
N ASP F 212 -51.68 -0.59 2.90
CA ASP F 212 -52.52 -0.20 4.02
C ASP F 212 -52.23 1.22 4.50
N ALA F 213 -51.28 1.92 3.88
CA ALA F 213 -51.01 3.31 4.23
C ALA F 213 -51.94 4.27 3.53
N ASN F 214 -52.81 3.78 2.63
CA ASN F 214 -53.78 4.59 1.90
C ASN F 214 -53.11 5.65 1.04
N VAL F 215 -51.88 5.39 0.60
CA VAL F 215 -51.14 6.32 -0.24
C VAL F 215 -50.86 5.74 -1.62
N LEU F 216 -50.97 4.42 -1.80
CA LEU F 216 -50.62 3.79 -3.07
C LEU F 216 -51.44 4.37 -4.22
N LYS F 217 -52.65 4.83 -3.93
CA LYS F 217 -53.49 5.42 -4.97
C LYS F 217 -52.83 6.64 -5.60
N ASP F 218 -51.96 7.31 -4.86
CA ASP F 218 -51.37 8.56 -5.34
C ASP F 218 -50.08 8.35 -6.12
N THR F 219 -49.36 7.27 -5.87
CA THR F 219 -48.01 7.08 -6.40
C THR F 219 -48.01 5.99 -7.46
N ALA F 220 -47.15 6.16 -8.47
CA ALA F 220 -46.88 5.12 -9.46
C ALA F 220 -45.48 4.57 -9.23
N LEU F 221 -45.28 3.29 -9.56
CA LEU F 221 -44.02 2.62 -9.32
C LEU F 221 -43.46 2.05 -10.62
N VAL F 222 -42.15 2.12 -10.78
CA VAL F 222 -41.44 1.52 -11.90
C VAL F 222 -40.31 0.66 -11.34
N PHE F 223 -40.21 -0.58 -11.81
CA PHE F 223 -39.29 -1.54 -11.22
C PHE F 223 -38.37 -2.14 -12.27
N GLY F 224 -37.06 -2.05 -12.03
CA GLY F 224 -36.06 -2.77 -12.78
C GLY F 224 -35.06 -3.39 -11.83
N GLN F 225 -34.93 -4.71 -11.85
CA GLN F 225 -34.24 -5.43 -10.79
C GLN F 225 -32.87 -5.91 -11.28
N MET F 226 -32.16 -6.63 -10.42
CA MET F 226 -30.81 -7.08 -10.74
C MET F 226 -30.78 -8.34 -11.59
N ASP F 227 -31.90 -9.05 -11.74
CA ASP F 227 -31.93 -10.26 -12.53
C ASP F 227 -31.97 -10.00 -14.03
N GLU F 228 -32.26 -8.77 -14.44
CA GLU F 228 -32.36 -8.43 -15.85
C GLU F 228 -30.99 -8.16 -16.44
N PRO F 229 -30.85 -8.27 -17.77
CA PRO F 229 -29.58 -7.93 -18.42
C PRO F 229 -29.27 -6.45 -18.23
N PRO F 230 -27.98 -6.06 -18.34
CA PRO F 230 -27.63 -4.67 -18.08
C PRO F 230 -28.28 -3.68 -19.01
N GLY F 231 -28.67 -4.10 -20.22
CA GLY F 231 -29.30 -3.19 -21.15
C GLY F 231 -30.55 -2.53 -20.59
N THR F 232 -31.35 -3.30 -19.84
CA THR F 232 -32.55 -2.74 -19.23
C THR F 232 -32.25 -1.98 -17.95
N ARG F 233 -31.05 -2.08 -17.42
CA ARG F 233 -30.70 -1.38 -16.18
C ARG F 233 -30.26 0.06 -16.43
N MET F 234 -30.41 0.57 -17.64
CA MET F 234 -30.01 1.94 -17.97
C MET F 234 -31.19 2.80 -18.44
N ARG F 235 -32.43 2.32 -18.32
CA ARG F 235 -33.57 2.98 -18.93
C ARG F 235 -34.68 3.34 -17.95
N VAL F 236 -34.78 2.66 -16.80
CA VAL F 236 -35.87 2.91 -15.87
C VAL F 236 -35.77 4.32 -15.29
N ALA F 237 -34.54 4.81 -15.09
CA ALA F 237 -34.37 6.19 -14.63
C ALA F 237 -34.95 7.16 -15.65
N LEU F 238 -34.71 6.91 -16.94
CA LEU F 238 -35.27 7.76 -17.98
C LEU F 238 -36.79 7.70 -17.98
N SER F 239 -37.36 6.51 -17.78
CA SER F 239 -38.82 6.40 -17.74
C SER F 239 -39.41 7.20 -16.58
N ALA F 240 -38.82 7.04 -15.39
CA ALA F 240 -39.31 7.79 -14.22
C ALA F 240 -39.15 9.28 -14.43
N LEU F 241 -38.05 9.70 -15.06
CA LEU F 241 -37.86 11.11 -15.35
C LEU F 241 -38.90 11.63 -16.33
N THR F 242 -39.29 10.81 -17.31
CA THR F 242 -40.35 11.24 -18.22
C THR F 242 -41.67 11.41 -17.47
N MET F 243 -42.00 10.48 -16.57
CA MET F 243 -43.22 10.64 -15.78
C MET F 243 -43.17 11.93 -14.96
N ALA F 244 -42.05 12.19 -14.30
CA ALA F 244 -41.93 13.39 -13.47
C ALA F 244 -42.00 14.64 -14.33
N GLU F 245 -41.37 14.62 -15.51
CA GLU F 245 -41.42 15.76 -16.41
C GLU F 245 -42.84 16.07 -16.84
N PHE F 246 -43.62 15.04 -17.18
CA PHE F 246 -45.00 15.29 -17.57
C PHE F 246 -45.81 15.84 -16.41
N PHE F 247 -45.63 15.27 -15.20
CA PHE F 247 -46.40 15.78 -14.07
C PHE F 247 -45.99 17.20 -13.68
N ARG F 248 -44.74 17.59 -13.95
CA ARG F 248 -44.30 18.92 -13.57
C ARG F 248 -44.66 19.99 -14.61
N ASP F 249 -44.54 19.67 -15.89
CA ASP F 249 -44.68 20.70 -16.92
C ASP F 249 -46.13 21.12 -17.10
N GLU F 250 -47.06 20.17 -17.16
CA GLU F 250 -48.44 20.48 -17.50
C GLU F 250 -49.31 20.74 -16.28
N GLN F 251 -49.41 19.75 -15.39
CA GLN F 251 -50.36 19.86 -14.28
C GLN F 251 -49.92 20.87 -13.23
N GLY F 252 -48.65 21.27 -13.23
CA GLY F 252 -48.17 22.28 -12.31
C GLY F 252 -48.33 21.91 -10.85
N GLN F 253 -47.94 20.69 -10.50
CA GLN F 253 -48.05 20.19 -9.14
C GLN F 253 -46.67 19.92 -8.57
N ASP F 254 -46.59 19.85 -7.25
CA ASP F 254 -45.34 19.52 -6.58
C ASP F 254 -45.00 18.06 -6.83
N VAL F 255 -43.74 17.79 -7.18
CA VAL F 255 -43.30 16.46 -7.57
C VAL F 255 -42.17 16.02 -6.66
N LEU F 256 -42.26 14.77 -6.20
CA LEU F 256 -41.25 14.14 -5.36
C LEU F 256 -40.74 12.88 -6.04
N LEU F 257 -39.43 12.67 -6.00
CA LEU F 257 -38.78 11.59 -6.73
C LEU F 257 -37.84 10.82 -5.81
N PHE F 258 -37.92 9.49 -5.86
CA PHE F 258 -37.04 8.62 -5.09
C PHE F 258 -36.27 7.72 -6.04
N ILE F 259 -34.95 7.65 -5.86
CA ILE F 259 -34.07 6.87 -6.72
C ILE F 259 -33.04 6.12 -5.87
N ASP F 260 -32.87 4.84 -6.17
CA ASP F 260 -31.97 3.99 -5.39
C ASP F 260 -30.89 3.39 -6.29
N ASN F 261 -29.66 3.43 -5.80
CA ASN F 261 -28.52 2.72 -6.40
C ASN F 261 -28.25 3.17 -7.85
N ILE F 262 -27.87 4.43 -7.98
CA ILE F 262 -27.35 4.93 -9.25
C ILE F 262 -26.05 4.20 -9.62
N PHE F 263 -25.29 3.76 -8.61
CA PHE F 263 -24.07 3.02 -8.85
C PHE F 263 -24.31 1.79 -9.71
N ARG F 264 -25.49 1.18 -9.58
CA ARG F 264 -25.84 0.06 -10.44
C ARG F 264 -25.96 0.51 -11.89
N PHE F 265 -26.53 1.70 -12.11
CA PHE F 265 -26.59 2.26 -13.46
C PHE F 265 -25.18 2.48 -14.01
N THR F 266 -24.28 3.00 -13.19
CA THR F 266 -22.90 3.20 -13.62
C THR F 266 -22.24 1.87 -13.98
N GLN F 267 -22.45 0.84 -13.15
CA GLN F 267 -21.87 -0.48 -13.42
C GLN F 267 -22.41 -1.05 -14.72
N ALA F 268 -23.72 -0.92 -14.95
CA ALA F 268 -24.30 -1.41 -16.20
C ALA F 268 -23.71 -0.67 -17.39
N GLY F 269 -23.53 0.63 -17.27
CA GLY F 269 -22.88 1.38 -18.35
C GLY F 269 -21.47 0.89 -18.61
N SER F 270 -20.71 0.63 -17.55
CA SER F 270 -19.35 0.11 -17.71
C SER F 270 -19.35 -1.23 -18.44
N GLU F 271 -20.24 -2.13 -18.02
CA GLU F 271 -20.30 -3.45 -18.64
C GLU F 271 -20.67 -3.36 -20.12
N VAL F 272 -21.69 -2.56 -20.44
CA VAL F 272 -22.11 -2.47 -21.83
C VAL F 272 -21.03 -1.80 -22.66
N SER F 273 -20.31 -0.83 -22.09
CA SER F 273 -19.20 -0.21 -22.82
C SER F 273 -18.11 -1.23 -23.11
N THR F 274 -17.77 -2.07 -22.13
CA THR F 274 -16.76 -3.09 -22.36
C THR F 274 -17.20 -4.06 -23.45
N LEU F 275 -18.49 -4.43 -23.44
CA LEU F 275 -18.99 -5.32 -24.48
C LEU F 275 -18.97 -4.67 -25.86
N LEU F 276 -19.22 -3.36 -25.93
CA LEU F 276 -19.21 -2.67 -27.21
C LEU F 276 -17.82 -2.71 -27.85
N GLY F 277 -16.79 -2.57 -27.03
CA GLY F 277 -15.41 -2.55 -27.51
C GLY F 277 -14.86 -1.14 -27.55
N ARG F 278 -14.13 -0.79 -26.51
CA ARG F 278 -13.57 0.55 -26.32
C ARG F 278 -12.48 0.44 -25.26
N MET F 279 -11.41 1.21 -25.45
CA MET F 279 -10.29 1.11 -24.53
C MET F 279 -10.71 1.54 -23.13
N PRO F 280 -10.44 0.74 -22.11
CA PRO F 280 -10.81 1.12 -20.75
C PRO F 280 -10.01 2.33 -20.28
N SER F 281 -10.63 3.12 -19.40
CA SER F 281 -10.01 4.38 -18.97
C SER F 281 -9.10 4.15 -17.76
N ALA F 282 -9.67 3.70 -16.65
CA ALA F 282 -8.89 3.56 -15.42
C ALA F 282 -9.67 2.74 -14.43
N VAL F 283 -8.95 1.90 -13.69
CA VAL F 283 -9.50 1.07 -12.62
C VAL F 283 -10.62 0.22 -13.23
N GLY F 284 -10.48 -0.10 -14.51
CA GLY F 284 -11.50 -0.86 -15.21
C GLY F 284 -12.80 -0.10 -15.35
N TYR F 285 -12.76 1.04 -16.03
CA TYR F 285 -13.95 1.84 -16.27
C TYR F 285 -13.98 2.18 -17.75
N GLN F 286 -14.89 3.06 -18.14
CA GLN F 286 -15.10 3.43 -19.52
C GLN F 286 -14.91 4.92 -19.71
N PRO F 287 -14.51 5.35 -20.91
CA PRO F 287 -14.46 6.78 -21.19
C PRO F 287 -15.85 7.37 -21.24
N THR F 288 -15.92 8.69 -21.01
CA THR F 288 -17.15 9.47 -21.06
C THR F 288 -18.18 9.01 -20.03
N LEU F 289 -17.73 8.60 -18.83
CA LEU F 289 -18.68 8.30 -17.77
C LEU F 289 -19.29 9.59 -17.22
N ALA F 290 -18.46 10.62 -17.09
CA ALA F 290 -18.95 11.90 -16.59
C ALA F 290 -19.97 12.53 -17.53
N ASP F 291 -19.81 12.36 -18.84
CA ASP F 291 -20.80 12.90 -19.78
C ASP F 291 -22.17 12.26 -19.58
N GLU F 292 -22.20 10.93 -19.42
CA GLU F 292 -23.48 10.26 -19.16
C GLU F 292 -24.05 10.66 -17.82
N MET F 293 -23.19 10.76 -16.79
CA MET F 293 -23.66 11.12 -15.46
C MET F 293 -24.29 12.51 -15.47
N GLY F 294 -23.62 13.48 -16.10
CA GLY F 294 -24.17 14.82 -16.18
C GLY F 294 -25.43 14.87 -17.04
N GLU F 295 -25.44 14.13 -18.14
CA GLU F 295 -26.62 14.12 -19.00
C GLU F 295 -27.84 13.61 -18.24
N LEU F 296 -27.66 12.60 -17.39
CA LEU F 296 -28.77 12.14 -16.56
C LEU F 296 -29.11 13.17 -15.49
N GLN F 297 -28.10 13.69 -14.79
CA GLN F 297 -28.34 14.48 -13.59
C GLN F 297 -28.78 15.90 -13.88
N GLU F 298 -28.67 16.38 -15.11
CA GLU F 298 -29.06 17.74 -15.43
C GLU F 298 -30.54 17.89 -15.74
N ARG F 299 -31.29 16.80 -15.81
CA ARG F 299 -32.72 16.88 -16.06
C ARG F 299 -33.54 17.02 -14.78
N ILE F 300 -32.96 16.70 -13.63
CA ILE F 300 -33.68 16.83 -12.34
C ILE F 300 -33.40 18.24 -11.84
N THR F 301 -34.18 19.20 -12.35
CA THR F 301 -34.05 20.59 -11.96
C THR F 301 -35.45 21.18 -11.77
N SER F 302 -35.52 22.19 -10.90
CA SER F 302 -36.76 22.90 -10.64
C SER F 302 -36.62 24.32 -11.19
N THR F 303 -37.53 24.72 -12.07
CA THR F 303 -37.51 26.05 -12.64
C THR F 303 -38.05 27.07 -11.63
N ARG F 304 -38.21 28.31 -12.08
CA ARG F 304 -38.72 29.35 -11.19
C ARG F 304 -40.21 29.23 -10.93
N GLY F 305 -40.97 28.61 -11.83
CA GLY F 305 -42.40 28.47 -11.64
C GLY F 305 -42.83 27.04 -11.39
N ARG F 306 -41.88 26.12 -11.43
CA ARG F 306 -42.18 24.70 -11.24
C ARG F 306 -41.24 24.16 -10.18
N SER F 307 -41.69 23.12 -9.48
CA SER F 307 -40.91 22.55 -8.38
C SER F 307 -40.81 21.05 -8.54
N ILE F 308 -39.67 20.51 -8.08
CA ILE F 308 -39.43 19.08 -8.04
C ILE F 308 -38.32 18.81 -7.03
N THR F 309 -38.51 17.79 -6.19
CA THR F 309 -37.50 17.39 -5.21
C THR F 309 -37.12 15.94 -5.45
N SER F 310 -35.86 15.61 -5.17
CA SER F 310 -35.33 14.29 -5.47
C SER F 310 -34.40 13.82 -4.37
N MET F 311 -34.55 12.55 -4.00
CA MET F 311 -33.67 11.89 -3.04
C MET F 311 -33.11 10.62 -3.68
N GLN F 312 -31.79 10.45 -3.60
CA GLN F 312 -31.11 9.35 -4.26
C GLN F 312 -30.19 8.64 -3.28
N ALA F 313 -29.97 7.35 -3.53
CA ALA F 313 -29.07 6.53 -2.73
C ALA F 313 -27.91 6.04 -3.59
N VAL F 314 -26.70 6.05 -3.03
CA VAL F 314 -25.50 5.63 -3.74
C VAL F 314 -24.67 4.72 -2.85
N TYR F 315 -24.07 3.71 -3.47
CA TYR F 315 -23.35 2.65 -2.77
C TYR F 315 -21.87 2.73 -3.11
N VAL F 316 -21.04 2.76 -2.07
CA VAL F 316 -19.59 2.89 -2.23
C VAL F 316 -19.00 1.50 -2.36
N PRO F 317 -18.29 1.20 -3.45
CA PRO F 317 -17.74 -0.15 -3.62
C PRO F 317 -16.48 -0.35 -2.78
N ALA F 318 -16.44 -1.46 -2.05
CA ALA F 318 -15.27 -1.88 -1.27
C ALA F 318 -14.82 -0.82 -0.27
N ASP F 319 -15.74 0.04 0.16
CA ASP F 319 -15.46 1.10 1.13
C ASP F 319 -14.34 2.03 0.67
N ASP F 320 -14.22 2.25 -0.64
CA ASP F 320 -13.19 3.13 -1.19
C ASP F 320 -13.84 4.43 -1.64
N TYR F 321 -13.60 5.50 -0.90
CA TYR F 321 -14.17 6.80 -1.25
C TYR F 321 -13.40 7.52 -2.35
N THR F 322 -12.27 6.96 -2.78
CA THR F 322 -11.45 7.55 -3.82
C THR F 322 -11.83 7.05 -5.21
N ASP F 323 -12.71 6.07 -5.29
CA ASP F 323 -13.08 5.48 -6.58
C ASP F 323 -13.71 6.54 -7.48
N PRO F 324 -13.42 6.52 -8.79
CA PRO F 324 -13.99 7.54 -9.68
C PRO F 324 -15.50 7.55 -9.72
N ALA F 325 -16.14 6.38 -9.60
CA ALA F 325 -17.59 6.31 -9.76
C ALA F 325 -18.35 7.17 -8.74
N PRO F 326 -18.05 7.12 -7.44
CA PRO F 326 -18.70 8.07 -6.52
C PRO F 326 -18.08 9.46 -6.55
N ALA F 327 -16.81 9.58 -6.92
CA ALA F 327 -16.16 10.88 -6.94
C ALA F 327 -16.78 11.80 -7.98
N THR F 328 -17.07 11.28 -9.17
CA THR F 328 -17.64 12.12 -10.22
C THR F 328 -19.01 12.65 -9.84
N THR F 329 -19.84 11.82 -9.23
CA THR F 329 -21.20 12.21 -8.89
C THR F 329 -21.28 13.14 -7.68
N PHE F 330 -20.17 13.33 -6.97
CA PHE F 330 -20.24 13.99 -5.67
C PHE F 330 -20.47 15.48 -5.78
N ALA F 331 -20.04 16.10 -6.89
CA ALA F 331 -20.11 17.55 -7.07
C ALA F 331 -21.38 18.00 -7.78
N HIS F 332 -22.44 17.20 -7.73
CA HIS F 332 -23.72 17.56 -8.33
C HIS F 332 -24.83 17.63 -7.29
N LEU F 333 -24.47 17.79 -6.01
CA LEU F 333 -25.42 17.79 -4.93
C LEU F 333 -25.30 19.11 -4.17
N ASP F 334 -26.19 19.30 -3.19
CA ASP F 334 -26.11 20.43 -2.28
C ASP F 334 -26.30 20.06 -0.82
N ALA F 335 -26.64 18.82 -0.52
CA ALA F 335 -26.76 18.37 0.87
C ALA F 335 -26.50 16.87 0.90
N THR F 336 -25.33 16.47 1.38
CA THR F 336 -24.91 15.09 1.37
C THR F 336 -24.71 14.57 2.79
N THR F 337 -24.95 13.27 2.95
CA THR F 337 -24.72 12.58 4.22
C THR F 337 -23.94 11.30 3.95
N GLU F 338 -23.04 10.95 4.86
CA GLU F 338 -22.16 9.81 4.70
C GLU F 338 -22.23 8.91 5.92
N LEU F 339 -22.11 7.61 5.68
CA LEU F 339 -22.13 6.60 6.72
C LEU F 339 -20.79 5.89 6.75
N SER F 340 -20.37 5.47 7.95
CA SER F 340 -19.07 4.85 8.13
C SER F 340 -19.21 3.51 8.84
N ARG F 341 -18.29 2.60 8.51
CA ARG F 341 -18.27 1.29 9.15
C ARG F 341 -17.93 1.40 10.64
N ALA F 342 -17.03 2.32 10.99
CA ALA F 342 -16.58 2.43 12.37
C ALA F 342 -17.73 2.80 13.30
N VAL F 343 -18.51 3.81 12.94
CA VAL F 343 -19.64 4.22 13.77
C VAL F 343 -20.68 3.12 13.84
N PHE F 344 -20.86 2.38 12.73
CA PHE F 344 -21.77 1.24 12.75
C PHE F 344 -21.31 0.20 13.76
N SER F 345 -20.00 -0.08 13.81
CA SER F 345 -19.49 -1.02 14.79
C SER F 345 -19.61 -0.47 16.21
N LYS F 346 -19.57 0.86 16.37
CA LYS F 346 -19.69 1.44 17.70
C LYS F 346 -21.07 1.22 18.30
N GLY F 347 -22.08 0.96 17.48
CA GLY F 347 -23.43 0.76 17.96
C GLY F 347 -24.39 1.90 17.70
N ILE F 348 -23.96 2.93 16.99
CA ILE F 348 -24.83 4.07 16.67
C ILE F 348 -25.58 3.73 15.39
N PHE F 349 -26.87 3.44 15.51
CA PHE F 349 -27.66 3.00 14.37
C PHE F 349 -27.80 4.06 13.27
N PRO F 350 -28.05 5.35 13.56
CA PRO F 350 -28.03 6.34 12.47
C PRO F 350 -26.72 6.32 11.70
N ALA F 351 -25.62 6.15 12.43
CA ALA F 351 -24.29 5.90 11.85
C ALA F 351 -23.88 6.97 10.85
N VAL F 352 -24.13 8.23 11.18
CA VAL F 352 -23.77 9.34 10.30
C VAL F 352 -22.52 10.02 10.86
N ASP F 353 -21.55 10.26 9.98
CA ASP F 353 -20.30 10.89 10.38
C ASP F 353 -20.42 12.40 10.21
N PRO F 354 -20.34 13.18 11.30
CA PRO F 354 -20.52 14.63 11.16
C PRO F 354 -19.44 15.30 10.31
N LEU F 355 -18.22 14.78 10.31
CA LEU F 355 -17.10 15.48 9.71
C LEU F 355 -16.99 15.28 8.20
N ALA F 356 -17.88 14.49 7.60
CA ALA F 356 -17.84 14.25 6.16
C ALA F 356 -19.17 14.56 5.50
N SER F 357 -20.00 15.39 6.15
CA SER F 357 -21.29 15.77 5.60
C SER F 357 -21.41 17.28 5.64
N SER F 358 -21.97 17.86 4.58
CA SER F 358 -22.05 19.31 4.45
C SER F 358 -23.35 19.70 3.76
N SER F 359 -23.77 20.95 4.01
CA SER F 359 -24.92 21.52 3.35
C SER F 359 -24.58 22.93 2.89
N THR F 360 -25.15 23.33 1.75
CA THR F 360 -24.84 24.64 1.19
C THR F 360 -25.54 25.77 1.95
N ILE F 361 -26.75 25.53 2.44
CA ILE F 361 -27.53 26.60 3.06
C ILE F 361 -27.12 26.90 4.49
N LEU F 362 -26.12 26.21 5.02
CA LEU F 362 -25.67 26.46 6.39
C LEU F 362 -24.87 27.75 6.42
N ASP F 363 -25.52 28.86 6.77
CA ASP F 363 -24.89 30.15 6.88
C ASP F 363 -25.77 31.08 7.72
N PRO F 364 -25.18 32.10 8.37
CA PRO F 364 -26.01 32.96 9.23
C PRO F 364 -27.07 33.73 8.47
N ALA F 365 -26.87 33.97 7.17
CA ALA F 365 -27.85 34.74 6.41
C ALA F 365 -29.19 34.02 6.30
N ILE F 366 -29.15 32.70 6.09
CA ILE F 366 -30.37 31.94 5.85
C ILE F 366 -30.87 31.29 7.13
N VAL F 367 -30.02 30.47 7.76
CA VAL F 367 -30.43 29.73 8.94
C VAL F 367 -30.61 30.66 10.13
N GLY F 368 -29.66 31.56 10.33
CA GLY F 368 -29.70 32.47 11.47
C GLY F 368 -28.43 32.39 12.30
N ASP F 369 -28.32 33.35 13.21
CA ASP F 369 -27.13 33.44 14.06
C ASP F 369 -27.14 32.45 15.21
N GLU F 370 -28.28 31.88 15.56
CA GLU F 370 -28.33 30.95 16.69
C GLU F 370 -27.67 29.63 16.35
N HIS F 371 -27.97 29.08 15.17
CA HIS F 371 -27.48 27.74 14.82
C HIS F 371 -25.98 27.74 14.57
N TYR F 372 -25.45 28.84 14.00
CA TYR F 372 -24.11 28.84 13.43
C TYR F 372 -23.04 28.59 14.48
N ARG F 373 -23.08 29.36 15.57
CA ARG F 373 -22.05 29.24 16.60
C ARG F 373 -22.09 27.88 17.28
N VAL F 374 -23.29 27.39 17.56
CA VAL F 374 -23.43 26.08 18.19
C VAL F 374 -22.84 25.00 17.29
N ALA F 375 -23.16 25.04 16.00
CA ALA F 375 -22.63 24.05 15.07
C ALA F 375 -21.12 24.13 14.99
N GLN F 376 -20.56 25.36 14.94
CA GLN F 376 -19.11 25.50 14.85
C GLN F 376 -18.43 24.94 16.09
N GLU F 377 -18.98 25.22 17.28
CA GLU F 377 -18.39 24.69 18.50
C GLU F 377 -18.44 23.16 18.51
N VAL F 378 -19.56 22.58 18.08
CA VAL F 378 -19.68 21.13 18.07
C VAL F 378 -18.65 20.51 17.14
N ILE F 379 -18.52 21.07 15.94
CA ILE F 379 -17.58 20.50 14.98
C ILE F 379 -16.14 20.64 15.47
N ARG F 380 -15.83 21.77 16.14
CA ARG F 380 -14.50 21.93 16.71
C ARG F 380 -14.21 20.87 17.75
N ILE F 381 -15.18 20.60 18.65
CA ILE F 381 -14.99 19.59 19.67
C ILE F 381 -14.74 18.22 19.03
N LEU F 382 -15.54 17.87 18.03
CA LEU F 382 -15.38 16.58 17.37
C LEU F 382 -14.01 16.48 16.69
N GLN F 383 -13.56 17.55 16.05
CA GLN F 383 -12.26 17.52 15.39
C GLN F 383 -11.14 17.32 16.41
N ARG F 384 -11.21 18.01 17.54
CA ARG F 384 -10.19 17.84 18.57
C ARG F 384 -10.17 16.41 19.09
N TYR F 385 -11.35 15.83 19.32
CA TYR F 385 -11.39 14.45 19.78
C TYR F 385 -10.79 13.49 18.76
N LYS F 386 -11.11 13.69 17.49
CA LYS F 386 -10.53 12.84 16.46
C LYS F 386 -9.02 12.99 16.40
N ASP F 387 -8.51 14.20 16.64
CA ASP F 387 -7.06 14.39 16.66
C ASP F 387 -6.43 13.63 17.82
N LEU F 388 -7.05 13.67 19.00
CA LEU F 388 -6.44 13.05 20.17
C LEU F 388 -6.67 11.55 20.27
N GLN F 389 -7.57 10.99 19.44
CA GLN F 389 -7.94 9.58 19.57
C GLN F 389 -6.75 8.64 19.48
N ASP F 390 -5.72 8.99 18.70
CA ASP F 390 -4.60 8.07 18.54
C ASP F 390 -3.83 7.88 19.84
N ILE F 391 -3.44 8.99 20.48
CA ILE F 391 -2.76 8.91 21.76
C ILE F 391 -3.68 8.31 22.81
N ILE F 392 -5.00 8.57 22.70
CA ILE F 392 -5.94 7.90 23.59
C ILE F 392 -5.84 6.39 23.45
N ALA F 393 -5.77 5.91 22.21
CA ALA F 393 -5.75 4.46 21.95
C ALA F 393 -4.46 3.84 22.44
N ILE F 394 -3.32 4.47 22.14
CA ILE F 394 -2.04 3.81 22.40
C ILE F 394 -1.76 3.71 23.90
N LEU F 395 -2.06 4.75 24.67
CA LEU F 395 -1.72 4.75 26.09
C LEU F 395 -2.96 4.79 26.97
N GLY F 396 -3.82 5.78 26.76
CA GLY F 396 -4.96 5.99 27.61
C GLY F 396 -5.28 7.45 27.81
N ILE F 397 -6.12 7.75 28.82
CA ILE F 397 -6.55 9.14 29.03
C ILE F 397 -5.76 9.83 30.12
N ASP F 398 -4.81 9.14 30.74
CA ASP F 398 -4.10 9.72 31.89
C ASP F 398 -3.09 10.77 31.46
N GLU F 399 -2.48 10.62 30.28
CA GLU F 399 -1.40 11.51 29.88
C GLU F 399 -1.88 12.92 29.59
N LEU F 400 -3.16 13.09 29.29
CA LEU F 400 -3.65 14.40 28.86
C LEU F 400 -3.81 15.34 30.04
N SER F 401 -3.92 16.64 29.73
CA SER F 401 -4.17 17.64 30.75
C SER F 401 -5.64 17.62 31.17
N GLU F 402 -5.97 18.42 32.18
CA GLU F 402 -7.33 18.44 32.70
C GLU F 402 -8.33 18.94 31.66
N GLU F 403 -8.00 20.04 30.98
CA GLU F 403 -8.92 20.62 30.01
C GLU F 403 -9.16 19.68 28.84
N ASP F 404 -8.09 19.04 28.35
CA ASP F 404 -8.27 18.06 27.27
C ASP F 404 -9.08 16.87 27.74
N LYS F 405 -8.89 16.46 29.00
CA LYS F 405 -9.67 15.35 29.54
C LYS F 405 -11.17 15.69 29.55
N GLN F 406 -11.51 16.89 30.02
CA GLN F 406 -12.93 17.26 30.03
C GLN F 406 -13.47 17.45 28.62
N LEU F 407 -12.64 17.93 27.70
CA LEU F 407 -13.08 18.03 26.31
C LEU F 407 -13.38 16.66 25.74
N VAL F 408 -12.52 15.68 26.02
CA VAL F 408 -12.77 14.31 25.55
C VAL F 408 -14.04 13.75 26.17
N ASN F 409 -14.25 14.01 27.46
CA ASN F 409 -15.45 13.51 28.13
C ASN F 409 -16.71 14.06 27.47
N ARG F 410 -16.79 15.38 27.30
CA ARG F 410 -18.00 15.94 26.71
C ARG F 410 -18.11 15.61 25.22
N ALA F 411 -16.99 15.37 24.54
CA ALA F 411 -17.05 14.90 23.17
C ALA F 411 -17.69 13.52 23.10
N ARG F 412 -17.31 12.63 24.02
CA ARG F 412 -17.94 11.31 24.07
C ARG F 412 -19.43 11.44 24.38
N ARG F 413 -19.79 12.33 25.32
CA ARG F 413 -21.19 12.54 25.64
C ARG F 413 -21.98 13.00 24.41
N ILE F 414 -21.43 13.97 23.68
CA ILE F 414 -22.11 14.49 22.49
C ILE F 414 -22.24 13.40 21.44
N GLU F 415 -21.17 12.63 21.22
CA GLU F 415 -21.22 11.58 20.21
C GLU F 415 -22.28 10.54 20.55
N ARG F 416 -22.35 10.14 21.82
CA ARG F 416 -23.36 9.15 22.21
C ARG F 416 -24.76 9.72 22.11
N PHE F 417 -24.94 11.00 22.48
CA PHE F 417 -26.27 11.60 22.45
C PHE F 417 -26.79 11.80 21.03
N LEU F 418 -25.90 11.84 20.03
CA LEU F 418 -26.33 12.22 18.69
C LEU F 418 -27.19 11.14 18.03
N SER F 419 -27.20 9.92 18.57
CA SER F 419 -28.07 8.87 18.06
C SER F 419 -29.50 9.11 18.51
N GLN F 420 -30.45 8.73 17.67
CA GLN F 420 -31.87 8.91 17.94
C GLN F 420 -32.63 7.62 17.68
N ASN F 421 -33.66 7.37 18.49
CA ASN F 421 -34.51 6.21 18.30
C ASN F 421 -35.25 6.30 16.98
N MET F 422 -35.28 5.20 16.23
CA MET F 422 -35.80 5.20 14.87
C MET F 422 -37.33 5.09 14.87
N MET F 423 -37.92 5.23 13.68
CA MET F 423 -39.36 5.09 13.49
C MET F 423 -39.75 3.76 12.86
N ALA F 424 -38.94 3.21 11.96
CA ALA F 424 -39.27 1.99 11.23
C ALA F 424 -38.56 0.77 11.80
N ALA F 425 -37.99 0.89 13.00
CA ALA F 425 -37.31 -0.22 13.64
C ALA F 425 -38.23 -1.04 14.54
N GLU F 426 -39.54 -0.82 14.46
CA GLU F 426 -40.48 -1.59 15.27
C GLU F 426 -40.42 -3.07 14.94
N GLN F 427 -40.01 -3.41 13.72
CA GLN F 427 -39.85 -4.81 13.36
C GLN F 427 -38.77 -5.49 14.21
N PHE F 428 -37.77 -4.73 14.65
CA PHE F 428 -36.61 -5.31 15.30
C PHE F 428 -36.56 -4.99 16.79
N THR F 429 -36.60 -3.70 17.12
CA THR F 429 -36.48 -3.30 18.53
C THR F 429 -37.81 -3.40 19.26
N GLY F 430 -38.91 -3.04 18.60
CA GLY F 430 -40.19 -3.02 19.28
C GLY F 430 -40.29 -1.94 20.34
N GLN F 431 -39.65 -0.79 20.09
CA GLN F 431 -39.72 0.37 20.96
C GLN F 431 -40.18 1.56 20.13
N PRO F 432 -41.36 2.13 20.41
CA PRO F 432 -41.89 3.22 19.57
C PRO F 432 -40.94 4.40 19.47
N GLY F 433 -40.86 5.00 18.28
CA GLY F 433 -39.97 6.11 18.05
C GLY F 433 -40.56 7.44 18.48
N SER F 434 -39.83 8.51 18.15
CA SER F 434 -40.24 9.85 18.51
C SER F 434 -39.73 10.85 17.49
N THR F 435 -40.33 12.04 17.50
CA THR F 435 -39.92 13.17 16.68
C THR F 435 -39.69 14.38 17.58
N VAL F 436 -38.73 15.22 17.17
CA VAL F 436 -38.30 16.32 18.04
C VAL F 436 -38.36 17.66 17.30
N PRO F 437 -38.91 18.69 17.91
CA PRO F 437 -38.85 20.03 17.31
C PRO F 437 -37.44 20.61 17.37
N LEU F 438 -37.18 21.54 16.46
CA LEU F 438 -35.82 22.06 16.28
C LEU F 438 -35.33 22.82 17.52
N LYS F 439 -36.20 23.64 18.12
CA LYS F 439 -35.77 24.49 19.22
C LYS F 439 -35.28 23.67 20.41
N GLU F 440 -35.95 22.56 20.69
CA GLU F 440 -35.50 21.68 21.77
C GLU F 440 -34.10 21.15 21.49
N THR F 441 -33.84 20.75 20.24
CA THR F 441 -32.50 20.30 19.89
C THR F 441 -31.47 21.40 20.08
N ILE F 442 -31.81 22.62 19.66
CA ILE F 442 -30.86 23.73 19.77
C ILE F 442 -30.53 23.99 21.23
N GLU F 443 -31.55 24.06 22.08
CA GLU F 443 -31.30 24.30 23.50
C GLU F 443 -30.52 23.17 24.14
N ALA F 444 -30.86 21.92 23.81
CA ALA F 444 -30.14 20.79 24.39
C ALA F 444 -28.68 20.80 23.99
N PHE F 445 -28.38 21.08 22.73
CA PHE F 445 -27.00 21.09 22.28
C PHE F 445 -26.23 22.28 22.86
N ASP F 446 -26.90 23.43 23.04
CA ASP F 446 -26.26 24.55 23.71
C ASP F 446 -25.88 24.18 25.13
N LYS F 447 -26.80 23.52 25.86
CA LYS F 447 -26.50 23.09 27.22
C LYS F 447 -25.36 22.08 27.24
N LEU F 448 -25.37 21.14 26.29
CA LEU F 448 -24.30 20.15 26.22
C LEU F 448 -22.95 20.81 25.99
N THR F 449 -22.90 21.77 25.06
CA THR F 449 -21.65 22.47 24.79
C THR F 449 -21.17 23.25 26.01
N LYS F 450 -22.10 23.91 26.71
CA LYS F 450 -21.72 24.58 27.95
C LYS F 450 -21.36 23.59 29.04
N GLY F 451 -21.84 22.36 28.97
CA GLY F 451 -21.45 21.32 29.91
C GLY F 451 -22.19 21.36 31.24
N GLU F 452 -23.51 21.23 31.20
CA GLU F 452 -24.32 21.13 32.41
C GLU F 452 -24.75 19.70 32.71
N PHE F 453 -24.29 18.73 31.93
CA PHE F 453 -24.64 17.34 32.15
C PHE F 453 -23.40 16.50 32.40
N ASP F 454 -22.50 17.01 33.25
CA ASP F 454 -21.22 16.34 33.49
C ASP F 454 -21.41 15.09 34.35
N HIS F 455 -22.24 15.17 35.38
CA HIS F 455 -22.37 14.07 36.33
C HIS F 455 -23.22 12.93 35.82
N LEU F 456 -23.91 13.09 34.70
CA LEU F 456 -24.78 12.04 34.21
C LEU F 456 -23.95 10.91 33.56
N PRO F 457 -24.40 9.67 33.71
CA PRO F 457 -23.68 8.56 33.08
C PRO F 457 -23.86 8.56 31.56
N GLU F 458 -22.90 7.92 30.88
CA GLU F 458 -22.91 7.89 29.42
C GLU F 458 -24.09 7.07 28.89
N GLN F 459 -24.45 5.99 29.58
CA GLN F 459 -25.44 5.06 29.05
C GLN F 459 -26.78 5.72 28.81
N ALA F 460 -27.08 6.79 29.55
CA ALA F 460 -28.35 7.49 29.35
C ALA F 460 -28.43 8.14 27.98
N PHE F 461 -27.30 8.55 27.40
CA PHE F 461 -27.28 9.24 26.11
C PHE F 461 -27.23 8.20 25.00
N PHE F 462 -28.34 7.50 24.80
CA PHE F 462 -28.37 6.44 23.80
C PHE F 462 -29.79 6.19 23.35
N LEU F 463 -30.12 6.66 22.13
CA LEU F 463 -31.45 6.47 21.54
C LEU F 463 -32.56 6.96 22.47
N ILE F 464 -32.56 8.26 22.72
CA ILE F 464 -33.50 8.83 23.68
C ILE F 464 -34.42 9.88 23.07
N GLY F 465 -34.04 10.49 21.96
CA GLY F 465 -34.90 11.51 21.36
C GLY F 465 -34.84 12.81 22.13
N GLY F 466 -35.99 13.22 22.67
CA GLY F 466 -36.08 14.47 23.41
C GLY F 466 -35.33 14.45 24.72
N LEU F 467 -34.95 15.63 25.22
CA LEU F 467 -34.20 15.69 26.46
C LEU F 467 -35.05 15.33 27.67
N ASP F 468 -36.37 15.48 27.55
CA ASP F 468 -37.26 15.07 28.64
C ASP F 468 -37.16 13.57 28.89
N ASP F 469 -37.12 12.78 27.82
CA ASP F 469 -36.93 11.34 27.97
C ASP F 469 -35.56 11.03 28.56
N LEU F 470 -34.55 11.84 28.23
CA LEU F 470 -33.24 11.66 28.85
C LEU F 470 -33.30 11.90 30.35
N ALA F 471 -33.99 12.97 30.76
CA ALA F 471 -34.14 13.23 32.19
C ALA F 471 -34.89 12.10 32.87
N LYS F 472 -35.93 11.57 32.23
CA LYS F 472 -36.67 10.44 32.80
C LYS F 472 -35.78 9.21 32.93
N LYS F 473 -34.98 8.91 31.91
CA LYS F 473 -34.09 7.75 31.95
C LYS F 473 -32.93 7.95 32.91
N ALA F 474 -32.65 9.20 33.31
CA ALA F 474 -31.55 9.45 34.24
C ALA F 474 -31.78 8.74 35.57
N GLU F 475 -33.00 8.84 36.11
CA GLU F 475 -33.32 8.17 37.36
C GLU F 475 -33.61 6.69 37.19
N SER F 476 -33.76 6.21 35.96
CA SER F 476 -33.98 4.79 35.74
C SER F 476 -32.77 3.95 36.10
N LEU F 477 -31.61 4.57 36.28
CA LEU F 477 -30.40 3.85 36.65
C LEU F 477 -30.05 4.10 38.12
N THR G 4 -0.02 6.24 1.05
CA THR G 4 1.33 5.74 0.79
C THR G 4 1.79 4.78 1.88
N LEU G 5 2.69 3.86 1.50
CA LEU G 5 3.22 2.89 2.44
C LEU G 5 4.38 3.42 3.27
N ARG G 6 4.95 4.57 2.90
CA ARG G 6 6.03 5.15 3.68
C ARG G 6 5.55 5.53 5.08
N GLU G 7 4.35 6.11 5.16
CA GLU G 7 3.76 6.40 6.46
C GLU G 7 3.56 5.12 7.26
N LEU G 8 3.15 4.04 6.59
CA LEU G 8 2.99 2.76 7.27
C LEU G 8 4.31 2.27 7.85
N ARG G 9 5.39 2.37 7.07
CA ARG G 9 6.70 1.96 7.56
C ARG G 9 7.13 2.80 8.76
N GLY G 10 6.92 4.11 8.68
CA GLY G 10 7.27 4.96 9.80
C GLY G 10 6.49 4.61 11.06
N ARG G 11 5.19 4.36 10.91
CA ARG G 11 4.38 3.94 12.05
C ARG G 11 4.89 2.63 12.62
N ILE G 12 5.26 1.69 11.74
CA ILE G 12 5.73 0.38 12.20
C ILE G 12 7.00 0.53 13.04
N ARG G 13 7.96 1.30 12.54
CA ARG G 13 9.21 1.44 13.28
C ARG G 13 9.00 2.19 14.59
N SER G 14 8.14 3.21 14.59
CA SER G 14 7.85 3.93 15.83
C SER G 14 7.21 3.00 16.86
N ALA G 15 6.27 2.15 16.41
CA ALA G 15 5.62 1.22 17.33
C ALA G 15 6.61 0.19 17.88
N GLY G 16 7.53 -0.28 17.05
CA GLY G 16 8.57 -1.16 17.55
C GLY G 16 9.39 -0.50 18.64
N SER G 17 9.80 0.75 18.39
CA SER G 17 10.58 1.48 19.39
C SER G 17 9.81 1.62 20.70
N ILE G 18 8.52 1.98 20.61
CA ILE G 18 7.77 2.22 21.83
C ILE G 18 7.58 0.92 22.60
N LYS G 19 7.39 -0.21 21.90
CA LYS G 19 7.18 -1.45 22.62
C LYS G 19 8.47 -1.90 23.32
N LYS G 20 9.62 -1.69 22.68
CA LYS G 20 10.88 -2.00 23.36
C LYS G 20 11.04 -1.15 24.61
N ILE G 21 10.76 0.16 24.49
CA ILE G 21 10.85 1.04 25.66
C ILE G 21 9.92 0.55 26.76
N THR G 22 8.71 0.13 26.39
CA THR G 22 7.74 -0.31 27.39
C THR G 22 8.23 -1.54 28.15
N LYS G 23 8.76 -2.53 27.43
CA LYS G 23 9.22 -3.73 28.13
C LYS G 23 10.39 -3.41 29.05
N ALA G 24 11.32 -2.56 28.59
CA ALA G 24 12.41 -2.16 29.46
C ALA G 24 11.90 -1.48 30.72
N GLN G 25 10.93 -0.58 30.56
CA GLN G 25 10.38 0.15 31.70
C GLN G 25 9.71 -0.80 32.69
N GLU G 26 8.93 -1.76 32.19
CA GLU G 26 8.22 -2.64 33.11
C GLU G 26 9.17 -3.60 33.82
N LEU G 27 10.24 -4.04 33.16
CA LEU G 27 11.23 -4.85 33.86
C LEU G 27 11.92 -4.06 34.96
N ILE G 28 12.29 -2.80 34.66
CA ILE G 28 12.87 -1.97 35.71
C ILE G 28 11.87 -1.79 36.85
N ALA G 29 10.59 -1.65 36.51
CA ALA G 29 9.56 -1.45 37.53
C ALA G 29 9.43 -2.65 38.44
N THR G 30 9.41 -3.86 37.88
CA THR G 30 9.27 -5.04 38.74
C THR G 30 10.51 -5.24 39.60
N SER G 31 11.69 -4.93 39.07
CA SER G 31 12.88 -4.93 39.92
C SER G 31 12.74 -3.92 41.06
N ARG G 32 12.19 -2.75 40.76
CA ARG G 32 12.00 -1.73 41.77
C ARG G 32 11.05 -2.18 42.87
N ILE G 33 9.94 -2.83 42.50
CA ILE G 33 9.02 -3.31 43.52
C ILE G 33 9.67 -4.41 44.35
N ALA G 34 10.48 -5.26 43.72
CA ALA G 34 11.18 -6.30 44.46
C ALA G 34 12.11 -5.69 45.50
N LYS G 35 12.84 -4.64 45.13
CA LYS G 35 13.76 -4.02 46.08
C LYS G 35 13.07 -3.11 47.08
N ALA G 36 11.85 -2.66 46.80
CA ALA G 36 11.13 -1.78 47.72
C ALA G 36 10.32 -2.55 48.76
N GLN G 37 9.84 -3.75 48.42
CA GLN G 37 9.16 -4.57 49.42
C GLN G 37 10.10 -4.89 50.58
N ALA G 38 11.37 -5.17 50.27
CA ALA G 38 12.35 -5.42 51.33
C ALA G 38 12.50 -4.20 52.22
N ARG G 39 12.56 -3.00 51.63
CA ARG G 39 12.73 -1.80 52.45
C ARG G 39 11.53 -1.56 53.35
N VAL G 40 10.32 -1.76 52.84
CA VAL G 40 9.15 -1.49 53.68
C VAL G 40 9.04 -2.54 54.78
N GLU G 41 9.33 -3.81 54.47
CA GLU G 41 9.26 -4.83 55.52
C GLU G 41 10.37 -4.66 56.53
N ALA G 42 11.51 -4.08 56.14
CA ALA G 42 12.56 -3.78 57.10
C ALA G 42 12.24 -2.55 57.94
N ALA G 43 11.45 -1.62 57.39
CA ALA G 43 11.01 -0.47 58.17
C ALA G 43 9.92 -0.86 59.16
N ARG G 44 9.15 -1.90 58.85
CA ARG G 44 8.05 -2.33 59.73
C ARG G 44 8.46 -2.59 61.18
N PRO G 45 9.52 -3.33 61.49
CA PRO G 45 9.80 -3.65 62.91
C PRO G 45 10.04 -2.42 63.77
N TYR G 46 10.70 -1.39 63.25
CA TYR G 46 10.90 -0.18 64.05
C TYR G 46 9.57 0.49 64.36
N ALA G 47 8.66 0.52 63.38
CA ALA G 47 7.33 1.05 63.63
C ALA G 47 6.61 0.23 64.69
N ALA G 48 6.76 -1.09 64.64
CA ALA G 48 6.15 -1.94 65.66
C ALA G 48 6.71 -1.62 67.06
N GLU G 49 8.04 -1.46 67.16
CA GLU G 49 8.65 -1.12 68.44
C GLU G 49 8.15 0.22 68.94
N ILE G 50 8.07 1.22 68.05
CA ILE G 50 7.61 2.54 68.45
C ILE G 50 6.16 2.47 68.94
N THR G 51 5.31 1.74 68.22
CA THR G 51 3.92 1.59 68.64
C THR G 51 3.83 0.90 70.00
N ASN G 52 4.64 -0.15 70.21
CA ASN G 52 4.60 -0.86 71.48
C ASN G 52 5.04 0.02 72.64
N MET G 53 6.13 0.77 72.47
CA MET G 53 6.59 1.63 73.55
C MET G 53 5.60 2.77 73.80
N LEU G 54 4.98 3.30 72.75
CA LEU G 54 3.97 4.33 72.93
C LEU G 54 2.77 3.79 73.71
N THR G 55 2.32 2.58 73.37
CA THR G 55 1.21 1.98 74.09
C THR G 55 1.58 1.73 75.55
N GLU G 56 2.80 1.28 75.80
CA GLU G 56 3.24 1.08 77.18
C GLU G 56 3.25 2.40 77.95
N LEU G 57 3.74 3.47 77.33
CA LEU G 57 3.73 4.78 77.98
C LEU G 57 2.31 5.24 78.26
N ALA G 58 1.40 5.05 77.30
CA ALA G 58 0.01 5.45 77.47
C ALA G 58 -0.75 4.57 78.46
N GLY G 59 -0.16 3.45 78.89
CA GLY G 59 -0.89 2.54 79.78
C GLY G 59 -1.29 3.20 81.08
N ALA G 60 -0.40 3.99 81.68
CA ALA G 60 -0.69 4.72 82.89
C ALA G 60 -0.68 6.23 82.67
N SER G 61 0.40 6.76 82.14
CA SER G 61 0.51 8.20 81.86
C SER G 61 1.66 8.47 80.89
N HIS G 65 -0.96 18.15 76.97
CA HIS G 65 -1.30 17.45 75.73
C HIS G 65 -2.57 18.00 75.07
N PRO G 66 -2.52 19.23 74.58
CA PRO G 66 -3.68 19.80 73.89
C PRO G 66 -4.10 19.00 72.67
N LEU G 67 -3.15 18.31 72.02
CA LEU G 67 -3.47 17.49 70.86
C LEU G 67 -4.44 16.36 71.21
N LEU G 68 -4.45 15.91 72.46
CA LEU G 68 -5.33 14.83 72.89
C LEU G 68 -6.64 15.34 73.45
N VAL G 69 -6.87 16.65 73.42
CA VAL G 69 -8.09 17.26 73.93
C VAL G 69 -8.84 17.87 72.75
N GLU G 70 -10.11 17.51 72.61
CA GLU G 70 -10.91 17.99 71.49
C GLU G 70 -11.24 19.47 71.66
N ARG G 71 -11.49 20.13 70.53
CA ARG G 71 -11.85 21.54 70.51
C ARG G 71 -13.36 21.69 70.69
N LYS G 72 -13.75 22.82 71.29
CA LYS G 72 -15.17 23.04 71.59
C LYS G 72 -15.98 23.21 70.31
N GLN G 73 -15.54 24.07 69.41
CA GLN G 73 -16.26 24.38 68.18
C GLN G 73 -15.29 24.40 67.01
N PRO G 74 -15.09 23.26 66.34
CA PRO G 74 -14.25 23.24 65.13
C PRO G 74 -14.85 24.11 64.05
N LYS G 75 -13.98 24.74 63.25
CA LYS G 75 -14.44 25.52 62.10
C LYS G 75 -13.71 25.16 60.81
N ARG G 76 -12.44 24.77 60.89
CA ARG G 76 -11.66 24.43 59.70
C ARG G 76 -11.17 22.99 59.84
N ALA G 77 -10.63 22.45 58.75
CA ALA G 77 -10.06 21.11 58.77
C ALA G 77 -8.95 21.04 57.72
N GLY G 78 -7.79 20.53 58.13
CA GLY G 78 -6.64 20.42 57.24
C GLY G 78 -6.57 19.06 56.57
N VAL G 79 -6.12 19.05 55.32
CA VAL G 79 -6.04 17.83 54.53
C VAL G 79 -4.70 17.76 53.81
N LEU G 80 -4.19 16.54 53.65
CA LEU G 80 -2.96 16.24 52.94
C LEU G 80 -3.25 15.34 51.76
N VAL G 81 -2.61 15.62 50.62
CA VAL G 81 -2.73 14.79 49.43
C VAL G 81 -1.32 14.39 49.00
N VAL G 82 -1.19 13.16 48.51
CA VAL G 82 0.08 12.64 48.01
C VAL G 82 -0.14 12.12 46.60
N SER G 83 0.85 12.34 45.73
CA SER G 83 0.74 11.94 44.34
C SER G 83 2.12 11.65 43.79
N SER G 84 2.16 10.90 42.69
CA SER G 84 3.42 10.52 42.07
C SER G 84 4.05 11.74 41.39
N ASP G 85 5.34 11.93 41.61
CA ASP G 85 6.06 13.02 40.95
C ASP G 85 6.24 12.78 39.46
N ARG G 86 6.33 11.51 39.05
CA ARG G 86 6.53 11.15 37.66
C ARG G 86 5.19 10.81 37.00
N GLY G 87 5.27 10.42 35.73
CA GLY G 87 4.09 10.03 34.99
C GLY G 87 3.96 8.53 34.79
N LEU G 88 3.18 8.13 33.78
CA LEU G 88 3.00 6.73 33.43
C LEU G 88 2.52 5.88 34.61
N CYS G 89 1.53 6.38 35.35
CA CYS G 89 0.92 5.64 36.45
C CYS G 89 -0.61 5.70 36.27
N GLY G 90 -1.18 4.58 35.83
CA GLY G 90 -2.60 4.54 35.53
C GLY G 90 -3.51 4.74 36.71
N ALA G 91 -4.28 5.83 36.69
CA ALA G 91 -5.34 6.11 37.66
C ALA G 91 -4.83 6.24 39.10
N TYR G 92 -3.50 6.18 39.28
CA TYR G 92 -2.94 6.24 40.64
C TYR G 92 -3.28 7.57 41.30
N ASN G 93 -3.13 8.67 40.58
CA ASN G 93 -3.52 9.97 41.10
C ASN G 93 -5.04 10.16 41.04
N ALA G 94 -5.69 9.57 40.04
CA ALA G 94 -7.13 9.73 39.90
C ALA G 94 -7.87 9.20 41.12
N ASN G 95 -7.45 8.05 41.63
CA ASN G 95 -8.14 7.45 42.77
C ASN G 95 -8.03 8.32 44.01
N VAL G 96 -6.82 8.79 44.32
CA VAL G 96 -6.65 9.61 45.51
C VAL G 96 -7.34 10.95 45.36
N LEU G 97 -7.42 11.49 44.14
CA LEU G 97 -8.16 12.73 43.94
C LEU G 97 -9.66 12.51 44.09
N ARG G 98 -10.17 11.34 43.66
CA ARG G 98 -11.57 11.01 43.93
C ARG G 98 -11.84 10.97 45.42
N ARG G 99 -10.95 10.34 46.17
CA ARG G 99 -11.11 10.30 47.62
C ARG G 99 -11.06 11.69 48.23
N ALA G 100 -10.15 12.53 47.75
CA ALA G 100 -10.09 13.90 48.24
C ALA G 100 -11.39 14.65 47.94
N GLU G 101 -11.95 14.44 46.75
CA GLU G 101 -13.20 15.09 46.40
C GLU G 101 -14.34 14.64 47.31
N GLU G 102 -14.39 13.35 47.63
CA GLU G 102 -15.48 12.91 48.50
C GLU G 102 -15.27 13.36 49.95
N LEU G 103 -14.01 13.51 50.38
CA LEU G 103 -13.76 14.19 51.64
C LEU G 103 -14.26 15.63 51.60
N PHE G 104 -14.03 16.33 50.49
CA PHE G 104 -14.55 17.69 50.38
C PHE G 104 -16.06 17.72 50.45
N SER G 105 -16.72 16.76 49.80
CA SER G 105 -18.18 16.69 49.87
C SER G 105 -18.66 16.43 51.30
N LEU G 106 -18.00 15.52 52.00
CA LEU G 106 -18.36 15.26 53.39
C LEU G 106 -18.16 16.50 54.26
N LEU G 107 -17.08 17.24 54.01
CA LEU G 107 -16.82 18.45 54.78
C LEU G 107 -17.84 19.54 54.47
N ARG G 108 -18.26 19.66 53.21
CA ARG G 108 -19.34 20.58 52.86
C ARG G 108 -20.63 20.19 53.58
N ASP G 109 -20.91 18.89 53.65
CA ASP G 109 -22.06 18.43 54.42
C ASP G 109 -21.93 18.83 55.89
N GLU G 110 -20.73 18.66 56.46
CA GLU G 110 -20.49 19.12 57.82
C GLU G 110 -20.36 20.63 57.88
N GLY G 111 -19.90 21.26 56.80
CA GLY G 111 -19.78 22.70 56.73
C GLY G 111 -18.48 23.30 57.21
N LYS G 112 -17.40 22.52 57.28
CA LYS G 112 -16.12 23.00 57.77
C LYS G 112 -15.20 23.22 56.58
N ASP G 113 -14.58 24.40 56.51
CA ASP G 113 -13.78 24.73 55.34
C ASP G 113 -12.45 23.99 55.38
N PRO G 114 -11.94 23.57 54.21
CA PRO G 114 -10.69 22.81 54.16
C PRO G 114 -9.46 23.67 53.98
N VAL G 115 -8.32 23.16 54.45
CA VAL G 115 -7.01 23.77 54.24
C VAL G 115 -6.15 22.74 53.54
N LEU G 116 -5.69 23.08 52.34
CA LEU G 116 -5.10 22.11 51.42
C LEU G 116 -3.58 22.04 51.58
N TYR G 117 -3.05 20.81 51.57
CA TYR G 117 -1.61 20.60 51.48
C TYR G 117 -1.36 19.49 50.47
N VAL G 118 -0.33 19.67 49.65
CA VAL G 118 -0.12 18.80 48.49
C VAL G 118 1.34 18.32 48.46
N VAL G 119 1.50 17.08 48.02
CA VAL G 119 2.83 16.50 47.75
C VAL G 119 2.78 15.87 46.36
N GLY G 120 3.76 16.19 45.54
CA GLY G 120 3.76 15.70 44.17
C GLY G 120 3.25 16.74 43.20
N ARG G 121 3.75 16.69 41.97
CA ARG G 121 3.44 17.71 40.98
C ARG G 121 2.05 17.55 40.38
N LYS G 122 1.57 16.31 40.22
CA LYS G 122 0.31 16.10 39.51
C LYS G 122 -0.88 16.71 40.25
N ALA G 123 -0.94 16.51 41.57
CA ALA G 123 -2.06 17.06 42.33
C ALA G 123 -2.01 18.58 42.36
N LEU G 124 -0.81 19.16 42.46
CA LEU G 124 -0.67 20.60 42.39
C LEU G 124 -1.15 21.13 41.05
N GLY G 125 -0.78 20.46 39.96
CA GLY G 125 -1.25 20.87 38.65
C GLY G 125 -2.75 20.77 38.51
N TYR G 126 -3.34 19.71 39.06
CA TYR G 126 -4.79 19.57 39.02
C TYR G 126 -5.46 20.69 39.79
N PHE G 127 -4.95 21.02 40.97
CA PHE G 127 -5.55 22.08 41.77
C PHE G 127 -5.38 23.45 41.12
N SER G 128 -4.31 23.64 40.35
CA SER G 128 -4.06 24.94 39.72
C SER G 128 -5.19 25.30 38.76
N PHE G 129 -5.62 24.35 37.91
CA PHE G 129 -6.63 24.66 36.91
C PHE G 129 -8.02 24.87 37.52
N ARG G 130 -8.27 24.38 38.72
CA ARG G 130 -9.58 24.51 39.35
C ARG G 130 -9.64 25.67 40.34
N GLN G 131 -8.61 26.50 40.39
CA GLN G 131 -8.62 27.74 41.17
C GLN G 131 -8.87 27.47 42.66
N ARG G 132 -8.20 26.47 43.19
CA ARG G 132 -8.24 26.17 44.62
C ARG G 132 -6.91 26.57 45.23
N THR G 133 -6.96 27.39 46.28
CA THR G 133 -5.74 27.90 46.89
C THR G 133 -4.97 26.80 47.59
N VAL G 134 -3.65 26.82 47.43
CA VAL G 134 -2.75 25.92 48.13
C VAL G 134 -1.82 26.76 49.00
N VAL G 135 -1.70 26.39 50.27
CA VAL G 135 -0.91 27.17 51.21
C VAL G 135 0.56 26.74 51.21
N GLU G 136 0.82 25.44 51.09
CA GLU G 136 2.19 24.94 51.08
C GLU G 136 2.26 23.71 50.19
N SER G 137 3.26 23.66 49.30
CA SER G 137 3.40 22.59 48.33
C SER G 137 4.81 22.02 48.42
N TRP G 138 4.96 20.86 49.06
CA TRP G 138 6.23 20.18 49.09
C TRP G 138 6.45 19.44 47.78
N THR G 139 7.68 19.50 47.27
CA THR G 139 8.04 18.83 46.03
C THR G 139 9.49 18.44 46.12
N GLY G 140 9.86 17.40 45.37
CA GLY G 140 11.20 16.83 45.39
C GLY G 140 11.23 15.34 45.59
N PHE G 141 10.08 14.69 45.71
CA PHE G 141 10.03 13.24 45.79
C PHE G 141 10.41 12.62 44.45
N SER G 142 11.11 11.48 44.52
CA SER G 142 11.51 10.75 43.33
C SER G 142 11.31 9.24 43.49
N GLU G 143 10.20 8.83 44.12
CA GLU G 143 9.80 7.46 44.41
C GLU G 143 10.68 6.82 45.48
N ARG G 144 11.70 7.50 45.99
CA ARG G 144 12.57 6.96 47.02
C ARG G 144 12.62 7.95 48.19
N PRO G 145 11.82 7.75 49.22
CA PRO G 145 11.74 8.75 50.30
C PRO G 145 12.83 8.57 51.36
N THR G 146 12.86 9.50 52.31
CA THR G 146 13.81 9.45 53.41
C THR G 146 13.18 10.13 54.62
N TYR G 147 13.79 9.92 55.78
CA TYR G 147 13.24 10.45 57.03
C TYR G 147 13.27 11.98 57.06
N GLU G 148 14.09 12.62 56.23
CA GLU G 148 14.21 14.08 56.28
C GLU G 148 12.92 14.76 55.81
N ASN G 149 12.40 14.33 54.66
CA ASN G 149 11.18 14.93 54.13
C ASN G 149 10.01 14.73 55.09
N ALA G 150 9.88 13.51 55.61
CA ALA G 150 8.81 13.23 56.57
C ALA G 150 8.99 14.07 57.83
N ARG G 151 10.22 14.22 58.30
CA ARG G 151 10.46 15.01 59.51
C ARG G 151 10.04 16.46 59.30
N GLU G 152 10.45 17.07 58.19
CA GLU G 152 10.12 18.47 57.98
C GLU G 152 8.63 18.67 57.75
N ILE G 153 7.99 17.76 57.01
CA ILE G 153 6.55 17.87 56.78
C ILE G 153 5.80 17.75 58.10
N ALA G 154 6.18 16.77 58.93
CA ALA G 154 5.53 16.59 60.21
C ALA G 154 5.75 17.81 61.10
N ASP G 155 6.96 18.37 61.10
CA ASP G 155 7.23 19.56 61.90
C ASP G 155 6.32 20.70 61.48
N THR G 156 6.22 20.95 60.17
CA THR G 156 5.38 22.04 59.69
C THR G 156 3.92 21.83 60.08
N LEU G 157 3.42 20.60 59.89
CA LEU G 157 2.01 20.35 60.19
C LEU G 157 1.72 20.46 61.68
N VAL G 158 2.58 19.90 62.54
CA VAL G 158 2.32 19.97 63.97
C VAL G 158 2.43 21.41 64.47
N ASN G 159 3.38 22.18 63.91
CA ASN G 159 3.46 23.59 64.27
C ASN G 159 2.19 24.32 63.86
N ALA G 160 1.67 24.02 62.67
CA ALA G 160 0.46 24.68 62.19
C ALA G 160 -0.74 24.35 63.08
N PHE G 161 -0.89 23.07 63.46
CA PHE G 161 -2.09 22.69 64.21
C PHE G 161 -2.05 23.23 65.64
N MET G 162 -0.87 23.29 66.25
CA MET G 162 -0.75 23.85 67.59
C MET G 162 -1.13 25.33 67.62
N ALA G 163 -1.12 25.99 66.46
CA ALA G 163 -1.53 27.38 66.36
C ALA G 163 -3.02 27.55 66.09
N GLY G 164 -3.82 26.57 66.51
CA GLY G 164 -5.25 26.63 66.30
C GLY G 164 -6.05 26.57 67.59
N ALA G 165 -5.37 26.45 68.72
CA ALA G 165 -6.07 26.37 70.00
C ALA G 165 -6.52 27.75 70.47
N ASP G 166 -5.58 28.65 70.71
CA ASP G 166 -5.94 30.02 71.08
C ASP G 166 -6.54 30.77 69.90
N ASP G 167 -6.35 30.25 68.69
CA ASP G 167 -7.00 30.80 67.50
C ASP G 167 -8.31 30.06 67.25
N GLU G 168 -9.39 30.55 67.86
CA GLU G 168 -10.71 29.92 67.71
C GLU G 168 -11.28 30.26 66.35
N GLY G 169 -10.65 29.72 65.31
CA GLY G 169 -11.10 29.93 63.94
C GLY G 169 -10.94 31.36 63.47
N ASP G 170 -12.07 32.08 63.37
CA ASP G 170 -12.05 33.44 62.83
C ASP G 170 -11.19 34.37 63.69
N ASP G 171 -11.26 34.21 65.01
CA ASP G 171 -10.49 35.08 65.89
C ASP G 171 -9.01 34.74 65.82
N ALA G 172 -8.21 35.70 65.35
CA ALA G 172 -6.76 35.55 65.30
C ALA G 172 -6.19 35.85 66.69
N GLY G 173 -6.36 34.89 67.58
CA GLY G 173 -5.94 35.04 68.96
C GLY G 173 -4.44 34.98 69.11
N ALA G 174 -4.02 34.55 70.31
CA ALA G 174 -2.60 34.43 70.61
C ALA G 174 -1.89 33.45 69.71
N ASP G 175 -2.59 32.41 69.23
CA ASP G 175 -1.97 31.44 68.33
C ASP G 175 -1.67 32.04 66.96
N GLY G 176 -2.51 32.95 66.49
CA GLY G 176 -2.33 33.49 65.17
C GLY G 176 -3.30 32.88 64.18
N ILE G 177 -3.53 33.59 63.07
CA ILE G 177 -4.54 33.23 62.09
C ILE G 177 -4.16 31.91 61.42
N LEU G 178 -5.13 31.32 60.70
CA LEU G 178 -4.98 30.08 59.94
C LEU G 178 -4.89 28.87 60.86
N GLY G 179 -5.59 28.93 62.00
CA GLY G 179 -5.71 27.76 62.85
C GLY G 179 -6.54 26.67 62.18
N VAL G 180 -6.29 25.44 62.60
CA VAL G 180 -6.95 24.26 62.03
C VAL G 180 -7.46 23.39 63.18
N ASP G 181 -8.67 22.87 63.02
CA ASP G 181 -9.30 22.07 64.06
C ASP G 181 -9.15 20.57 63.88
N GLU G 182 -8.99 20.10 62.63
CA GLU G 182 -8.89 18.67 62.37
C GLU G 182 -7.90 18.43 61.24
N LEU G 183 -7.13 17.35 61.36
CA LEU G 183 -6.13 16.97 60.37
C LEU G 183 -6.51 15.62 59.77
N HIS G 184 -6.36 15.49 58.45
CA HIS G 184 -6.69 14.27 57.74
C HIS G 184 -5.61 13.97 56.70
N ILE G 185 -5.50 12.69 56.36
CA ILE G 185 -4.49 12.21 55.44
C ILE G 185 -5.16 11.37 54.36
N VAL G 186 -4.73 11.57 53.11
CA VAL G 186 -5.18 10.77 51.98
C VAL G 186 -3.96 10.15 51.33
N PHE G 187 -3.98 8.83 51.16
CA PHE G 187 -2.83 8.13 50.57
C PHE G 187 -3.30 6.79 50.04
N THR G 188 -2.48 6.22 49.16
CA THR G 188 -2.76 4.90 48.60
C THR G 188 -2.14 3.82 49.48
N GLU G 189 -2.95 2.82 49.81
CA GLU G 189 -2.53 1.73 50.68
C GLU G 189 -2.26 0.49 49.86
N PHE G 190 -1.13 -0.17 50.12
CA PHE G 190 -0.73 -1.38 49.42
C PHE G 190 -0.71 -2.54 50.40
N ARG G 191 -1.62 -3.49 50.21
CA ARG G 191 -1.68 -4.68 51.06
C ARG G 191 -1.44 -5.97 50.30
N SER G 192 -1.64 -5.98 48.98
CA SER G 192 -1.33 -7.15 48.17
C SER G 192 -0.96 -6.69 46.76
N MET G 193 -0.21 -7.53 46.06
CA MET G 193 0.26 -7.16 44.72
C MET G 193 -0.90 -7.11 43.72
N LEU G 194 -1.97 -7.86 43.97
CA LEU G 194 -3.07 -7.91 43.01
C LEU G 194 -3.77 -6.57 42.89
N SER G 195 -3.99 -5.88 44.01
CA SER G 195 -4.74 -4.62 43.97
C SER G 195 -4.36 -3.77 45.16
N GLN G 196 -4.66 -2.47 45.04
CA GLN G 196 -4.44 -1.50 46.10
C GLN G 196 -5.62 -0.54 46.13
N THR G 197 -5.91 -0.03 47.33
CA THR G 197 -7.07 0.84 47.54
C THR G 197 -6.66 2.11 48.25
N ALA G 198 -7.21 3.24 47.79
CA ALA G 198 -6.97 4.52 48.45
C ALA G 198 -7.72 4.58 49.77
N VAL G 199 -7.07 5.12 50.79
CA VAL G 199 -7.61 5.14 52.15
C VAL G 199 -7.43 6.53 52.74
N ALA G 200 -8.48 7.06 53.34
CA ALA G 200 -8.42 8.30 54.09
C ALA G 200 -8.18 8.00 55.57
N ARG G 201 -7.83 9.03 56.32
CA ARG G 201 -7.48 8.86 57.74
C ARG G 201 -7.60 10.21 58.42
N ARG G 202 -7.34 10.23 59.73
CA ARG G 202 -7.29 11.45 60.51
C ARG G 202 -6.22 11.30 61.57
N ALA G 203 -5.55 12.41 61.89
CA ALA G 203 -4.43 12.36 62.84
C ALA G 203 -4.63 13.20 64.09
N ALA G 204 -5.03 14.47 63.96
CA ALA G 204 -5.09 15.36 65.11
C ALA G 204 -6.14 14.92 66.13
N PRO G 205 -7.38 14.64 65.75
CA PRO G 205 -8.32 14.08 66.73
C PRO G 205 -7.88 12.67 67.13
N MET G 206 -8.09 12.33 68.40
CA MET G 206 -7.71 11.03 68.90
C MET G 206 -8.68 10.60 70.00
N GLU G 207 -8.68 9.30 70.26
CA GLU G 207 -9.49 8.73 71.33
C GLU G 207 -8.68 7.67 72.05
N VAL G 208 -9.04 7.44 73.30
CA VAL G 208 -8.34 6.48 74.16
C VAL G 208 -9.18 5.22 74.23
N GLU G 209 -8.60 4.11 73.78
CA GLU G 209 -9.27 2.81 73.80
C GLU G 209 -8.90 2.06 75.06
N TYR G 210 -9.91 1.58 75.78
CA TYR G 210 -9.71 0.93 77.07
C TYR G 210 -9.92 -0.57 76.93
N VAL G 211 -8.95 -1.35 77.41
CA VAL G 211 -9.05 -2.80 77.47
C VAL G 211 -8.54 -3.27 78.82
N GLY G 212 -8.98 -4.46 79.21
CA GLY G 212 -8.52 -5.03 80.47
C GLY G 212 -7.07 -5.46 80.42
N GLU G 213 -6.47 -5.51 81.60
CA GLU G 213 -5.06 -5.91 81.71
C GLU G 213 -4.95 -7.35 82.22
N LEU G 221 9.25 -2.50 88.32
CA LEU G 221 8.49 -2.22 87.10
C LEU G 221 9.13 -1.08 86.32
N TYR G 222 8.81 -1.00 85.02
CA TYR G 222 9.38 0.02 84.17
C TYR G 222 8.79 1.37 84.52
N SER G 223 9.67 2.34 84.80
CA SER G 223 9.25 3.66 85.27
C SER G 223 10.33 4.69 84.98
N PHE G 224 10.02 5.94 85.26
CA PHE G 224 10.91 7.07 85.04
C PHE G 224 10.52 8.18 86.02
N GLU G 225 10.99 9.39 85.73
CA GLU G 225 10.69 10.58 86.52
C GLU G 225 9.21 10.92 86.35
N PRO G 226 8.62 11.72 87.25
CA PRO G 226 7.16 11.85 87.26
C PRO G 226 6.59 12.79 86.22
N ASP G 227 7.34 13.06 85.14
CA ASP G 227 6.89 13.93 84.05
C ASP G 227 6.55 13.07 82.84
N PRO G 228 5.29 12.60 82.72
CA PRO G 228 4.90 11.85 81.53
C PRO G 228 4.38 12.74 80.42
N GLU G 229 3.93 13.95 80.76
CA GLU G 229 3.42 14.88 79.77
C GLU G 229 4.52 15.31 78.81
N THR G 230 5.72 15.54 79.33
CA THR G 230 6.85 15.86 78.45
C THR G 230 7.16 14.70 77.52
N LEU G 231 7.10 13.48 78.04
CA LEU G 231 7.34 12.31 77.19
C LEU G 231 6.31 12.21 76.07
N PHE G 232 5.03 12.46 76.40
CA PHE G 232 3.99 12.44 75.38
C PHE G 232 4.22 13.54 74.34
N ASP G 233 4.58 14.74 74.81
CA ASP G 233 4.78 15.85 73.88
C ASP G 233 6.01 15.66 73.01
N ALA G 234 6.98 14.87 73.48
CA ALA G 234 8.14 14.55 72.64
C ALA G 234 7.91 13.33 71.76
N LEU G 235 6.95 12.48 72.10
CA LEU G 235 6.69 11.26 71.33
C LEU G 235 5.64 11.44 70.25
N LEU G 236 4.67 12.33 70.45
CA LEU G 236 3.63 12.52 69.45
C LEU G 236 4.15 13.05 68.12
N PRO G 237 4.98 14.10 68.06
CA PRO G 237 5.47 14.55 66.75
C PRO G 237 6.23 13.48 65.99
N ARG G 238 7.08 12.71 66.67
CA ARG G 238 7.77 11.63 65.98
C ARG G 238 6.83 10.49 65.64
N TYR G 239 5.74 10.32 66.39
CA TYR G 239 4.69 9.38 65.98
C TYR G 239 4.10 9.80 64.64
N ILE G 240 3.80 11.09 64.50
CA ILE G 240 3.25 11.59 63.24
C ILE G 240 4.27 11.43 62.11
N ALA G 241 5.55 11.68 62.42
CA ALA G 241 6.59 11.50 61.43
C ALA G 241 6.68 10.05 60.96
N THR G 242 6.60 9.10 61.91
CA THR G 242 6.60 7.69 61.54
C THR G 242 5.39 7.34 60.69
N ARG G 243 4.22 7.87 61.06
CA ARG G 243 3.00 7.60 60.30
C ARG G 243 3.13 8.08 58.86
N VAL G 244 3.61 9.31 58.67
CA VAL G 244 3.74 9.83 57.31
C VAL G 244 4.86 9.11 56.56
N TYR G 245 5.90 8.65 57.27
CA TYR G 245 6.94 7.85 56.63
C TYR G 245 6.37 6.55 56.09
N ALA G 246 5.55 5.87 56.90
CA ALA G 246 4.92 4.64 56.44
C ALA G 246 3.99 4.92 55.27
N ALA G 247 3.26 6.03 55.32
CA ALA G 247 2.39 6.41 54.20
C ALA G 247 3.20 6.61 52.93
N LEU G 248 4.35 7.28 53.04
CA LEU G 248 5.20 7.50 51.87
C LEU G 248 5.71 6.19 51.30
N LEU G 249 6.13 5.26 52.17
CA LEU G 249 6.61 3.97 51.69
C LEU G 249 5.50 3.21 50.96
N GLU G 250 4.29 3.22 51.54
CA GLU G 250 3.15 2.56 50.90
C GLU G 250 2.85 3.19 49.55
N ALA G 251 2.90 4.52 49.49
CA ALA G 251 2.62 5.21 48.23
C ALA G 251 3.64 4.83 47.17
N ALA G 252 4.92 4.77 47.55
CA ALA G 252 5.95 4.41 46.59
C ALA G 252 5.74 2.99 46.05
N ALA G 253 5.45 2.05 46.95
CA ALA G 253 5.23 0.66 46.52
C ALA G 253 4.04 0.57 45.58
N SER G 254 2.92 1.21 45.95
CA SER G 254 1.72 1.15 45.13
C SER G 254 1.95 1.81 43.78
N GLU G 255 2.68 2.92 43.75
CA GLU G 255 2.98 3.59 42.49
C GLU G 255 3.80 2.69 41.59
N SER G 256 4.80 2.00 42.15
CA SER G 256 5.61 1.12 41.34
C SER G 256 4.79 -0.03 40.77
N ALA G 257 3.92 -0.63 41.58
CA ALA G 257 3.09 -1.72 41.09
C ALA G 257 2.15 -1.25 39.97
N SER G 258 1.52 -0.09 40.18
CA SER G 258 0.62 0.46 39.16
C SER G 258 1.37 0.75 37.87
N ARG G 259 2.59 1.28 38.00
CA ARG G 259 3.41 1.54 36.81
C ARG G 259 3.69 0.25 36.06
N ARG G 260 4.03 -0.83 36.79
CA ARG G 260 4.25 -2.11 36.14
C ARG G 260 3.02 -2.56 35.34
N ARG G 261 1.85 -2.51 35.99
CA ARG G 261 0.63 -2.95 35.32
C ARG G 261 0.36 -2.12 34.08
N ALA G 262 0.46 -0.80 34.20
CA ALA G 262 0.17 0.08 33.08
C ALA G 262 1.14 -0.17 31.92
N MET G 263 2.42 -0.39 32.22
CA MET G 263 3.39 -0.58 31.16
C MET G 263 3.15 -1.88 30.43
N LYS G 264 2.80 -2.94 31.18
CA LYS G 264 2.44 -4.20 30.55
C LYS G 264 1.24 -4.02 29.63
N SER G 265 0.22 -3.30 30.09
CA SER G 265 -0.95 -3.06 29.25
C SER G 265 -0.56 -2.29 27.99
N ALA G 266 0.36 -1.33 28.11
CA ALA G 266 0.79 -0.56 26.95
C ALA G 266 1.46 -1.45 25.92
N THR G 267 2.33 -2.37 26.36
CA THR G 267 2.97 -3.27 25.41
C THR G 267 1.95 -4.17 24.71
N ASP G 268 1.02 -4.72 25.49
CA ASP G 268 -0.01 -5.57 24.91
C ASP G 268 -0.97 -4.80 24.02
N ASN G 269 -1.02 -3.48 24.15
CA ASN G 269 -1.80 -2.67 23.22
C ASN G 269 -1.01 -2.32 21.96
N ALA G 270 0.31 -2.25 22.06
CA ALA G 270 1.13 -1.88 20.90
C ALA G 270 1.29 -3.02 19.91
N ASP G 271 1.41 -4.26 20.42
CA ASP G 271 1.77 -5.38 19.53
C ASP G 271 0.73 -5.59 18.43
N ASP G 272 -0.55 -5.65 18.80
CA ASP G 272 -1.58 -5.92 17.81
C ASP G 272 -1.75 -4.77 16.83
N LEU G 273 -1.50 -3.53 17.28
CA LEU G 273 -1.46 -2.41 16.36
C LEU G 273 -0.38 -2.60 15.31
N ILE G 274 0.79 -3.08 15.73
CA ILE G 274 1.85 -3.38 14.77
C ILE G 274 1.37 -4.42 13.77
N LYS G 275 0.70 -5.47 14.26
CA LYS G 275 0.21 -6.51 13.36
C LYS G 275 -0.77 -5.96 12.33
N ALA G 276 -1.71 -5.14 12.77
CA ALA G 276 -2.70 -4.57 11.86
C ALA G 276 -2.03 -3.69 10.80
N LEU G 277 -1.06 -2.88 11.22
CA LEU G 277 -0.34 -2.04 10.27
C LEU G 277 0.39 -2.89 9.24
N THR G 278 1.00 -3.99 9.68
CA THR G 278 1.69 -4.87 8.75
C THR G 278 0.73 -5.45 7.72
N LEU G 279 -0.46 -5.89 8.17
CA LEU G 279 -1.43 -6.43 7.24
C LEU G 279 -1.86 -5.39 6.21
N ALA G 280 -2.13 -4.16 6.68
CA ALA G 280 -2.53 -3.11 5.75
C ALA G 280 -1.44 -2.81 4.73
N ALA G 281 -0.19 -2.75 5.18
CA ALA G 281 0.92 -2.50 4.27
C ALA G 281 1.03 -3.59 3.21
N ASN G 282 0.86 -4.85 3.63
CA ASN G 282 0.96 -5.96 2.68
C ASN G 282 -0.13 -5.87 1.61
N ARG G 283 -1.36 -5.61 2.03
CA ARG G 283 -2.44 -5.54 1.05
C ARG G 283 -2.23 -4.35 0.11
N GLU G 284 -1.74 -3.23 0.63
CA GLU G 284 -1.46 -2.08 -0.21
C GLU G 284 -0.39 -2.40 -1.25
N ARG G 285 0.67 -3.10 -0.83
CA ARG G 285 1.73 -3.45 -1.77
C ARG G 285 1.20 -4.36 -2.88
N GLN G 286 0.39 -5.35 -2.52
CA GLN G 286 -0.17 -6.23 -3.55
C GLN G 286 -1.04 -5.45 -4.52
N ALA G 287 -1.88 -4.54 -4.00
CA ALA G 287 -2.72 -3.73 -4.87
C ALA G 287 -1.89 -2.90 -5.83
N GLN G 288 -0.80 -2.30 -5.32
CA GLN G 288 0.07 -1.50 -6.18
C GLN G 288 0.66 -2.35 -7.30
N ILE G 289 1.19 -3.52 -6.95
CA ILE G 289 1.80 -4.39 -7.96
C ILE G 289 0.79 -4.72 -9.05
N THR G 290 -0.42 -5.10 -8.65
CA THR G 290 -1.46 -5.41 -9.63
C THR G 290 -1.76 -4.20 -10.50
N GLN G 291 -1.79 -3.01 -9.90
CA GLN G 291 -2.13 -1.81 -10.65
C GLN G 291 -1.11 -1.55 -11.75
N GLU G 292 0.19 -1.53 -11.40
CA GLU G 292 1.16 -1.20 -12.44
C GLU G 292 1.26 -2.31 -13.49
N ILE G 293 1.12 -3.58 -13.09
CA ILE G 293 1.21 -4.63 -14.10
C ILE G 293 0.03 -4.54 -15.06
N SER G 294 -1.17 -4.23 -14.54
CA SER G 294 -2.32 -4.06 -15.42
C SER G 294 -2.10 -2.89 -16.38
N GLU G 295 -1.59 -1.77 -15.85
CA GLU G 295 -1.38 -0.61 -16.70
C GLU G 295 -0.36 -0.91 -17.81
N ILE G 296 0.74 -1.56 -17.48
CA ILE G 296 1.77 -1.80 -18.49
C ILE G 296 1.29 -2.81 -19.52
N VAL G 297 0.56 -3.85 -19.10
CA VAL G 297 0.09 -4.82 -20.07
C VAL G 297 -0.96 -4.19 -20.98
N GLY G 298 -1.81 -3.32 -20.44
CA GLY G 298 -2.78 -2.64 -21.28
C GLY G 298 -2.13 -1.72 -22.29
N GLY G 299 -1.13 -0.95 -21.84
CA GLY G 299 -0.40 -0.10 -22.77
C GLY G 299 0.32 -0.90 -23.84
N ALA G 300 0.85 -2.06 -23.46
CA ALA G 300 1.58 -2.88 -24.43
C ALA G 300 0.65 -3.48 -25.48
N ASN G 301 -0.46 -4.08 -25.04
CA ASN G 301 -1.35 -4.75 -26.00
C ASN G 301 -2.33 -3.79 -26.66
N ALA G 302 -2.35 -2.51 -26.28
CA ALA G 302 -3.18 -1.55 -26.98
C ALA G 302 -2.70 -1.27 -28.40
N LEU G 303 -1.49 -1.68 -28.76
CA LEU G 303 -0.95 -1.44 -30.08
C LEU G 303 -1.51 -2.41 -31.10
PG ATP H . -16.80 22.79 -4.38
O1G ATP H . -15.68 21.96 -4.93
O2G ATP H . -17.25 23.91 -5.32
O3G ATP H . -18.02 21.97 -3.96
PB ATP H . -15.52 24.81 -2.61
O1B ATP H . -14.23 24.45 -1.98
O2B ATP H . -15.43 25.71 -3.84
O3B ATP H . -16.34 23.54 -3.06
PA ATP H . -17.20 26.93 -1.43
O1A ATP H . -18.15 27.20 -2.53
O2A ATP H . -16.08 27.95 -1.28
O3A ATP H . -16.51 25.51 -1.59
O5' ATP H . -17.94 26.81 -0.04
C5' ATP H . -17.21 26.69 1.20
C4' ATP H . -18.17 26.83 2.35
O4' ATP H . -17.55 27.59 3.41
C3' ATP H . -19.47 27.57 2.03
O3' ATP H . -20.53 27.15 2.87
C2' ATP H . -19.08 29.03 2.31
O2' ATP H . -20.21 29.82 2.64
C1' ATP H . -18.16 28.87 3.52
N9 ATP H . -17.10 29.88 3.61
C8 ATP H . -16.22 30.23 2.64
N7 ATP H . -15.38 31.17 2.99
C5 ATP H . -15.74 31.45 4.29
C6 ATP H . -15.24 32.37 5.24
N6 ATP H . -14.22 33.20 5.01
N1 ATP H . -15.83 32.40 6.46
C2 ATP H . -16.85 31.58 6.69
N3 ATP H . -17.41 30.68 5.88
C4 ATP H . -16.81 30.67 4.69
MG MG I . -17.41 25.66 -3.73
PG ATP J . 29.14 3.58 -5.42
O1G ATP J . 29.77 2.42 -6.12
O2G ATP J . 29.97 4.86 -5.48
O3G ATP J . 27.71 3.88 -5.89
PB ATP J . 29.66 2.38 -2.74
O1B ATP J . 28.71 2.01 -1.68
O2B ATP J . 30.35 1.22 -3.45
O3B ATP J . 28.99 3.27 -3.87
PA ATP J . 32.31 3.65 -2.59
O1A ATP J . 32.44 4.09 -3.99
O2A ATP J . 33.13 2.42 -2.22
O3A ATP J . 30.82 3.34 -2.21
O5' ATP J . 32.68 4.80 -1.57
C5' ATP J . 32.02 4.92 -0.29
C4' ATP J . 32.63 6.08 0.45
O4' ATP J . 32.98 5.65 1.79
C3' ATP J . 33.92 6.63 -0.14
O3' ATP J . 34.06 8.02 0.15
C2' ATP J . 34.99 5.80 0.57
O2' ATP J . 36.24 6.48 0.63
C1' ATP J . 34.38 5.66 1.96
N9 ATP J . 34.77 4.43 2.66
C8 ATP J . 34.47 3.15 2.29
N7 ATP J . 34.95 2.23 3.11
C5 ATP J . 35.60 2.98 4.08
C6 ATP J . 36.30 2.61 5.24
N6 ATP J . 36.49 1.34 5.63
N1 ATP J . 36.82 3.60 6.00
C2 ATP J . 36.64 4.87 5.62
N3 ATP J . 35.99 5.34 4.55
C4 ATP J . 35.48 4.33 3.82
MG MG K . 31.13 2.69 -4.61
PG ATP L . -12.54 -26.68 5.21
O1G ATP L . -13.69 -26.62 4.24
O2G ATP L . -12.22 -28.08 5.69
O3G ATP L . -11.26 -26.03 4.68
PB ATP L . -13.83 -25.96 7.81
O1B ATP L . -13.66 -24.81 8.71
O2B ATP L . -15.24 -26.22 7.31
O3B ATP L . -12.89 -25.85 6.53
PA ATP L . -13.91 -28.77 8.71
O1A ATP L . -13.64 -29.66 7.56
O2A ATP L . -15.38 -28.61 9.06
O3A ATP L . -13.32 -27.31 8.46
O5' ATP L . -13.15 -29.25 10.00
C5' ATP L . -13.65 -28.93 11.32
C4' ATP L . -12.69 -29.48 12.36
O4' ATP L . -13.12 -29.06 13.67
C3' ATP L . -12.64 -31.00 12.44
O3' ATP L . -11.41 -31.43 13.00
C2' ATP L . -13.81 -31.30 13.37
O2' ATP L . -13.62 -32.53 14.08
C1' ATP L . -13.77 -30.12 14.34
N9 ATP L . -15.09 -29.66 14.77
C8 ATP L . -15.86 -28.68 14.17
N7 ATP L . -17.00 -28.47 14.76
C5 ATP L . -16.99 -29.36 15.83
C6 ATP L . -17.92 -29.64 16.85
N6 ATP L . -19.10 -29.02 16.97
N1 ATP L . -17.61 -30.59 17.75
C2 ATP L . -16.44 -31.22 17.63
N3 ATP L . -15.48 -31.05 16.72
C4 ATP L . -15.82 -30.10 15.84
MG MG M . -14.21 -27.84 6.47
PB ADP N . 11.66 25.05 -8.42
O1B ADP N . 13.15 24.96 -8.66
O2B ADP N . 11.01 23.76 -7.96
O3B ADP N . 10.89 25.78 -9.49
PA ADP N . 12.08 27.52 -7.20
O1A ADP N . 13.59 27.47 -7.28
O2A ADP N . 11.31 28.26 -8.25
O3A ADP N . 11.53 26.02 -7.13
O5' ADP N . 11.67 28.11 -5.76
C5' ADP N . 11.86 29.49 -5.48
C4' ADP N . 11.14 29.86 -4.19
O4' ADP N . 11.88 29.41 -3.05
C3' ADP N . 10.98 31.36 -4.06
O3' ADP N . 9.60 31.72 -4.17
C2' ADP N . 11.51 31.72 -2.69
O2' ADP N . 10.49 32.36 -1.93
C1' ADP N . 11.90 30.41 -2.03
N9 ADP N . 13.28 30.52 -1.48
C8 ADP N . 14.26 29.63 -1.69
N7 ADP N . 15.40 29.99 -1.05
C5 ADP N . 15.14 31.13 -0.40
C6 ADP N . 15.91 32.06 0.47
N6 ADP N . 17.21 31.82 0.78
N1 ADP N . 15.27 33.15 0.93
C2 ADP N . 13.98 33.41 0.64
N3 ADP N . 13.23 32.61 -0.14
C4 ADP N . 13.74 31.48 -0.68
MG MG O . 12.66 26.89 -9.53
PB ADP P . -28.45 -2.85 2.01
O1B ADP P . -27.20 -2.00 2.12
O2B ADP P . -28.28 -4.08 1.15
O3B ADP P . -29.71 -2.06 1.74
PA ADP P . -28.92 -2.42 4.72
O1A ADP P . -27.66 -1.60 4.91
O2A ADP P . -30.24 -1.73 4.49
O3A ADP P . -28.66 -3.43 3.49
O5' ADP P . -29.08 -3.41 5.98
C5' ADP P . -29.70 -2.92 7.17
C4' ADP P . -29.46 -3.86 8.33
O4' ADP P . -28.94 -3.12 9.44
C3' ADP P . -30.76 -4.52 8.78
O3' ADP P . -30.64 -5.93 8.70
C2' ADP P . -30.96 -4.10 10.21
O2' ADP P . -31.07 -5.26 11.04
C1' ADP P . -29.73 -3.30 10.61
N9 ADP P . -30.16 -1.96 11.08
C8 ADP P . -29.78 -0.79 10.54
N7 ADP P . -30.33 0.26 11.20
C5 ADP P . -31.07 -0.24 12.20
C6 ADP P . -31.92 0.31 13.28
N6 ADP P . -32.08 1.65 13.41
N1 ADP P . -32.52 -0.56 14.12
C2 ADP P . -32.37 -1.88 13.99
N3 ADP P . -31.62 -2.46 13.03
C4 ADP P . -30.95 -1.70 12.13
MG MG Q . -28.78 -0.72 3.02
#